data_5F9F
#
_entry.id   5F9F
#
_cell.length_a   111.524
_cell.length_b   174.252
_cell.length_c   308.288
_cell.angle_alpha   90.00
_cell.angle_beta   90.00
_cell.angle_gamma   90.00
#
_symmetry.space_group_name_H-M   'P 21 21 21'
#
loop_
_entity.id
_entity.type
_entity.pdbx_description
1 polymer 'Probable ATP-dependent RNA helicase DDX58'
2 polymer "RNA (5'-R(*GP*AP*AP*UP*AP*UP*AP*AP*UP*AP*GP*UP*GP*AP*UP*AP*UP*UP*AP*UP*AP*UP*UP*C)-3')"
3 non-polymer 'ZINC ION'
4 non-polymer 'MAGNESIUM ION'
5 non-polymer TRIFLUOROETHANOL
6 non-polymer (R,R)-2,3-BUTANEDIOL
7 water water
#
loop_
_entity_poly.entity_id
_entity_poly.type
_entity_poly.pdbx_seq_one_letter_code
_entity_poly.pdbx_strand_id
1 'polypeptide(L)'
;SVSDTNLYSPFKPRNYQLELALPAMKGKNTIICAPTGCGKTFVSLLICEHHLKKFPQGQKGKVVFFANQIPVYEQQKSVF
SKYFERHGYRVTGISGATAENVPVEQIVENNDIIILTPQILVNNLKKGTIPSLSIFTLMIFDECHNTSKQHPYNMIMFNY
LDQKLGGSSGPLPQVIGLTASVGVGDAKNTDEALDYICKLCASLDASVIATVKHNLEELEQVVYKPQKFFRKVESRISDK
FKYIIAQLMRDTESLAKRICKDLENLSQIQNREFGTQKYEQWIVTVQKACMVFQMPDKDEESRICKALFLYTSHLRKYND
ALIISEHARMKDALDYLKDFFSNVRAAGFDEIEQDLTQRFEEKLQELESVSRDPSNENPKLEDLCFILQEEYHLNPETIT
ILFVKTRALVDALKNWIEGNPKLSFLKPGILTGRGKTNQNTGMTLPAQKCILDAFKASGDHNILIATSVADEGIDIAQCN
LVILYEYVGNVIKMIQTRGRGRARGSKCFLLTSNAGVIEKEQINMYKEKMMNDSILRLQTWDEAVFREKILHIQTHEKFI
RDSQEKPKPVPDKENKKLLCRKCKALACYTADVRVIEECHYTVLGDAFKECFVSRPHPKPKQFSSFEKRAKIFCARQNCS
HDWGIHVKYKTFEIPVIKIESFVVEDIATGVQTLYSKWKDFHFEKIPFDPAEMSK
;
A,C,E,G,I,K
2 'polyribonucleotide' GAAUAUAAUAGUGAUAUUAUAUUC B,D,F,H,J,L
#
loop_
_chem_comp.id
_chem_comp.type
_chem_comp.name
_chem_comp.formula
A RNA linking ADENOSINE-5'-MONOPHOSPHATE 'C10 H14 N5 O7 P'
BU3 non-polymer (R,R)-2,3-BUTANEDIOL 'C4 H10 O2'
C RNA linking CYTIDINE-5'-MONOPHOSPHATE 'C9 H14 N3 O8 P'
ETF non-polymer TRIFLUOROETHANOL 'C2 H3 F3 O'
G RNA linking GUANOSINE-5'-MONOPHOSPHATE 'C10 H14 N5 O8 P'
MG non-polymer 'MAGNESIUM ION' 'Mg 2'
U RNA linking URIDINE-5'-MONOPHOSPHATE 'C9 H13 N2 O9 P'
ZN non-polymer 'ZINC ION' 'Zn 2'
#
# COMPACT_ATOMS: atom_id res chain seq x y z
N PRO A 10 5.84 -17.97 -10.74
CA PRO A 10 5.89 -16.50 -10.77
C PRO A 10 4.50 -15.86 -10.72
N PHE A 11 3.81 -15.83 -11.86
CA PHE A 11 2.47 -15.27 -11.97
C PHE A 11 2.39 -13.81 -11.53
N LYS A 12 1.18 -13.32 -11.35
CA LYS A 12 0.95 -11.95 -10.89
C LYS A 12 -0.16 -11.90 -9.87
N PRO A 13 0.06 -11.17 -8.76
CA PRO A 13 -0.91 -11.09 -7.66
C PRO A 13 -2.21 -10.40 -8.06
N ARG A 14 -3.33 -11.06 -7.78
CA ARG A 14 -4.63 -10.43 -7.94
C ARG A 14 -4.78 -9.39 -6.85
N ASN A 15 -5.57 -8.35 -7.12
CA ASN A 15 -5.70 -7.22 -6.19
C ASN A 15 -6.15 -7.62 -4.80
N TYR A 16 -7.11 -8.54 -4.72
CA TYR A 16 -7.64 -8.93 -3.42
C TYR A 16 -6.62 -9.74 -2.61
N GLN A 17 -5.65 -10.34 -3.30
CA GLN A 17 -4.58 -11.06 -2.63
C GLN A 17 -3.63 -10.07 -1.95
N LEU A 18 -3.37 -8.96 -2.64
CA LEU A 18 -2.58 -7.87 -2.07
C LEU A 18 -3.32 -7.22 -0.91
N GLU A 19 -4.64 -7.11 -1.06
CA GLU A 19 -5.51 -6.55 -0.03
C GLU A 19 -5.49 -7.41 1.22
N LEU A 20 -5.51 -8.73 1.03
CA LEU A 20 -5.45 -9.68 2.13
C LEU A 20 -4.08 -9.68 2.78
N ALA A 21 -3.05 -9.49 1.97
CA ALA A 21 -1.67 -9.54 2.46
C ALA A 21 -1.24 -8.25 3.15
N LEU A 22 -1.92 -7.15 2.85
CA LEU A 22 -1.51 -5.82 3.33
C LEU A 22 -1.32 -5.69 4.84
N PRO A 23 -2.28 -6.19 5.66
CA PRO A 23 -2.04 -6.05 7.10
C PRO A 23 -0.81 -6.83 7.59
N ALA A 24 -0.56 -7.98 6.96
CA ALA A 24 0.58 -8.80 7.31
C ALA A 24 1.89 -8.11 6.95
N MET A 25 1.91 -7.49 5.78
CA MET A 25 3.10 -6.80 5.30
C MET A 25 3.41 -5.55 6.13
N LYS A 26 2.40 -5.05 6.82
CA LYS A 26 2.59 -3.90 7.71
C LYS A 26 3.02 -4.37 9.10
N GLY A 27 3.30 -5.66 9.22
CA GLY A 27 3.85 -6.21 10.45
C GLY A 27 2.84 -6.58 11.51
N LYS A 28 1.56 -6.48 11.18
CA LYS A 28 0.51 -6.79 12.15
C LYS A 28 0.25 -8.29 12.24
N ASN A 29 0.04 -8.78 13.45
CA ASN A 29 -0.40 -10.16 13.64
C ASN A 29 -1.81 -10.30 13.08
N THR A 30 -1.98 -11.17 12.10
CA THR A 30 -3.20 -11.15 11.29
C THR A 30 -3.78 -12.52 11.00
N ILE A 31 -5.12 -12.62 11.06
CA ILE A 31 -5.82 -13.80 10.58
C ILE A 31 -6.46 -13.51 9.23
N ILE A 32 -5.92 -14.11 8.18
CA ILE A 32 -6.44 -13.94 6.83
C ILE A 32 -7.57 -14.94 6.56
N CYS A 33 -8.76 -14.42 6.36
CA CYS A 33 -9.95 -15.24 6.13
C CYS A 33 -10.55 -14.96 4.76
N ALA A 34 -10.44 -15.95 3.87
CA ALA A 34 -10.91 -15.80 2.50
C ALA A 34 -11.36 -17.16 1.94
N PRO A 35 -12.30 -17.15 0.98
CA PRO A 35 -12.85 -18.38 0.42
C PRO A 35 -11.81 -19.38 -0.07
N THR A 36 -12.11 -20.67 0.06
CA THR A 36 -11.22 -21.73 -0.37
C THR A 36 -10.94 -21.66 -1.88
N GLY A 37 -9.67 -21.66 -2.25
CA GLY A 37 -9.28 -21.66 -3.64
C GLY A 37 -8.99 -20.28 -4.20
N CYS A 38 -9.06 -19.26 -3.35
CA CYS A 38 -8.80 -17.89 -3.79
C CYS A 38 -7.31 -17.67 -4.02
N GLY A 39 -6.49 -18.63 -3.59
CA GLY A 39 -5.06 -18.57 -3.82
C GLY A 39 -4.27 -18.15 -2.60
N LYS A 40 -4.26 -18.98 -1.56
CA LYS A 40 -3.62 -18.63 -0.31
C LYS A 40 -2.11 -18.82 -0.34
N THR A 41 -1.64 -19.78 -1.15
CA THR A 41 -0.21 -20.04 -1.25
C THR A 41 0.53 -18.81 -1.75
N PHE A 42 -0.07 -18.10 -2.70
CA PHE A 42 0.56 -16.91 -3.25
C PHE A 42 0.55 -15.76 -2.25
N VAL A 43 -0.49 -15.69 -1.43
CA VAL A 43 -0.53 -14.71 -0.34
C VAL A 43 0.61 -14.98 0.63
N SER A 44 0.77 -16.24 0.99
CA SER A 44 1.86 -16.68 1.85
C SER A 44 3.21 -16.30 1.27
N LEU A 45 3.36 -16.52 -0.04
CA LEU A 45 4.61 -16.20 -0.73
C LEU A 45 4.89 -14.70 -0.71
N LEU A 46 3.84 -13.90 -0.90
CA LEU A 46 3.97 -12.45 -0.85
C LEU A 46 4.45 -12.00 0.52
N ILE A 47 3.72 -12.44 1.55
CA ILE A 47 4.05 -12.10 2.93
C ILE A 47 5.48 -12.49 3.29
N CYS A 48 5.86 -13.72 2.93
CA CYS A 48 7.20 -14.22 3.22
C CYS A 48 8.28 -13.43 2.48
N GLU A 49 8.04 -13.13 1.21
CA GLU A 49 9.01 -12.40 0.40
C GLU A 49 9.24 -11.00 0.94
N HIS A 50 8.14 -10.29 1.21
CA HIS A 50 8.23 -8.95 1.79
C HIS A 50 8.93 -8.98 3.15
N HIS A 51 8.53 -9.92 3.99
CA HIS A 51 9.09 -10.07 5.33
C HIS A 51 10.60 -10.28 5.29
N LEU A 52 11.05 -11.22 4.46
CA LEU A 52 12.47 -11.52 4.36
C LEU A 52 13.26 -10.37 3.72
N LYS A 53 12.66 -9.71 2.74
CA LYS A 53 13.34 -8.63 2.03
C LYS A 53 13.30 -7.31 2.80
N LYS A 54 12.59 -7.28 3.93
CA LYS A 54 12.48 -6.05 4.70
C LYS A 54 13.69 -5.82 5.61
N PHE A 55 14.41 -6.88 5.94
CA PHE A 55 15.54 -6.78 6.87
C PHE A 55 16.76 -6.12 6.22
N PRO A 56 17.50 -5.33 7.02
CA PRO A 56 18.73 -4.69 6.55
C PRO A 56 19.84 -5.71 6.28
N GLN A 57 21.03 -5.22 5.93
CA GLN A 57 22.13 -6.10 5.55
C GLN A 57 22.60 -6.99 6.69
N GLY A 58 22.85 -6.38 7.85
CA GLY A 58 23.39 -7.11 8.99
C GLY A 58 22.37 -7.95 9.74
N GLN A 59 21.17 -8.06 9.19
CA GLN A 59 20.12 -8.84 9.82
C GLN A 59 19.48 -9.83 8.84
N LYS A 60 18.73 -10.78 9.37
CA LYS A 60 18.02 -11.74 8.54
C LYS A 60 16.78 -12.27 9.27
N GLY A 61 15.74 -12.58 8.50
CA GLY A 61 14.53 -13.13 9.07
C GLY A 61 14.51 -14.64 8.98
N LYS A 62 13.65 -15.26 9.77
CA LYS A 62 13.48 -16.71 9.73
C LYS A 62 12.01 -17.08 9.84
N VAL A 63 11.45 -17.55 8.73
CA VAL A 63 10.03 -17.87 8.66
C VAL A 63 9.77 -19.35 8.92
N VAL A 64 8.73 -19.65 9.68
CA VAL A 64 8.29 -21.02 9.86
C VAL A 64 6.84 -21.16 9.37
N PHE A 65 6.59 -22.19 8.55
CA PHE A 65 5.26 -22.43 8.01
C PHE A 65 4.69 -23.71 8.64
N PHE A 66 3.44 -23.66 9.05
CA PHE A 66 2.80 -24.80 9.72
C PHE A 66 1.71 -25.42 8.86
N ALA A 67 1.98 -26.63 8.38
CA ALA A 67 0.96 -27.45 7.74
C ALA A 67 0.78 -28.72 8.54
N ASN A 68 -0.47 -29.06 8.84
CA ASN A 68 -0.73 -30.23 9.69
C ASN A 68 -1.09 -31.46 8.86
N GLN A 69 -0.71 -31.44 7.59
CA GLN A 69 -0.90 -32.58 6.70
C GLN A 69 0.33 -32.78 5.82
N ILE A 70 0.77 -34.02 5.68
CA ILE A 70 1.93 -34.36 4.85
C ILE A 70 1.81 -33.90 3.39
N PRO A 71 0.63 -34.09 2.75
CA PRO A 71 0.54 -33.58 1.37
C PRO A 71 0.75 -32.07 1.27
N VAL A 72 0.08 -31.31 2.14
CA VAL A 72 0.22 -29.85 2.18
C VAL A 72 1.65 -29.47 2.53
N TYR A 73 2.25 -30.24 3.43
CA TYR A 73 3.64 -30.05 3.82
C TYR A 73 4.58 -30.14 2.63
N GLU A 74 4.47 -31.24 1.87
CA GLU A 74 5.30 -31.46 0.69
C GLU A 74 5.05 -30.41 -0.38
N GLN A 75 3.78 -30.08 -0.58
CA GLN A 75 3.39 -29.06 -1.56
C GLN A 75 4.04 -27.71 -1.26
N GLN A 76 3.84 -27.24 -0.03
CA GLN A 76 4.39 -25.95 0.39
C GLN A 76 5.91 -25.97 0.37
N LYS A 77 6.50 -27.09 0.76
CA LYS A 77 7.95 -27.23 0.75
C LYS A 77 8.48 -27.06 -0.68
N SER A 78 7.84 -27.74 -1.62
CA SER A 78 8.22 -27.65 -3.03
C SER A 78 8.07 -26.24 -3.58
N VAL A 79 6.89 -25.65 -3.38
CA VAL A 79 6.60 -24.32 -3.88
C VAL A 79 7.55 -23.27 -3.32
N PHE A 80 7.70 -23.24 -2.00
CA PHE A 80 8.58 -22.29 -1.35
C PHE A 80 10.04 -22.49 -1.76
N SER A 81 10.45 -23.75 -1.92
CA SER A 81 11.80 -24.05 -2.38
C SER A 81 12.04 -23.46 -3.77
N LYS A 82 11.19 -23.83 -4.73
CA LYS A 82 11.34 -23.36 -6.10
C LYS A 82 11.24 -21.84 -6.21
N TYR A 83 10.44 -21.24 -5.33
CA TYR A 83 10.20 -19.79 -5.39
C TYR A 83 11.37 -18.99 -4.80
N PHE A 84 11.82 -19.39 -3.61
CA PHE A 84 12.79 -18.57 -2.88
C PHE A 84 14.25 -18.96 -3.12
N GLU A 85 14.48 -20.04 -3.85
CA GLU A 85 15.84 -20.46 -4.18
C GLU A 85 16.54 -19.38 -4.99
N ARG A 86 15.81 -18.78 -5.92
CA ARG A 86 16.33 -17.71 -6.77
C ARG A 86 16.75 -16.49 -5.94
N HIS A 87 15.95 -16.17 -4.93
CA HIS A 87 16.17 -14.98 -4.12
C HIS A 87 17.27 -15.19 -3.07
N GLY A 88 17.80 -16.40 -2.99
CA GLY A 88 18.90 -16.68 -2.11
C GLY A 88 18.49 -17.02 -0.68
N TYR A 89 17.29 -17.54 -0.51
CA TYR A 89 16.83 -17.97 0.80
C TYR A 89 16.71 -19.49 0.86
N ARG A 90 17.42 -20.10 1.80
CA ARG A 90 17.42 -21.56 1.92
C ARG A 90 16.12 -22.06 2.54
N VAL A 91 15.43 -22.92 1.79
CA VAL A 91 14.17 -23.49 2.25
C VAL A 91 14.35 -24.96 2.65
N THR A 92 13.84 -25.32 3.82
CA THR A 92 13.85 -26.71 4.25
C THR A 92 12.52 -27.10 4.88
N GLY A 93 12.43 -28.36 5.32
CA GLY A 93 11.25 -28.85 5.99
C GLY A 93 11.55 -29.99 6.94
N ILE A 94 10.72 -30.14 7.97
CA ILE A 94 10.85 -31.29 8.87
C ILE A 94 9.50 -31.93 9.15
N SER A 95 9.34 -33.17 8.70
CA SER A 95 8.16 -33.95 9.02
C SER A 95 8.53 -35.04 10.02
N GLY A 96 7.56 -35.86 10.40
CA GLY A 96 7.80 -36.93 11.36
C GLY A 96 8.78 -37.97 10.84
N ALA A 97 8.87 -38.11 9.53
CA ALA A 97 9.72 -39.11 8.90
C ALA A 97 11.18 -38.68 8.87
N THR A 98 11.43 -37.38 9.04
CA THR A 98 12.79 -36.86 8.98
C THR A 98 13.15 -36.04 10.22
N ALA A 99 12.51 -36.36 11.35
CA ALA A 99 12.68 -35.58 12.56
C ALA A 99 13.60 -36.24 13.58
N GLU A 100 13.84 -37.54 13.43
CA GLU A 100 14.60 -38.29 14.43
C GLU A 100 16.08 -38.35 14.09
N ASN A 101 16.91 -38.32 15.13
CA ASN A 101 18.37 -38.39 15.02
C ASN A 101 18.94 -37.32 14.08
N VAL A 102 18.33 -36.14 14.11
CA VAL A 102 18.82 -35.00 13.33
C VAL A 102 18.88 -33.76 14.20
N PRO A 103 19.89 -32.91 13.98
CA PRO A 103 20.06 -31.68 14.76
C PRO A 103 19.02 -30.61 14.36
N VAL A 104 17.85 -30.67 14.99
CA VAL A 104 16.76 -29.77 14.67
C VAL A 104 17.17 -28.30 14.80
N GLU A 105 17.94 -27.99 15.85
CA GLU A 105 18.35 -26.62 16.11
C GLU A 105 19.24 -26.07 14.99
N GLN A 106 20.16 -26.89 14.50
CA GLN A 106 21.04 -26.48 13.40
C GLN A 106 20.28 -26.35 12.08
N ILE A 107 19.30 -27.23 11.89
CA ILE A 107 18.47 -27.20 10.69
C ILE A 107 17.65 -25.90 10.65
N VAL A 108 17.06 -25.56 11.79
CA VAL A 108 16.31 -24.32 11.91
C VAL A 108 17.23 -23.10 11.76
N GLU A 109 18.42 -23.21 12.33
CA GLU A 109 19.39 -22.12 12.31
C GLU A 109 19.95 -21.84 10.91
N ASN A 110 20.25 -22.90 10.18
CA ASN A 110 20.89 -22.77 8.87
C ASN A 110 19.89 -22.73 7.72
N ASN A 111 18.67 -22.30 8.02
CA ASN A 111 17.65 -22.12 6.99
C ASN A 111 16.80 -20.88 7.25
N ASP A 112 16.36 -20.25 6.17
CA ASP A 112 15.60 -19.01 6.25
C ASP A 112 14.10 -19.29 6.33
N ILE A 113 13.67 -20.34 5.63
CA ILE A 113 12.27 -20.75 5.65
C ILE A 113 12.14 -22.23 5.96
N ILE A 114 11.37 -22.55 6.99
CA ILE A 114 11.22 -23.93 7.44
C ILE A 114 9.76 -24.36 7.46
N ILE A 115 9.41 -25.33 6.62
CA ILE A 115 8.07 -25.88 6.62
C ILE A 115 8.02 -27.02 7.64
N LEU A 116 6.97 -27.05 8.44
CA LEU A 116 6.96 -27.85 9.65
C LEU A 116 5.58 -28.39 9.99
N THR A 117 5.54 -29.66 10.38
CA THR A 117 4.38 -30.21 11.08
C THR A 117 4.46 -29.72 12.52
N PRO A 118 3.37 -29.13 13.02
CA PRO A 118 3.38 -28.48 14.34
C PRO A 118 3.87 -29.38 15.48
N GLN A 119 3.65 -30.68 15.35
CA GLN A 119 4.04 -31.63 16.40
C GLN A 119 5.56 -31.66 16.57
N ILE A 120 6.29 -31.45 15.48
CA ILE A 120 7.75 -31.37 15.55
C ILE A 120 8.17 -30.22 16.46
N LEU A 121 7.57 -29.06 16.24
CA LEU A 121 7.90 -27.88 17.04
C LEU A 121 7.44 -28.05 18.48
N VAL A 122 6.30 -28.68 18.68
CA VAL A 122 5.81 -28.94 20.03
C VAL A 122 6.78 -29.84 20.80
N ASN A 123 7.18 -30.94 20.18
CA ASN A 123 8.08 -31.89 20.79
C ASN A 123 9.47 -31.31 21.03
N ASN A 124 9.92 -30.45 20.12
CA ASN A 124 11.26 -29.85 20.24
C ASN A 124 11.28 -28.69 21.24
N LEU A 125 10.15 -28.03 21.42
CA LEU A 125 10.00 -27.04 22.48
C LEU A 125 9.98 -27.77 23.82
N LYS A 126 9.31 -28.92 23.82
CA LYS A 126 9.17 -29.73 25.03
C LYS A 126 10.50 -30.33 25.47
N LYS A 127 11.32 -30.73 24.51
CA LYS A 127 12.63 -31.31 24.81
C LYS A 127 13.65 -30.23 25.14
N GLY A 128 13.50 -29.07 24.52
CA GLY A 128 14.40 -27.95 24.79
C GLY A 128 15.42 -27.72 23.68
N THR A 129 15.36 -28.55 22.65
CA THR A 129 16.26 -28.42 21.50
C THR A 129 16.03 -27.07 20.82
N ILE A 130 14.79 -26.59 20.91
CA ILE A 130 14.46 -25.21 20.53
C ILE A 130 13.99 -24.48 21.77
N PRO A 131 14.88 -23.66 22.36
CA PRO A 131 14.62 -23.03 23.66
C PRO A 131 13.57 -21.92 23.62
N SER A 132 13.39 -21.29 22.46
CA SER A 132 12.45 -20.18 22.35
C SER A 132 11.95 -19.96 20.92
N LEU A 133 10.77 -19.36 20.81
CA LEU A 133 10.20 -19.02 19.51
C LEU A 133 10.81 -17.73 18.97
N SER A 134 11.72 -17.14 19.74
CA SER A 134 12.39 -15.92 19.34
C SER A 134 13.33 -16.15 18.16
N ILE A 135 13.65 -17.42 17.91
CA ILE A 135 14.50 -17.78 16.78
C ILE A 135 13.78 -17.48 15.47
N PHE A 136 12.46 -17.48 15.51
CA PHE A 136 11.65 -17.13 14.34
C PHE A 136 11.24 -15.67 14.37
N THR A 137 11.05 -15.08 13.20
CA THR A 137 10.58 -13.71 13.09
C THR A 137 9.19 -13.67 12.47
N LEU A 138 8.77 -14.80 11.92
CA LEU A 138 7.45 -14.92 11.32
C LEU A 138 6.93 -16.36 11.37
N MET A 139 5.78 -16.54 11.99
CA MET A 139 5.12 -17.85 12.03
C MET A 139 3.82 -17.79 11.24
N ILE A 140 3.63 -18.76 10.35
CA ILE A 140 2.40 -18.83 9.57
C ILE A 140 1.67 -20.13 9.87
N PHE A 141 0.40 -20.03 10.27
CA PHE A 141 -0.40 -21.20 10.59
C PHE A 141 -1.41 -21.49 9.49
N ASP A 142 -1.18 -22.53 8.69
CA ASP A 142 -2.17 -22.94 7.71
C ASP A 142 -3.35 -23.58 8.44
N GLU A 143 -4.56 -23.22 8.04
CA GLU A 143 -5.78 -23.65 8.73
C GLU A 143 -5.71 -23.29 10.21
N CYS A 144 -5.61 -22.00 10.48
CA CYS A 144 -5.36 -21.49 11.83
C CYS A 144 -6.55 -21.68 12.77
N HIS A 145 -7.70 -22.03 12.22
CA HIS A 145 -8.90 -22.24 13.03
C HIS A 145 -8.71 -23.44 13.98
N ASN A 146 -7.73 -24.28 13.68
CA ASN A 146 -7.40 -25.43 14.51
C ASN A 146 -6.70 -25.01 15.80
N THR A 147 -6.35 -23.74 15.92
CA THR A 147 -5.68 -23.24 17.11
C THR A 147 -6.67 -23.14 18.27
N SER A 148 -6.99 -24.28 18.86
CA SER A 148 -7.90 -24.34 20.01
C SER A 148 -7.74 -25.67 20.74
N LYS A 149 -8.24 -25.70 21.97
CA LYS A 149 -8.20 -26.90 22.82
C LYS A 149 -6.78 -27.45 22.97
N GLN A 150 -6.59 -28.73 22.65
CA GLN A 150 -5.29 -29.37 22.83
C GLN A 150 -4.59 -29.68 21.51
N HIS A 151 -4.95 -28.93 20.47
CA HIS A 151 -4.32 -29.06 19.17
C HIS A 151 -2.90 -28.51 19.23
N PRO A 152 -1.95 -29.16 18.52
CA PRO A 152 -0.54 -28.74 18.48
C PRO A 152 -0.34 -27.25 18.24
N TYR A 153 -1.15 -26.67 17.35
CA TYR A 153 -1.14 -25.22 17.11
C TYR A 153 -1.30 -24.47 18.43
N ASN A 154 -2.29 -24.90 19.21
CA ASN A 154 -2.60 -24.24 20.47
C ASN A 154 -1.50 -24.45 21.50
N MET A 155 -0.77 -25.57 21.39
CA MET A 155 0.36 -25.81 22.27
C MET A 155 1.48 -24.82 21.96
N ILE A 156 1.78 -24.70 20.68
CA ILE A 156 2.77 -23.73 20.20
C ILE A 156 2.42 -22.32 20.66
N MET A 157 1.16 -21.95 20.49
CA MET A 157 0.70 -20.61 20.87
C MET A 157 0.63 -20.46 22.39
N PHE A 158 0.55 -21.58 23.11
CA PHE A 158 0.62 -21.54 24.57
C PHE A 158 2.05 -21.18 24.97
N ASN A 159 3.01 -21.78 24.29
CA ASN A 159 4.41 -21.40 24.50
C ASN A 159 4.64 -19.93 24.19
N TYR A 160 4.15 -19.51 23.04
CA TYR A 160 4.21 -18.12 22.59
C TYR A 160 3.65 -17.15 23.63
N LEU A 161 2.42 -17.40 24.07
CA LEU A 161 1.73 -16.54 25.02
C LEU A 161 2.40 -16.54 26.38
N ASP A 162 2.91 -17.70 26.79
CA ASP A 162 3.64 -17.80 28.04
C ASP A 162 4.91 -16.95 28.00
N GLN A 163 5.54 -16.89 26.83
CA GLN A 163 6.70 -16.02 26.67
C GLN A 163 6.27 -14.54 26.63
N LYS A 164 5.09 -14.28 26.08
CA LYS A 164 4.60 -12.91 25.97
C LYS A 164 4.28 -12.32 27.34
N LEU A 165 3.35 -12.95 28.04
CA LEU A 165 2.84 -12.44 29.30
C LEU A 165 3.83 -12.60 30.44
N GLY A 166 4.60 -13.68 30.41
CA GLY A 166 5.58 -13.95 31.45
C GLY A 166 6.67 -12.90 31.51
N GLY A 167 7.47 -12.93 32.57
CA GLY A 167 8.64 -12.07 32.68
C GLY A 167 9.59 -12.31 31.53
N SER A 168 9.39 -13.45 30.87
CA SER A 168 10.04 -13.78 29.62
C SER A 168 9.99 -12.63 28.64
N SER A 169 11.11 -12.32 28.02
CA SER A 169 11.12 -11.38 26.90
C SER A 169 12.17 -11.80 25.89
N GLY A 170 12.51 -10.88 25.00
CA GLY A 170 13.17 -11.24 23.77
C GLY A 170 12.07 -11.17 22.74
N PRO A 171 12.42 -10.89 21.48
CA PRO A 171 11.40 -10.61 20.46
C PRO A 171 10.53 -11.82 20.11
N LEU A 172 9.23 -11.59 20.03
CA LEU A 172 8.30 -12.62 19.56
C LEU A 172 8.07 -12.47 18.07
N PRO A 173 7.87 -13.59 17.37
CA PRO A 173 7.63 -13.54 15.93
C PRO A 173 6.25 -13.00 15.58
N GLN A 174 6.14 -12.35 14.43
CA GLN A 174 4.84 -11.95 13.90
C GLN A 174 4.02 -13.21 13.62
N VAL A 175 2.72 -13.15 13.86
CA VAL A 175 1.89 -14.35 13.68
C VAL A 175 0.80 -14.15 12.65
N ILE A 176 0.85 -14.99 11.61
CA ILE A 176 -0.16 -15.01 10.56
C ILE A 176 -0.95 -16.31 10.65
N GLY A 177 -2.26 -16.22 10.44
CA GLY A 177 -3.10 -17.39 10.36
C GLY A 177 -3.82 -17.39 9.03
N LEU A 178 -4.05 -18.57 8.48
CA LEU A 178 -4.74 -18.67 7.19
C LEU A 178 -5.95 -19.57 7.31
N THR A 179 -7.11 -19.08 6.89
CA THR A 179 -8.31 -19.90 6.94
C THR A 179 -9.39 -19.40 6.00
N ALA A 180 -10.44 -20.20 5.84
CA ALA A 180 -11.61 -19.81 5.08
C ALA A 180 -12.77 -19.53 6.03
N SER A 181 -12.61 -19.99 7.26
CA SER A 181 -13.64 -19.82 8.29
C SER A 181 -13.04 -19.95 9.68
N VAL A 182 -13.23 -18.92 10.50
CA VAL A 182 -12.74 -18.92 11.87
C VAL A 182 -13.64 -19.74 12.79
N GLY A 183 -14.88 -19.92 12.37
CA GLY A 183 -15.85 -20.65 13.15
C GLY A 183 -16.49 -19.78 14.22
N VAL A 184 -17.56 -20.29 14.83
CA VAL A 184 -18.25 -19.56 15.90
C VAL A 184 -18.50 -20.47 17.10
N GLY A 185 -18.03 -21.71 17.01
CA GLY A 185 -18.24 -22.69 18.07
C GLY A 185 -19.70 -23.02 18.22
N ASP A 186 -20.18 -23.06 19.45
CA ASP A 186 -21.58 -23.35 19.74
C ASP A 186 -22.34 -22.06 20.04
N ALA A 187 -22.06 -21.02 19.25
CA ALA A 187 -22.70 -19.72 19.45
C ALA A 187 -24.16 -19.76 19.01
N LYS A 188 -24.99 -18.96 19.66
CA LYS A 188 -26.42 -18.90 19.35
C LYS A 188 -26.84 -17.53 18.85
N ASN A 189 -25.93 -16.55 18.96
CA ASN A 189 -26.21 -15.21 18.49
C ASN A 189 -24.93 -14.44 18.16
N THR A 190 -25.08 -13.17 17.79
CA THR A 190 -23.95 -12.33 17.40
C THR A 190 -22.91 -12.20 18.49
N ASP A 191 -23.36 -11.87 19.70
CA ASP A 191 -22.46 -11.63 20.83
C ASP A 191 -21.59 -12.83 21.15
N GLU A 192 -22.18 -14.02 21.10
CA GLU A 192 -21.45 -15.25 21.39
C GLU A 192 -20.43 -15.56 20.29
N ALA A 193 -20.83 -15.31 19.04
CA ALA A 193 -19.95 -15.51 17.90
C ALA A 193 -18.74 -14.57 18.00
N LEU A 194 -19.00 -13.32 18.38
CA LEU A 194 -17.96 -12.32 18.54
C LEU A 194 -17.05 -12.71 19.70
N ASP A 195 -17.63 -13.25 20.76
CA ASP A 195 -16.87 -13.80 21.87
C ASP A 195 -15.89 -14.85 21.38
N TYR A 196 -16.41 -15.81 20.64
CA TYR A 196 -15.61 -16.92 20.12
C TYR A 196 -14.48 -16.43 19.21
N ILE A 197 -14.83 -15.59 18.24
CA ILE A 197 -13.85 -15.07 17.28
C ILE A 197 -12.75 -14.28 18.00
N CYS A 198 -13.15 -13.46 18.97
CA CYS A 198 -12.19 -12.71 19.76
C CYS A 198 -11.27 -13.64 20.54
N LYS A 199 -11.83 -14.75 21.04
CA LYS A 199 -11.03 -15.72 21.78
C LYS A 199 -10.06 -16.46 20.87
N LEU A 200 -10.44 -16.64 19.61
CA LEU A 200 -9.55 -17.25 18.63
C LEU A 200 -8.40 -16.30 18.30
N CYS A 201 -8.74 -15.04 18.08
CA CYS A 201 -7.74 -14.00 17.85
C CYS A 201 -6.77 -13.92 19.03
N ALA A 202 -7.30 -14.11 20.22
CA ALA A 202 -6.49 -14.13 21.44
C ALA A 202 -5.58 -15.35 21.46
N SER A 203 -6.12 -16.47 21.00
CA SER A 203 -5.34 -17.71 20.93
C SER A 203 -4.18 -17.57 19.94
N LEU A 204 -4.40 -16.81 18.88
CA LEU A 204 -3.38 -16.61 17.86
C LEU A 204 -2.65 -15.28 18.00
N ASP A 205 -2.98 -14.54 19.06
CA ASP A 205 -2.41 -13.22 19.31
C ASP A 205 -2.61 -12.30 18.12
N ALA A 206 -3.77 -12.40 17.49
CA ALA A 206 -4.07 -11.63 16.29
C ALA A 206 -4.82 -10.33 16.62
N SER A 207 -4.38 -9.24 16.02
CA SER A 207 -4.99 -7.93 16.25
C SER A 207 -5.82 -7.48 15.04
N VAL A 208 -5.67 -8.19 13.92
CA VAL A 208 -6.36 -7.84 12.69
C VAL A 208 -6.94 -9.07 11.99
N ILE A 209 -8.19 -8.97 11.57
CA ILE A 209 -8.80 -10.00 10.73
C ILE A 209 -8.95 -9.47 9.31
N ALA A 210 -8.18 -10.04 8.39
CA ALA A 210 -8.16 -9.56 7.02
C ALA A 210 -9.13 -10.33 6.12
N THR A 211 -10.03 -9.59 5.48
CA THR A 211 -10.94 -10.16 4.49
C THR A 211 -10.97 -9.29 3.23
N VAL A 212 -11.60 -9.78 2.18
CA VAL A 212 -11.72 -9.02 0.94
C VAL A 212 -12.90 -8.05 1.04
N LYS A 213 -12.66 -6.80 0.69
CA LYS A 213 -13.70 -5.76 0.76
C LYS A 213 -13.69 -4.86 -0.47
N HIS A 214 -12.51 -4.37 -0.83
CA HIS A 214 -12.38 -3.40 -1.91
C HIS A 214 -12.31 -4.07 -3.28
N ASN A 215 -12.14 -5.39 -3.29
CA ASN A 215 -12.04 -6.13 -4.54
C ASN A 215 -12.93 -7.36 -4.57
N LEU A 216 -14.15 -7.21 -4.05
CA LEU A 216 -15.09 -8.32 -4.00
C LEU A 216 -15.48 -8.82 -5.38
N GLU A 217 -15.61 -7.90 -6.33
CA GLU A 217 -16.02 -8.25 -7.70
C GLU A 217 -15.02 -9.21 -8.33
N GLU A 218 -13.73 -8.90 -8.17
CA GLU A 218 -12.64 -9.73 -8.67
C GLU A 218 -12.71 -11.14 -8.10
N LEU A 219 -12.71 -11.23 -6.77
CA LEU A 219 -12.79 -12.49 -6.06
C LEU A 219 -14.00 -13.32 -6.48
N GLU A 220 -15.13 -12.64 -6.64
CA GLU A 220 -16.37 -13.29 -7.05
C GLU A 220 -16.27 -13.78 -8.50
N GLN A 221 -15.43 -13.13 -9.29
CA GLN A 221 -15.19 -13.59 -10.65
C GLN A 221 -14.21 -14.75 -10.65
N VAL A 222 -13.45 -14.90 -9.57
CA VAL A 222 -12.53 -16.03 -9.44
C VAL A 222 -13.16 -17.21 -8.71
N VAL A 223 -13.83 -16.93 -7.59
CA VAL A 223 -14.41 -17.97 -6.76
C VAL A 223 -15.92 -17.83 -6.64
N TYR A 224 -16.65 -18.79 -7.22
CA TYR A 224 -18.11 -18.75 -7.19
C TYR A 224 -18.67 -19.68 -6.12
N LYS A 225 -19.72 -19.21 -5.44
CA LYS A 225 -20.42 -20.02 -4.45
C LYS A 225 -21.41 -20.95 -5.14
N PRO A 226 -21.27 -22.27 -4.92
CA PRO A 226 -22.16 -23.24 -5.57
C PRO A 226 -23.58 -23.17 -5.03
N GLN A 227 -24.55 -23.52 -5.87
CA GLN A 227 -25.95 -23.52 -5.45
C GLN A 227 -26.26 -24.79 -4.67
N LYS A 228 -26.76 -24.63 -3.45
CA LYS A 228 -27.06 -25.77 -2.59
C LYS A 228 -28.53 -26.16 -2.66
N PHE A 229 -28.77 -27.46 -2.80
CA PHE A 229 -30.11 -28.02 -2.86
C PHE A 229 -30.31 -29.02 -1.72
N PHE A 230 -31.52 -29.09 -1.20
CA PHE A 230 -31.83 -30.00 -0.11
C PHE A 230 -32.81 -31.08 -0.55
N ARG A 231 -32.38 -32.33 -0.44
CA ARG A 231 -33.16 -33.47 -0.89
C ARG A 231 -33.60 -34.35 0.27
N LYS A 232 -34.86 -34.17 0.68
CA LYS A 232 -35.46 -34.97 1.74
C LYS A 232 -36.22 -36.15 1.12
N VAL A 233 -35.81 -37.36 1.47
CA VAL A 233 -36.45 -38.56 0.97
C VAL A 233 -36.89 -39.45 2.12
N GLU A 234 -37.63 -40.52 1.79
CA GLU A 234 -38.10 -41.45 2.81
C GLU A 234 -37.23 -42.69 2.86
N SER A 235 -37.26 -43.39 3.98
CA SER A 235 -36.56 -44.66 4.09
C SER A 235 -37.36 -45.75 3.40
N ARG A 236 -36.75 -46.90 3.20
CA ARG A 236 -37.49 -48.07 2.72
C ARG A 236 -38.54 -48.43 3.78
N ILE A 237 -39.70 -48.90 3.36
CA ILE A 237 -40.78 -49.17 4.32
C ILE A 237 -40.91 -50.65 4.69
N SER A 238 -40.90 -51.53 3.69
CA SER A 238 -40.83 -52.97 3.93
C SER A 238 -39.38 -53.46 3.94
N ASP A 239 -38.99 -54.10 5.04
CA ASP A 239 -37.64 -54.63 5.15
C ASP A 239 -37.64 -56.02 5.78
N LYS A 240 -37.63 -57.05 4.93
CA LYS A 240 -37.55 -58.43 5.40
C LYS A 240 -36.13 -58.76 5.85
N PHE A 241 -35.17 -58.11 5.21
CA PHE A 241 -33.76 -58.24 5.58
C PHE A 241 -33.57 -57.89 7.04
N LYS A 242 -34.17 -56.77 7.45
CA LYS A 242 -34.10 -56.32 8.83
C LYS A 242 -34.77 -57.31 9.78
N TYR A 243 -35.85 -57.93 9.33
CA TYR A 243 -36.57 -58.91 10.15
C TYR A 243 -35.72 -60.15 10.40
N ILE A 244 -35.16 -60.69 9.32
CA ILE A 244 -34.31 -61.87 9.40
C ILE A 244 -33.08 -61.61 10.28
N ILE A 245 -32.38 -60.52 9.97
CA ILE A 245 -31.19 -60.15 10.72
C ILE A 245 -31.51 -59.92 12.19
N ALA A 246 -32.66 -59.31 12.45
CA ALA A 246 -33.12 -59.08 13.82
C ALA A 246 -33.36 -60.39 14.54
N GLN A 247 -33.95 -61.36 13.83
CA GLN A 247 -34.20 -62.66 14.40
C GLN A 247 -32.88 -63.35 14.74
N LEU A 248 -31.90 -63.22 13.85
CA LEU A 248 -30.56 -63.74 14.10
C LEU A 248 -29.95 -63.10 15.35
N MET A 249 -30.16 -61.79 15.50
CA MET A 249 -29.64 -61.05 16.64
C MET A 249 -30.28 -61.53 17.94
N ARG A 250 -31.59 -61.74 17.91
CA ARG A 250 -32.31 -62.22 19.08
C ARG A 250 -31.86 -63.62 19.46
N ASP A 251 -31.63 -64.45 18.46
CA ASP A 251 -31.11 -65.80 18.68
C ASP A 251 -29.73 -65.75 19.33
N THR A 252 -28.86 -64.89 18.81
CA THR A 252 -27.51 -64.75 19.36
C THR A 252 -27.55 -64.22 20.78
N GLU A 253 -28.48 -63.30 21.05
CA GLU A 253 -28.66 -62.76 22.39
C GLU A 253 -29.10 -63.86 23.36
N SER A 254 -30.06 -64.67 22.93
CA SER A 254 -30.53 -65.79 23.74
C SER A 254 -29.41 -66.78 24.01
N LEU A 255 -28.58 -67.01 23.00
CA LEU A 255 -27.42 -67.89 23.14
C LEU A 255 -26.44 -67.33 24.16
N ALA A 256 -26.28 -66.02 24.16
CA ALA A 256 -25.40 -65.36 25.12
C ALA A 256 -25.96 -65.45 26.54
N LYS A 257 -27.29 -65.37 26.65
CA LYS A 257 -27.97 -65.43 27.94
C LYS A 257 -27.99 -66.85 28.51
N ARG A 258 -28.03 -67.84 27.62
CA ARG A 258 -28.13 -69.23 28.05
C ARG A 258 -26.81 -69.74 28.62
N ILE A 259 -25.76 -68.96 28.47
CA ILE A 259 -24.43 -69.36 28.94
C ILE A 259 -24.06 -68.55 30.19
N CYS A 260 -24.55 -67.31 30.26
CA CYS A 260 -24.27 -66.45 31.40
C CYS A 260 -25.54 -65.73 31.88
N LYS A 261 -25.66 -65.54 33.18
CA LYS A 261 -26.81 -64.84 33.75
C LYS A 261 -26.71 -63.34 33.51
N ASP A 262 -27.56 -62.83 32.63
CA ASP A 262 -27.55 -61.42 32.28
C ASP A 262 -28.81 -60.71 32.77
N LEU A 263 -28.61 -59.64 33.55
CA LEU A 263 -29.70 -58.83 34.09
C LEU A 263 -30.71 -59.66 34.88
N ARG A 272 -33.73 -50.47 23.65
CA ARG A 272 -33.06 -50.13 22.40
C ARG A 272 -33.57 -51.04 21.29
N GLU A 273 -33.42 -50.61 20.04
CA GLU A 273 -33.84 -51.42 18.90
C GLU A 273 -32.67 -51.68 17.96
N PHE A 274 -32.76 -52.76 17.18
CA PHE A 274 -31.67 -53.16 16.30
C PHE A 274 -31.42 -52.12 15.19
N GLY A 275 -30.16 -52.00 14.79
CA GLY A 275 -29.79 -51.12 13.69
C GLY A 275 -29.67 -49.66 14.08
N THR A 276 -29.22 -49.40 15.31
CA THR A 276 -29.05 -48.03 15.78
C THR A 276 -27.72 -47.85 16.52
N GLN A 277 -27.39 -46.60 16.83
CA GLN A 277 -26.18 -46.30 17.60
C GLN A 277 -26.39 -46.64 19.07
N LYS A 278 -27.64 -46.60 19.52
CA LYS A 278 -27.99 -46.96 20.89
C LYS A 278 -27.66 -48.43 21.15
N TYR A 279 -28.06 -49.29 20.22
CA TYR A 279 -27.74 -50.72 20.32
C TYR A 279 -26.23 -50.94 20.31
N GLU A 280 -25.52 -50.11 19.56
CA GLU A 280 -24.08 -50.25 19.43
C GLU A 280 -23.40 -49.90 20.74
N GLN A 281 -23.77 -48.78 21.32
CA GLN A 281 -23.28 -48.38 22.64
C GLN A 281 -23.57 -49.48 23.66
N TRP A 282 -24.80 -49.99 23.61
CA TRP A 282 -25.21 -51.05 24.53
C TRP A 282 -24.34 -52.29 24.40
N ILE A 283 -24.14 -52.77 23.17
CA ILE A 283 -23.43 -54.02 22.96
C ILE A 283 -21.95 -53.86 23.27
N VAL A 284 -21.43 -52.65 23.10
CA VAL A 284 -20.06 -52.36 23.50
C VAL A 284 -19.96 -52.44 25.03
N THR A 285 -20.89 -51.80 25.71
CA THR A 285 -20.95 -51.84 27.17
C THR A 285 -21.04 -53.27 27.68
N VAL A 286 -21.86 -54.07 27.01
CA VAL A 286 -22.09 -55.46 27.38
C VAL A 286 -20.84 -56.30 27.15
N GLN A 287 -20.15 -56.05 26.06
CA GLN A 287 -18.89 -56.73 25.79
C GLN A 287 -17.89 -56.45 26.91
N LYS A 288 -17.71 -55.17 27.20
CA LYS A 288 -16.81 -54.74 28.28
C LYS A 288 -17.20 -55.35 29.62
N ALA A 289 -18.50 -55.51 29.84
CA ALA A 289 -19.00 -56.07 31.09
C ALA A 289 -18.76 -57.58 31.16
N CYS A 290 -18.87 -58.25 30.02
CA CYS A 290 -18.64 -59.68 29.94
C CYS A 290 -17.16 -59.98 30.11
N MET A 291 -16.32 -58.98 29.81
CA MET A 291 -14.88 -59.15 30.00
C MET A 291 -14.49 -59.28 31.48
N VAL A 292 -15.25 -58.67 32.38
CA VAL A 292 -14.93 -58.75 33.80
C VAL A 292 -15.78 -59.78 34.54
N PHE A 293 -16.07 -60.88 33.86
CA PHE A 293 -16.83 -61.98 34.45
C PHE A 293 -15.91 -62.89 35.26
N GLN A 294 -16.30 -63.18 36.49
CA GLN A 294 -15.44 -63.93 37.41
C GLN A 294 -15.96 -65.34 37.70
N MET A 295 -15.01 -66.29 37.76
CA MET A 295 -15.30 -67.66 38.15
C MET A 295 -14.12 -68.23 38.93
N PRO A 296 -14.40 -69.17 39.86
CA PRO A 296 -13.32 -69.84 40.59
C PRO A 296 -12.55 -70.83 39.72
N ASP A 297 -13.24 -71.49 38.80
CA ASP A 297 -12.64 -72.46 37.88
C ASP A 297 -11.59 -71.79 37.00
N LYS A 298 -12.00 -70.67 36.39
CA LYS A 298 -11.13 -69.80 35.58
C LYS A 298 -10.72 -70.39 34.24
N ASP A 299 -10.94 -71.68 34.04
CA ASP A 299 -10.74 -72.24 32.71
C ASP A 299 -12.07 -72.36 31.99
N GLU A 300 -13.15 -72.32 32.77
CA GLU A 300 -14.48 -72.20 32.22
C GLU A 300 -14.81 -70.72 32.05
N GLU A 301 -14.10 -69.89 32.81
CA GLU A 301 -14.18 -68.44 32.67
C GLU A 301 -13.65 -68.04 31.30
N SER A 302 -12.58 -68.69 30.86
CA SER A 302 -12.02 -68.46 29.55
C SER A 302 -13.02 -68.79 28.46
N ARG A 303 -13.65 -69.96 28.58
CA ARG A 303 -14.62 -70.42 27.59
C ARG A 303 -15.84 -69.50 27.52
N ILE A 304 -16.39 -69.17 28.69
CA ILE A 304 -17.57 -68.32 28.76
C ILE A 304 -17.30 -66.91 28.26
N CYS A 305 -16.18 -66.33 28.70
CA CYS A 305 -15.81 -64.98 28.27
C CYS A 305 -15.52 -64.92 26.77
N LYS A 306 -14.84 -65.94 26.26
CA LYS A 306 -14.56 -66.02 24.82
C LYS A 306 -15.85 -66.13 24.03
N ALA A 307 -16.76 -66.98 24.51
CA ALA A 307 -18.04 -67.18 23.87
C ALA A 307 -18.85 -65.89 23.84
N LEU A 308 -18.88 -65.18 24.97
CA LEU A 308 -19.60 -63.92 25.08
C LEU A 308 -19.00 -62.87 24.16
N PHE A 309 -17.67 -62.85 24.07
CA PHE A 309 -16.96 -61.94 23.18
C PHE A 309 -17.37 -62.20 21.74
N LEU A 310 -17.41 -63.48 21.37
CA LEU A 310 -17.80 -63.89 20.02
C LEU A 310 -19.24 -63.47 19.72
N TYR A 311 -20.14 -63.75 20.66
CA TYR A 311 -21.55 -63.40 20.53
C TYR A 311 -21.75 -61.90 20.33
N THR A 312 -21.16 -61.11 21.22
CA THR A 312 -21.28 -59.66 21.15
C THR A 312 -20.66 -59.09 19.88
N SER A 313 -19.57 -59.69 19.43
CA SER A 313 -18.92 -59.28 18.19
C SER A 313 -19.84 -59.53 17.00
N HIS A 314 -20.43 -60.72 16.94
CA HIS A 314 -21.37 -61.07 15.88
C HIS A 314 -22.60 -60.15 15.90
N LEU A 315 -23.06 -59.81 17.09
CA LEU A 315 -24.18 -58.90 17.25
C LEU A 315 -23.84 -57.51 16.71
N ARG A 316 -22.64 -57.04 17.05
CA ARG A 316 -22.16 -55.77 16.55
C ARG A 316 -22.11 -55.76 15.02
N LYS A 317 -21.55 -56.82 14.44
CA LYS A 317 -21.46 -56.95 13.00
C LYS A 317 -22.84 -56.98 12.33
N TYR A 318 -23.78 -57.64 12.98
CA TYR A 318 -25.16 -57.68 12.50
C TYR A 318 -25.78 -56.29 12.51
N ASN A 319 -25.51 -55.53 13.58
CA ASN A 319 -26.00 -54.17 13.69
C ASN A 319 -25.43 -53.28 12.58
N ASP A 320 -24.12 -53.40 12.37
CA ASP A 320 -23.44 -52.71 11.29
C ASP A 320 -24.09 -53.05 9.96
N ALA A 321 -24.41 -54.33 9.78
CA ALA A 321 -25.09 -54.79 8.57
C ALA A 321 -26.43 -54.09 8.40
N LEU A 322 -27.20 -54.00 9.48
CA LEU A 322 -28.49 -53.29 9.43
C LEU A 322 -28.31 -51.84 9.01
N ILE A 323 -27.31 -51.18 9.57
CA ILE A 323 -27.05 -49.78 9.24
C ILE A 323 -26.68 -49.60 7.77
N ILE A 324 -25.73 -50.41 7.30
CA ILE A 324 -25.31 -50.41 5.90
C ILE A 324 -26.51 -50.64 4.98
N SER A 325 -27.36 -51.58 5.37
CA SER A 325 -28.57 -51.88 4.62
C SER A 325 -29.51 -50.67 4.58
N GLU A 326 -29.52 -49.92 5.67
CA GLU A 326 -30.40 -48.75 5.76
C GLU A 326 -29.88 -47.59 4.93
N HIS A 327 -28.56 -47.54 4.72
CA HIS A 327 -27.99 -46.45 3.92
C HIS A 327 -27.56 -46.91 2.52
N ALA A 328 -27.77 -48.18 2.21
CA ALA A 328 -27.39 -48.70 0.90
C ALA A 328 -28.21 -49.93 0.48
N ARG A 329 -27.63 -50.75 -0.38
CA ARG A 329 -28.28 -51.97 -0.83
C ARG A 329 -28.29 -53.03 0.25
N MET A 330 -29.24 -53.96 0.16
CA MET A 330 -29.26 -55.12 1.06
C MET A 330 -28.09 -56.03 0.70
N LYS A 331 -27.71 -56.03 -0.58
CA LYS A 331 -26.58 -56.81 -1.06
C LYS A 331 -25.29 -56.33 -0.41
N ASP A 332 -25.17 -55.03 -0.17
CA ASP A 332 -23.98 -54.47 0.46
C ASP A 332 -23.83 -54.97 1.89
N ALA A 333 -24.94 -54.95 2.62
CA ALA A 333 -24.97 -55.43 3.99
C ALA A 333 -24.67 -56.92 4.06
N LEU A 334 -25.31 -57.68 3.17
CA LEU A 334 -25.14 -59.12 3.13
C LEU A 334 -23.72 -59.50 2.74
N ASP A 335 -23.09 -58.69 1.90
CA ASP A 335 -21.71 -58.92 1.49
C ASP A 335 -20.76 -58.52 2.61
N TYR A 336 -21.17 -57.54 3.41
CA TYR A 336 -20.41 -57.15 4.59
C TYR A 336 -20.38 -58.30 5.59
N LEU A 337 -21.55 -58.89 5.83
CA LEU A 337 -21.65 -60.05 6.70
C LEU A 337 -20.90 -61.24 6.14
N LYS A 338 -21.04 -61.47 4.83
CA LYS A 338 -20.34 -62.57 4.15
C LYS A 338 -18.84 -62.43 4.31
N ASP A 339 -18.35 -61.20 4.20
CA ASP A 339 -16.93 -60.92 4.38
C ASP A 339 -16.52 -61.12 5.83
N PHE A 340 -17.42 -60.77 6.75
CA PHE A 340 -17.15 -60.96 8.17
C PHE A 340 -16.99 -62.43 8.52
N PHE A 341 -17.96 -63.25 8.11
CA PHE A 341 -17.90 -64.69 8.36
C PHE A 341 -16.77 -65.33 7.56
N SER A 342 -16.42 -64.71 6.44
CA SER A 342 -15.27 -65.17 5.65
C SER A 342 -13.98 -64.95 6.44
N ASN A 343 -13.95 -63.87 7.22
CA ASN A 343 -12.81 -63.59 8.09
C ASN A 343 -12.84 -64.46 9.35
N VAL A 344 -14.05 -64.81 9.79
CA VAL A 344 -14.23 -65.73 10.90
C VAL A 344 -13.67 -67.09 10.51
N ARG A 345 -14.03 -67.52 9.30
CA ARG A 345 -13.39 -68.68 8.69
C ARG A 345 -11.97 -68.30 8.31
N ALA A 346 -11.14 -69.29 8.02
CA ALA A 346 -9.73 -69.09 7.70
C ALA A 346 -8.96 -68.43 8.85
N ALA A 347 -9.59 -68.38 10.03
CA ALA A 347 -8.94 -67.87 11.22
C ALA A 347 -8.69 -69.02 12.19
N GLY A 348 -9.50 -70.07 12.05
CA GLY A 348 -9.41 -71.24 12.90
C GLY A 348 -10.78 -71.78 13.26
N PHE A 349 -10.84 -73.04 13.68
CA PHE A 349 -12.11 -73.65 14.06
C PHE A 349 -12.49 -73.28 15.48
N ASP A 350 -13.78 -73.03 15.69
CA ASP A 350 -14.32 -72.76 17.02
C ASP A 350 -15.77 -73.22 17.05
N GLU A 351 -16.15 -73.94 18.10
CA GLU A 351 -17.50 -74.50 18.20
C GLU A 351 -18.56 -73.40 18.14
N ILE A 352 -18.31 -72.32 18.88
CA ILE A 352 -19.21 -71.17 18.88
C ILE A 352 -19.26 -70.51 17.51
N GLU A 353 -18.10 -70.31 16.91
CA GLU A 353 -18.00 -69.69 15.60
C GLU A 353 -18.66 -70.54 14.52
N GLN A 354 -18.50 -71.86 14.63
CA GLN A 354 -19.14 -72.77 13.69
C GLN A 354 -20.66 -72.73 13.85
N ASP A 355 -21.10 -72.72 15.10
CA ASP A 355 -22.53 -72.65 15.41
C ASP A 355 -23.16 -71.38 14.81
N LEU A 356 -22.57 -70.24 15.12
CA LEU A 356 -23.06 -68.96 14.62
C LEU A 356 -23.01 -68.88 13.09
N THR A 357 -21.90 -69.35 12.52
CA THR A 357 -21.72 -69.34 11.07
C THR A 357 -22.80 -70.15 10.38
N GLN A 358 -23.10 -71.33 10.92
CA GLN A 358 -24.14 -72.17 10.33
C GLN A 358 -25.52 -71.59 10.57
N ARG A 359 -25.71 -70.94 11.71
CA ARG A 359 -26.96 -70.23 12.00
C ARG A 359 -27.20 -69.11 11.00
N PHE A 360 -26.10 -68.54 10.50
CA PHE A 360 -26.18 -67.53 9.45
C PHE A 360 -26.44 -68.18 8.09
N GLU A 361 -25.76 -69.28 7.82
CA GLU A 361 -25.89 -70.01 6.56
C GLU A 361 -27.30 -70.55 6.37
N GLU A 362 -28.00 -70.75 7.49
CA GLU A 362 -29.40 -71.16 7.45
C GLU A 362 -30.24 -70.09 6.76
N LYS A 363 -30.19 -68.88 7.30
CA LYS A 363 -31.00 -67.78 6.81
C LYS A 363 -30.40 -67.17 5.54
N LEU A 364 -29.22 -67.63 5.14
CA LEU A 364 -28.50 -67.05 4.02
C LEU A 364 -29.29 -67.08 2.71
N GLN A 365 -30.01 -68.17 2.46
CA GLN A 365 -30.80 -68.31 1.24
C GLN A 365 -31.92 -67.28 1.18
N GLU A 366 -32.71 -67.22 2.24
CA GLU A 366 -33.80 -66.27 2.35
C GLU A 366 -33.29 -64.84 2.24
N LEU A 367 -32.15 -64.58 2.90
CA LEU A 367 -31.50 -63.28 2.85
C LEU A 367 -31.13 -62.90 1.43
N GLU A 368 -30.55 -63.84 0.69
CA GLU A 368 -30.14 -63.59 -0.69
C GLU A 368 -31.34 -63.34 -1.59
N SER A 369 -32.41 -64.11 -1.39
CA SER A 369 -33.61 -63.96 -2.19
C SER A 369 -34.28 -62.61 -1.93
N VAL A 370 -34.28 -62.18 -0.66
CA VAL A 370 -34.81 -60.86 -0.31
C VAL A 370 -33.92 -59.76 -0.91
N SER A 371 -32.61 -60.04 -0.93
CA SER A 371 -31.64 -59.07 -1.43
C SER A 371 -31.69 -58.91 -2.94
N ARG A 372 -32.17 -59.93 -3.65
CA ARG A 372 -32.22 -59.87 -5.10
C ARG A 372 -33.52 -59.26 -5.63
N ASP A 373 -34.55 -59.23 -4.78
CA ASP A 373 -35.84 -58.68 -5.17
C ASP A 373 -35.77 -57.18 -5.42
N PRO A 374 -36.04 -56.76 -6.67
CA PRO A 374 -35.98 -55.34 -7.07
C PRO A 374 -37.04 -54.48 -6.38
N SER A 375 -38.03 -55.12 -5.78
CA SER A 375 -39.12 -54.41 -5.11
C SER A 375 -38.70 -53.85 -3.76
N ASN A 376 -37.45 -54.11 -3.37
CA ASN A 376 -36.94 -53.65 -2.08
C ASN A 376 -35.75 -52.72 -2.23
N GLU A 377 -35.70 -52.00 -3.35
CA GLU A 377 -34.60 -51.08 -3.61
C GLU A 377 -34.67 -49.85 -2.71
N ASN A 378 -33.50 -49.42 -2.23
CA ASN A 378 -33.41 -48.24 -1.37
C ASN A 378 -33.75 -46.97 -2.16
N PRO A 379 -34.83 -46.29 -1.77
CA PRO A 379 -35.29 -45.07 -2.46
C PRO A 379 -34.28 -43.94 -2.41
N LYS A 380 -33.40 -43.96 -1.41
CA LYS A 380 -32.34 -42.96 -1.31
C LYS A 380 -31.35 -43.12 -2.45
N LEU A 381 -30.99 -44.38 -2.72
CA LEU A 381 -30.11 -44.70 -3.84
C LEU A 381 -30.80 -44.39 -5.17
N GLU A 382 -32.12 -44.50 -5.19
CA GLU A 382 -32.89 -44.21 -6.39
C GLU A 382 -32.92 -42.71 -6.67
N ASP A 383 -33.02 -41.91 -5.60
CA ASP A 383 -33.01 -40.46 -5.75
C ASP A 383 -31.62 -39.98 -6.12
N LEU A 384 -30.60 -40.62 -5.53
CA LEU A 384 -29.21 -40.34 -5.89
C LEU A 384 -28.97 -40.64 -7.36
N CYS A 385 -29.47 -41.80 -7.79
CA CYS A 385 -29.39 -42.21 -9.19
C CYS A 385 -30.10 -41.22 -10.09
N PHE A 386 -31.24 -40.70 -9.63
CA PHE A 386 -31.99 -39.71 -10.37
C PHE A 386 -31.18 -38.43 -10.56
N ILE A 387 -30.57 -37.97 -9.47
CA ILE A 387 -29.74 -36.77 -9.50
C ILE A 387 -28.58 -36.92 -10.48
N LEU A 388 -27.82 -38.01 -10.31
CA LEU A 388 -26.68 -38.29 -11.19
C LEU A 388 -27.11 -38.38 -12.66
N GLN A 389 -28.19 -39.11 -12.90
CA GLN A 389 -28.74 -39.25 -14.25
C GLN A 389 -29.08 -37.91 -14.88
N GLU A 390 -29.81 -37.08 -14.13
CA GLU A 390 -30.21 -35.77 -14.62
C GLU A 390 -28.99 -34.90 -14.94
N GLU A 391 -28.09 -34.77 -13.97
CA GLU A 391 -26.95 -33.88 -14.12
C GLU A 391 -25.98 -34.32 -15.21
N TYR A 392 -25.84 -35.63 -15.40
CA TYR A 392 -24.95 -36.13 -16.45
C TYR A 392 -25.63 -36.14 -17.81
N HIS A 393 -26.95 -36.17 -17.81
CA HIS A 393 -27.71 -36.01 -19.05
C HIS A 393 -27.56 -34.57 -19.53
N LEU A 394 -27.67 -33.63 -18.60
CA LEU A 394 -27.51 -32.21 -18.92
C LEU A 394 -26.07 -31.88 -19.31
N ASN A 395 -25.12 -32.60 -18.72
CA ASN A 395 -23.71 -32.40 -19.00
C ASN A 395 -22.91 -33.68 -18.75
N PRO A 396 -22.58 -34.41 -19.83
CA PRO A 396 -21.87 -35.68 -19.73
C PRO A 396 -20.41 -35.53 -19.29
N GLU A 397 -19.91 -34.30 -19.30
CA GLU A 397 -18.52 -34.05 -18.89
C GLU A 397 -18.45 -33.71 -17.40
N THR A 398 -19.57 -33.90 -16.71
CA THR A 398 -19.67 -33.59 -15.28
C THR A 398 -18.64 -34.35 -14.46
N ILE A 399 -17.96 -33.63 -13.58
CA ILE A 399 -17.04 -34.25 -12.62
C ILE A 399 -17.66 -34.18 -11.23
N THR A 400 -17.93 -35.34 -10.65
CA THR A 400 -18.70 -35.42 -9.41
C THR A 400 -17.86 -35.87 -8.22
N ILE A 401 -18.15 -35.32 -7.05
CA ILE A 401 -17.58 -35.82 -5.80
C ILE A 401 -18.70 -36.13 -4.82
N LEU A 402 -18.66 -37.34 -4.28
CA LEU A 402 -19.74 -37.86 -3.43
C LEU A 402 -19.23 -38.22 -2.03
N PHE A 403 -19.66 -37.45 -1.03
CA PHE A 403 -19.22 -37.66 0.34
C PHE A 403 -20.17 -38.56 1.11
N VAL A 404 -19.62 -39.58 1.77
CA VAL A 404 -20.40 -40.44 2.64
C VAL A 404 -19.73 -40.57 4.01
N LYS A 405 -20.43 -41.19 4.95
CA LYS A 405 -19.98 -41.22 6.34
C LYS A 405 -18.88 -42.25 6.60
N THR A 406 -19.10 -43.48 6.16
CA THR A 406 -18.18 -44.57 6.48
C THR A 406 -17.47 -45.14 5.25
N ARG A 407 -16.38 -45.87 5.47
CA ARG A 407 -15.63 -46.49 4.38
C ARG A 407 -16.42 -47.66 3.80
N ALA A 408 -17.19 -48.33 4.65
CA ALA A 408 -18.06 -49.41 4.21
C ALA A 408 -19.08 -48.87 3.20
N LEU A 409 -19.56 -47.66 3.45
CA LEU A 409 -20.51 -47.01 2.57
C LEU A 409 -19.83 -46.56 1.27
N VAL A 410 -18.54 -46.21 1.38
CA VAL A 410 -17.75 -45.89 0.20
C VAL A 410 -17.69 -47.08 -0.74
N ASP A 411 -17.21 -48.20 -0.20
CA ASP A 411 -17.12 -49.44 -0.96
C ASP A 411 -18.48 -49.84 -1.52
N ALA A 412 -19.50 -49.73 -0.68
CA ALA A 412 -20.85 -50.11 -1.05
C ALA A 412 -21.37 -49.29 -2.23
N LEU A 413 -21.12 -47.98 -2.19
CA LEU A 413 -21.61 -47.10 -3.25
C LEU A 413 -20.80 -47.29 -4.53
N LYS A 414 -19.51 -47.61 -4.42
CA LYS A 414 -18.72 -47.92 -5.61
C LYS A 414 -19.27 -49.17 -6.28
N ASN A 415 -19.49 -50.21 -5.47
CA ASN A 415 -20.06 -51.46 -5.96
C ASN A 415 -21.42 -51.25 -6.60
N TRP A 416 -22.24 -50.40 -5.98
CA TRP A 416 -23.57 -50.10 -6.48
C TRP A 416 -23.52 -49.39 -7.83
N ILE A 417 -22.66 -48.37 -7.92
CA ILE A 417 -22.51 -47.62 -9.16
C ILE A 417 -22.01 -48.50 -10.29
N GLU A 418 -20.99 -49.32 -10.00
CA GLU A 418 -20.44 -50.23 -11.00
C GLU A 418 -21.43 -51.33 -11.38
N GLY A 419 -22.35 -51.64 -10.46
CA GLY A 419 -23.32 -52.68 -10.68
C GLY A 419 -24.66 -52.17 -11.17
N ASN A 420 -24.76 -50.86 -11.34
CA ASN A 420 -25.98 -50.24 -11.85
C ASN A 420 -25.85 -49.89 -13.33
N PRO A 421 -26.68 -50.53 -14.17
CA PRO A 421 -26.68 -50.27 -15.61
C PRO A 421 -27.07 -48.84 -15.96
N LYS A 422 -27.91 -48.23 -15.12
CA LYS A 422 -28.39 -46.87 -15.38
C LYS A 422 -27.32 -45.82 -15.09
N LEU A 423 -26.22 -46.24 -14.48
CA LEU A 423 -25.12 -45.34 -14.16
C LEU A 423 -23.83 -45.77 -14.86
N SER A 424 -23.98 -46.36 -16.04
CA SER A 424 -22.84 -46.89 -16.80
C SER A 424 -21.84 -45.82 -17.21
N PHE A 425 -22.31 -44.57 -17.25
CA PHE A 425 -21.47 -43.45 -17.66
C PHE A 425 -20.50 -43.01 -16.55
N LEU A 426 -20.62 -43.61 -15.38
CA LEU A 426 -19.79 -43.25 -14.24
C LEU A 426 -18.55 -44.15 -14.12
N LYS A 427 -17.41 -43.51 -13.83
CA LYS A 427 -16.17 -44.24 -13.58
C LYS A 427 -15.69 -43.94 -12.17
N PRO A 428 -16.25 -44.66 -11.18
CA PRO A 428 -16.01 -44.35 -9.76
C PRO A 428 -14.59 -44.59 -9.29
N GLY A 429 -14.11 -43.69 -8.43
CA GLY A 429 -12.82 -43.82 -7.78
C GLY A 429 -13.02 -43.70 -6.28
N ILE A 430 -12.03 -44.15 -5.50
CA ILE A 430 -12.17 -44.16 -4.05
C ILE A 430 -11.21 -43.17 -3.39
N LEU A 431 -11.69 -42.51 -2.34
CA LEU A 431 -10.84 -41.62 -1.55
C LEU A 431 -11.18 -41.72 -0.07
N THR A 432 -10.37 -42.46 0.68
CA THR A 432 -10.58 -42.59 2.12
C THR A 432 -9.32 -42.15 2.87
N GLY A 433 -9.40 -42.17 4.19
CA GLY A 433 -8.27 -41.83 5.03
C GLY A 433 -7.22 -42.93 5.03
N ARG A 434 -6.14 -42.71 5.75
CA ARG A 434 -5.06 -43.70 5.84
C ARG A 434 -5.47 -44.90 6.69
N GLY A 435 -6.56 -44.73 7.44
CA GLY A 435 -7.03 -45.78 8.33
C GLY A 435 -6.21 -45.83 9.60
N LYS A 436 -6.61 -46.67 10.54
CA LYS A 436 -5.86 -46.86 11.78
C LYS A 436 -4.46 -47.37 11.47
N THR A 437 -3.48 -46.91 12.24
CA THR A 437 -2.07 -47.18 11.95
C THR A 437 -1.69 -48.64 12.14
N ASN A 438 -2.46 -49.37 12.94
CA ASN A 438 -2.14 -50.76 13.23
C ASN A 438 -3.18 -51.74 12.69
N GLN A 439 -3.78 -51.39 11.56
CA GLN A 439 -4.76 -52.26 10.91
C GLN A 439 -4.60 -52.21 9.39
N ASN A 440 -4.97 -53.30 8.71
CA ASN A 440 -4.90 -53.35 7.26
C ASN A 440 -6.17 -52.80 6.63
N THR A 441 -6.46 -51.52 6.89
CA THR A 441 -7.63 -50.86 6.34
C THR A 441 -7.26 -49.50 5.77
N GLY A 442 -8.25 -48.79 5.24
CA GLY A 442 -8.04 -47.46 4.72
C GLY A 442 -7.40 -47.43 3.34
N MET A 443 -6.40 -46.57 3.18
CA MET A 443 -5.75 -46.37 1.88
C MET A 443 -4.44 -45.60 2.03
N THR A 444 -3.37 -46.14 1.47
CA THR A 444 -2.04 -45.52 1.58
C THR A 444 -1.96 -44.20 0.80
N LEU A 445 -1.09 -43.31 1.24
CA LEU A 445 -0.92 -42.00 0.62
C LEU A 445 -0.59 -42.06 -0.89
N PRO A 446 0.36 -42.93 -1.30
CA PRO A 446 0.59 -42.99 -2.75
C PRO A 446 -0.61 -43.52 -3.53
N ALA A 447 -1.49 -44.28 -2.86
CA ALA A 447 -2.71 -44.74 -3.49
C ALA A 447 -3.69 -43.59 -3.69
N GLN A 448 -3.84 -42.75 -2.67
CA GLN A 448 -4.68 -41.57 -2.78
C GLN A 448 -4.15 -40.65 -3.88
N LYS A 449 -2.82 -40.51 -3.94
CA LYS A 449 -2.20 -39.69 -4.98
C LYS A 449 -2.48 -40.26 -6.36
N CYS A 450 -2.32 -41.58 -6.49
CA CYS A 450 -2.54 -42.26 -7.77
C CYS A 450 -3.98 -42.11 -8.24
N ILE A 451 -4.93 -42.21 -7.32
CA ILE A 451 -6.35 -42.09 -7.66
C ILE A 451 -6.73 -40.64 -7.98
N LEU A 452 -6.21 -39.71 -7.19
CA LEU A 452 -6.48 -38.29 -7.40
C LEU A 452 -5.91 -37.79 -8.73
N ASP A 453 -4.77 -38.35 -9.14
CA ASP A 453 -4.17 -37.98 -10.42
C ASP A 453 -5.01 -38.51 -11.58
N ALA A 454 -5.75 -39.59 -11.34
CA ALA A 454 -6.60 -40.17 -12.36
C ALA A 454 -7.99 -39.54 -12.35
N PHE A 455 -8.22 -38.67 -11.37
CA PHE A 455 -9.50 -37.99 -11.22
C PHE A 455 -9.51 -36.68 -12.02
N LYS A 456 -9.74 -36.79 -13.32
CA LYS A 456 -9.75 -35.63 -14.21
C LYS A 456 -10.86 -35.75 -15.26
N ALA A 457 -10.99 -34.71 -16.07
CA ALA A 457 -11.97 -34.70 -17.16
C ALA A 457 -11.52 -35.63 -18.28
N SER A 458 -10.20 -35.76 -18.44
CA SER A 458 -9.63 -36.65 -19.45
C SER A 458 -8.97 -37.85 -18.78
N GLY A 459 -9.29 -38.05 -17.50
CA GLY A 459 -8.70 -39.14 -16.73
C GLY A 459 -9.52 -40.40 -16.77
N ASP A 460 -9.19 -41.33 -15.87
CA ASP A 460 -9.85 -42.62 -15.82
C ASP A 460 -11.10 -42.59 -14.95
N HIS A 461 -11.26 -41.53 -14.16
CA HIS A 461 -12.35 -41.48 -13.21
C HIS A 461 -13.27 -40.28 -13.39
N ASN A 462 -14.57 -40.54 -13.31
CA ASN A 462 -15.60 -39.56 -13.56
C ASN A 462 -16.20 -39.01 -12.27
N ILE A 463 -16.25 -39.86 -11.25
CA ILE A 463 -16.85 -39.51 -9.97
C ILE A 463 -16.00 -40.07 -8.83
N LEU A 464 -15.80 -39.28 -7.78
CA LEU A 464 -14.96 -39.68 -6.67
C LEU A 464 -15.76 -39.87 -5.38
N ILE A 465 -15.79 -41.10 -4.88
CA ILE A 465 -16.50 -41.41 -3.65
C ILE A 465 -15.56 -41.29 -2.45
N ALA A 466 -15.89 -40.42 -1.51
CA ALA A 466 -14.99 -40.10 -0.41
C ALA A 466 -15.69 -40.07 0.95
N THR A 467 -14.89 -40.23 2.01
CA THR A 467 -15.39 -40.13 3.37
C THR A 467 -15.37 -38.69 3.84
N SER A 468 -14.17 -38.17 4.10
CA SER A 468 -13.99 -36.79 4.52
C SER A 468 -12.54 -36.36 4.29
N VAL A 469 -12.31 -35.05 4.38
CA VAL A 469 -10.97 -34.51 4.21
C VAL A 469 -10.66 -33.53 5.34
N ALA A 470 -9.46 -33.62 5.89
CA ALA A 470 -9.00 -32.67 6.90
C ALA A 470 -8.87 -31.29 6.27
N ASP A 471 -9.74 -30.37 6.68
CA ASP A 471 -9.74 -28.99 6.18
C ASP A 471 -9.85 -28.93 4.66
N GLU A 472 -9.05 -28.08 4.03
CA GLU A 472 -9.10 -27.89 2.59
C GLU A 472 -8.29 -28.95 1.85
N GLY A 473 -7.03 -29.11 2.25
CA GLY A 473 -6.15 -30.06 1.60
C GLY A 473 -5.68 -29.59 0.24
N ILE A 474 -5.01 -30.49 -0.49
CA ILE A 474 -4.51 -30.19 -1.82
C ILE A 474 -5.66 -29.97 -2.80
N ASP A 475 -5.47 -29.03 -3.73
CA ASP A 475 -6.46 -28.77 -4.77
C ASP A 475 -6.56 -29.95 -5.74
N ILE A 476 -7.71 -30.62 -5.73
CA ILE A 476 -7.97 -31.68 -6.70
C ILE A 476 -8.75 -31.11 -7.88
N ALA A 477 -9.11 -31.96 -8.82
CA ALA A 477 -9.88 -31.52 -9.99
C ALA A 477 -11.20 -30.91 -9.56
N GLN A 478 -11.59 -29.83 -10.22
CA GLN A 478 -12.82 -29.12 -9.87
C GLN A 478 -14.04 -29.97 -10.17
N CYS A 479 -15.03 -29.90 -9.27
CA CYS A 479 -16.27 -30.64 -9.42
C CYS A 479 -17.45 -29.70 -9.55
N ASN A 480 -18.16 -29.80 -10.67
CA ASN A 480 -19.38 -29.02 -10.86
C ASN A 480 -20.56 -29.70 -10.19
N LEU A 481 -20.29 -30.83 -9.55
CA LEU A 481 -21.31 -31.55 -8.79
C LEU A 481 -20.75 -32.16 -7.51
N VAL A 482 -21.25 -31.67 -6.38
CA VAL A 482 -20.92 -32.22 -5.06
C VAL A 482 -22.18 -32.84 -4.48
N ILE A 483 -22.06 -34.02 -3.89
CA ILE A 483 -23.22 -34.67 -3.28
C ILE A 483 -22.92 -35.16 -1.87
N LEU A 484 -23.54 -34.52 -0.89
CA LEU A 484 -23.44 -34.92 0.51
C LEU A 484 -24.48 -35.97 0.85
N TYR A 485 -24.04 -37.22 0.93
CA TYR A 485 -24.95 -38.35 1.17
C TYR A 485 -25.04 -38.66 2.66
N GLU A 486 -26.14 -38.23 3.28
CA GLU A 486 -26.34 -38.35 4.73
C GLU A 486 -25.15 -37.76 5.48
N TYR A 487 -24.74 -36.56 5.08
CA TYR A 487 -23.52 -35.95 5.59
C TYR A 487 -23.81 -34.82 6.58
N VAL A 488 -23.08 -34.83 7.69
CA VAL A 488 -23.20 -33.78 8.70
C VAL A 488 -21.83 -33.25 9.08
N GLY A 489 -21.65 -31.93 8.96
CA GLY A 489 -20.40 -31.30 9.31
C GLY A 489 -20.61 -29.99 10.04
N ASN A 490 -19.52 -29.28 10.31
CA ASN A 490 -19.61 -27.96 10.93
C ASN A 490 -19.60 -26.86 9.87
N VAL A 491 -19.69 -25.61 10.32
CA VAL A 491 -19.72 -24.48 9.41
C VAL A 491 -18.39 -24.35 8.65
N ILE A 492 -17.30 -24.68 9.33
CA ILE A 492 -15.97 -24.61 8.73
C ILE A 492 -15.84 -25.55 7.54
N LYS A 493 -16.19 -26.83 7.76
CA LYS A 493 -16.14 -27.81 6.68
C LYS A 493 -17.14 -27.48 5.58
N MET A 494 -18.27 -26.92 5.96
CA MET A 494 -19.28 -26.48 5.00
C MET A 494 -18.71 -25.45 4.04
N ILE A 495 -18.04 -24.43 4.60
CA ILE A 495 -17.45 -23.37 3.81
C ILE A 495 -16.26 -23.89 2.99
N GLN A 496 -15.50 -24.80 3.58
CA GLN A 496 -14.32 -25.35 2.91
C GLN A 496 -14.66 -26.22 1.70
N THR A 497 -15.71 -27.03 1.83
CA THR A 497 -16.10 -27.94 0.75
C THR A 497 -16.61 -27.22 -0.49
N ARG A 498 -16.92 -25.93 -0.35
CA ARG A 498 -17.33 -25.11 -1.49
C ARG A 498 -16.21 -25.00 -2.51
N GLY A 499 -14.97 -25.13 -2.05
CA GLY A 499 -13.80 -25.05 -2.90
C GLY A 499 -13.71 -26.17 -3.91
N ARG A 500 -14.54 -27.20 -3.73
CA ARG A 500 -14.60 -28.31 -4.67
C ARG A 500 -15.32 -27.90 -5.94
N GLY A 501 -16.07 -26.80 -5.86
CA GLY A 501 -16.82 -26.28 -7.00
C GLY A 501 -16.75 -24.78 -7.12
N ARG A 502 -15.56 -24.27 -7.40
CA ARG A 502 -15.35 -22.82 -7.48
C ARG A 502 -15.88 -22.25 -8.79
N ALA A 503 -16.05 -23.10 -9.79
CA ALA A 503 -16.50 -22.66 -11.11
C ALA A 503 -17.96 -22.23 -11.08
N ARG A 504 -18.30 -21.29 -11.96
CA ARG A 504 -19.68 -20.83 -12.09
C ARG A 504 -20.61 -21.96 -12.53
N GLY A 505 -21.68 -22.17 -11.77
CA GLY A 505 -22.67 -23.17 -12.12
C GLY A 505 -22.57 -24.44 -11.32
N SER A 506 -21.56 -24.54 -10.46
CA SER A 506 -21.38 -25.71 -9.61
C SER A 506 -22.56 -25.90 -8.68
N LYS A 507 -22.91 -27.15 -8.42
CA LYS A 507 -24.08 -27.47 -7.59
C LYS A 507 -23.73 -28.44 -6.48
N CYS A 508 -24.38 -28.29 -5.34
CA CYS A 508 -24.19 -29.18 -4.20
C CYS A 508 -25.53 -29.72 -3.70
N PHE A 509 -25.69 -31.03 -3.73
CA PHE A 509 -26.93 -31.67 -3.28
C PHE A 509 -26.77 -32.37 -1.94
N LEU A 510 -27.52 -31.93 -0.93
CA LEU A 510 -27.54 -32.62 0.35
C LEU A 510 -28.68 -33.63 0.38
N LEU A 511 -28.35 -34.92 0.23
CA LEU A 511 -29.37 -35.97 0.17
C LEU A 511 -29.49 -36.69 1.51
N THR A 512 -30.68 -36.69 2.09
CA THR A 512 -30.89 -37.37 3.36
C THR A 512 -32.33 -37.76 3.62
N SER A 513 -32.53 -38.68 4.56
CA SER A 513 -33.86 -39.09 4.98
C SER A 513 -34.14 -38.59 6.40
N ASN A 514 -33.14 -37.93 6.99
CA ASN A 514 -33.28 -37.37 8.32
C ASN A 514 -33.36 -35.85 8.28
N ALA A 515 -34.46 -35.30 8.78
CA ALA A 515 -34.68 -33.86 8.76
C ALA A 515 -33.65 -33.11 9.59
N GLY A 516 -33.12 -33.79 10.61
CA GLY A 516 -32.10 -33.21 11.48
C GLY A 516 -30.85 -32.81 10.74
N VAL A 517 -30.54 -33.53 9.66
CA VAL A 517 -29.39 -33.21 8.82
C VAL A 517 -29.61 -31.88 8.10
N ILE A 518 -30.74 -31.78 7.42
CA ILE A 518 -31.14 -30.55 6.73
C ILE A 518 -31.10 -29.37 7.70
N GLU A 519 -31.76 -29.54 8.83
CA GLU A 519 -31.81 -28.51 9.86
C GLU A 519 -30.42 -28.12 10.33
N LYS A 520 -29.54 -29.12 10.46
CA LYS A 520 -28.18 -28.88 10.90
C LYS A 520 -27.41 -28.03 9.89
N GLU A 521 -27.62 -28.30 8.61
CA GLU A 521 -26.97 -27.52 7.57
C GLU A 521 -27.52 -26.09 7.53
N GLN A 522 -28.82 -25.94 7.76
CA GLN A 522 -29.43 -24.62 7.87
C GLN A 522 -28.81 -23.83 9.01
N ILE A 523 -28.69 -24.49 10.16
CA ILE A 523 -28.02 -23.93 11.33
C ILE A 523 -26.62 -23.49 10.98
N ASN A 524 -25.90 -24.33 10.23
CA ASN A 524 -24.56 -23.99 9.79
C ASN A 524 -24.53 -22.73 8.92
N MET A 525 -25.54 -22.59 8.07
CA MET A 525 -25.66 -21.40 7.22
C MET A 525 -25.85 -20.15 8.07
N TYR A 526 -26.74 -20.23 9.05
CA TYR A 526 -26.97 -19.10 9.96
C TYR A 526 -25.70 -18.78 10.75
N LYS A 527 -24.95 -19.82 11.10
CA LYS A 527 -23.70 -19.66 11.83
C LYS A 527 -22.66 -18.95 10.96
N GLU A 528 -22.69 -19.24 9.66
CA GLU A 528 -21.82 -18.53 8.73
C GLU A 528 -22.20 -17.06 8.69
N LYS A 529 -23.51 -16.80 8.68
CA LYS A 529 -24.00 -15.42 8.71
C LYS A 529 -23.47 -14.69 9.94
N MET A 530 -23.61 -15.33 11.11
CA MET A 530 -23.12 -14.76 12.35
C MET A 530 -21.62 -14.51 12.31
N MET A 531 -20.88 -15.45 11.72
CA MET A 531 -19.43 -15.33 11.60
C MET A 531 -19.06 -14.09 10.79
N ASN A 532 -19.66 -13.97 9.61
CA ASN A 532 -19.41 -12.83 8.73
C ASN A 532 -19.76 -11.50 9.37
N ASP A 533 -20.96 -11.44 9.97
CA ASP A 533 -21.42 -10.21 10.61
C ASP A 533 -20.51 -9.81 11.77
N SER A 534 -20.09 -10.80 12.56
CA SER A 534 -19.21 -10.57 13.69
C SER A 534 -17.84 -10.05 13.23
N ILE A 535 -17.31 -10.65 12.17
CA ILE A 535 -16.04 -10.21 11.61
C ILE A 535 -16.15 -8.77 11.12
N LEU A 536 -17.22 -8.48 10.37
CA LEU A 536 -17.48 -7.12 9.90
C LEU A 536 -17.55 -6.12 11.04
N ARG A 537 -18.16 -6.53 12.15
CA ARG A 537 -18.25 -5.68 13.32
C ARG A 537 -16.89 -5.43 13.96
N LEU A 538 -16.11 -6.50 14.13
CA LEU A 538 -14.79 -6.41 14.74
C LEU A 538 -13.84 -5.54 13.91
N GLN A 539 -14.01 -5.57 12.59
CA GLN A 539 -13.13 -4.82 11.70
C GLN A 539 -13.33 -3.31 11.81
N THR A 540 -14.41 -2.90 12.46
CA THR A 540 -14.69 -1.48 12.65
C THR A 540 -14.05 -0.94 13.91
N TRP A 541 -13.70 -1.84 14.82
CA TRP A 541 -13.09 -1.46 16.10
C TRP A 541 -11.73 -0.80 15.91
N ASP A 542 -11.31 -0.05 16.91
CA ASP A 542 -9.95 0.49 16.94
C ASP A 542 -8.98 -0.63 17.26
N GLU A 543 -7.86 -0.67 16.55
CA GLU A 543 -6.90 -1.77 16.68
C GLU A 543 -6.34 -1.88 18.10
N ALA A 544 -6.11 -0.75 18.74
CA ALA A 544 -5.54 -0.73 20.08
C ALA A 544 -6.52 -1.30 21.11
N VAL A 545 -7.80 -0.97 20.95
CA VAL A 545 -8.85 -1.49 21.82
C VAL A 545 -8.93 -3.01 21.70
N PHE A 546 -8.85 -3.50 20.47
CA PHE A 546 -8.89 -4.94 20.22
C PHE A 546 -7.67 -5.63 20.80
N ARG A 547 -6.51 -4.99 20.65
CA ARG A 547 -5.27 -5.50 21.24
C ARG A 547 -5.41 -5.62 22.76
N GLU A 548 -6.02 -4.61 23.36
CA GLU A 548 -6.24 -4.60 24.80
C GLU A 548 -7.17 -5.73 25.21
N LYS A 549 -8.27 -5.89 24.48
CA LYS A 549 -9.24 -6.93 24.78
C LYS A 549 -8.63 -8.33 24.67
N ILE A 550 -7.94 -8.60 23.57
CA ILE A 550 -7.33 -9.92 23.39
C ILE A 550 -6.20 -10.11 24.39
N LEU A 551 -5.58 -9.03 24.83
CA LEU A 551 -4.54 -9.13 25.87
C LEU A 551 -5.17 -9.57 27.18
N HIS A 552 -6.33 -9.01 27.50
CA HIS A 552 -7.04 -9.39 28.71
C HIS A 552 -7.53 -10.84 28.64
N ILE A 553 -8.01 -11.24 27.47
CA ILE A 553 -8.45 -12.62 27.26
C ILE A 553 -7.27 -13.57 27.44
N GLN A 554 -6.13 -13.21 26.86
CA GLN A 554 -4.92 -14.01 26.98
C GLN A 554 -4.47 -14.14 28.43
N THR A 555 -4.49 -13.03 29.15
CA THR A 555 -4.07 -13.01 30.55
C THR A 555 -4.99 -13.87 31.40
N HIS A 556 -6.29 -13.77 31.14
CA HIS A 556 -7.28 -14.55 31.86
C HIS A 556 -7.10 -16.05 31.61
N GLU A 557 -7.06 -16.43 30.33
CA GLU A 557 -6.90 -17.82 29.95
C GLU A 557 -5.59 -18.40 30.48
N LYS A 558 -4.55 -17.57 30.52
CA LYS A 558 -3.28 -17.99 31.09
C LYS A 558 -3.40 -18.21 32.59
N PHE A 559 -4.05 -17.29 33.27
CA PHE A 559 -4.27 -17.41 34.72
C PHE A 559 -5.02 -18.71 35.04
N ILE A 560 -5.96 -19.06 34.17
CA ILE A 560 -6.70 -20.32 34.33
C ILE A 560 -5.79 -21.52 34.09
N ARG A 561 -4.99 -21.44 33.02
CA ARG A 561 -4.15 -22.56 32.58
C ARG A 561 -2.96 -22.82 33.51
N ASP A 562 -2.56 -21.80 34.26
CA ASP A 562 -1.40 -21.89 35.15
C ASP A 562 -1.65 -22.86 36.29
N SER A 563 -2.93 -23.06 36.63
CA SER A 563 -3.30 -23.95 37.73
C SER A 563 -4.65 -24.58 37.47
N GLN A 564 -4.76 -25.34 36.40
CA GLN A 564 -6.00 -26.04 36.05
C GLN A 564 -5.87 -27.53 36.34
N PRO A 567 -1.58 -31.36 39.59
CA PRO A 567 -2.77 -32.05 40.12
C PRO A 567 -2.69 -33.57 39.90
N LYS A 568 -1.53 -34.15 40.20
CA LYS A 568 -1.29 -35.56 39.93
C LYS A 568 -1.87 -36.48 41.02
N PRO A 569 -2.19 -37.73 40.65
CA PRO A 569 -2.64 -38.76 41.60
C PRO A 569 -1.52 -39.73 41.99
N VAL A 570 -1.75 -40.50 43.05
CA VAL A 570 -0.75 -41.44 43.55
C VAL A 570 -0.83 -42.78 42.80
N PRO A 571 0.32 -43.43 42.59
CA PRO A 571 0.33 -44.74 41.93
C PRO A 571 0.01 -45.90 42.88
N ASP A 572 -0.02 -47.11 42.34
CA ASP A 572 -0.28 -48.32 43.13
C ASP A 572 0.90 -49.28 42.99
N LYS A 573 1.53 -49.59 44.12
CA LYS A 573 2.70 -50.46 44.11
C LYS A 573 2.34 -51.94 44.07
N GLU A 574 1.08 -52.25 44.41
CA GLU A 574 0.61 -53.63 44.42
C GLU A 574 0.65 -54.24 43.02
N ASN A 575 1.24 -55.42 42.91
CA ASN A 575 1.37 -56.10 41.62
C ASN A 575 0.03 -56.51 41.04
N LYS A 576 -0.12 -56.37 39.73
CA LYS A 576 -1.36 -56.72 39.05
C LYS A 576 -1.11 -57.76 37.96
N LYS A 577 -2.20 -58.29 37.42
CA LYS A 577 -2.12 -59.23 36.30
C LYS A 577 -2.81 -58.65 35.06
N LEU A 578 -2.19 -58.87 33.90
CA LEU A 578 -2.78 -58.44 32.64
C LEU A 578 -3.31 -59.66 31.88
N LEU A 579 -4.63 -59.79 31.84
CA LEU A 579 -5.25 -60.93 31.18
C LEU A 579 -5.81 -60.54 29.81
N CYS A 580 -5.78 -61.47 28.85
CA CYS A 580 -6.35 -61.21 27.54
C CYS A 580 -7.85 -60.96 27.66
N ARG A 581 -8.32 -59.85 27.11
CA ARG A 581 -9.73 -59.47 27.23
C ARG A 581 -10.67 -60.49 26.58
N LYS A 582 -10.14 -61.29 25.66
CA LYS A 582 -10.95 -62.25 24.95
C LYS A 582 -11.04 -63.60 25.67
N CYS A 583 -9.89 -64.14 26.09
CA CYS A 583 -9.86 -65.47 26.68
C CYS A 583 -9.40 -65.49 28.14
N LYS A 584 -9.16 -64.30 28.70
CA LYS A 584 -8.78 -64.15 30.10
C LYS A 584 -7.51 -64.91 30.46
N ALA A 585 -6.62 -65.09 29.48
CA ALA A 585 -5.37 -65.79 29.71
C ALA A 585 -4.29 -64.83 30.20
N LEU A 586 -3.43 -65.33 31.09
CA LEU A 586 -2.37 -64.51 31.67
C LEU A 586 -1.30 -64.13 30.63
N ALA A 587 -1.17 -62.83 30.39
CA ALA A 587 -0.16 -62.33 29.48
C ALA A 587 1.12 -62.02 30.25
N CYS A 588 1.04 -61.12 31.22
CA CYS A 588 2.17 -60.74 32.04
C CYS A 588 1.73 -60.01 33.30
N TYR A 589 2.67 -59.76 34.20
CA TYR A 589 2.39 -58.98 35.40
C TYR A 589 2.91 -57.56 35.20
N THR A 590 2.31 -56.60 35.90
CA THR A 590 2.74 -55.21 35.80
C THR A 590 4.18 -55.04 36.26
N ALA A 591 4.63 -55.95 37.10
CA ALA A 591 6.01 -55.95 37.58
C ALA A 591 6.99 -56.21 36.44
N ASP A 592 6.52 -56.87 35.39
CA ASP A 592 7.35 -57.19 34.23
C ASP A 592 7.36 -56.04 33.22
N VAL A 593 6.45 -55.09 33.40
CA VAL A 593 6.26 -54.02 32.43
C VAL A 593 7.20 -52.83 32.66
N ARG A 594 7.82 -52.35 31.59
CA ARG A 594 8.66 -51.16 31.63
C ARG A 594 8.07 -50.06 30.76
N VAL A 595 8.38 -48.80 31.10
CA VAL A 595 7.85 -47.66 30.37
C VAL A 595 8.93 -46.96 29.55
N ILE A 596 8.67 -46.80 28.26
CA ILE A 596 9.58 -46.11 27.35
C ILE A 596 9.03 -44.74 26.98
N GLU A 597 9.83 -43.71 27.25
CA GLU A 597 9.54 -42.33 26.85
C GLU A 597 8.21 -41.82 27.38
N GLU A 598 7.80 -42.32 28.54
CA GLU A 598 6.59 -41.87 29.23
C GLU A 598 5.32 -42.01 28.39
N CYS A 599 5.35 -42.88 27.39
CA CYS A 599 4.20 -43.06 26.52
C CYS A 599 4.00 -44.52 26.13
N HIS A 600 5.10 -45.23 25.89
CA HIS A 600 5.02 -46.60 25.39
C HIS A 600 5.33 -47.60 26.49
N TYR A 601 4.85 -48.84 26.33
CA TYR A 601 4.96 -49.82 27.40
C TYR A 601 5.38 -51.19 26.86
N THR A 602 6.48 -51.71 27.38
CA THR A 602 7.01 -53.00 26.93
C THR A 602 7.01 -54.02 28.05
N VAL A 603 7.22 -55.28 27.68
CA VAL A 603 7.24 -56.37 28.65
C VAL A 603 8.61 -57.07 28.67
N LEU A 604 9.09 -57.41 29.86
CA LEU A 604 10.34 -58.14 30.00
C LEU A 604 10.11 -59.59 30.39
N GLY A 605 11.17 -60.38 30.41
CA GLY A 605 11.08 -61.78 30.77
C GLY A 605 10.78 -62.67 29.59
N ASP A 606 11.30 -63.89 29.63
CA ASP A 606 11.10 -64.85 28.55
C ASP A 606 9.76 -65.58 28.69
N ALA A 607 9.04 -65.28 29.76
CA ALA A 607 7.73 -65.89 29.99
C ALA A 607 6.70 -65.33 29.03
N PHE A 608 6.76 -64.02 28.81
CA PHE A 608 5.81 -63.34 27.92
C PHE A 608 6.01 -63.76 26.47
N LYS A 609 7.22 -64.18 26.13
CA LYS A 609 7.55 -64.55 24.76
C LYS A 609 6.79 -65.79 24.31
N GLU A 610 6.30 -66.59 25.25
CA GLU A 610 5.55 -67.79 24.93
C GLU A 610 4.05 -67.55 24.94
N CYS A 611 3.65 -66.31 25.22
CA CYS A 611 2.24 -65.98 25.34
C CYS A 611 1.64 -65.38 24.07
N PHE A 612 2.49 -65.03 23.10
CA PHE A 612 1.99 -64.38 21.89
C PHE A 612 2.53 -64.99 20.60
N VAL A 613 1.70 -64.93 19.56
CA VAL A 613 2.15 -65.17 18.19
C VAL A 613 2.27 -63.81 17.52
N SER A 614 2.67 -63.79 16.25
CA SER A 614 2.81 -62.52 15.55
C SER A 614 2.73 -62.66 14.03
N ARG A 615 2.27 -61.60 13.38
CA ARG A 615 2.25 -61.52 11.93
C ARG A 615 2.93 -60.24 11.49
N PRO A 616 3.56 -60.23 10.29
CA PRO A 616 4.22 -59.01 9.82
C PRO A 616 3.27 -57.82 9.72
N HIS A 617 3.72 -56.66 10.19
CA HIS A 617 2.89 -55.47 10.25
C HIS A 617 2.44 -55.02 8.87
N PRO A 618 1.16 -54.67 8.73
CA PRO A 618 0.59 -54.23 7.45
C PRO A 618 1.05 -52.83 7.06
N LYS A 619 1.49 -52.05 8.04
CA LYS A 619 1.95 -50.68 7.79
C LYS A 619 3.23 -50.36 8.55
N PRO A 620 4.36 -50.93 8.12
CA PRO A 620 5.64 -50.69 8.80
C PRO A 620 6.11 -49.25 8.65
N LYS A 621 5.90 -48.44 9.69
CA LYS A 621 6.33 -47.06 9.70
C LYS A 621 7.13 -46.74 10.95
N GLN A 622 8.11 -45.84 10.82
CA GLN A 622 8.95 -45.46 11.96
C GLN A 622 8.38 -44.25 12.70
N PHE A 623 7.72 -44.53 13.84
CA PHE A 623 7.27 -43.47 14.72
C PHE A 623 8.28 -43.31 15.85
N SER A 624 8.61 -42.05 16.17
CA SER A 624 9.59 -41.74 17.20
C SER A 624 10.89 -42.51 16.99
N SER A 625 11.36 -43.16 18.06
CA SER A 625 12.57 -43.97 17.99
C SER A 625 12.24 -45.45 17.79
N PHE A 626 11.06 -45.72 17.26
CA PHE A 626 10.59 -47.09 17.05
C PHE A 626 10.44 -47.42 15.58
N GLU A 627 10.45 -48.70 15.25
CA GLU A 627 10.17 -49.13 13.88
C GLU A 627 9.27 -50.37 13.90
N LYS A 628 8.09 -50.24 13.32
CA LYS A 628 7.10 -51.32 13.35
C LYS A 628 7.52 -52.51 12.48
N ARG A 629 7.55 -53.68 13.10
CA ARG A 629 7.97 -54.90 12.42
C ARG A 629 6.83 -55.90 12.30
N ALA A 630 5.99 -55.97 13.34
CA ALA A 630 4.92 -56.95 13.38
C ALA A 630 3.83 -56.59 14.38
N LYS A 631 2.66 -57.19 14.20
CA LYS A 631 1.59 -57.15 15.19
C LYS A 631 1.58 -58.45 15.97
N ILE A 632 1.40 -58.35 17.29
CA ILE A 632 1.38 -59.53 18.14
C ILE A 632 -0.04 -59.86 18.59
N PHE A 633 -0.33 -61.16 18.69
CA PHE A 633 -1.66 -61.63 19.03
C PHE A 633 -1.59 -62.69 20.13
N CYS A 634 -2.71 -62.94 20.79
CA CYS A 634 -2.74 -63.98 21.83
C CYS A 634 -2.51 -65.35 21.20
N ALA A 635 -1.67 -66.15 21.86
CA ALA A 635 -1.25 -67.43 21.28
C ALA A 635 -2.04 -68.62 21.81
N ARG A 636 -2.69 -68.45 22.96
CA ARG A 636 -3.39 -69.55 23.61
C ARG A 636 -4.63 -70.02 22.83
N GLN A 637 -4.56 -71.24 22.32
CA GLN A 637 -5.68 -71.90 21.65
C GLN A 637 -6.28 -71.08 20.52
N ASN A 638 -5.42 -70.50 19.69
CA ASN A 638 -5.86 -69.72 18.53
C ASN A 638 -6.81 -68.60 18.92
N CYS A 639 -6.48 -67.89 20.00
CA CYS A 639 -7.28 -66.75 20.43
C CYS A 639 -7.13 -65.60 19.43
N SER A 640 -5.87 -65.34 19.05
CA SER A 640 -5.54 -64.36 18.02
C SER A 640 -6.07 -62.96 18.32
N HIS A 641 -6.20 -62.64 19.61
CA HIS A 641 -6.65 -61.31 20.01
C HIS A 641 -5.49 -60.32 19.94
N ASP A 642 -5.74 -59.15 19.39
CA ASP A 642 -4.71 -58.14 19.20
C ASP A 642 -4.18 -57.63 20.54
N TRP A 643 -2.88 -57.80 20.77
CA TRP A 643 -2.25 -57.36 22.01
C TRP A 643 -1.46 -56.07 21.82
N GLY A 644 -0.95 -55.88 20.61
CA GLY A 644 -0.16 -54.70 20.29
C GLY A 644 0.71 -54.92 19.07
N ILE A 645 1.95 -54.47 19.14
CA ILE A 645 2.88 -54.60 18.02
C ILE A 645 4.25 -55.10 18.48
N HIS A 646 5.13 -55.36 17.52
CA HIS A 646 6.51 -55.69 17.82
C HIS A 646 7.42 -54.76 17.04
N VAL A 647 8.37 -54.12 17.73
CA VAL A 647 9.19 -53.09 17.11
C VAL A 647 10.69 -53.24 17.38
N LYS A 648 11.47 -52.43 16.66
CA LYS A 648 12.90 -52.30 16.90
C LYS A 648 13.19 -50.95 17.51
N TYR A 649 13.27 -50.91 18.83
CA TYR A 649 13.58 -49.68 19.56
C TYR A 649 15.07 -49.62 19.90
N LYS A 650 15.76 -48.63 19.34
CA LYS A 650 17.21 -48.51 19.47
C LYS A 650 17.91 -49.75 18.95
N THR A 651 18.40 -50.60 19.86
CA THR A 651 19.09 -51.82 19.48
C THR A 651 18.28 -53.05 19.87
N PHE A 652 17.20 -52.82 20.61
CA PHE A 652 16.38 -53.91 21.14
C PHE A 652 15.20 -54.25 20.22
N GLU A 653 14.95 -55.55 20.05
CA GLU A 653 13.74 -56.01 19.39
C GLU A 653 12.72 -56.39 20.46
N ILE A 654 11.72 -55.53 20.65
CA ILE A 654 10.82 -55.68 21.80
C ILE A 654 9.35 -55.51 21.42
N PRO A 655 8.44 -56.14 22.19
CA PRO A 655 7.01 -55.92 21.99
C PRO A 655 6.50 -54.66 22.69
N VAL A 656 5.45 -54.05 22.13
CA VAL A 656 4.81 -52.89 22.73
C VAL A 656 3.30 -53.13 22.76
N ILE A 657 2.71 -53.03 23.95
CA ILE A 657 1.32 -53.41 24.14
C ILE A 657 0.42 -52.23 24.54
N LYS A 658 -0.85 -52.29 24.11
CA LYS A 658 -1.84 -51.31 24.50
C LYS A 658 -2.75 -51.88 25.59
N ILE A 659 -3.04 -51.07 26.59
CA ILE A 659 -3.82 -51.50 27.75
C ILE A 659 -5.24 -51.88 27.34
N GLU A 660 -5.71 -51.32 26.23
CA GLU A 660 -7.05 -51.60 25.71
C GLU A 660 -7.23 -53.08 25.38
N SER A 661 -6.12 -53.81 25.26
CA SER A 661 -6.17 -55.21 24.87
C SER A 661 -6.27 -56.15 26.07
N PHE A 662 -6.02 -55.63 27.26
CA PHE A 662 -5.98 -56.46 28.46
C PHE A 662 -6.93 -55.98 29.56
N VAL A 663 -7.16 -56.86 30.53
CA VAL A 663 -7.93 -56.53 31.73
C VAL A 663 -7.03 -56.69 32.94
N VAL A 664 -7.10 -55.74 33.87
CA VAL A 664 -6.24 -55.71 35.03
C VAL A 664 -6.88 -56.40 36.24
N GLU A 665 -6.30 -57.52 36.65
CA GLU A 665 -6.77 -58.25 37.81
C GLU A 665 -5.78 -58.15 38.96
N ASP A 666 -6.18 -57.48 40.04
CA ASP A 666 -5.32 -57.32 41.21
C ASP A 666 -5.13 -58.65 41.94
N ILE A 667 -3.88 -58.95 42.28
CA ILE A 667 -3.54 -60.19 42.98
C ILE A 667 -4.29 -60.32 44.30
N ALA A 668 -4.31 -59.25 45.08
CA ALA A 668 -4.91 -59.26 46.40
C ALA A 668 -6.45 -59.35 46.34
N THR A 669 -7.09 -58.25 45.99
CA THR A 669 -8.54 -58.16 46.00
C THR A 669 -9.21 -59.07 44.97
N GLY A 670 -8.52 -59.31 43.86
CA GLY A 670 -9.05 -60.17 42.81
C GLY A 670 -9.96 -59.42 41.84
N VAL A 671 -10.09 -58.11 42.05
CA VAL A 671 -10.97 -57.28 41.23
C VAL A 671 -10.40 -57.09 39.82
N GLN A 672 -11.27 -57.19 38.83
CA GLN A 672 -10.88 -56.97 37.44
C GLN A 672 -11.39 -55.62 36.94
N THR A 673 -10.50 -54.85 36.33
CA THR A 673 -10.82 -53.49 35.88
C THR A 673 -10.35 -53.26 34.44
N LEU A 674 -11.05 -52.38 33.73
CA LEU A 674 -10.70 -52.04 32.36
C LEU A 674 -10.17 -50.61 32.25
N TYR A 675 -9.14 -50.44 31.41
CA TYR A 675 -8.58 -49.12 31.17
C TYR A 675 -8.40 -48.87 29.67
N SER A 676 -8.86 -47.72 29.21
CA SER A 676 -8.76 -47.37 27.80
C SER A 676 -7.35 -46.92 27.44
N LYS A 677 -6.81 -46.00 28.22
CA LYS A 677 -5.47 -45.47 27.97
C LYS A 677 -4.53 -45.78 29.13
N TRP A 678 -3.24 -45.89 28.83
CA TRP A 678 -2.23 -46.13 29.85
C TRP A 678 -2.14 -44.95 30.83
N LYS A 679 -2.56 -43.77 30.38
CA LYS A 679 -2.49 -42.57 31.20
C LYS A 679 -3.52 -42.59 32.33
N ASP A 680 -4.50 -43.49 32.21
CA ASP A 680 -5.55 -43.61 33.22
C ASP A 680 -5.26 -44.78 34.17
N PHE A 681 -4.30 -45.62 33.78
CA PHE A 681 -3.88 -46.75 34.60
C PHE A 681 -2.75 -46.34 35.53
N HIS A 682 -3.10 -45.96 36.75
CA HIS A 682 -2.12 -45.44 37.70
C HIS A 682 -1.49 -46.54 38.55
N PHE A 683 -0.40 -47.11 38.07
CA PHE A 683 0.34 -48.11 38.81
C PHE A 683 1.82 -47.74 38.86
N GLU A 684 2.60 -48.52 39.60
CA GLU A 684 4.04 -48.27 39.74
C GLU A 684 4.74 -48.40 38.39
N LYS A 685 4.77 -47.31 37.63
CA LYS A 685 5.36 -47.32 36.30
C LYS A 685 6.88 -47.22 36.36
N ILE A 686 7.54 -48.36 36.17
CA ILE A 686 8.99 -48.42 36.16
C ILE A 686 9.55 -48.03 34.80
N PRO A 687 10.40 -46.99 34.77
CA PRO A 687 11.04 -46.53 33.52
C PRO A 687 11.91 -47.61 32.90
N PHE A 688 11.85 -47.75 31.59
CA PHE A 688 12.70 -48.71 30.87
C PHE A 688 14.16 -48.28 30.98
N ASP A 689 15.01 -49.22 31.36
CA ASP A 689 16.43 -48.95 31.52
C ASP A 689 17.26 -50.01 30.79
N PRO A 690 18.05 -49.59 29.79
CA PRO A 690 18.91 -50.49 29.02
C PRO A 690 19.90 -51.27 29.87
N ALA A 691 20.17 -50.79 31.08
CA ALA A 691 21.11 -51.44 31.98
C ALA A 691 20.57 -52.78 32.49
N GLU A 692 19.25 -52.93 32.48
CA GLU A 692 18.62 -54.16 32.93
C GLU A 692 18.81 -55.29 31.92
N PHE C 11 6.28 -44.74 -8.93
CA PHE C 11 6.32 -45.26 -10.30
C PHE C 11 6.90 -46.67 -10.34
N LYS C 12 6.36 -47.51 -11.23
CA LYS C 12 6.87 -48.86 -11.39
C LYS C 12 7.95 -48.91 -12.46
N PRO C 13 9.12 -49.47 -12.12
CA PRO C 13 10.30 -49.47 -12.98
C PRO C 13 10.15 -50.29 -14.25
N ARG C 14 10.62 -49.75 -15.37
CA ARG C 14 10.74 -50.50 -16.61
C ARG C 14 11.98 -51.37 -16.51
N ASN C 15 11.96 -52.52 -17.16
CA ASN C 15 13.02 -53.52 -17.00
C ASN C 15 14.41 -53.03 -17.40
N TYR C 16 14.48 -52.16 -18.42
CA TYR C 16 15.78 -51.67 -18.87
C TYR C 16 16.37 -50.68 -17.87
N GLN C 17 15.50 -50.09 -17.05
CA GLN C 17 15.96 -49.19 -16.00
C GLN C 17 16.59 -49.99 -14.85
N LEU C 18 15.95 -51.10 -14.49
CA LEU C 18 16.50 -52.02 -13.52
C LEU C 18 17.83 -52.58 -14.02
N GLU C 19 17.87 -52.88 -15.32
CA GLU C 19 19.07 -53.39 -15.96
C GLU C 19 20.21 -52.38 -15.89
N LEU C 20 19.92 -51.14 -16.27
CA LEU C 20 20.91 -50.07 -16.25
C LEU C 20 21.38 -49.77 -14.83
N ALA C 21 20.48 -49.92 -13.86
CA ALA C 21 20.78 -49.59 -12.48
C ALA C 21 21.59 -50.69 -11.78
N LEU C 22 21.38 -51.93 -12.23
CA LEU C 22 21.97 -53.11 -11.58
C LEU C 22 23.48 -53.02 -11.29
N PRO C 23 24.31 -52.55 -12.26
CA PRO C 23 25.73 -52.45 -11.92
C PRO C 23 26.00 -51.47 -10.78
N ALA C 24 25.27 -50.36 -10.76
CA ALA C 24 25.43 -49.35 -9.73
C ALA C 24 25.02 -49.89 -8.36
N MET C 25 23.92 -50.64 -8.35
CA MET C 25 23.39 -51.19 -7.11
C MET C 25 24.31 -52.29 -6.54
N LYS C 26 25.21 -52.80 -7.36
CA LYS C 26 26.18 -53.79 -6.90
C LYS C 26 27.43 -53.12 -6.36
N GLY C 27 27.48 -51.79 -6.44
CA GLY C 27 28.58 -51.03 -5.87
C GLY C 27 29.66 -50.66 -6.86
N LYS C 28 29.43 -51.00 -8.13
CA LYS C 28 30.42 -50.73 -9.17
C LYS C 28 30.42 -49.26 -9.58
N ASN C 29 31.62 -48.68 -9.71
CA ASN C 29 31.76 -47.38 -10.33
C ASN C 29 31.34 -47.48 -11.78
N THR C 30 30.26 -46.81 -12.15
CA THR C 30 29.61 -47.09 -13.43
C THR C 30 29.33 -45.83 -14.25
N ILE C 31 29.49 -45.94 -15.56
CA ILE C 31 29.00 -44.93 -16.49
C ILE C 31 27.76 -45.48 -17.20
N ILE C 32 26.60 -44.92 -16.87
CA ILE C 32 25.34 -45.35 -17.46
C ILE C 32 25.05 -44.61 -18.74
N CYS C 33 25.00 -45.35 -19.84
CA CYS C 33 24.79 -44.77 -21.16
C CYS C 33 23.54 -45.33 -21.84
N ALA C 34 22.51 -44.50 -21.92
CA ALA C 34 21.24 -44.90 -22.53
C ALA C 34 20.59 -43.70 -23.21
N PRO C 35 19.72 -43.93 -24.21
CA PRO C 35 19.12 -42.84 -25.00
C PRO C 35 18.43 -41.77 -24.18
N THR C 36 18.42 -40.55 -24.70
CA THR C 36 17.78 -39.41 -24.05
C THR C 36 16.28 -39.62 -23.93
N GLY C 37 15.77 -39.51 -22.71
CA GLY C 37 14.34 -39.60 -22.47
C GLY C 37 13.87 -40.94 -21.93
N CYS C 38 14.81 -41.87 -21.77
CA CYS C 38 14.47 -43.19 -21.25
C CYS C 38 14.17 -43.13 -19.75
N GLY C 39 14.36 -41.97 -19.15
CA GLY C 39 14.05 -41.76 -17.74
C GLY C 39 15.21 -42.05 -16.82
N LYS C 40 16.23 -41.19 -16.87
CA LYS C 40 17.42 -41.36 -16.03
C LYS C 40 17.13 -40.97 -14.59
N THR C 41 16.09 -40.17 -14.39
CA THR C 41 15.74 -39.70 -13.05
C THR C 41 15.35 -40.87 -12.15
N PHE C 42 14.52 -41.77 -12.66
CA PHE C 42 14.08 -42.91 -11.87
C PHE C 42 15.21 -43.91 -11.66
N VAL C 43 16.17 -43.92 -12.58
CA VAL C 43 17.36 -44.74 -12.43
C VAL C 43 18.18 -44.21 -11.24
N SER C 44 18.36 -42.90 -11.22
CA SER C 44 19.05 -42.23 -10.13
C SER C 44 18.34 -42.47 -8.79
N LEU C 45 17.01 -42.43 -8.83
CA LEU C 45 16.19 -42.66 -7.63
C LEU C 45 16.36 -44.09 -7.13
N LEU C 46 16.38 -45.04 -8.06
CA LEU C 46 16.58 -46.45 -7.72
C LEU C 46 17.94 -46.65 -7.06
N ILE C 47 18.98 -46.15 -7.72
CA ILE C 47 20.35 -46.27 -7.22
C ILE C 47 20.51 -45.64 -5.84
N CYS C 48 19.98 -44.42 -5.67
CA CYS C 48 20.08 -43.71 -4.40
C CYS C 48 19.30 -44.43 -3.29
N GLU C 49 18.10 -44.89 -3.62
CA GLU C 49 17.25 -45.58 -2.66
C GLU C 49 17.95 -46.84 -2.15
N HIS C 50 18.39 -47.68 -3.09
CA HIS C 50 19.09 -48.90 -2.74
C HIS C 50 20.35 -48.61 -1.93
N HIS C 51 21.12 -47.63 -2.39
CA HIS C 51 22.37 -47.24 -1.74
C HIS C 51 22.15 -46.84 -0.29
N LEU C 52 21.21 -45.93 -0.06
CA LEU C 52 20.93 -45.45 1.29
C LEU C 52 20.34 -46.56 2.18
N LYS C 53 19.51 -47.41 1.60
CA LYS C 53 18.85 -48.45 2.37
C LYS C 53 19.75 -49.67 2.63
N LYS C 54 20.89 -49.73 1.95
CA LYS C 54 21.77 -50.89 2.08
C LYS C 54 22.58 -50.87 3.38
N PHE C 55 22.76 -49.68 3.95
CA PHE C 55 23.59 -49.53 5.15
C PHE C 55 22.92 -50.14 6.38
N PRO C 56 23.73 -50.72 7.28
CA PRO C 56 23.22 -51.26 8.55
C PRO C 56 22.76 -50.16 9.49
N GLN C 57 22.31 -50.53 10.68
CA GLN C 57 21.76 -49.57 11.63
C GLN C 57 22.80 -48.55 12.10
N GLY C 58 23.96 -49.05 12.53
CA GLY C 58 24.99 -48.20 13.09
C GLY C 58 25.72 -47.33 12.08
N GLN C 59 25.37 -47.46 10.81
CA GLN C 59 26.03 -46.68 9.77
C GLN C 59 25.01 -45.94 8.90
N LYS C 60 25.49 -44.93 8.18
CA LYS C 60 24.63 -44.14 7.32
C LYS C 60 25.37 -43.72 6.04
N GLY C 61 24.62 -43.64 4.94
CA GLY C 61 25.19 -43.21 3.67
C GLY C 61 24.85 -41.77 3.36
N LYS C 62 25.63 -41.17 2.47
CA LYS C 62 25.41 -39.79 2.06
C LYS C 62 25.62 -39.64 0.56
N VAL C 63 24.59 -39.19 -0.14
CA VAL C 63 24.63 -39.05 -1.58
C VAL C 63 24.80 -37.60 -2.01
N VAL C 64 25.62 -37.36 -3.02
CA VAL C 64 25.70 -36.04 -3.64
C VAL C 64 25.42 -36.16 -5.15
N PHE C 65 24.47 -35.35 -5.61
CA PHE C 65 24.04 -35.37 -7.00
C PHE C 65 24.49 -34.09 -7.69
N PHE C 66 25.18 -34.22 -8.82
CA PHE C 66 25.69 -33.08 -9.55
C PHE C 66 24.86 -32.77 -10.78
N ALA C 67 24.26 -31.58 -10.80
CA ALA C 67 23.58 -31.06 -11.97
C ALA C 67 24.25 -29.75 -12.38
N ASN C 68 24.55 -29.61 -13.66
CA ASN C 68 25.31 -28.46 -14.13
C ASN C 68 24.45 -27.31 -14.61
N GLN C 69 23.13 -27.45 -14.44
CA GLN C 69 22.20 -26.40 -14.84
C GLN C 69 21.21 -26.14 -13.72
N ILE C 70 20.88 -24.87 -13.50
CA ILE C 70 19.92 -24.49 -12.48
C ILE C 70 18.54 -25.16 -12.67
N PRO C 71 18.02 -25.21 -13.91
CA PRO C 71 16.74 -25.91 -14.06
C PRO C 71 16.81 -27.39 -13.66
N VAL C 72 17.85 -28.09 -14.12
CA VAL C 72 18.04 -29.49 -13.77
C VAL C 72 18.25 -29.62 -12.26
N TYR C 73 19.00 -28.68 -11.70
CA TYR C 73 19.26 -28.63 -10.27
C TYR C 73 17.97 -28.58 -9.46
N GLU C 74 17.08 -27.64 -9.81
CA GLU C 74 15.83 -27.46 -9.09
C GLU C 74 14.87 -28.62 -9.31
N GLN C 75 14.81 -29.10 -10.55
CA GLN C 75 13.98 -30.25 -10.88
C GLN C 75 14.36 -31.46 -10.05
N GLN C 76 15.63 -31.81 -10.09
CA GLN C 76 16.15 -32.96 -9.34
C GLN C 76 16.00 -32.76 -7.84
N LYS C 77 16.22 -31.55 -7.36
CA LYS C 77 16.06 -31.24 -5.94
C LYS C 77 14.63 -31.51 -5.51
N SER C 78 13.67 -31.05 -6.31
CA SER C 78 12.25 -31.24 -6.02
C SER C 78 11.85 -32.71 -6.06
N VAL C 79 12.27 -33.42 -7.11
CA VAL C 79 11.92 -34.83 -7.27
C VAL C 79 12.51 -35.68 -6.15
N PHE C 80 13.79 -35.50 -5.87
CA PHE C 80 14.46 -36.22 -4.79
C PHE C 80 13.82 -35.90 -3.44
N SER C 81 13.45 -34.64 -3.23
CA SER C 81 12.81 -34.22 -2.00
C SER C 81 11.47 -34.93 -1.80
N LYS C 82 10.62 -34.88 -2.83
CA LYS C 82 9.32 -35.52 -2.75
C LYS C 82 9.42 -37.04 -2.59
N TYR C 83 10.42 -37.63 -3.25
CA TYR C 83 10.55 -39.08 -3.25
C TYR C 83 11.12 -39.64 -1.95
N PHE C 84 12.18 -39.01 -1.45
CA PHE C 84 12.94 -39.60 -0.34
C PHE C 84 12.54 -39.07 1.03
N GLU C 85 11.61 -38.14 1.09
CA GLU C 85 11.16 -37.59 2.36
C GLU C 85 10.47 -38.66 3.20
N ARG C 86 9.65 -39.49 2.55
CA ARG C 86 8.88 -40.52 3.24
C ARG C 86 9.76 -41.68 3.70
N HIS C 87 10.90 -41.87 3.05
CA HIS C 87 11.80 -42.95 3.41
C HIS C 87 12.67 -42.58 4.60
N GLY C 88 12.66 -41.29 4.95
CA GLY C 88 13.37 -40.82 6.13
C GLY C 88 14.68 -40.14 5.85
N TYR C 89 14.92 -39.81 4.59
CA TYR C 89 16.18 -39.17 4.20
C TYR C 89 15.98 -37.69 3.88
N ARG C 90 16.78 -36.84 4.51
CA ARG C 90 16.66 -35.40 4.32
C ARG C 90 17.34 -34.96 3.02
N VAL C 91 16.57 -34.35 2.14
CA VAL C 91 17.07 -33.90 0.84
C VAL C 91 17.26 -32.40 0.80
N THR C 92 18.48 -31.96 0.48
CA THR C 92 18.78 -30.54 0.39
C THR C 92 19.48 -30.21 -0.92
N GLY C 93 19.75 -28.93 -1.15
CA GLY C 93 20.44 -28.49 -2.34
C GLY C 93 21.20 -27.19 -2.12
N ILE C 94 22.32 -27.04 -2.83
CA ILE C 94 23.10 -25.81 -2.77
C ILE C 94 23.49 -25.33 -4.16
N SER C 95 23.15 -24.08 -4.48
CA SER C 95 23.57 -23.46 -5.72
C SER C 95 24.18 -22.09 -5.43
N GLY C 96 24.58 -21.39 -6.49
CA GLY C 96 25.24 -20.09 -6.35
C GLY C 96 24.41 -19.06 -5.61
N ALA C 97 23.09 -19.15 -5.74
CA ALA C 97 22.18 -18.21 -5.10
C ALA C 97 22.16 -18.38 -3.59
N THR C 98 22.40 -19.59 -3.13
CA THR C 98 22.33 -19.90 -1.69
C THR C 98 23.64 -20.46 -1.16
N ALA C 99 24.76 -20.07 -1.77
CA ALA C 99 26.06 -20.61 -1.39
C ALA C 99 26.80 -19.71 -0.42
N GLU C 100 26.45 -18.42 -0.42
CA GLU C 100 27.19 -17.44 0.37
C GLU C 100 26.67 -17.30 1.79
N ASN C 101 27.62 -17.20 2.73
CA ASN C 101 27.32 -17.01 4.15
C ASN C 101 26.44 -18.10 4.73
N VAL C 102 26.73 -19.35 4.36
CA VAL C 102 26.06 -20.51 4.93
C VAL C 102 27.08 -21.59 5.26
N PRO C 103 26.89 -22.28 6.40
CA PRO C 103 27.81 -23.34 6.81
C PRO C 103 27.68 -24.59 5.93
N VAL C 104 28.43 -24.62 4.83
CA VAL C 104 28.37 -25.71 3.87
C VAL C 104 28.64 -27.07 4.52
N GLU C 105 29.61 -27.10 5.42
CA GLU C 105 29.98 -28.35 6.10
C GLU C 105 28.81 -28.91 6.91
N GLN C 106 28.15 -28.06 7.67
CA GLN C 106 27.00 -28.49 8.47
C GLN C 106 25.84 -28.92 7.58
N ILE C 107 25.62 -28.19 6.50
CA ILE C 107 24.55 -28.51 5.55
C ILE C 107 24.76 -29.89 4.94
N VAL C 108 26.00 -30.16 4.53
CA VAL C 108 26.34 -31.47 3.97
C VAL C 108 26.22 -32.56 5.02
N GLU C 109 26.69 -32.27 6.24
CA GLU C 109 26.68 -33.24 7.32
C GLU C 109 25.28 -33.63 7.77
N ASN C 110 24.40 -32.63 7.88
CA ASN C 110 23.06 -32.87 8.39
C ASN C 110 22.04 -33.20 7.31
N ASN C 111 22.54 -33.65 6.17
CA ASN C 111 21.66 -34.09 5.09
C ASN C 111 22.17 -35.38 4.45
N ASP C 112 21.24 -36.17 3.92
CA ASP C 112 21.57 -37.48 3.38
C ASP C 112 21.75 -37.42 1.86
N ILE C 113 20.97 -36.54 1.22
CA ILE C 113 21.07 -36.34 -0.22
C ILE C 113 21.23 -34.86 -0.53
N ILE C 114 22.36 -34.51 -1.14
CA ILE C 114 22.67 -33.12 -1.44
C ILE C 114 22.78 -32.89 -2.94
N ILE C 115 21.83 -32.16 -3.50
CA ILE C 115 21.89 -31.77 -4.91
C ILE C 115 22.75 -30.52 -5.01
N LEU C 116 23.64 -30.50 -6.00
CA LEU C 116 24.75 -29.57 -6.00
C LEU C 116 25.18 -29.15 -7.39
N THR C 117 25.47 -27.87 -7.55
CA THR C 117 26.21 -27.39 -8.71
C THR C 117 27.68 -27.64 -8.40
N PRO C 118 28.40 -28.32 -9.31
CA PRO C 118 29.76 -28.78 -9.06
C PRO C 118 30.73 -27.68 -8.63
N GLN C 119 30.51 -26.46 -9.10
CA GLN C 119 31.38 -25.34 -8.78
C GLN C 119 31.37 -25.03 -7.29
N ILE C 120 30.24 -25.26 -6.63
CA ILE C 120 30.15 -25.09 -5.18
C ILE C 120 31.11 -26.05 -4.48
N LEU C 121 31.07 -27.31 -4.89
CA LEU C 121 31.95 -28.32 -4.30
C LEU C 121 33.40 -28.02 -4.60
N VAL C 122 33.68 -27.54 -5.80
CA VAL C 122 35.04 -27.16 -6.18
C VAL C 122 35.57 -26.05 -5.27
N ASN C 123 34.74 -25.02 -5.08
CA ASN C 123 35.10 -23.89 -4.24
C ASN C 123 35.30 -24.27 -2.78
N ASN C 124 34.43 -25.14 -2.28
CA ASN C 124 34.51 -25.56 -0.89
C ASN C 124 35.63 -26.58 -0.64
N LEU C 125 36.02 -27.29 -1.69
CA LEU C 125 37.17 -28.17 -1.62
C LEU C 125 38.44 -27.35 -1.59
N LYS C 126 38.49 -26.32 -2.45
CA LYS C 126 39.63 -25.42 -2.50
C LYS C 126 39.79 -24.65 -1.19
N LYS C 127 38.67 -24.19 -0.64
CA LYS C 127 38.68 -23.48 0.63
C LYS C 127 39.16 -24.37 1.78
N GLY C 128 38.42 -25.43 2.04
CA GLY C 128 38.76 -26.36 3.09
C GLY C 128 37.58 -26.67 4.00
N THR C 129 36.44 -26.04 3.73
CA THR C 129 35.23 -26.27 4.51
C THR C 129 34.79 -27.73 4.40
N ILE C 130 34.93 -28.28 3.20
CA ILE C 130 34.78 -29.71 3.00
C ILE C 130 36.17 -30.29 2.75
N PRO C 131 36.79 -30.83 3.82
CA PRO C 131 38.19 -31.26 3.78
C PRO C 131 38.42 -32.47 2.89
N SER C 132 37.40 -33.29 2.68
CA SER C 132 37.55 -34.50 1.88
C SER C 132 36.24 -34.95 1.25
N LEU C 133 36.35 -35.73 0.19
CA LEU C 133 35.18 -36.32 -0.46
C LEU C 133 34.78 -37.61 0.25
N SER C 134 35.49 -37.93 1.32
CA SER C 134 35.20 -39.12 2.11
C SER C 134 33.89 -38.97 2.88
N ILE C 135 33.41 -37.74 2.98
CA ILE C 135 32.14 -37.46 3.65
C ILE C 135 30.98 -38.04 2.84
N PHE C 136 31.17 -38.16 1.53
CA PHE C 136 30.16 -38.76 0.66
C PHE C 136 30.42 -40.24 0.48
N THR C 137 29.36 -41.01 0.26
CA THR C 137 29.47 -42.43 -0.02
C THR C 137 29.04 -42.73 -1.45
N LEU C 138 28.39 -41.77 -2.07
CA LEU C 138 27.93 -41.91 -3.45
C LEU C 138 27.90 -40.57 -4.17
N MET C 139 28.59 -40.50 -5.31
CA MET C 139 28.57 -39.30 -6.15
C MET C 139 27.92 -39.63 -7.49
N ILE C 140 26.96 -38.83 -7.91
CA ILE C 140 26.30 -39.04 -9.19
C ILE C 140 26.47 -37.82 -10.09
N PHE C 141 27.12 -38.01 -11.24
CA PHE C 141 27.33 -36.91 -12.18
C PHE C 141 26.31 -36.93 -13.31
N ASP C 142 25.39 -35.96 -13.31
CA ASP C 142 24.49 -35.81 -14.44
C ASP C 142 25.27 -35.25 -15.63
N GLU C 143 25.07 -35.84 -16.81
CA GLU C 143 25.84 -35.51 -18.00
C GLU C 143 27.34 -35.69 -17.72
N CYS C 144 27.74 -36.92 -17.46
CA CYS C 144 29.09 -37.23 -17.03
C CYS C 144 30.13 -37.08 -18.14
N HIS C 145 29.67 -36.87 -19.36
CA HIS C 145 30.58 -36.69 -20.49
C HIS C 145 31.34 -35.36 -20.37
N ASN C 146 30.86 -34.49 -19.49
CA ASN C 146 31.52 -33.22 -19.24
C ASN C 146 32.76 -33.37 -18.36
N THR C 147 32.96 -34.57 -17.82
CA THR C 147 34.11 -34.85 -16.98
C THR C 147 35.38 -34.92 -17.83
N SER C 148 35.83 -33.75 -18.29
CA SER C 148 37.02 -33.66 -19.13
C SER C 148 37.62 -32.27 -19.04
N LYS C 149 38.92 -32.17 -19.32
CA LYS C 149 39.63 -30.90 -19.31
C LYS C 149 39.52 -30.17 -17.98
N GLN C 150 39.31 -28.85 -18.03
CA GLN C 150 39.23 -28.04 -16.81
C GLN C 150 37.80 -27.79 -16.38
N HIS C 151 36.93 -28.75 -16.67
CA HIS C 151 35.53 -28.69 -16.26
C HIS C 151 35.39 -29.07 -14.79
N PRO C 152 34.50 -28.39 -14.06
CA PRO C 152 34.28 -28.60 -12.61
C PRO C 152 34.19 -30.08 -12.20
N TYR C 153 33.47 -30.88 -12.99
CA TYR C 153 33.42 -32.32 -12.78
C TYR C 153 34.82 -32.90 -12.70
N ASN C 154 35.64 -32.54 -13.69
CA ASN C 154 36.99 -33.06 -13.79
C ASN C 154 37.88 -32.58 -12.64
N MET C 155 37.59 -31.40 -12.11
CA MET C 155 38.34 -30.89 -10.96
C MET C 155 38.00 -31.70 -9.71
N ILE C 156 36.71 -31.90 -9.50
CA ILE C 156 36.23 -32.75 -8.42
C ILE C 156 36.88 -34.12 -8.49
N MET C 157 36.93 -34.68 -9.69
CA MET C 157 37.55 -35.98 -9.90
C MET C 157 39.07 -35.92 -9.76
N PHE C 158 39.65 -34.74 -9.93
CA PHE C 158 41.07 -34.56 -9.69
C PHE C 158 41.34 -34.69 -8.20
N ASN C 159 40.44 -34.11 -7.40
CA ASN C 159 40.51 -34.27 -5.95
C ASN C 159 40.36 -35.75 -5.56
N TYR C 160 39.29 -36.36 -6.08
CA TYR C 160 39.00 -37.77 -5.88
C TYR C 160 40.23 -38.65 -6.14
N LEU C 161 40.77 -38.54 -7.35
CA LEU C 161 41.88 -39.38 -7.79
C LEU C 161 43.18 -39.05 -7.07
N ASP C 162 43.39 -37.79 -6.73
CA ASP C 162 44.56 -37.40 -5.95
C ASP C 162 44.51 -38.06 -4.58
N GLN C 163 43.30 -38.21 -4.04
CA GLN C 163 43.16 -38.92 -2.78
C GLN C 163 43.34 -40.43 -2.98
N LYS C 164 42.78 -40.96 -4.06
CA LYS C 164 42.85 -42.40 -4.36
C LYS C 164 44.29 -42.87 -4.55
N LEU C 165 44.93 -42.38 -5.60
CA LEU C 165 46.29 -42.79 -5.96
C LEU C 165 47.28 -42.42 -4.86
N GLY C 166 46.96 -41.37 -4.12
CA GLY C 166 47.79 -40.93 -3.02
C GLY C 166 47.80 -41.93 -1.87
N GLY C 167 48.52 -41.60 -0.80
CA GLY C 167 48.64 -42.49 0.34
C GLY C 167 47.46 -42.41 1.29
N SER C 168 46.46 -41.61 0.95
CA SER C 168 45.27 -41.44 1.78
C SER C 168 44.45 -42.71 1.84
N SER C 169 44.31 -43.26 3.04
CA SER C 169 43.58 -44.53 3.24
C SER C 169 42.10 -44.29 3.46
N GLY C 170 41.68 -43.03 3.45
CA GLY C 170 40.28 -42.69 3.63
C GLY C 170 39.40 -43.26 2.54
N PRO C 171 38.18 -43.67 2.89
CA PRO C 171 37.26 -44.28 1.94
C PRO C 171 36.72 -43.27 0.92
N LEU C 172 36.72 -43.66 -0.35
CA LEU C 172 36.18 -42.82 -1.41
C LEU C 172 34.77 -43.28 -1.79
N PRO C 173 33.92 -42.34 -2.24
CA PRO C 173 32.54 -42.68 -2.60
C PRO C 173 32.44 -43.44 -3.92
N GLN C 174 31.41 -44.28 -4.03
CA GLN C 174 31.09 -44.91 -5.31
C GLN C 174 30.75 -43.83 -6.32
N VAL C 175 31.19 -44.01 -7.57
CA VAL C 175 30.95 -43.00 -8.58
C VAL C 175 30.06 -43.50 -9.71
N ILE C 176 28.96 -42.78 -9.92
CA ILE C 176 28.05 -43.07 -11.02
C ILE C 176 27.99 -41.87 -11.95
N GLY C 177 28.02 -42.13 -13.25
CA GLY C 177 27.86 -41.09 -14.24
C GLY C 177 26.64 -41.38 -15.09
N LEU C 178 25.98 -40.32 -15.55
CA LEU C 178 24.80 -40.49 -16.40
C LEU C 178 25.01 -39.75 -17.71
N THR C 179 24.80 -40.44 -18.83
CA THR C 179 24.93 -39.81 -20.13
C THR C 179 24.22 -40.59 -21.22
N ALA C 180 24.03 -39.95 -22.37
CA ALA C 180 23.45 -40.60 -23.53
C ALA C 180 24.52 -40.84 -24.59
N SER C 181 25.69 -40.24 -24.36
CA SER C 181 26.81 -40.36 -25.27
C SER C 181 28.12 -40.00 -24.58
N VAL C 182 29.05 -40.94 -24.53
CA VAL C 182 30.33 -40.73 -23.89
C VAL C 182 31.29 -39.97 -24.82
N GLY C 183 30.98 -39.99 -26.11
CA GLY C 183 31.82 -39.31 -27.10
C GLY C 183 33.01 -40.14 -27.51
N VAL C 184 33.71 -39.69 -28.54
CA VAL C 184 34.89 -40.38 -29.05
C VAL C 184 36.03 -39.41 -29.35
N GLY C 185 35.82 -38.13 -29.05
CA GLY C 185 36.78 -37.10 -29.36
C GLY C 185 36.95 -36.95 -30.85
N ASP C 186 38.20 -36.82 -31.30
CA ASP C 186 38.49 -36.74 -32.73
C ASP C 186 39.10 -38.05 -33.22
N ALA C 187 38.52 -39.16 -32.76
CA ALA C 187 39.00 -40.48 -33.15
C ALA C 187 38.72 -40.77 -34.61
N LYS C 188 39.64 -41.45 -35.27
CA LYS C 188 39.49 -41.78 -36.68
C LYS C 188 39.14 -43.25 -36.87
N ASN C 189 39.24 -44.02 -35.80
CA ASN C 189 38.94 -45.46 -35.86
C ASN C 189 38.55 -46.01 -34.50
N THR C 190 38.12 -47.27 -34.49
CA THR C 190 37.61 -47.92 -33.28
C THR C 190 38.62 -47.96 -32.14
N ASP C 191 39.90 -48.08 -32.50
CA ASP C 191 40.96 -48.13 -31.49
C ASP C 191 41.09 -46.83 -30.73
N GLU C 192 41.12 -45.72 -31.46
CA GLU C 192 41.23 -44.39 -30.86
C GLU C 192 39.97 -44.06 -30.06
N ALA C 193 38.83 -44.53 -30.56
CA ALA C 193 37.55 -44.34 -29.87
C ALA C 193 37.57 -45.06 -28.53
N LEU C 194 38.03 -46.31 -28.54
CA LEU C 194 38.15 -47.09 -27.32
C LEU C 194 39.15 -46.46 -26.37
N ASP C 195 40.20 -45.87 -26.93
CA ASP C 195 41.19 -45.13 -26.14
C ASP C 195 40.51 -44.00 -25.38
N TYR C 196 39.78 -43.18 -26.13
CA TYR C 196 39.09 -42.03 -25.55
C TYR C 196 38.08 -42.43 -24.48
N ILE C 197 37.26 -43.43 -24.79
CA ILE C 197 36.24 -43.91 -23.85
C ILE C 197 36.89 -44.45 -22.59
N CYS C 198 38.02 -45.13 -22.74
CA CYS C 198 38.78 -45.63 -21.61
C CYS C 198 39.33 -44.47 -20.76
N LYS C 199 39.73 -43.39 -21.43
CA LYS C 199 40.23 -42.22 -20.72
C LYS C 199 39.12 -41.51 -19.95
N LEU C 200 37.91 -41.53 -20.51
CA LEU C 200 36.76 -40.96 -19.83
C LEU C 200 36.40 -41.81 -18.61
N CYS C 201 36.41 -43.12 -18.79
CA CYS C 201 36.17 -44.05 -17.69
C CYS C 201 37.22 -43.87 -16.60
N ALA C 202 38.42 -43.48 -17.01
CA ALA C 202 39.49 -43.22 -16.06
C ALA C 202 39.26 -41.91 -15.32
N SER C 203 38.74 -40.92 -16.03
CA SER C 203 38.46 -39.62 -15.43
C SER C 203 37.35 -39.73 -14.38
N LEU C 204 36.49 -40.73 -14.53
CA LEU C 204 35.38 -40.93 -13.61
C LEU C 204 35.60 -42.15 -12.72
N ASP C 205 36.75 -42.79 -12.89
CA ASP C 205 37.12 -43.98 -12.12
C ASP C 205 36.08 -45.10 -12.29
N ALA C 206 35.45 -45.13 -13.45
CA ALA C 206 34.43 -46.14 -13.74
C ALA C 206 35.07 -47.43 -14.23
N SER C 207 34.51 -48.56 -13.78
CA SER C 207 35.01 -49.86 -14.18
C SER C 207 33.97 -50.60 -15.03
N VAL C 208 32.78 -50.03 -15.11
CA VAL C 208 31.68 -50.63 -15.86
C VAL C 208 30.94 -49.59 -16.69
N ILE C 209 30.63 -49.94 -17.94
CA ILE C 209 29.77 -49.11 -18.77
C ILE C 209 28.42 -49.80 -18.95
N ALA C 210 27.38 -49.24 -18.36
CA ALA C 210 26.06 -49.88 -18.37
C ALA C 210 25.21 -49.43 -19.55
N THR C 211 24.84 -50.39 -20.40
CA THR C 211 23.94 -50.14 -21.52
C THR C 211 22.84 -51.20 -21.57
N VAL C 212 21.71 -50.84 -22.16
CA VAL C 212 20.60 -51.79 -22.30
C VAL C 212 20.95 -52.89 -23.29
N LYS C 213 20.69 -54.14 -22.92
CA LYS C 213 20.99 -55.27 -23.78
C LYS C 213 19.86 -56.30 -23.80
N HIS C 214 19.42 -56.70 -22.62
CA HIS C 214 18.42 -57.76 -22.50
C HIS C 214 17.00 -57.24 -22.62
N ASN C 215 16.85 -55.92 -22.71
CA ASN C 215 15.54 -55.30 -22.83
C ASN C 215 15.49 -54.21 -23.89
N LEU C 216 16.22 -54.42 -24.97
CA LEU C 216 16.27 -53.44 -26.07
C LEU C 216 14.91 -53.27 -26.72
N GLU C 217 14.14 -54.35 -26.78
CA GLU C 217 12.81 -54.31 -27.38
C GLU C 217 11.87 -53.44 -26.58
N GLU C 218 12.07 -53.39 -25.26
CA GLU C 218 11.28 -52.54 -24.40
C GLU C 218 11.67 -51.07 -24.58
N LEU C 219 12.98 -50.83 -24.64
CA LEU C 219 13.52 -49.49 -24.79
C LEU C 219 13.11 -48.86 -26.13
N GLU C 220 13.10 -49.67 -27.18
CA GLU C 220 12.78 -49.19 -28.52
C GLU C 220 11.31 -48.87 -28.71
N GLN C 221 10.49 -49.22 -27.72
CA GLN C 221 9.07 -48.92 -27.77
C GLN C 221 8.73 -47.76 -26.84
N VAL C 222 9.77 -47.14 -26.30
CA VAL C 222 9.62 -45.95 -25.46
C VAL C 222 10.36 -44.79 -26.10
N VAL C 223 11.56 -45.06 -26.61
CA VAL C 223 12.38 -44.05 -27.27
C VAL C 223 12.65 -44.44 -28.72
N TYR C 224 12.02 -43.74 -29.65
CA TYR C 224 12.21 -44.01 -31.07
C TYR C 224 13.22 -43.04 -31.68
N LYS C 225 14.08 -43.57 -32.54
CA LYS C 225 15.05 -42.76 -33.26
C LYS C 225 14.41 -42.07 -34.45
N PRO C 226 14.42 -40.73 -34.45
CA PRO C 226 13.79 -39.95 -35.54
C PRO C 226 14.53 -40.10 -36.86
N GLN C 227 13.78 -40.10 -37.96
CA GLN C 227 14.35 -40.24 -39.29
C GLN C 227 15.00 -38.94 -39.74
N LYS C 228 16.29 -39.01 -40.08
CA LYS C 228 17.04 -37.83 -40.49
C LYS C 228 17.08 -37.66 -42.00
N PHE C 229 17.01 -36.41 -42.44
CA PHE C 229 17.02 -36.05 -43.85
C PHE C 229 18.04 -34.96 -44.10
N PHE C 230 18.75 -35.05 -45.22
CA PHE C 230 19.81 -34.09 -45.52
C PHE C 230 19.40 -33.19 -46.70
N ARG C 231 19.35 -31.88 -46.46
CA ARG C 231 18.92 -30.93 -47.47
C ARG C 231 20.05 -29.99 -47.88
N LYS C 232 20.61 -30.24 -49.06
CA LYS C 232 21.64 -29.38 -49.62
C LYS C 232 21.06 -28.48 -50.70
N VAL C 233 20.94 -27.19 -50.39
CA VAL C 233 20.37 -26.24 -51.34
C VAL C 233 21.44 -25.30 -51.89
N GLU C 234 21.02 -24.41 -52.78
CA GLU C 234 21.94 -23.48 -53.43
C GLU C 234 22.00 -22.15 -52.69
N SER C 235 23.14 -21.48 -52.77
CA SER C 235 23.32 -20.20 -52.11
C SER C 235 22.71 -19.06 -52.91
N ARG C 236 22.95 -17.84 -52.46
CA ARG C 236 22.46 -16.65 -53.14
C ARG C 236 23.24 -16.43 -54.44
N ILE C 237 22.58 -16.59 -55.57
CA ILE C 237 23.20 -16.28 -56.85
C ILE C 237 23.29 -14.76 -57.01
N SER C 238 22.30 -14.05 -56.48
CA SER C 238 22.30 -12.61 -56.50
C SER C 238 23.38 -12.04 -55.59
N ASP C 239 23.81 -10.81 -55.86
CA ASP C 239 24.86 -10.18 -55.07
C ASP C 239 24.85 -8.66 -55.20
N LYS C 240 23.66 -8.08 -55.24
CA LYS C 240 23.51 -6.63 -55.34
C LYS C 240 23.63 -5.97 -53.97
N PHE C 241 22.87 -6.51 -53.01
CA PHE C 241 22.94 -6.06 -51.62
C PHE C 241 24.38 -6.12 -51.14
N LYS C 242 25.03 -7.25 -51.40
CA LYS C 242 26.42 -7.43 -51.01
C LYS C 242 27.32 -6.43 -51.73
N TYR C 243 26.98 -6.07 -52.96
CA TYR C 243 27.77 -5.07 -53.69
C TYR C 243 27.72 -3.72 -52.97
N ILE C 244 26.50 -3.26 -52.73
CA ILE C 244 26.26 -2.00 -52.01
C ILE C 244 27.01 -1.96 -50.69
N ILE C 245 26.74 -2.96 -49.83
CA ILE C 245 27.37 -3.01 -48.52
C ILE C 245 28.89 -3.17 -48.63
N ALA C 246 29.35 -3.77 -49.73
CA ALA C 246 30.78 -3.98 -49.94
C ALA C 246 31.52 -2.68 -50.18
N GLN C 247 31.03 -1.88 -51.13
CA GLN C 247 31.76 -0.63 -51.37
C GLN C 247 31.41 0.38 -50.27
N LEU C 248 30.34 0.13 -49.52
CA LEU C 248 30.15 0.86 -48.27
C LEU C 248 31.32 0.53 -47.33
N MET C 249 31.71 -0.74 -47.36
CA MET C 249 32.77 -1.25 -46.50
C MET C 249 34.16 -0.80 -46.93
N ARG C 250 34.38 -0.58 -48.22
CA ARG C 250 35.69 -0.05 -48.63
C ARG C 250 35.65 1.48 -48.72
N ASP C 251 34.46 2.06 -48.58
CA ASP C 251 34.35 3.48 -48.30
C ASP C 251 34.83 3.72 -46.88
N THR C 252 34.32 2.90 -45.97
CA THR C 252 34.73 2.95 -44.58
C THR C 252 36.21 2.56 -44.44
N GLU C 253 36.63 1.59 -45.24
CA GLU C 253 38.01 1.11 -45.21
C GLU C 253 38.97 2.17 -45.75
N SER C 254 38.52 2.90 -46.77
CA SER C 254 39.31 4.00 -47.31
C SER C 254 39.38 5.14 -46.31
N LEU C 255 38.27 5.39 -45.63
CA LEU C 255 38.22 6.39 -44.57
C LEU C 255 39.22 6.06 -43.46
N ALA C 256 39.24 4.79 -43.07
CA ALA C 256 40.14 4.33 -42.02
C ALA C 256 41.59 4.36 -42.49
N LYS C 257 41.81 4.10 -43.77
CA LYS C 257 43.15 4.08 -44.34
C LYS C 257 43.70 5.49 -44.52
N ARG C 258 42.80 6.46 -44.65
CA ARG C 258 43.19 7.85 -44.86
C ARG C 258 43.39 8.60 -43.53
N ILE C 259 43.79 7.86 -42.50
CA ILE C 259 44.07 8.45 -41.20
C ILE C 259 45.49 8.08 -40.74
N CYS C 260 45.87 6.83 -40.99
CA CYS C 260 47.21 6.36 -40.63
C CYS C 260 47.73 5.37 -41.67
N LYS C 261 49.01 5.04 -41.57
CA LYS C 261 49.65 4.13 -42.51
C LYS C 261 49.17 2.69 -42.33
N ASP C 262 49.44 1.86 -43.33
CA ASP C 262 49.05 0.45 -43.34
C ASP C 262 47.56 0.27 -43.14
N GLU C 273 37.81 -10.26 -49.18
CA GLU C 273 36.62 -11.12 -49.19
C GLU C 273 35.68 -10.75 -48.04
N PHE C 274 34.73 -9.86 -48.34
CA PHE C 274 33.79 -9.39 -47.33
C PHE C 274 32.73 -10.44 -46.98
N GLY C 275 32.09 -10.27 -45.83
CA GLY C 275 31.01 -11.14 -45.41
C GLY C 275 31.45 -12.52 -44.99
N THR C 276 32.70 -12.65 -44.56
CA THR C 276 33.23 -13.94 -44.15
C THR C 276 33.77 -13.90 -42.72
N GLN C 277 34.21 -15.06 -42.23
CA GLN C 277 34.73 -15.18 -40.88
C GLN C 277 36.20 -14.75 -40.83
N LYS C 278 36.91 -14.96 -41.94
CA LYS C 278 38.29 -14.55 -42.06
C LYS C 278 38.42 -13.03 -42.00
N TYR C 279 37.44 -12.35 -42.59
CA TYR C 279 37.43 -10.89 -42.58
C TYR C 279 37.10 -10.34 -41.20
N GLU C 280 36.24 -11.05 -40.48
CA GLU C 280 35.91 -10.66 -39.11
C GLU C 280 37.13 -10.82 -38.22
N GLN C 281 37.79 -11.96 -38.36
CA GLN C 281 39.04 -12.23 -37.64
C GLN C 281 40.05 -11.11 -37.93
N TRP C 282 40.20 -10.80 -39.21
CA TRP C 282 41.16 -9.79 -39.64
C TRP C 282 40.84 -8.41 -39.11
N ILE C 283 39.56 -8.01 -39.11
CA ILE C 283 39.19 -6.67 -38.69
C ILE C 283 39.26 -6.56 -37.17
N VAL C 284 39.05 -7.67 -36.46
CA VAL C 284 39.28 -7.71 -35.03
C VAL C 284 40.75 -7.48 -34.75
N THR C 285 41.60 -8.19 -35.50
CA THR C 285 43.04 -8.01 -35.41
C THR C 285 43.46 -6.57 -35.71
N VAL C 286 42.76 -5.95 -36.66
CA VAL C 286 43.06 -4.58 -37.09
C VAL C 286 42.69 -3.59 -36.00
N GLN C 287 41.54 -3.79 -35.38
CA GLN C 287 41.11 -2.93 -34.28
C GLN C 287 42.07 -3.05 -33.10
N LYS C 288 42.41 -4.29 -32.75
CA LYS C 288 43.35 -4.53 -31.66
C LYS C 288 44.76 -4.04 -31.99
N ALA C 289 45.04 -3.86 -33.27
CA ALA C 289 46.33 -3.32 -33.70
C ALA C 289 46.31 -1.79 -33.68
N CYS C 290 45.13 -1.23 -33.88
CA CYS C 290 44.96 0.22 -33.87
C CYS C 290 44.94 0.74 -32.44
N MET C 291 44.51 -0.11 -31.52
CA MET C 291 44.42 0.26 -30.11
C MET C 291 45.76 0.65 -29.50
N VAL C 292 46.86 0.13 -30.07
CA VAL C 292 48.19 0.39 -29.53
C VAL C 292 48.97 1.45 -30.30
N PHE C 293 48.30 2.14 -31.23
CA PHE C 293 48.95 3.19 -32.01
C PHE C 293 49.31 4.37 -31.12
N GLN C 294 50.58 4.78 -31.16
CA GLN C 294 51.05 5.87 -30.31
C GLN C 294 51.58 7.04 -31.12
N MET C 295 51.62 8.21 -30.47
CA MET C 295 52.10 9.44 -31.10
C MET C 295 52.78 10.34 -30.07
N PRO C 296 53.54 11.34 -30.54
CA PRO C 296 54.03 12.37 -29.61
C PRO C 296 52.87 13.15 -29.00
N ASP C 297 51.93 13.57 -29.85
CA ASP C 297 50.73 14.25 -29.40
C ASP C 297 49.69 13.22 -28.95
N LYS C 298 49.48 13.12 -27.64
CA LYS C 298 48.61 12.11 -27.07
C LYS C 298 47.14 12.38 -27.38
N ASP C 299 46.78 13.64 -27.59
CA ASP C 299 45.40 13.98 -27.88
C ASP C 299 45.03 13.53 -29.29
N GLU C 300 45.96 13.72 -30.23
CA GLU C 300 45.74 13.29 -31.60
C GLU C 300 45.84 11.77 -31.69
N GLU C 301 46.58 11.18 -30.77
CA GLU C 301 46.58 9.73 -30.61
C GLU C 301 45.19 9.27 -30.21
N SER C 302 44.60 10.00 -29.27
CA SER C 302 43.24 9.70 -28.82
C SER C 302 42.24 9.82 -29.96
N ARG C 303 42.32 10.92 -30.71
CA ARG C 303 41.41 11.16 -31.82
C ARG C 303 41.53 10.09 -32.90
N ILE C 304 42.76 9.80 -33.30
CA ILE C 304 43.02 8.79 -34.33
C ILE C 304 42.59 7.39 -33.88
N CYS C 305 42.90 7.03 -32.64
CA CYS C 305 42.54 5.73 -32.11
C CYS C 305 41.01 5.56 -32.01
N LYS C 306 40.33 6.62 -31.58
CA LYS C 306 38.87 6.60 -31.53
C LYS C 306 38.29 6.46 -32.93
N ALA C 307 38.90 7.17 -33.88
CA ALA C 307 38.52 7.09 -35.28
C ALA C 307 38.59 5.66 -35.79
N LEU C 308 39.78 5.07 -35.67
CA LEU C 308 40.04 3.70 -36.11
C LEU C 308 39.11 2.72 -35.43
N PHE C 309 38.86 2.94 -34.14
CA PHE C 309 37.95 2.09 -33.38
C PHE C 309 36.55 2.12 -34.00
N LEU C 310 36.04 3.32 -34.24
CA LEU C 310 34.73 3.50 -34.84
C LEU C 310 34.63 2.85 -36.22
N TYR C 311 35.63 3.11 -37.05
CA TYR C 311 35.68 2.55 -38.40
C TYR C 311 35.68 1.03 -38.39
N THR C 312 36.56 0.45 -37.59
CA THR C 312 36.65 -1.00 -37.47
C THR C 312 35.34 -1.60 -36.97
N SER C 313 34.71 -0.92 -36.01
CA SER C 313 33.42 -1.36 -35.48
C SER C 313 32.36 -1.38 -36.57
N HIS C 314 32.30 -0.31 -37.37
CA HIS C 314 31.35 -0.23 -38.47
C HIS C 314 31.59 -1.31 -39.51
N LEU C 315 32.86 -1.55 -39.82
CA LEU C 315 33.24 -2.62 -40.75
C LEU C 315 32.75 -3.97 -40.24
N ARG C 316 32.99 -4.22 -38.96
CA ARG C 316 32.54 -5.44 -38.30
C ARG C 316 31.03 -5.61 -38.42
N LYS C 317 30.29 -4.54 -38.13
CA LYS C 317 28.84 -4.58 -38.19
C LYS C 317 28.32 -4.84 -39.61
N TYR C 318 28.98 -4.23 -40.60
CA TYR C 318 28.65 -4.47 -41.99
C TYR C 318 28.86 -5.94 -42.36
N ASN C 319 30.00 -6.49 -41.92
CA ASN C 319 30.31 -7.90 -42.15
C ASN C 319 29.25 -8.83 -41.56
N ASP C 320 28.92 -8.57 -40.29
CA ASP C 320 27.88 -9.31 -39.59
C ASP C 320 26.57 -9.26 -40.38
N ALA C 321 26.24 -8.06 -40.85
CA ALA C 321 25.04 -7.86 -41.65
C ALA C 321 25.08 -8.71 -42.91
N LEU C 322 26.25 -8.82 -43.53
CA LEU C 322 26.39 -9.64 -44.73
C LEU C 322 26.14 -11.12 -44.42
N ILE C 323 26.72 -11.59 -43.32
CA ILE C 323 26.51 -12.98 -42.90
C ILE C 323 25.02 -13.26 -42.66
N ILE C 324 24.38 -12.37 -41.91
CA ILE C 324 22.94 -12.45 -41.66
C ILE C 324 22.16 -12.49 -42.97
N SER C 325 22.58 -11.66 -43.93
CA SER C 325 21.92 -11.57 -45.22
C SER C 325 22.08 -12.84 -46.04
N GLU C 326 23.20 -13.52 -45.86
CA GLU C 326 23.44 -14.76 -46.58
C GLU C 326 22.66 -15.90 -45.94
N HIS C 327 22.39 -15.80 -44.64
CA HIS C 327 21.63 -16.85 -43.96
C HIS C 327 20.16 -16.49 -43.75
N ALA C 328 19.76 -15.29 -44.13
CA ALA C 328 18.38 -14.86 -43.95
C ALA C 328 17.96 -13.80 -44.96
N ARG C 329 16.92 -13.04 -44.62
CA ARG C 329 16.43 -11.98 -45.50
C ARG C 329 17.41 -10.82 -45.54
N MET C 330 17.39 -10.06 -46.63
CA MET C 330 18.16 -8.83 -46.70
C MET C 330 17.57 -7.81 -45.76
N LYS C 331 16.25 -7.91 -45.56
CA LYS C 331 15.54 -7.04 -44.63
C LYS C 331 16.05 -7.22 -43.21
N ASP C 332 16.39 -8.46 -42.86
CA ASP C 332 16.92 -8.76 -41.52
C ASP C 332 18.26 -8.08 -41.30
N ALA C 333 19.12 -8.16 -42.30
CA ALA C 333 20.43 -7.52 -42.25
C ALA C 333 20.30 -6.01 -42.18
N LEU C 334 19.38 -5.47 -42.98
CA LEU C 334 19.15 -4.03 -43.03
C LEU C 334 18.57 -3.52 -41.72
N ASP C 335 17.78 -4.35 -41.05
CA ASP C 335 17.20 -3.98 -39.76
C ASP C 335 18.25 -4.13 -38.65
N TYR C 336 19.19 -5.03 -38.86
CA TYR C 336 20.32 -5.20 -37.95
C TYR C 336 21.18 -3.95 -37.98
N LEU C 337 21.52 -3.51 -39.19
CA LEU C 337 22.28 -2.28 -39.39
C LEU C 337 21.49 -1.07 -38.91
N LYS C 338 20.17 -1.11 -39.11
CA LYS C 338 19.29 -0.01 -38.69
C LYS C 338 19.30 0.14 -37.17
N ASP C 339 19.22 -1.00 -36.48
CA ASP C 339 19.27 -1.01 -35.03
C ASP C 339 20.64 -0.56 -34.54
N PHE C 340 21.68 -0.99 -35.25
CA PHE C 340 23.04 -0.59 -34.91
C PHE C 340 23.23 0.92 -34.99
N PHE C 341 22.84 1.51 -36.13
CA PHE C 341 22.94 2.95 -36.31
C PHE C 341 21.94 3.70 -35.42
N SER C 342 20.94 2.97 -34.93
CA SER C 342 19.99 3.53 -33.98
C SER C 342 20.63 3.64 -32.60
N ASN C 343 21.50 2.69 -32.28
CA ASN C 343 22.20 2.73 -31.01
C ASN C 343 23.50 3.54 -31.07
N VAL C 344 23.97 3.82 -32.28
CA VAL C 344 25.08 4.75 -32.45
C VAL C 344 24.61 6.14 -32.04
N ARG C 345 23.40 6.48 -32.47
CA ARG C 345 22.69 7.66 -31.96
C ARG C 345 22.16 7.31 -30.57
N ALA C 346 21.87 8.34 -29.76
CA ALA C 346 21.38 8.21 -28.39
C ALA C 346 22.51 7.79 -27.46
N ALA C 347 23.70 7.65 -28.04
CA ALA C 347 24.92 7.40 -27.29
C ALA C 347 25.74 8.68 -27.25
N GLY C 348 25.56 9.52 -28.25
CA GLY C 348 26.26 10.79 -28.32
C GLY C 348 26.63 11.21 -29.73
N PHE C 349 26.91 12.50 -29.90
CA PHE C 349 27.31 13.04 -31.20
C PHE C 349 28.82 12.87 -31.39
N ASP C 350 29.19 12.18 -32.47
CA ASP C 350 30.58 12.11 -32.89
C ASP C 350 30.63 12.55 -34.36
N GLU C 351 31.66 13.31 -34.71
CA GLU C 351 31.80 13.81 -36.08
C GLU C 351 31.83 12.65 -37.08
N ILE C 352 32.66 11.66 -36.76
CA ILE C 352 32.85 10.50 -37.63
C ILE C 352 31.60 9.63 -37.69
N GLU C 353 30.93 9.47 -36.55
CA GLU C 353 29.69 8.70 -36.52
C GLU C 353 28.63 9.37 -37.38
N GLN C 354 28.58 10.69 -37.34
CA GLN C 354 27.67 11.45 -38.19
C GLN C 354 28.02 11.26 -39.66
N ASP C 355 29.32 11.29 -39.96
CA ASP C 355 29.81 11.06 -41.32
C ASP C 355 29.37 9.70 -41.87
N LEU C 356 29.71 8.64 -41.14
CA LEU C 356 29.39 7.27 -41.53
C LEU C 356 27.89 7.05 -41.65
N THR C 357 27.14 7.55 -40.67
CA THR C 357 25.69 7.42 -40.66
C THR C 357 25.10 8.12 -41.89
N GLN C 358 25.66 9.27 -42.26
CA GLN C 358 25.23 9.95 -43.48
C GLN C 358 25.51 9.07 -44.70
N ARG C 359 26.74 8.57 -44.78
CA ARG C 359 27.17 7.71 -45.88
C ARG C 359 26.30 6.46 -46.04
N PHE C 360 25.67 6.03 -44.96
CA PHE C 360 24.76 4.89 -45.00
C PHE C 360 23.34 5.33 -45.40
N GLU C 361 22.91 6.43 -44.81
CA GLU C 361 21.58 6.98 -45.03
C GLU C 361 21.36 7.38 -46.48
N GLU C 362 22.43 7.72 -47.19
CA GLU C 362 22.28 8.09 -48.60
C GLU C 362 22.00 6.88 -49.50
N LYS C 363 22.39 5.68 -49.04
CA LYS C 363 22.21 4.48 -49.84
C LYS C 363 21.07 3.60 -49.31
N LEU C 364 20.52 4.01 -48.18
CA LEU C 364 19.35 3.34 -47.59
C LEU C 364 18.23 3.09 -48.61
N GLN C 365 17.96 4.06 -49.46
CA GLN C 365 16.89 3.97 -50.46
C GLN C 365 17.09 2.80 -51.42
N GLU C 366 18.29 2.72 -51.98
CA GLU C 366 18.64 1.62 -52.88
C GLU C 366 18.60 0.30 -52.14
N LEU C 367 19.07 0.31 -50.89
CA LEU C 367 19.07 -0.91 -50.07
C LEU C 367 17.66 -1.46 -49.84
N GLU C 368 16.71 -0.60 -49.51
CA GLU C 368 15.34 -1.04 -49.26
C GLU C 368 14.61 -1.35 -50.57
N SER C 369 15.00 -0.67 -51.65
CA SER C 369 14.46 -0.99 -52.96
C SER C 369 14.84 -2.43 -53.28
N VAL C 370 16.10 -2.76 -53.03
CA VAL C 370 16.59 -4.13 -53.22
C VAL C 370 15.95 -5.10 -52.22
N SER C 371 15.64 -4.64 -51.02
CA SER C 371 15.11 -5.56 -50.03
C SER C 371 13.59 -5.68 -50.09
N ARG C 372 12.97 -5.10 -51.12
CA ARG C 372 11.51 -5.08 -51.23
C ARG C 372 10.99 -6.03 -52.30
N ASP C 373 11.66 -6.02 -53.46
CA ASP C 373 11.42 -6.90 -54.60
C ASP C 373 11.22 -8.35 -54.12
N PRO C 374 10.20 -9.03 -54.66
CA PRO C 374 10.11 -10.47 -54.35
C PRO C 374 11.02 -11.40 -55.17
N SER C 375 11.59 -10.92 -56.27
CA SER C 375 12.57 -11.72 -56.99
C SER C 375 13.78 -12.02 -56.08
N ASN C 376 13.94 -11.22 -55.03
CA ASN C 376 15.03 -11.43 -54.09
C ASN C 376 14.56 -12.37 -53.01
N GLU C 377 14.92 -13.65 -53.09
CA GLU C 377 14.71 -14.56 -51.99
C GLU C 377 15.82 -15.59 -51.88
N ASN C 378 16.19 -15.89 -50.64
CA ASN C 378 17.11 -16.97 -50.32
C ASN C 378 16.49 -18.33 -50.57
N PRO C 379 17.11 -19.15 -51.43
CA PRO C 379 16.63 -20.51 -51.72
C PRO C 379 16.54 -21.37 -50.47
N LYS C 380 17.34 -21.03 -49.46
CA LYS C 380 17.34 -21.74 -48.19
C LYS C 380 16.04 -21.48 -47.44
N LEU C 381 15.61 -20.22 -47.43
CA LEU C 381 14.37 -19.83 -46.79
C LEU C 381 13.17 -20.41 -47.53
N GLU C 382 13.28 -20.49 -48.85
CA GLU C 382 12.22 -21.07 -49.66
C GLU C 382 12.11 -22.57 -49.44
N ASP C 383 13.26 -23.22 -49.27
CA ASP C 383 13.28 -24.66 -49.02
C ASP C 383 12.74 -24.97 -47.63
N LEU C 384 13.14 -24.16 -46.65
CA LEU C 384 12.63 -24.28 -45.28
C LEU C 384 11.13 -24.08 -45.26
N CYS C 385 10.67 -23.08 -46.01
CA CYS C 385 9.24 -22.79 -46.14
C CYS C 385 8.52 -23.96 -46.79
N PHE C 386 9.16 -24.59 -47.76
CA PHE C 386 8.58 -25.75 -48.44
C PHE C 386 8.44 -26.93 -47.48
N ILE C 387 9.48 -27.17 -46.69
CA ILE C 387 9.47 -28.23 -45.70
C ILE C 387 8.36 -28.02 -44.67
N LEU C 388 8.31 -26.81 -44.11
CA LEU C 388 7.29 -26.46 -43.13
C LEU C 388 5.88 -26.60 -43.72
N GLN C 389 5.72 -26.12 -44.95
CA GLN C 389 4.43 -26.20 -45.64
C GLN C 389 3.99 -27.64 -45.83
N GLU C 390 4.88 -28.48 -46.36
CA GLU C 390 4.58 -29.88 -46.58
C GLU C 390 4.23 -30.60 -45.29
N GLU C 391 5.08 -30.43 -44.28
CA GLU C 391 4.91 -31.12 -43.00
C GLU C 391 3.64 -30.71 -42.28
N TYR C 392 3.34 -29.41 -42.25
CA TYR C 392 2.16 -28.93 -41.56
C TYR C 392 0.88 -29.19 -42.37
N HIS C 393 1.03 -29.28 -43.69
CA HIS C 393 -0.11 -29.65 -44.54
C HIS C 393 -0.46 -31.11 -44.30
N LEU C 394 0.57 -31.93 -44.14
CA LEU C 394 0.38 -33.34 -43.84
C LEU C 394 -0.10 -33.53 -42.40
N ASN C 395 0.24 -32.56 -41.54
CA ASN C 395 -0.13 -32.62 -40.14
C ASN C 395 -0.05 -31.24 -39.49
N PRO C 396 -1.21 -30.57 -39.36
CA PRO C 396 -1.30 -29.22 -38.77
C PRO C 396 -0.97 -29.21 -37.28
N GLU C 397 -1.08 -30.36 -36.62
CA GLU C 397 -0.79 -30.47 -35.19
C GLU C 397 0.71 -30.66 -34.94
N THR C 398 1.51 -30.39 -35.97
CA THR C 398 2.96 -30.53 -35.88
C THR C 398 3.56 -29.54 -34.90
N ILE C 399 4.44 -30.04 -34.04
CA ILE C 399 5.19 -29.20 -33.11
C ILE C 399 6.66 -29.17 -33.53
N THR C 400 7.09 -28.04 -34.08
CA THR C 400 8.41 -27.94 -34.67
C THR C 400 9.41 -27.23 -33.74
N ILE C 401 10.67 -27.68 -33.78
CA ILE C 401 11.75 -26.95 -33.12
C ILE C 401 12.86 -26.66 -34.13
N LEU C 402 13.22 -25.38 -34.25
CA LEU C 402 14.16 -24.94 -35.27
C LEU C 402 15.44 -24.38 -34.66
N PHE C 403 16.55 -25.09 -34.85
CA PHE C 403 17.84 -24.67 -34.32
C PHE C 403 18.65 -23.84 -35.32
N VAL C 404 19.12 -22.69 -34.87
CA VAL C 404 20.03 -21.87 -35.67
C VAL C 404 21.29 -21.57 -34.86
N LYS C 405 22.23 -20.85 -35.46
CA LYS C 405 23.53 -20.65 -34.82
C LYS C 405 23.57 -19.41 -33.93
N THR C 406 22.89 -18.34 -34.34
CA THR C 406 22.96 -17.08 -33.60
C THR C 406 21.59 -16.54 -33.20
N ARG C 407 21.55 -15.69 -32.18
CA ARG C 407 20.32 -15.08 -31.72
C ARG C 407 19.80 -14.06 -32.75
N ALA C 408 20.72 -13.46 -33.48
CA ALA C 408 20.37 -12.56 -34.57
C ALA C 408 19.56 -13.33 -35.61
N LEU C 409 19.98 -14.55 -35.88
CA LEU C 409 19.30 -15.42 -36.83
C LEU C 409 17.99 -15.93 -36.25
N VAL C 410 17.94 -16.03 -34.92
CA VAL C 410 16.70 -16.39 -34.22
C VAL C 410 15.64 -15.33 -34.49
N ASP C 411 15.96 -14.09 -34.14
CA ASP C 411 15.04 -12.98 -34.36
C ASP C 411 14.72 -12.82 -35.84
N ALA C 412 15.73 -13.01 -36.69
CA ALA C 412 15.56 -12.89 -38.13
C ALA C 412 14.54 -13.89 -38.67
N LEU C 413 14.66 -15.14 -38.26
CA LEU C 413 13.75 -16.18 -38.73
C LEU C 413 12.38 -16.06 -38.10
N LYS C 414 12.32 -15.51 -36.88
CA LYS C 414 11.02 -15.22 -36.27
C LYS C 414 10.28 -14.18 -37.09
N ASN C 415 10.99 -13.11 -37.44
CA ASN C 415 10.41 -12.05 -38.25
C ASN C 415 10.04 -12.54 -39.65
N TRP C 416 10.84 -13.44 -40.19
CA TRP C 416 10.59 -14.01 -41.51
C TRP C 416 9.35 -14.89 -41.51
N ILE C 417 9.19 -15.68 -40.45
CA ILE C 417 8.03 -16.54 -40.30
C ILE C 417 6.76 -15.70 -40.11
N GLU C 418 6.82 -14.75 -39.19
CA GLU C 418 5.67 -13.90 -38.90
C GLU C 418 5.31 -13.00 -40.08
N GLY C 419 6.29 -12.75 -40.96
CA GLY C 419 6.07 -11.92 -42.13
C GLY C 419 5.46 -12.68 -43.29
N ASN C 420 5.93 -13.91 -43.49
CA ASN C 420 5.46 -14.75 -44.59
C ASN C 420 4.03 -15.22 -44.38
N PRO C 421 3.14 -14.91 -45.33
CA PRO C 421 1.73 -15.33 -45.29
C PRO C 421 1.58 -16.85 -45.44
N LYS C 422 2.51 -17.48 -46.14
CA LYS C 422 2.46 -18.92 -46.37
C LYS C 422 2.77 -19.72 -45.11
N LEU C 423 3.20 -19.02 -44.07
CA LEU C 423 3.49 -19.66 -42.79
C LEU C 423 2.54 -19.15 -41.71
N SER C 424 1.31 -18.83 -42.12
CA SER C 424 0.30 -18.28 -41.23
C SER C 424 -0.08 -19.25 -40.11
N PHE C 425 0.09 -20.54 -40.37
CA PHE C 425 -0.28 -21.57 -39.41
C PHE C 425 0.71 -21.66 -38.26
N LEU C 426 1.86 -21.02 -38.41
CA LEU C 426 2.90 -21.07 -37.38
C LEU C 426 2.69 -20.05 -36.29
N LYS C 427 3.05 -20.42 -35.06
CA LYS C 427 2.96 -19.53 -33.92
C LYS C 427 4.33 -19.46 -33.24
N PRO C 428 5.30 -18.80 -33.89
CA PRO C 428 6.72 -18.86 -33.50
C PRO C 428 7.03 -18.30 -32.12
N GLY C 429 7.79 -19.08 -31.34
CA GLY C 429 8.30 -18.65 -30.06
C GLY C 429 9.81 -18.57 -30.11
N ILE C 430 10.43 -18.16 -29.00
CA ILE C 430 11.87 -17.96 -28.97
C ILE C 430 12.52 -18.70 -27.79
N LEU C 431 13.70 -19.26 -28.02
CA LEU C 431 14.45 -19.94 -26.96
C LEU C 431 15.95 -19.71 -27.10
N THR C 432 16.48 -18.76 -26.32
CA THR C 432 17.92 -18.49 -26.35
C THR C 432 18.54 -18.65 -24.98
N GLY C 433 19.86 -18.48 -24.91
CA GLY C 433 20.57 -18.53 -23.64
C GLY C 433 20.35 -17.27 -22.83
N ARG C 434 21.06 -17.15 -21.72
CA ARG C 434 20.89 -15.99 -20.85
C ARG C 434 21.85 -14.87 -21.23
N GLY C 435 22.63 -15.09 -22.29
CA GLY C 435 23.56 -14.09 -22.78
C GLY C 435 24.68 -13.78 -21.81
N LYS C 436 25.54 -12.83 -22.18
CA LYS C 436 26.62 -12.42 -21.31
C LYS C 436 26.07 -11.72 -20.06
N THR C 437 26.65 -12.03 -18.92
CA THR C 437 26.10 -11.61 -17.62
C THR C 437 26.02 -10.09 -17.44
N ASN C 438 26.91 -9.37 -18.11
CA ASN C 438 26.92 -7.91 -17.99
C ASN C 438 26.51 -7.21 -19.28
N GLN C 439 25.47 -7.71 -19.94
CA GLN C 439 24.93 -7.04 -21.11
C GLN C 439 23.42 -7.19 -21.21
N ASN C 440 22.79 -6.21 -21.85
CA ASN C 440 21.35 -6.19 -22.03
C ASN C 440 20.91 -7.07 -23.20
N THR C 441 21.29 -8.34 -23.15
CA THR C 441 20.93 -9.30 -24.20
C THR C 441 20.43 -10.60 -23.60
N GLY C 442 20.15 -11.57 -24.46
CA GLY C 442 19.75 -12.89 -24.02
C GLY C 442 18.32 -12.98 -23.53
N MET C 443 18.08 -13.89 -22.59
CA MET C 443 16.74 -14.13 -22.07
C MET C 443 16.82 -14.73 -20.66
N THR C 444 16.08 -14.15 -19.73
CA THR C 444 16.09 -14.61 -18.34
C THR C 444 15.48 -16.00 -18.20
N LEU C 445 15.82 -16.67 -17.11
CA LEU C 445 15.32 -18.02 -16.84
C LEU C 445 13.79 -18.09 -16.73
N PRO C 446 13.15 -17.16 -15.99
CA PRO C 446 11.69 -17.25 -15.93
C PRO C 446 11.01 -16.97 -17.28
N ALA C 447 11.68 -16.22 -18.15
CA ALA C 447 11.17 -15.97 -19.49
C ALA C 447 11.25 -17.24 -20.32
N GLN C 448 12.39 -17.93 -20.22
CA GLN C 448 12.57 -19.23 -20.86
C GLN C 448 11.47 -20.19 -20.41
N LYS C 449 11.26 -20.25 -19.10
CA LYS C 449 10.25 -21.12 -18.52
C LYS C 449 8.85 -20.75 -19.02
N CYS C 450 8.62 -19.45 -19.19
CA CYS C 450 7.34 -18.94 -19.68
C CYS C 450 7.07 -19.45 -21.10
N ILE C 451 7.98 -19.13 -22.01
CA ILE C 451 7.83 -19.52 -23.41
C ILE C 451 7.77 -21.04 -23.57
N LEU C 452 8.58 -21.75 -22.79
CA LEU C 452 8.61 -23.21 -22.84
C LEU C 452 7.30 -23.82 -22.35
N ASP C 453 6.73 -23.24 -21.30
CA ASP C 453 5.45 -23.71 -20.78
C ASP C 453 4.30 -23.28 -21.69
N ALA C 454 4.59 -22.34 -22.58
CA ALA C 454 3.60 -21.94 -23.59
C ALA C 454 3.74 -22.80 -24.85
N PHE C 455 4.94 -23.33 -25.07
CA PHE C 455 5.25 -24.13 -26.25
C PHE C 455 4.73 -25.56 -26.12
N LYS C 456 3.47 -25.75 -26.47
CA LYS C 456 2.84 -27.07 -26.36
C LYS C 456 1.93 -27.35 -27.53
N ALA C 457 1.39 -28.57 -27.58
CA ALA C 457 0.41 -28.90 -28.60
C ALA C 457 -0.79 -27.95 -28.50
N SER C 458 -1.33 -27.80 -27.30
CA SER C 458 -2.57 -27.04 -27.18
C SER C 458 -2.29 -25.66 -26.57
N GLY C 459 -1.00 -25.29 -26.64
CA GLY C 459 -0.53 -24.04 -26.10
C GLY C 459 -0.68 -22.84 -26.99
N ASP C 460 0.27 -21.93 -26.90
CA ASP C 460 0.25 -20.70 -27.70
C ASP C 460 1.19 -20.81 -28.89
N HIS C 461 2.19 -21.68 -28.78
CA HIS C 461 3.20 -21.82 -29.82
C HIS C 461 3.21 -23.19 -30.50
N ASN C 462 3.45 -23.17 -31.81
CA ASN C 462 3.58 -24.39 -32.60
C ASN C 462 5.03 -24.68 -32.93
N ILE C 463 5.78 -23.66 -33.35
CA ILE C 463 7.18 -23.81 -33.68
C ILE C 463 8.04 -22.98 -32.72
N LEU C 464 9.20 -23.52 -32.36
CA LEU C 464 10.10 -22.86 -31.42
C LEU C 464 11.49 -22.66 -31.99
N ILE C 465 11.84 -21.42 -32.28
CA ILE C 465 13.17 -21.09 -32.79
C ILE C 465 14.15 -20.97 -31.62
N ALA C 466 15.32 -21.56 -31.78
CA ALA C 466 16.29 -21.66 -30.69
C ALA C 466 17.72 -21.71 -31.20
N THR C 467 18.67 -21.46 -30.30
CA THR C 467 20.08 -21.51 -30.62
C THR C 467 20.68 -22.87 -30.24
N SER C 468 20.88 -23.07 -28.94
CA SER C 468 21.43 -24.33 -28.43
C SER C 468 21.12 -24.51 -26.96
N VAL C 469 20.81 -25.73 -26.57
CA VAL C 469 20.55 -26.05 -25.17
C VAL C 469 21.70 -26.88 -24.60
N ALA C 470 22.13 -26.55 -23.40
CA ALA C 470 23.19 -27.29 -22.73
C ALA C 470 22.76 -28.73 -22.47
N ASP C 471 23.37 -29.65 -23.22
CA ASP C 471 23.09 -31.09 -23.10
C ASP C 471 21.60 -31.40 -23.28
N GLU C 472 21.09 -32.31 -22.48
CA GLU C 472 19.70 -32.73 -22.57
C GLU C 472 18.76 -31.68 -22.01
N GLY C 473 18.98 -31.32 -20.74
CA GLY C 473 18.14 -30.33 -20.08
C GLY C 473 16.79 -30.90 -19.69
N ILE C 474 15.88 -30.02 -19.27
CA ILE C 474 14.53 -30.42 -18.89
C ILE C 474 13.73 -30.86 -20.11
N ASP C 475 12.92 -31.90 -19.94
CA ASP C 475 12.04 -32.35 -21.01
C ASP C 475 11.00 -31.28 -21.35
N ILE C 476 11.00 -30.86 -22.61
CA ILE C 476 9.98 -29.92 -23.08
C ILE C 476 8.95 -30.69 -23.91
N ALA C 477 8.02 -29.97 -24.51
CA ALA C 477 7.00 -30.58 -25.35
C ALA C 477 7.65 -31.34 -26.51
N GLN C 478 7.16 -32.55 -26.77
CA GLN C 478 7.72 -33.39 -27.82
C GLN C 478 7.56 -32.78 -29.19
N CYS C 479 8.66 -32.69 -29.92
CA CYS C 479 8.66 -32.14 -31.27
C CYS C 479 8.78 -33.24 -32.30
N ASN C 480 7.73 -33.45 -33.09
CA ASN C 480 7.76 -34.44 -34.14
C ASN C 480 8.46 -33.91 -35.38
N LEU C 481 8.91 -32.66 -35.32
CA LEU C 481 9.69 -32.07 -36.39
C LEU C 481 10.83 -31.23 -35.82
N VAL C 482 12.06 -31.63 -36.15
CA VAL C 482 13.26 -30.90 -35.75
C VAL C 482 13.98 -30.41 -36.99
N ILE C 483 14.35 -29.14 -37.02
CA ILE C 483 15.04 -28.59 -38.18
C ILE C 483 16.37 -27.94 -37.79
N LEU C 484 17.47 -28.43 -38.36
CA LEU C 484 18.77 -27.86 -38.12
C LEU C 484 19.16 -26.92 -39.25
N TYR C 485 19.03 -25.61 -39.01
CA TYR C 485 19.29 -24.61 -40.04
C TYR C 485 20.72 -24.10 -39.95
N GLU C 486 21.59 -24.60 -40.83
CA GLU C 486 23.02 -24.29 -40.81
C GLU C 486 23.60 -24.53 -39.42
N TYR C 487 23.47 -25.76 -38.95
CA TYR C 487 23.80 -26.09 -37.58
C TYR C 487 24.62 -27.38 -37.46
N VAL C 488 25.90 -27.22 -37.11
CA VAL C 488 26.77 -28.36 -36.89
C VAL C 488 27.01 -28.58 -35.40
N GLY C 489 27.25 -29.83 -35.02
CA GLY C 489 27.51 -30.17 -33.63
C GLY C 489 28.30 -31.46 -33.52
N ASN C 490 28.68 -31.82 -32.30
CA ASN C 490 29.41 -33.06 -32.06
C ASN C 490 28.45 -34.25 -31.99
N VAL C 491 29.01 -35.44 -31.79
CA VAL C 491 28.19 -36.65 -31.76
C VAL C 491 27.28 -36.66 -30.53
N ILE C 492 27.75 -36.07 -29.43
CA ILE C 492 26.98 -36.01 -28.19
C ILE C 492 25.71 -35.20 -28.38
N LYS C 493 25.85 -34.01 -28.98
CA LYS C 493 24.69 -33.15 -29.23
C LYS C 493 23.74 -33.78 -30.24
N MET C 494 24.30 -34.49 -31.22
CA MET C 494 23.51 -35.18 -32.22
C MET C 494 22.64 -36.26 -31.58
N ILE C 495 23.25 -37.06 -30.72
CA ILE C 495 22.53 -38.12 -30.03
C ILE C 495 21.51 -37.57 -29.03
N GLN C 496 21.89 -36.47 -28.36
CA GLN C 496 21.02 -35.85 -27.36
C GLN C 496 19.79 -35.20 -27.95
N THR C 497 19.96 -34.57 -29.12
CA THR C 497 18.88 -33.85 -29.78
C THR C 497 17.72 -34.79 -30.16
N ARG C 498 18.03 -36.07 -30.31
CA ARG C 498 17.02 -37.08 -30.64
C ARG C 498 15.92 -37.14 -29.58
N GLY C 499 16.23 -36.68 -28.37
CA GLY C 499 15.27 -36.65 -27.28
C GLY C 499 14.13 -35.68 -27.52
N ARG C 500 14.33 -34.75 -28.45
CA ARG C 500 13.29 -33.79 -28.79
C ARG C 500 12.13 -34.47 -29.52
N GLY C 501 12.44 -35.56 -30.20
CA GLY C 501 11.43 -36.31 -30.94
C GLY C 501 11.51 -37.81 -30.65
N ARG C 502 10.97 -38.22 -29.52
CA ARG C 502 11.03 -39.61 -29.09
C ARG C 502 9.90 -40.43 -29.70
N ALA C 503 8.79 -39.77 -30.03
CA ALA C 503 7.65 -40.44 -30.61
C ALA C 503 7.98 -40.96 -32.00
N ARG C 504 7.40 -42.11 -32.35
CA ARG C 504 7.61 -42.69 -33.67
C ARG C 504 7.01 -41.79 -34.75
N GLY C 505 7.77 -41.55 -35.81
CA GLY C 505 7.33 -40.69 -36.88
C GLY C 505 8.04 -39.35 -36.85
N SER C 506 8.77 -39.10 -35.78
CA SER C 506 9.53 -37.85 -35.64
C SER C 506 10.56 -37.73 -36.75
N LYS C 507 10.70 -36.51 -37.29
CA LYS C 507 11.61 -36.28 -38.39
C LYS C 507 12.62 -35.18 -38.08
N CYS C 508 13.81 -35.29 -38.65
CA CYS C 508 14.83 -34.26 -38.51
C CYS C 508 15.32 -33.83 -39.88
N PHE C 509 15.48 -32.53 -40.08
CA PHE C 509 15.90 -31.99 -41.38
C PHE C 509 17.14 -31.11 -41.25
N LEU C 510 18.27 -31.60 -41.72
CA LEU C 510 19.49 -30.79 -41.72
C LEU C 510 19.56 -29.94 -42.99
N LEU C 511 19.15 -28.69 -42.90
CA LEU C 511 19.11 -27.80 -44.05
C LEU C 511 20.36 -26.93 -44.10
N THR C 512 21.07 -26.95 -45.22
CA THR C 512 22.27 -26.14 -45.38
C THR C 512 22.66 -25.93 -46.84
N SER C 513 23.63 -25.05 -47.05
CA SER C 513 24.16 -24.79 -48.39
C SER C 513 25.64 -25.13 -48.44
N ASN C 514 26.12 -25.82 -47.40
CA ASN C 514 27.52 -26.22 -47.31
C ASN C 514 27.63 -27.74 -47.25
N ALA C 515 28.54 -28.29 -48.04
CA ALA C 515 28.80 -29.73 -48.02
C ALA C 515 29.52 -30.11 -46.74
N GLY C 516 30.23 -29.14 -46.17
CA GLY C 516 30.91 -29.32 -44.90
C GLY C 516 29.97 -29.82 -43.83
N VAL C 517 28.87 -29.11 -43.61
CA VAL C 517 27.88 -29.46 -42.60
C VAL C 517 27.42 -30.91 -42.71
N ILE C 518 26.94 -31.27 -43.90
CA ILE C 518 26.47 -32.63 -44.17
C ILE C 518 27.56 -33.66 -43.88
N GLU C 519 28.77 -33.41 -44.40
CA GLU C 519 29.89 -34.32 -44.22
C GLU C 519 30.22 -34.51 -42.75
N LYS C 520 30.18 -33.43 -41.96
CA LYS C 520 30.50 -33.52 -40.54
C LYS C 520 29.41 -34.25 -39.76
N GLU C 521 28.16 -34.12 -40.20
CA GLU C 521 27.08 -34.85 -39.54
C GLU C 521 27.18 -36.35 -39.85
N GLN C 522 27.56 -36.67 -41.08
CA GLN C 522 27.81 -38.05 -41.47
C GLN C 522 28.96 -38.64 -40.65
N ILE C 523 30.03 -37.84 -40.54
CA ILE C 523 31.17 -38.17 -39.69
C ILE C 523 30.72 -38.43 -38.27
N ASN C 524 29.76 -37.63 -37.79
CA ASN C 524 29.20 -37.81 -36.47
C ASN C 524 28.46 -39.12 -36.32
N MET C 525 27.70 -39.50 -37.36
CA MET C 525 27.01 -40.78 -37.34
C MET C 525 28.00 -41.94 -37.27
N TYR C 526 29.06 -41.84 -38.07
CA TYR C 526 30.11 -42.86 -38.05
C TYR C 526 30.79 -42.90 -36.69
N LYS C 527 30.92 -41.74 -36.05
CA LYS C 527 31.51 -41.64 -34.72
C LYS C 527 30.62 -42.29 -33.69
N GLU C 528 29.31 -42.22 -33.90
CA GLU C 528 28.36 -42.90 -33.04
C GLU C 528 28.53 -44.40 -33.18
N LYS C 529 28.70 -44.85 -34.42
CA LYS C 529 28.96 -46.26 -34.70
C LYS C 529 30.22 -46.73 -33.94
N MET C 530 31.31 -45.98 -34.12
CA MET C 530 32.57 -46.26 -33.44
C MET C 530 32.39 -46.31 -31.93
N MET C 531 31.57 -45.41 -31.41
CA MET C 531 31.32 -45.31 -29.98
C MET C 531 30.63 -46.56 -29.46
N ASN C 532 29.50 -46.91 -30.07
CA ASN C 532 28.74 -48.10 -29.68
C ASN C 532 29.57 -49.37 -29.79
N ASP C 533 30.30 -49.50 -30.89
CA ASP C 533 31.16 -50.66 -31.12
C ASP C 533 32.24 -50.76 -30.04
N SER C 534 32.89 -49.63 -29.75
CA SER C 534 33.94 -49.59 -28.74
C SER C 534 33.40 -49.95 -27.36
N ILE C 535 32.21 -49.45 -27.05
CA ILE C 535 31.55 -49.77 -25.78
C ILE C 535 31.27 -51.26 -25.66
N LEU C 536 30.67 -51.82 -26.71
CA LEU C 536 30.32 -53.23 -26.71
C LEU C 536 31.58 -54.11 -26.61
N ARG C 537 32.68 -53.63 -27.20
CA ARG C 537 33.95 -54.34 -27.09
C ARG C 537 34.51 -54.26 -25.68
N LEU C 538 34.39 -53.09 -25.05
CA LEU C 538 34.87 -52.88 -23.69
C LEU C 538 34.10 -53.73 -22.69
N GLN C 539 32.81 -53.91 -22.95
CA GLN C 539 31.93 -54.66 -22.03
C GLN C 539 32.25 -56.16 -22.01
N THR C 540 33.15 -56.59 -22.89
CA THR C 540 33.55 -57.99 -22.94
C THR C 540 34.79 -58.27 -22.09
N TRP C 541 35.56 -57.21 -21.81
CA TRP C 541 36.79 -57.34 -21.04
C TRP C 541 36.52 -57.85 -19.62
N ASP C 542 37.53 -58.46 -19.01
CA ASP C 542 37.46 -58.80 -17.60
C ASP C 542 37.54 -57.51 -16.79
N GLU C 543 36.70 -57.41 -15.76
CA GLU C 543 36.60 -56.17 -14.99
C GLU C 543 37.91 -55.84 -14.27
N ALA C 544 38.63 -56.87 -13.85
CA ALA C 544 39.92 -56.68 -13.18
C ALA C 544 40.94 -56.04 -14.11
N VAL C 545 41.02 -56.57 -15.32
CA VAL C 545 41.92 -56.04 -16.34
C VAL C 545 41.58 -54.59 -16.67
N PHE C 546 40.28 -54.32 -16.81
CA PHE C 546 39.80 -52.98 -17.11
C PHE C 546 40.15 -52.02 -15.98
N ARG C 547 40.01 -52.48 -14.73
CA ARG C 547 40.37 -51.67 -13.58
C ARG C 547 41.87 -51.39 -13.56
N GLU C 548 42.64 -52.36 -14.03
CA GLU C 548 44.09 -52.20 -14.12
C GLU C 548 44.45 -51.12 -15.14
N LYS C 549 43.81 -51.19 -16.31
CA LYS C 549 44.06 -50.20 -17.36
C LYS C 549 43.60 -48.81 -16.91
N ILE C 550 42.48 -48.76 -16.21
CA ILE C 550 41.96 -47.51 -15.67
C ILE C 550 42.95 -46.91 -14.68
N LEU C 551 43.44 -47.73 -13.76
CA LEU C 551 44.43 -47.31 -12.78
C LEU C 551 45.69 -46.80 -13.48
N HIS C 552 46.07 -47.46 -14.57
CA HIS C 552 47.21 -47.06 -15.37
C HIS C 552 47.03 -45.66 -15.95
N ILE C 553 45.90 -45.46 -16.63
CA ILE C 553 45.59 -44.17 -17.24
C ILE C 553 45.51 -43.07 -16.19
N GLN C 554 44.91 -43.38 -15.05
CA GLN C 554 44.78 -42.44 -13.95
C GLN C 554 46.15 -42.02 -13.40
N THR C 555 47.02 -43.01 -13.23
CA THR C 555 48.36 -42.75 -12.70
C THR C 555 49.17 -41.91 -13.69
N HIS C 556 49.05 -42.24 -14.97
CA HIS C 556 49.73 -41.48 -16.01
C HIS C 556 49.26 -40.03 -16.02
N GLU C 557 47.94 -39.86 -16.02
CA GLU C 557 47.34 -38.52 -16.04
C GLU C 557 47.68 -37.72 -14.78
N LYS C 558 47.87 -38.41 -13.66
CA LYS C 558 48.25 -37.73 -12.42
C LYS C 558 49.71 -37.31 -12.47
N PHE C 559 50.55 -38.17 -13.05
CA PHE C 559 51.95 -37.85 -13.27
C PHE C 559 52.06 -36.59 -14.12
N ILE C 560 51.33 -36.57 -15.23
CA ILE C 560 51.33 -35.42 -16.14
C ILE C 560 50.76 -34.18 -15.46
N ARG C 561 49.68 -34.35 -14.71
CA ARG C 561 49.00 -33.23 -14.05
C ARG C 561 49.89 -32.53 -13.03
N ASP C 562 50.70 -33.32 -12.32
CA ASP C 562 51.63 -32.77 -11.34
C ASP C 562 52.93 -32.34 -12.01
N SER C 563 52.83 -31.55 -13.06
CA SER C 563 53.99 -31.07 -13.79
C SER C 563 54.56 -29.81 -13.17
N GLN C 564 55.54 -29.21 -13.85
CA GLN C 564 56.17 -27.99 -13.36
C GLN C 564 55.42 -26.75 -13.86
N PRO C 569 55.83 -17.07 -13.31
CA PRO C 569 56.70 -15.99 -13.78
C PRO C 569 56.87 -14.88 -12.75
N VAL C 570 57.98 -14.15 -12.83
CA VAL C 570 58.26 -13.06 -11.91
C VAL C 570 57.39 -11.84 -12.25
N PRO C 571 56.69 -11.31 -11.24
CA PRO C 571 55.80 -10.15 -11.45
C PRO C 571 56.56 -8.85 -11.69
N ASP C 572 56.22 -8.15 -12.76
CA ASP C 572 56.81 -6.85 -13.07
C ASP C 572 56.32 -5.81 -12.06
N LYS C 573 57.21 -5.39 -11.17
CA LYS C 573 56.84 -4.47 -10.10
C LYS C 573 56.85 -3.02 -10.55
N GLU C 574 57.26 -2.77 -11.78
CA GLU C 574 57.25 -1.42 -12.32
C GLU C 574 55.83 -0.95 -12.54
N ASN C 575 55.55 0.30 -12.15
CA ASN C 575 54.21 0.87 -12.27
C ASN C 575 53.77 0.98 -13.71
N LYS C 576 52.48 0.74 -13.97
CA LYS C 576 51.93 0.81 -15.31
C LYS C 576 50.70 1.71 -15.36
N LYS C 577 50.42 2.25 -16.55
CA LYS C 577 49.23 3.04 -16.78
C LYS C 577 48.16 2.22 -17.49
N LEU C 578 46.91 2.39 -17.08
CA LEU C 578 45.79 1.74 -17.74
C LEU C 578 45.02 2.77 -18.56
N LEU C 579 45.13 2.68 -19.88
CA LEU C 579 44.46 3.62 -20.77
C LEU C 579 43.18 3.02 -21.32
N CYS C 580 42.22 3.86 -21.70
CA CYS C 580 41.01 3.37 -22.33
C CYS C 580 41.33 2.84 -23.72
N ARG C 581 40.83 1.66 -24.05
CA ARG C 581 41.14 1.05 -25.35
C ARG C 581 40.56 1.85 -26.52
N LYS C 582 39.53 2.64 -26.25
CA LYS C 582 38.86 3.40 -27.29
C LYS C 582 39.48 4.78 -27.49
N CYS C 583 39.65 5.53 -26.40
CA CYS C 583 40.11 6.91 -26.50
C CYS C 583 41.46 7.16 -25.84
N LYS C 584 42.09 6.10 -25.36
CA LYS C 584 43.44 6.16 -24.79
C LYS C 584 43.57 7.10 -23.59
N ALA C 585 42.44 7.41 -22.96
CA ALA C 585 42.45 8.26 -21.77
C ALA C 585 42.90 7.48 -20.55
N LEU C 586 43.57 8.17 -19.62
CA LEU C 586 44.09 7.52 -18.43
C LEU C 586 42.98 7.17 -17.44
N ALA C 587 42.84 5.87 -17.17
CA ALA C 587 41.86 5.40 -16.20
C ALA C 587 42.46 5.39 -14.80
N CYS C 588 43.56 4.67 -14.65
CA CYS C 588 44.26 4.58 -13.36
C CYS C 588 45.66 4.01 -13.54
N TYR C 589 46.36 3.85 -12.42
CA TYR C 589 47.67 3.21 -12.43
C TYR C 589 47.55 1.85 -11.75
N THR C 590 48.42 0.91 -12.11
CA THR C 590 48.41 -0.42 -11.50
C THR C 590 48.68 -0.35 -10.00
N ALA C 591 49.32 0.73 -9.57
CA ALA C 591 49.59 0.95 -8.15
C ALA C 591 48.30 1.17 -7.37
N ASP C 592 47.25 1.60 -8.07
CA ASP C 592 45.96 1.85 -7.45
C ASP C 592 45.09 0.60 -7.43
N VAL C 593 45.48 -0.40 -8.22
CA VAL C 593 44.69 -1.62 -8.37
C VAL C 593 44.86 -2.57 -7.19
N ARG C 594 43.74 -3.10 -6.71
CA ARG C 594 43.75 -4.11 -5.66
C ARG C 594 43.01 -5.36 -6.10
N VAL C 595 43.46 -6.53 -5.66
CA VAL C 595 42.83 -7.77 -6.07
C VAL C 595 42.02 -8.41 -4.93
N ILE C 596 40.76 -8.69 -5.23
CA ILE C 596 39.85 -9.33 -4.29
C ILE C 596 39.64 -10.79 -4.65
N GLU C 597 39.84 -11.66 -3.66
CA GLU C 597 39.62 -13.11 -3.79
C GLU C 597 40.42 -13.72 -4.94
N GLU C 598 41.60 -13.15 -5.20
CA GLU C 598 42.53 -13.65 -6.20
C GLU C 598 41.95 -13.71 -7.62
N CYS C 599 40.85 -13.00 -7.85
CA CYS C 599 40.17 -13.06 -9.15
C CYS C 599 39.69 -11.70 -9.63
N HIS C 600 39.16 -10.89 -8.72
CA HIS C 600 38.54 -9.63 -9.12
C HIS C 600 39.48 -8.45 -8.87
N TYR C 601 39.27 -7.35 -9.58
CA TYR C 601 40.20 -6.23 -9.52
C TYR C 601 39.48 -4.89 -9.39
N THR C 602 39.82 -4.15 -8.33
CA THR C 602 39.18 -2.87 -8.05
C THR C 602 40.20 -1.73 -8.03
N VAL C 603 39.69 -0.50 -8.00
CA VAL C 603 40.55 0.69 -8.04
C VAL C 603 40.31 1.57 -6.80
N LEU C 604 41.40 2.10 -6.24
CA LEU C 604 41.31 2.97 -5.08
C LEU C 604 41.54 4.43 -5.46
N GLY C 605 41.11 5.34 -4.59
CA GLY C 605 41.34 6.76 -4.78
C GLY C 605 40.14 7.50 -5.33
N ASP C 606 40.09 8.80 -5.06
CA ASP C 606 38.99 9.64 -5.52
C ASP C 606 39.21 10.08 -6.96
N ALA C 607 40.42 9.88 -7.47
CA ALA C 607 40.77 10.28 -8.82
C ALA C 607 40.00 9.48 -9.87
N PHE C 608 39.96 8.16 -9.69
CA PHE C 608 39.30 7.27 -10.63
C PHE C 608 37.80 7.54 -10.70
N LYS C 609 37.23 8.06 -9.61
CA LYS C 609 35.81 8.37 -9.55
C LYS C 609 35.43 9.48 -10.54
N GLU C 610 36.41 10.26 -10.96
CA GLU C 610 36.17 11.34 -11.91
C GLU C 610 36.33 10.88 -13.34
N CYS C 611 36.71 9.61 -13.53
CA CYS C 611 37.07 9.11 -14.84
C CYS C 611 35.95 8.32 -15.52
N PHE C 612 34.91 7.97 -14.78
CA PHE C 612 33.87 7.11 -15.35
C PHE C 612 32.44 7.56 -15.01
N VAL C 613 31.52 7.25 -15.93
CA VAL C 613 30.10 7.37 -15.67
C VAL C 613 29.54 5.97 -15.39
N SER C 614 28.28 5.89 -15.00
CA SER C 614 27.69 4.59 -14.71
C SER C 614 26.20 4.50 -15.04
N ARG C 615 25.76 3.31 -15.42
CA ARG C 615 24.35 3.03 -15.67
C ARG C 615 23.91 1.88 -14.78
N PRO C 616 22.64 1.85 -14.36
CA PRO C 616 22.19 0.71 -13.56
C PRO C 616 22.29 -0.61 -14.33
N HIS C 617 22.79 -1.65 -13.67
CA HIS C 617 23.05 -2.93 -14.31
C HIS C 617 21.77 -3.61 -14.79
N PRO C 618 21.79 -4.14 -16.01
CA PRO C 618 20.62 -4.81 -16.60
C PRO C 618 20.35 -6.19 -16.01
N LYS C 619 21.38 -6.80 -15.43
CA LYS C 619 21.25 -8.12 -14.83
C LYS C 619 21.86 -8.17 -13.43
N PRO C 620 21.22 -7.53 -12.45
CA PRO C 620 21.75 -7.49 -11.08
C PRO C 620 21.76 -8.86 -10.41
N LYS C 621 22.95 -9.46 -10.31
CA LYS C 621 23.10 -10.77 -9.70
C LYS C 621 23.99 -10.69 -8.47
N GLN C 622 23.90 -11.69 -7.59
CA GLN C 622 24.70 -11.72 -6.37
C GLN C 622 25.76 -12.81 -6.42
N PHE C 623 26.66 -12.72 -7.41
CA PHE C 623 27.74 -13.68 -7.54
C PHE C 623 28.76 -13.47 -6.43
N SER C 624 29.23 -14.58 -5.84
CA SER C 624 30.19 -14.53 -4.74
C SER C 624 29.73 -13.58 -3.64
N SER C 625 30.67 -12.84 -3.08
CA SER C 625 30.34 -11.84 -2.07
C SER C 625 30.05 -10.49 -2.72
N PHE C 626 29.80 -10.50 -4.02
CA PHE C 626 29.53 -9.29 -4.78
C PHE C 626 28.07 -9.18 -5.18
N GLU C 627 27.56 -7.95 -5.23
CA GLU C 627 26.22 -7.72 -5.76
C GLU C 627 26.25 -6.62 -6.83
N LYS C 628 25.99 -7.02 -8.07
CA LYS C 628 26.05 -6.09 -9.20
C LYS C 628 25.04 -4.96 -9.06
N ARG C 629 25.54 -3.73 -9.16
CA ARG C 629 24.70 -2.54 -9.03
C ARG C 629 24.65 -1.75 -10.33
N ALA C 630 25.77 -1.72 -11.04
CA ALA C 630 25.88 -0.86 -12.20
C ALA C 630 27.01 -1.27 -13.16
N LYS C 631 26.89 -0.85 -14.41
CA LYS C 631 27.98 -0.91 -15.38
C LYS C 631 28.68 0.45 -15.40
N ILE C 632 29.99 0.44 -15.61
CA ILE C 632 30.75 1.68 -15.65
C ILE C 632 31.39 1.89 -17.02
N PHE C 633 31.40 3.14 -17.47
CA PHE C 633 31.89 3.48 -18.80
C PHE C 633 32.84 4.68 -18.75
N CYS C 634 33.65 4.84 -19.79
CA CYS C 634 34.55 5.99 -19.88
C CYS C 634 33.75 7.29 -19.94
N ALA C 635 34.26 8.33 -19.27
CA ALA C 635 33.52 9.57 -19.12
C ALA C 635 34.01 10.67 -20.06
N ARG C 636 35.27 10.59 -20.47
CA ARG C 636 35.91 11.64 -21.25
C ARG C 636 35.27 11.84 -22.62
N GLN C 637 34.66 13.01 -22.82
CA GLN C 637 34.00 13.39 -24.07
C GLN C 637 33.11 12.30 -24.65
N ASN C 638 32.27 11.71 -23.80
CA ASN C 638 31.29 10.72 -24.22
C ASN C 638 31.90 9.54 -24.95
N CYS C 639 33.00 9.02 -24.41
CA CYS C 639 33.63 7.82 -24.96
C CYS C 639 32.74 6.60 -24.72
N SER C 640 32.26 6.48 -23.48
CA SER C 640 31.28 5.47 -23.10
C SER C 640 31.75 4.03 -23.31
N HIS C 641 33.07 3.82 -23.28
CA HIS C 641 33.61 2.47 -23.46
C HIS C 641 33.48 1.68 -22.16
N ASP C 642 32.98 0.46 -22.26
CA ASP C 642 32.75 -0.40 -21.11
C ASP C 642 34.06 -0.69 -20.37
N TRP C 643 34.12 -0.27 -19.10
CA TRP C 643 35.31 -0.49 -18.29
C TRP C 643 35.12 -1.64 -17.31
N GLY C 644 33.86 -1.95 -17.00
CA GLY C 644 33.55 -3.02 -16.08
C GLY C 644 32.20 -2.81 -15.41
N ILE C 645 32.14 -3.02 -14.10
CA ILE C 645 30.90 -2.85 -13.36
C ILE C 645 31.12 -2.13 -12.05
N HIS C 646 30.03 -1.82 -11.36
CA HIS C 646 30.10 -1.26 -10.01
C HIS C 646 29.28 -2.14 -9.08
N VAL C 647 29.92 -2.64 -8.02
CA VAL C 647 29.29 -3.65 -7.17
C VAL C 647 29.28 -3.29 -5.69
N LYS C 648 28.43 -3.99 -4.96
CA LYS C 648 28.43 -3.96 -3.51
C LYS C 648 29.16 -5.18 -2.99
N TYR C 649 30.35 -4.94 -2.44
CA TYR C 649 31.17 -6.00 -1.86
C TYR C 649 31.22 -5.83 -0.34
N LYS C 650 30.47 -6.68 0.36
CA LYS C 650 30.34 -6.62 1.81
C LYS C 650 29.84 -5.25 2.28
N THR C 651 30.76 -4.41 2.77
CA THR C 651 30.39 -3.10 3.28
C THR C 651 30.66 -2.01 2.26
N PHE C 652 31.53 -2.31 1.30
CA PHE C 652 32.02 -1.31 0.37
C PHE C 652 31.24 -1.26 -0.94
N GLU C 653 31.12 -0.06 -1.51
CA GLU C 653 30.59 0.10 -2.86
C GLU C 653 31.73 0.46 -3.80
N ILE C 654 32.18 -0.52 -4.57
CA ILE C 654 33.43 -0.38 -5.32
C ILE C 654 33.29 -0.73 -6.79
N PRO C 655 34.16 -0.15 -7.64
CA PRO C 655 34.20 -0.55 -9.06
C PRO C 655 35.04 -1.80 -9.28
N VAL C 656 34.64 -2.62 -10.25
CA VAL C 656 35.45 -3.78 -10.66
C VAL C 656 35.67 -3.72 -12.16
N ILE C 657 36.94 -3.67 -12.56
CA ILE C 657 37.28 -3.47 -13.97
C ILE C 657 37.84 -4.73 -14.63
N LYS C 658 37.60 -4.84 -15.93
CA LYS C 658 38.18 -5.93 -16.72
C LYS C 658 39.34 -5.40 -17.56
N ILE C 659 40.45 -6.13 -17.54
CA ILE C 659 41.67 -5.69 -18.20
C ILE C 659 41.50 -5.59 -19.73
N GLU C 660 40.56 -6.37 -20.26
CA GLU C 660 40.31 -6.38 -21.71
C GLU C 660 39.69 -5.08 -22.20
N SER C 661 39.45 -4.16 -21.28
CA SER C 661 38.88 -2.86 -21.60
C SER C 661 39.96 -1.78 -21.63
N PHE C 662 41.19 -2.16 -21.29
CA PHE C 662 42.27 -1.19 -21.18
C PHE C 662 43.55 -1.62 -21.89
N VAL C 663 44.32 -0.61 -22.31
CA VAL C 663 45.66 -0.81 -22.84
C VAL C 663 46.67 -0.55 -21.74
N VAL C 664 47.54 -1.52 -21.50
CA VAL C 664 48.60 -1.35 -20.50
C VAL C 664 49.76 -0.59 -21.10
N GLU C 665 50.31 0.37 -20.36
CA GLU C 665 51.48 1.10 -20.83
C GLU C 665 52.54 1.17 -19.74
N ASP C 666 53.79 0.92 -20.12
CA ASP C 666 54.89 1.02 -19.16
C ASP C 666 55.35 2.47 -19.02
N ILE C 667 55.67 2.88 -17.80
CA ILE C 667 56.10 4.25 -17.54
C ILE C 667 57.44 4.56 -18.20
N ALA C 668 58.43 3.72 -17.91
CA ALA C 668 59.79 3.92 -18.42
C ALA C 668 59.86 3.80 -19.93
N THR C 669 59.63 2.58 -20.43
CA THR C 669 59.82 2.29 -21.86
C THR C 669 58.73 2.89 -22.75
N GLY C 670 57.50 2.89 -22.27
CA GLY C 670 56.38 3.43 -23.02
C GLY C 670 55.67 2.41 -23.88
N VAL C 671 56.03 1.14 -23.70
CA VAL C 671 55.39 0.04 -24.43
C VAL C 671 53.89 0.02 -24.19
N GLN C 672 53.13 -0.42 -25.19
CA GLN C 672 51.70 -0.64 -24.99
C GLN C 672 51.36 -2.09 -25.29
N THR C 673 50.77 -2.75 -24.30
CA THR C 673 50.46 -4.17 -24.39
C THR C 673 48.98 -4.41 -24.07
N LEU C 674 48.42 -5.43 -24.70
CA LEU C 674 47.02 -5.80 -24.49
C LEU C 674 46.90 -7.13 -23.77
N TYR C 675 45.89 -7.24 -22.91
CA TYR C 675 45.59 -8.50 -22.21
C TYR C 675 44.10 -8.75 -22.21
N SER C 676 43.70 -9.94 -22.66
CA SER C 676 42.28 -10.30 -22.69
C SER C 676 41.83 -10.81 -21.33
N LYS C 677 42.77 -11.29 -20.54
CA LYS C 677 42.47 -11.83 -19.21
C LYS C 677 43.47 -11.33 -18.17
N TRP C 678 43.00 -11.15 -16.94
CA TRP C 678 43.83 -10.65 -15.85
C TRP C 678 44.99 -11.58 -15.51
N LYS C 679 44.73 -12.88 -15.57
CA LYS C 679 45.72 -13.88 -15.19
C LYS C 679 46.93 -13.87 -16.13
N ASP C 680 46.75 -13.29 -17.31
CA ASP C 680 47.84 -13.18 -18.28
C ASP C 680 48.65 -11.91 -18.06
N PHE C 681 48.13 -11.04 -17.19
CA PHE C 681 48.80 -9.78 -16.87
C PHE C 681 49.65 -9.95 -15.61
N HIS C 682 50.90 -10.35 -15.80
CA HIS C 682 51.77 -10.67 -14.69
C HIS C 682 52.48 -9.44 -14.11
N PHE C 683 51.73 -8.61 -13.40
CA PHE C 683 52.30 -7.48 -12.69
C PHE C 683 52.23 -7.73 -11.18
N GLU C 684 52.62 -6.76 -10.38
CA GLU C 684 52.56 -6.91 -8.93
C GLU C 684 51.15 -6.64 -8.43
N LYS C 685 50.44 -7.72 -8.09
CA LYS C 685 49.04 -7.62 -7.67
C LYS C 685 48.91 -7.53 -6.16
N ILE C 686 48.49 -6.36 -5.69
CA ILE C 686 48.35 -6.10 -4.25
C ILE C 686 46.97 -6.50 -3.75
N PRO C 687 46.92 -7.42 -2.78
CA PRO C 687 45.67 -7.90 -2.19
C PRO C 687 44.85 -6.78 -1.57
N PHE C 688 43.55 -6.75 -1.86
CA PHE C 688 42.65 -5.76 -1.30
C PHE C 688 42.59 -5.91 0.22
N ASP C 689 42.69 -4.79 0.92
CA ASP C 689 42.69 -4.79 2.38
C ASP C 689 41.74 -3.73 2.92
N PRO C 690 40.72 -4.16 3.67
CA PRO C 690 39.72 -3.26 4.27
C PRO C 690 40.34 -2.19 5.18
N ALA C 691 41.56 -2.43 5.64
CA ALA C 691 42.23 -1.52 6.55
C ALA C 691 42.94 -0.38 5.83
N GLU C 692 42.63 -0.19 4.56
CA GLU C 692 43.19 0.92 3.80
C GLU C 692 42.16 2.02 3.58
N LYS E 12 -27.80 5.39 -20.15
CA LYS E 12 -27.19 4.64 -21.24
C LYS E 12 -27.38 3.14 -21.05
N PRO E 13 -27.49 2.41 -22.17
CA PRO E 13 -27.67 0.95 -22.18
C PRO E 13 -26.53 0.14 -21.56
N ARG E 14 -26.86 -0.72 -20.61
CA ARG E 14 -25.94 -1.76 -20.18
C ARG E 14 -25.91 -2.82 -21.25
N ASN E 15 -24.75 -3.46 -21.43
CA ASN E 15 -24.55 -4.39 -22.54
C ASN E 15 -25.49 -5.60 -22.50
N TYR E 16 -25.86 -6.05 -21.32
CA TYR E 16 -26.73 -7.21 -21.21
C TYR E 16 -28.17 -6.86 -21.62
N GLN E 17 -28.51 -5.58 -21.53
CA GLN E 17 -29.83 -5.12 -21.97
C GLN E 17 -29.89 -5.15 -23.50
N LEU E 18 -28.81 -4.74 -24.14
CA LEU E 18 -28.68 -4.83 -25.59
C LEU E 18 -28.68 -6.30 -26.01
N GLU E 19 -28.05 -7.14 -25.20
CA GLU E 19 -27.98 -8.57 -25.45
C GLU E 19 -29.38 -9.20 -25.39
N LEU E 20 -30.16 -8.77 -24.41
CA LEU E 20 -31.52 -9.26 -24.24
C LEU E 20 -32.46 -8.73 -25.32
N ALA E 21 -32.17 -7.53 -25.82
CA ALA E 21 -33.03 -6.88 -26.80
C ALA E 21 -32.73 -7.31 -28.23
N LEU E 22 -31.51 -7.79 -28.46
CA LEU E 22 -31.04 -8.12 -29.81
C LEU E 22 -31.96 -9.07 -30.62
N PRO E 23 -32.34 -10.23 -30.04
CA PRO E 23 -33.19 -11.13 -30.82
C PRO E 23 -34.52 -10.49 -31.19
N ALA E 24 -35.03 -9.65 -30.30
CA ALA E 24 -36.25 -8.90 -30.55
C ALA E 24 -36.04 -7.87 -31.63
N MET E 25 -34.87 -7.23 -31.61
CA MET E 25 -34.53 -6.23 -32.61
C MET E 25 -34.30 -6.85 -33.98
N LYS E 26 -34.13 -8.18 -34.02
CA LYS E 26 -34.03 -8.87 -35.30
C LYS E 26 -35.40 -9.39 -35.79
N GLY E 27 -36.46 -8.95 -35.12
CA GLY E 27 -37.81 -9.26 -35.56
C GLY E 27 -38.35 -10.59 -35.09
N LYS E 28 -37.57 -11.30 -34.30
CA LYS E 28 -37.96 -12.62 -33.81
C LYS E 28 -38.92 -12.52 -32.62
N ASN E 29 -39.93 -13.37 -32.62
CA ASN E 29 -40.81 -13.50 -31.46
C ASN E 29 -40.02 -14.05 -30.28
N THR E 30 -39.93 -13.26 -29.21
CA THR E 30 -38.95 -13.55 -28.16
C THR E 30 -39.54 -13.50 -26.75
N ILE E 31 -39.22 -14.49 -25.94
CA ILE E 31 -39.48 -14.43 -24.51
C ILE E 31 -38.20 -14.03 -23.78
N ILE E 32 -38.17 -12.81 -23.27
CA ILE E 32 -36.99 -12.30 -22.59
C ILE E 32 -37.05 -12.61 -21.10
N CYS E 33 -36.11 -13.42 -20.64
CA CYS E 33 -36.06 -13.88 -19.26
C CYS E 33 -34.79 -13.39 -18.56
N ALA E 34 -34.96 -12.48 -17.61
CA ALA E 34 -33.83 -11.91 -16.89
C ALA E 34 -34.24 -11.57 -15.45
N PRO E 35 -33.27 -11.55 -14.52
CA PRO E 35 -33.55 -11.27 -13.10
C PRO E 35 -34.36 -10.00 -12.86
N THR E 36 -35.21 -10.02 -11.85
CA THR E 36 -36.05 -8.88 -11.50
C THR E 36 -35.22 -7.68 -11.07
N GLY E 37 -35.43 -6.55 -11.73
CA GLY E 37 -34.76 -5.31 -11.35
C GLY E 37 -33.51 -5.02 -12.15
N CYS E 38 -33.32 -5.74 -13.26
CA CYS E 38 -32.17 -5.51 -14.11
C CYS E 38 -32.46 -4.40 -15.12
N GLY E 39 -33.71 -3.95 -15.14
CA GLY E 39 -34.11 -2.85 -16.00
C GLY E 39 -34.82 -3.28 -17.26
N LYS E 40 -36.06 -3.76 -17.11
CA LYS E 40 -36.84 -4.22 -18.25
C LYS E 40 -37.42 -3.07 -19.07
N THR E 41 -37.74 -1.98 -18.38
CA THR E 41 -38.33 -0.79 -19.01
C THR E 41 -37.47 -0.33 -20.18
N PHE E 42 -36.17 -0.24 -19.92
CA PHE E 42 -35.23 0.27 -20.89
C PHE E 42 -35.07 -0.67 -22.09
N VAL E 43 -35.17 -1.97 -21.83
CA VAL E 43 -35.15 -2.96 -22.90
C VAL E 43 -36.37 -2.77 -23.79
N SER E 44 -37.53 -2.56 -23.14
CA SER E 44 -38.77 -2.28 -23.84
C SER E 44 -38.63 -1.04 -24.72
N LEU E 45 -37.99 -0.01 -24.17
CA LEU E 45 -37.77 1.24 -24.89
C LEU E 45 -36.89 1.03 -26.12
N LEU E 46 -35.82 0.26 -25.95
CA LEU E 46 -34.92 -0.06 -27.06
C LEU E 46 -35.66 -0.79 -28.18
N ILE E 47 -36.35 -1.84 -27.80
CA ILE E 47 -37.09 -2.67 -28.74
C ILE E 47 -38.12 -1.84 -29.50
N CYS E 48 -38.90 -1.05 -28.78
CA CYS E 48 -39.92 -0.19 -29.38
C CYS E 48 -39.32 0.83 -30.33
N GLU E 49 -38.26 1.50 -29.88
CA GLU E 49 -37.57 2.50 -30.67
C GLU E 49 -37.09 1.91 -32.01
N HIS E 50 -36.29 0.86 -31.91
CA HIS E 50 -35.78 0.18 -33.09
C HIS E 50 -36.90 -0.31 -34.01
N HIS E 51 -37.95 -0.85 -33.41
CA HIS E 51 -39.08 -1.37 -34.17
C HIS E 51 -39.78 -0.29 -34.97
N LEU E 52 -40.05 0.84 -34.33
CA LEU E 52 -40.76 1.94 -34.97
C LEU E 52 -39.92 2.61 -36.03
N LYS E 53 -38.60 2.62 -35.83
CA LYS E 53 -37.73 3.32 -36.79
C LYS E 53 -37.28 2.43 -37.96
N LYS E 54 -37.70 1.17 -37.98
CA LYS E 54 -37.25 0.25 -39.01
C LYS E 54 -38.09 0.33 -40.29
N PHE E 55 -39.31 0.85 -40.16
CA PHE E 55 -40.22 0.94 -41.30
C PHE E 55 -39.80 2.01 -42.30
N PRO E 56 -40.10 1.79 -43.59
CA PRO E 56 -39.86 2.80 -44.62
C PRO E 56 -40.85 3.97 -44.51
N GLN E 57 -40.89 4.84 -45.51
CA GLN E 57 -41.75 6.02 -45.45
C GLN E 57 -43.22 5.67 -45.65
N GLY E 58 -43.52 4.90 -46.68
CA GLY E 58 -44.88 4.55 -47.02
C GLY E 58 -45.58 3.68 -46.00
N GLN E 59 -44.84 3.20 -45.01
CA GLN E 59 -45.39 2.36 -43.97
C GLN E 59 -45.10 2.93 -42.58
N LYS E 60 -45.92 2.54 -41.60
CA LYS E 60 -45.71 2.98 -40.22
C LYS E 60 -45.96 1.82 -39.26
N GLY E 61 -45.40 1.91 -38.07
CA GLY E 61 -45.56 0.87 -37.08
C GLY E 61 -46.52 1.24 -35.96
N LYS E 62 -47.04 0.23 -35.28
CA LYS E 62 -47.93 0.45 -34.14
C LYS E 62 -47.66 -0.60 -33.06
N VAL E 63 -47.21 -0.13 -31.91
CA VAL E 63 -46.86 -1.01 -30.80
C VAL E 63 -47.91 -0.99 -29.70
N VAL E 64 -48.20 -2.16 -29.13
CA VAL E 64 -49.08 -2.24 -27.97
C VAL E 64 -48.34 -2.88 -26.79
N PHE E 65 -48.43 -2.24 -25.63
CA PHE E 65 -47.73 -2.71 -24.44
C PHE E 65 -48.72 -3.15 -23.36
N PHE E 66 -48.75 -4.44 -23.07
CA PHE E 66 -49.67 -4.99 -22.07
C PHE E 66 -49.08 -4.98 -20.67
N ALA E 67 -49.73 -4.24 -19.77
CA ALA E 67 -49.44 -4.29 -18.35
C ALA E 67 -50.73 -4.63 -17.61
N ASN E 68 -50.68 -5.60 -16.71
CA ASN E 68 -51.88 -6.09 -16.06
C ASN E 68 -52.14 -5.47 -14.69
N GLN E 69 -51.36 -4.45 -14.35
CA GLN E 69 -51.58 -3.72 -13.11
C GLN E 69 -51.53 -2.22 -13.36
N ILE E 70 -52.48 -1.50 -12.77
CA ILE E 70 -52.62 -0.06 -12.96
C ILE E 70 -51.36 0.75 -12.63
N PRO E 71 -50.67 0.44 -11.51
CA PRO E 71 -49.44 1.19 -11.27
C PRO E 71 -48.38 1.01 -12.37
N VAL E 72 -48.18 -0.22 -12.82
CA VAL E 72 -47.24 -0.51 -13.89
C VAL E 72 -47.72 0.12 -15.19
N TYR E 73 -49.03 0.08 -15.40
CA TYR E 73 -49.67 0.71 -16.56
C TYR E 73 -49.31 2.20 -16.62
N GLU E 74 -49.55 2.89 -15.52
CA GLU E 74 -49.29 4.33 -15.42
C GLU E 74 -47.81 4.64 -15.57
N GLN E 75 -46.97 3.85 -14.91
CA GLN E 75 -45.52 4.05 -14.96
C GLN E 75 -44.99 3.92 -16.38
N GLN E 76 -45.31 2.80 -17.02
CA GLN E 76 -44.85 2.54 -18.39
C GLN E 76 -45.43 3.55 -19.37
N LYS E 77 -46.69 3.92 -19.18
CA LYS E 77 -47.33 4.94 -20.01
C LYS E 77 -46.56 6.25 -19.92
N SER E 78 -46.28 6.67 -18.69
CA SER E 78 -45.52 7.89 -18.42
C SER E 78 -44.15 7.87 -19.07
N VAL E 79 -43.37 6.84 -18.77
CA VAL E 79 -42.01 6.71 -19.29
C VAL E 79 -41.99 6.67 -20.83
N PHE E 80 -42.87 5.88 -21.41
CA PHE E 80 -42.95 5.74 -22.86
C PHE E 80 -43.32 7.06 -23.54
N SER E 81 -44.30 7.77 -22.99
CA SER E 81 -44.72 9.04 -23.57
C SER E 81 -43.62 10.10 -23.41
N LYS E 82 -42.93 10.09 -22.28
CA LYS E 82 -41.85 11.04 -22.04
C LYS E 82 -40.65 10.76 -22.94
N TYR E 83 -40.46 9.49 -23.29
CA TYR E 83 -39.28 9.06 -24.05
C TYR E 83 -39.47 9.24 -25.55
N PHE E 84 -40.66 8.95 -26.05
CA PHE E 84 -40.92 8.95 -27.49
C PHE E 84 -41.60 10.23 -27.97
N GLU E 85 -41.54 11.28 -27.16
CA GLU E 85 -42.10 12.57 -27.55
C GLU E 85 -41.17 13.26 -28.55
N ARG E 86 -39.88 13.22 -28.27
CA ARG E 86 -38.87 13.82 -29.14
C ARG E 86 -38.98 13.25 -30.55
N HIS E 87 -39.29 11.96 -30.63
CA HIS E 87 -39.49 11.29 -31.91
C HIS E 87 -40.93 11.47 -32.37
N GLY E 88 -41.17 11.36 -33.67
CA GLY E 88 -42.51 11.56 -34.21
C GLY E 88 -43.46 10.41 -33.90
N TYR E 89 -43.58 10.07 -32.63
CA TYR E 89 -44.40 8.94 -32.21
C TYR E 89 -45.36 9.33 -31.10
N ARG E 90 -46.66 9.18 -31.36
CA ARG E 90 -47.68 9.51 -30.39
C ARG E 90 -47.95 8.34 -29.45
N VAL E 91 -47.87 8.61 -28.15
CA VAL E 91 -48.11 7.59 -27.14
C VAL E 91 -49.44 7.84 -26.43
N THR E 92 -50.20 6.78 -26.23
CA THR E 92 -51.46 6.87 -25.49
C THR E 92 -51.61 5.67 -24.55
N GLY E 93 -52.60 5.74 -23.67
CA GLY E 93 -52.88 4.66 -22.76
C GLY E 93 -54.36 4.47 -22.54
N ILE E 94 -54.79 3.23 -22.35
CA ILE E 94 -56.21 2.95 -22.09
C ILE E 94 -56.37 1.93 -20.96
N SER E 95 -57.20 2.27 -19.99
CA SER E 95 -57.56 1.33 -18.92
C SER E 95 -59.06 1.44 -18.65
N GLY E 96 -59.52 0.73 -17.63
CA GLY E 96 -60.92 0.74 -17.26
C GLY E 96 -61.40 2.09 -16.78
N ALA E 97 -60.48 2.88 -16.26
CA ALA E 97 -60.80 4.22 -15.74
C ALA E 97 -61.17 5.18 -16.86
N THR E 98 -60.73 4.88 -18.08
CA THR E 98 -60.99 5.74 -19.23
C THR E 98 -61.37 4.92 -20.45
N ALA E 99 -62.36 4.05 -20.31
CA ALA E 99 -62.64 3.07 -21.35
C ALA E 99 -63.96 3.29 -22.07
N GLU E 100 -64.87 4.05 -21.48
CA GLU E 100 -66.21 4.10 -22.04
C GLU E 100 -66.65 5.42 -22.63
N ASN E 101 -67.47 5.29 -23.68
CA ASN E 101 -67.73 6.35 -24.64
C ASN E 101 -66.45 7.03 -25.05
N VAL E 102 -65.53 6.23 -25.58
CA VAL E 102 -64.35 6.71 -26.28
C VAL E 102 -64.13 5.78 -27.46
N PRO E 103 -63.90 6.35 -28.65
CA PRO E 103 -63.66 5.53 -29.83
C PRO E 103 -62.32 4.81 -29.75
N VAL E 104 -62.34 3.57 -29.25
CA VAL E 104 -61.12 2.79 -29.04
C VAL E 104 -60.33 2.63 -30.33
N GLU E 105 -61.03 2.34 -31.43
CA GLU E 105 -60.38 2.14 -32.73
C GLU E 105 -59.66 3.41 -33.20
N GLN E 106 -60.22 4.56 -32.90
CA GLN E 106 -59.60 5.83 -33.27
C GLN E 106 -58.35 6.07 -32.44
N ILE E 107 -58.47 5.87 -31.13
CA ILE E 107 -57.34 6.03 -30.21
C ILE E 107 -56.18 5.12 -30.61
N VAL E 108 -56.49 3.89 -30.97
CA VAL E 108 -55.49 2.94 -31.44
C VAL E 108 -54.88 3.39 -32.75
N GLU E 109 -55.73 3.83 -33.69
CA GLU E 109 -55.26 4.24 -35.00
C GLU E 109 -54.46 5.55 -34.96
N ASN E 110 -54.88 6.47 -34.10
CA ASN E 110 -54.25 7.79 -34.04
C ASN E 110 -53.02 7.82 -33.15
N ASN E 111 -52.56 6.66 -32.71
CA ASN E 111 -51.35 6.57 -31.90
C ASN E 111 -50.44 5.45 -32.35
N ASP E 112 -49.13 5.64 -32.14
CA ASP E 112 -48.14 4.68 -32.59
C ASP E 112 -47.76 3.72 -31.46
N ILE E 113 -47.93 4.18 -30.22
CA ILE E 113 -47.68 3.35 -29.05
C ILE E 113 -48.88 3.40 -28.11
N ILE E 114 -49.40 2.22 -27.75
CA ILE E 114 -50.59 2.14 -26.90
C ILE E 114 -50.33 1.25 -25.69
N ILE E 115 -50.25 1.88 -24.52
CA ILE E 115 -50.13 1.12 -23.27
C ILE E 115 -51.53 0.70 -22.84
N LEU E 116 -51.71 -0.58 -22.60
CA LEU E 116 -53.04 -1.17 -22.54
C LEU E 116 -53.18 -2.24 -21.46
N THR E 117 -54.28 -2.16 -20.71
CA THR E 117 -54.71 -3.28 -19.87
C THR E 117 -55.33 -4.33 -20.79
N PRO E 118 -54.83 -5.58 -20.72
CA PRO E 118 -55.21 -6.62 -21.68
C PRO E 118 -56.72 -6.87 -21.77
N GLN E 119 -57.43 -6.63 -20.68
CA GLN E 119 -58.87 -6.84 -20.64
C GLN E 119 -59.59 -5.92 -21.62
N ILE E 120 -59.07 -4.70 -21.79
CA ILE E 120 -59.62 -3.77 -22.77
C ILE E 120 -59.56 -4.36 -24.17
N LEU E 121 -58.38 -4.87 -24.53
CA LEU E 121 -58.19 -5.45 -25.86
C LEU E 121 -59.05 -6.70 -26.03
N VAL E 122 -59.18 -7.49 -24.96
CA VAL E 122 -60.03 -8.68 -25.01
C VAL E 122 -61.49 -8.30 -25.31
N ASN E 123 -62.00 -7.33 -24.54
CA ASN E 123 -63.37 -6.87 -24.70
C ASN E 123 -63.63 -6.24 -26.08
N ASN E 124 -62.65 -5.49 -26.58
CA ASN E 124 -62.79 -4.85 -27.88
C ASN E 124 -62.63 -5.82 -29.03
N LEU E 125 -61.87 -6.89 -28.81
CA LEU E 125 -61.73 -7.96 -29.80
C LEU E 125 -63.04 -8.73 -29.89
N LYS E 126 -63.61 -9.03 -28.72
CA LYS E 126 -64.87 -9.77 -28.66
C LYS E 126 -66.02 -8.95 -29.25
N LYS E 127 -66.11 -7.69 -28.86
CA LYS E 127 -67.20 -6.82 -29.31
C LYS E 127 -67.01 -6.39 -30.77
N GLY E 128 -65.79 -6.56 -31.27
CA GLY E 128 -65.53 -6.35 -32.69
C GLY E 128 -65.02 -4.97 -33.07
N THR E 129 -64.92 -4.06 -32.11
CA THR E 129 -64.43 -2.71 -32.38
C THR E 129 -62.99 -2.76 -32.93
N ILE E 130 -62.23 -3.74 -32.46
CA ILE E 130 -60.93 -4.05 -33.06
C ILE E 130 -61.03 -5.40 -33.74
N PRO E 131 -61.16 -5.40 -35.07
CA PRO E 131 -61.45 -6.61 -35.85
C PRO E 131 -60.30 -7.61 -35.93
N SER E 132 -59.07 -7.14 -35.82
CA SER E 132 -57.91 -8.02 -35.92
C SER E 132 -56.67 -7.44 -35.27
N LEU E 133 -55.78 -8.32 -34.82
CA LEU E 133 -54.52 -7.91 -34.20
C LEU E 133 -53.51 -7.47 -35.26
N SER E 134 -53.92 -7.53 -36.52
CA SER E 134 -53.06 -7.09 -37.62
C SER E 134 -52.83 -5.59 -37.58
N ILE E 135 -53.67 -4.88 -36.82
CA ILE E 135 -53.52 -3.45 -36.65
C ILE E 135 -52.21 -3.13 -35.93
N PHE E 136 -51.78 -4.05 -35.07
CA PHE E 136 -50.51 -3.90 -34.37
C PHE E 136 -49.40 -4.61 -35.15
N THR E 137 -48.17 -4.12 -34.98
CA THR E 137 -47.01 -4.76 -35.60
C THR E 137 -46.07 -5.29 -34.52
N LEU E 138 -46.39 -4.97 -33.27
CA LEU E 138 -45.57 -5.41 -32.14
C LEU E 138 -46.37 -5.42 -30.83
N MET E 139 -46.51 -6.59 -30.24
CA MET E 139 -47.17 -6.73 -28.95
C MET E 139 -46.16 -7.11 -27.87
N ILE E 140 -46.14 -6.36 -26.78
CA ILE E 140 -45.20 -6.62 -25.69
C ILE E 140 -45.93 -6.95 -24.39
N PHE E 141 -45.92 -8.23 -24.02
CA PHE E 141 -46.55 -8.70 -22.80
C PHE E 141 -45.62 -8.55 -21.59
N ASP E 142 -45.97 -7.66 -20.66
CA ASP E 142 -45.26 -7.58 -19.39
C ASP E 142 -45.69 -8.75 -18.51
N GLU E 143 -44.73 -9.41 -17.88
CA GLU E 143 -44.97 -10.63 -17.10
C GLU E 143 -45.65 -11.68 -17.97
N CYS E 144 -44.97 -12.10 -19.03
CA CYS E 144 -45.54 -12.97 -20.05
C CYS E 144 -45.86 -14.38 -19.55
N HIS E 145 -45.34 -14.73 -18.37
CA HIS E 145 -45.58 -16.05 -17.80
C HIS E 145 -47.06 -16.24 -17.46
N ASN E 146 -47.80 -15.14 -17.42
CA ASN E 146 -49.23 -15.20 -17.16
C ASN E 146 -50.02 -15.65 -18.39
N THR E 147 -49.34 -15.72 -19.54
CA THR E 147 -49.98 -16.16 -20.77
C THR E 147 -50.28 -17.65 -20.69
N SER E 148 -51.33 -18.00 -19.95
CA SER E 148 -51.75 -19.38 -19.77
C SER E 148 -53.18 -19.43 -19.25
N LYS E 149 -53.83 -20.58 -19.45
CA LYS E 149 -55.20 -20.80 -19.00
C LYS E 149 -56.16 -19.72 -19.53
N GLN E 150 -57.00 -19.18 -18.66
CA GLN E 150 -58.02 -18.23 -19.09
C GLN E 150 -57.63 -16.79 -18.78
N HIS E 151 -56.33 -16.55 -18.59
CA HIS E 151 -55.81 -15.21 -18.40
C HIS E 151 -56.03 -14.39 -19.67
N PRO E 152 -56.32 -13.09 -19.52
CA PRO E 152 -56.53 -12.19 -20.67
C PRO E 152 -55.42 -12.27 -21.72
N TYR E 153 -54.18 -12.39 -21.26
CA TYR E 153 -53.06 -12.61 -22.17
C TYR E 153 -53.31 -13.79 -23.07
N ASN E 154 -53.72 -14.90 -22.46
CA ASN E 154 -53.96 -16.13 -23.19
C ASN E 154 -55.17 -16.02 -24.11
N MET E 155 -56.12 -15.16 -23.77
CA MET E 155 -57.26 -14.91 -24.65
C MET E 155 -56.80 -14.17 -25.90
N ILE E 156 -56.01 -13.13 -25.69
CA ILE E 156 -55.43 -12.36 -26.78
C ILE E 156 -54.62 -13.27 -27.70
N MET E 157 -53.82 -14.14 -27.11
CA MET E 157 -53.01 -15.07 -27.87
C MET E 157 -53.85 -16.18 -28.50
N PHE E 158 -55.04 -16.42 -27.96
CA PHE E 158 -55.98 -17.35 -28.57
C PHE E 158 -56.49 -16.75 -29.86
N ASN E 159 -56.80 -15.45 -29.81
CA ASN E 159 -57.18 -14.73 -31.02
C ASN E 159 -56.04 -14.77 -32.05
N TYR E 160 -54.84 -14.44 -31.58
CA TYR E 160 -53.63 -14.46 -32.40
C TYR E 160 -53.45 -15.79 -33.11
N LEU E 161 -53.43 -16.87 -32.34
CA LEU E 161 -53.17 -18.20 -32.88
C LEU E 161 -54.32 -18.72 -33.73
N ASP E 162 -55.55 -18.28 -33.41
CA ASP E 162 -56.70 -18.63 -34.23
C ASP E 162 -56.55 -17.99 -35.60
N GLN E 163 -56.01 -16.78 -35.64
CA GLN E 163 -55.74 -16.13 -36.92
C GLN E 163 -54.57 -16.79 -37.64
N LYS E 164 -53.58 -17.23 -36.87
CA LYS E 164 -52.38 -17.84 -37.43
C LYS E 164 -52.66 -19.18 -38.10
N LEU E 165 -53.46 -20.01 -37.42
CA LEU E 165 -53.71 -21.36 -37.90
C LEU E 165 -54.95 -21.43 -38.80
N GLY E 166 -55.72 -20.34 -38.83
CA GLY E 166 -56.92 -20.28 -39.64
C GLY E 166 -56.64 -19.91 -41.08
N GLY E 167 -57.42 -18.97 -41.62
CA GLY E 167 -57.28 -18.52 -42.98
C GLY E 167 -55.90 -17.92 -43.22
N SER E 168 -55.39 -17.23 -42.20
CA SER E 168 -53.99 -16.82 -42.11
C SER E 168 -53.56 -15.81 -43.16
N SER E 169 -54.52 -15.19 -43.84
CA SER E 169 -54.17 -14.31 -44.96
C SER E 169 -53.82 -12.90 -44.48
N GLY E 170 -54.17 -12.56 -43.25
CA GLY E 170 -53.75 -11.29 -42.67
C GLY E 170 -52.44 -11.44 -41.90
N PRO E 171 -51.59 -10.40 -41.90
CA PRO E 171 -50.31 -10.47 -41.19
C PRO E 171 -50.46 -10.33 -39.68
N LEU E 172 -49.54 -10.94 -38.93
CA LEU E 172 -49.57 -10.90 -37.47
C LEU E 172 -48.42 -10.07 -36.92
N PRO E 173 -48.62 -9.47 -35.74
CA PRO E 173 -47.56 -8.65 -35.13
C PRO E 173 -46.47 -9.50 -34.48
N GLN E 174 -45.27 -8.92 -34.37
CA GLN E 174 -44.19 -9.55 -33.62
C GLN E 174 -44.60 -9.65 -32.15
N VAL E 175 -44.15 -10.69 -31.46
CA VAL E 175 -44.52 -10.88 -30.06
C VAL E 175 -43.31 -10.92 -29.14
N ILE E 176 -43.29 -10.03 -28.17
CA ILE E 176 -42.25 -9.99 -27.16
C ILE E 176 -42.87 -10.22 -25.78
N GLY E 177 -42.21 -11.04 -24.96
CA GLY E 177 -42.64 -11.26 -23.60
C GLY E 177 -41.54 -10.86 -22.64
N LEU E 178 -41.92 -10.36 -21.48
CA LEU E 178 -40.95 -9.97 -20.46
C LEU E 178 -41.22 -10.75 -19.18
N THR E 179 -40.22 -11.42 -18.64
CA THR E 179 -40.41 -12.16 -17.40
C THR E 179 -39.11 -12.50 -16.68
N ALA E 180 -39.20 -12.70 -15.37
CA ALA E 180 -38.04 -13.10 -14.59
C ALA E 180 -38.02 -14.60 -14.37
N SER E 181 -39.10 -15.26 -14.75
CA SER E 181 -39.25 -16.71 -14.59
C SER E 181 -40.41 -17.24 -15.42
N VAL E 182 -40.11 -18.16 -16.32
CA VAL E 182 -41.14 -18.76 -17.17
C VAL E 182 -41.91 -19.86 -16.43
N GLY E 183 -41.33 -20.33 -15.32
CA GLY E 183 -41.94 -21.39 -14.54
C GLY E 183 -41.70 -22.76 -15.14
N VAL E 184 -42.12 -23.80 -14.43
CA VAL E 184 -41.96 -25.17 -14.91
C VAL E 184 -43.21 -26.02 -14.67
N GLY E 185 -44.24 -25.41 -14.10
CA GLY E 185 -45.45 -26.12 -13.77
C GLY E 185 -45.22 -27.15 -12.68
N ASP E 186 -45.88 -28.30 -12.78
CA ASP E 186 -45.69 -29.37 -11.81
C ASP E 186 -44.67 -30.39 -12.30
N ALA E 187 -43.64 -29.89 -12.98
CA ALA E 187 -42.60 -30.75 -13.53
C ALA E 187 -41.70 -31.31 -12.44
N LYS E 188 -41.36 -32.59 -12.55
CA LYS E 188 -40.51 -33.25 -11.57
C LYS E 188 -39.18 -33.68 -12.17
N ASN E 189 -38.93 -33.25 -13.41
CA ASN E 189 -37.66 -33.51 -14.08
C ASN E 189 -37.46 -32.55 -15.26
N THR E 190 -36.25 -32.55 -15.82
CA THR E 190 -35.87 -31.58 -16.83
C THR E 190 -36.68 -31.64 -18.13
N ASP E 191 -37.15 -32.84 -18.48
CA ASP E 191 -37.89 -33.00 -19.73
C ASP E 191 -39.32 -32.50 -19.61
N GLU E 192 -39.93 -32.71 -18.44
CA GLU E 192 -41.27 -32.18 -18.18
C GLU E 192 -41.22 -30.66 -18.15
N ALA E 193 -40.18 -30.13 -17.52
CA ALA E 193 -39.94 -28.69 -17.47
C ALA E 193 -39.75 -28.14 -18.87
N LEU E 194 -38.99 -28.86 -19.68
CA LEU E 194 -38.74 -28.49 -21.06
C LEU E 194 -40.05 -28.45 -21.85
N ASP E 195 -40.90 -29.44 -21.62
CA ASP E 195 -42.21 -29.51 -22.26
C ASP E 195 -43.06 -28.30 -21.89
N TYR E 196 -43.10 -27.99 -20.60
CA TYR E 196 -43.85 -26.84 -20.10
C TYR E 196 -43.37 -25.55 -20.76
N ILE E 197 -42.05 -25.35 -20.76
CA ILE E 197 -41.45 -24.16 -21.33
C ILE E 197 -41.74 -24.05 -22.82
N CYS E 198 -41.70 -25.18 -23.52
CA CYS E 198 -42.02 -25.21 -24.94
C CYS E 198 -43.48 -24.85 -25.19
N LYS E 199 -44.36 -25.29 -24.30
CA LYS E 199 -45.78 -24.98 -24.42
C LYS E 199 -46.05 -23.50 -24.14
N LEU E 200 -45.26 -22.93 -23.23
CA LEU E 200 -45.36 -21.49 -22.97
C LEU E 200 -44.88 -20.70 -24.17
N CYS E 201 -43.77 -21.13 -24.76
CA CYS E 201 -43.27 -20.51 -25.98
C CYS E 201 -44.30 -20.61 -27.10
N ALA E 202 -45.03 -21.72 -27.12
CA ALA E 202 -46.08 -21.94 -28.11
C ALA E 202 -47.25 -20.99 -27.88
N SER E 203 -47.60 -20.77 -26.62
CA SER E 203 -48.70 -19.88 -26.27
C SER E 203 -48.43 -18.44 -26.71
N LEU E 204 -47.15 -18.07 -26.73
CA LEU E 204 -46.75 -16.72 -27.11
C LEU E 204 -46.21 -16.67 -28.53
N ASP E 205 -46.23 -17.82 -29.22
CA ASP E 205 -45.69 -17.96 -30.57
C ASP E 205 -44.23 -17.53 -30.60
N ALA E 206 -43.51 -17.83 -29.52
CA ALA E 206 -42.11 -17.43 -29.41
C ALA E 206 -41.17 -18.50 -29.95
N SER E 207 -40.15 -18.07 -30.68
CA SER E 207 -39.17 -18.98 -31.26
C SER E 207 -37.81 -18.84 -30.58
N VAL E 208 -37.67 -17.84 -29.72
CA VAL E 208 -36.42 -17.56 -29.04
C VAL E 208 -36.63 -17.21 -27.58
N ILE E 209 -35.85 -17.81 -26.69
CA ILE E 209 -35.79 -17.36 -25.29
C ILE E 209 -34.48 -16.63 -25.04
N ALA E 210 -34.58 -15.34 -24.74
CA ALA E 210 -33.39 -14.51 -24.55
C ALA E 210 -32.98 -14.44 -23.08
N THR E 211 -31.72 -14.80 -22.82
CA THR E 211 -31.14 -14.71 -21.49
C THR E 211 -29.74 -14.11 -21.57
N VAL E 212 -29.27 -13.55 -20.46
CA VAL E 212 -27.93 -12.98 -20.41
C VAL E 212 -26.88 -14.10 -20.34
N LYS E 213 -25.90 -14.05 -21.24
CA LYS E 213 -24.86 -15.07 -21.29
C LYS E 213 -23.46 -14.48 -21.38
N HIS E 214 -23.30 -13.47 -22.22
CA HIS E 214 -21.99 -12.89 -22.48
C HIS E 214 -21.66 -11.74 -21.53
N ASN E 215 -22.66 -11.30 -20.76
CA ASN E 215 -22.47 -10.20 -19.83
C ASN E 215 -22.94 -10.55 -18.42
N LEU E 216 -22.65 -11.78 -17.99
CA LEU E 216 -23.09 -12.24 -16.67
C LEU E 216 -22.42 -11.46 -15.54
N GLU E 217 -21.17 -11.04 -15.75
CA GLU E 217 -20.47 -10.24 -14.75
C GLU E 217 -21.18 -8.92 -14.53
N GLU E 218 -21.44 -8.22 -15.64
CA GLU E 218 -22.13 -6.94 -15.63
C GLU E 218 -23.49 -7.04 -14.96
N LEU E 219 -24.25 -8.07 -15.29
CA LEU E 219 -25.56 -8.29 -14.70
C LEU E 219 -25.45 -8.59 -13.20
N GLU E 220 -24.42 -9.34 -12.82
CA GLU E 220 -24.27 -9.79 -11.44
C GLU E 220 -23.62 -8.77 -10.52
N GLN E 221 -23.13 -7.66 -11.09
CA GLN E 221 -22.71 -6.52 -10.26
C GLN E 221 -23.78 -5.43 -10.26
N VAL E 222 -24.99 -5.79 -10.71
CA VAL E 222 -26.15 -4.91 -10.60
C VAL E 222 -27.21 -5.57 -9.72
N VAL E 223 -27.50 -6.84 -10.04
CA VAL E 223 -28.48 -7.61 -9.29
C VAL E 223 -27.81 -8.74 -8.51
N TYR E 224 -27.95 -8.71 -7.18
CA TYR E 224 -27.35 -9.73 -6.34
C TYR E 224 -28.41 -10.66 -5.76
N LYS E 225 -28.08 -11.95 -5.69
CA LYS E 225 -28.97 -12.94 -5.10
C LYS E 225 -28.84 -12.94 -3.59
N PRO E 226 -29.92 -12.57 -2.88
CA PRO E 226 -29.88 -12.52 -1.42
C PRO E 226 -29.69 -13.89 -0.80
N GLN E 227 -29.01 -13.95 0.34
CA GLN E 227 -28.79 -15.21 1.03
C GLN E 227 -30.05 -15.65 1.76
N LYS E 228 -30.51 -16.87 1.47
CA LYS E 228 -31.74 -17.38 2.06
C LYS E 228 -31.45 -18.31 3.24
N PHE E 229 -32.26 -18.17 4.29
CA PHE E 229 -32.14 -18.97 5.49
C PHE E 229 -33.47 -19.65 5.80
N PHE E 230 -33.39 -20.84 6.38
CA PHE E 230 -34.59 -21.57 6.78
C PHE E 230 -34.66 -21.66 8.30
N ARG E 231 -35.84 -21.35 8.84
CA ARG E 231 -36.06 -21.30 10.28
C ARG E 231 -37.24 -22.19 10.67
N LYS E 232 -36.93 -23.40 11.11
CA LYS E 232 -37.92 -24.34 11.60
C LYS E 232 -38.03 -24.25 13.12
N VAL E 233 -39.12 -23.63 13.58
CA VAL E 233 -39.43 -23.59 15.00
C VAL E 233 -40.56 -24.57 15.27
N GLU E 234 -41.01 -24.64 16.53
CA GLU E 234 -42.08 -25.56 16.87
C GLU E 234 -43.33 -24.82 17.33
N SER E 235 -44.46 -25.53 17.37
CA SER E 235 -45.73 -24.94 17.77
C SER E 235 -45.72 -24.65 19.27
N ARG E 236 -46.75 -23.96 19.74
CA ARG E 236 -46.88 -23.73 21.17
C ARG E 236 -47.37 -25.00 21.84
N ILE E 237 -46.58 -25.49 22.79
CA ILE E 237 -46.84 -26.79 23.42
C ILE E 237 -48.14 -26.78 24.21
N SER E 238 -48.46 -25.64 24.81
CA SER E 238 -49.68 -25.53 25.60
C SER E 238 -50.61 -24.49 24.99
N ASP E 239 -51.89 -24.83 24.89
CA ASP E 239 -52.89 -23.93 24.32
C ASP E 239 -54.20 -24.03 25.07
N LYS E 240 -54.24 -23.49 26.28
CA LYS E 240 -55.46 -23.46 27.08
C LYS E 240 -56.53 -22.61 26.39
N PHE E 241 -56.08 -21.59 25.66
CA PHE E 241 -56.94 -20.76 24.84
C PHE E 241 -57.77 -21.64 23.90
N LYS E 242 -57.07 -22.53 23.19
CA LYS E 242 -57.71 -23.47 22.28
C LYS E 242 -58.64 -24.42 23.05
N TYR E 243 -58.26 -24.74 24.29
CA TYR E 243 -59.07 -25.64 25.11
C TYR E 243 -60.41 -25.01 25.48
N ILE E 244 -60.41 -23.70 25.69
CA ILE E 244 -61.64 -22.97 25.99
C ILE E 244 -62.49 -22.78 24.73
N ILE E 245 -61.86 -22.24 23.70
CA ILE E 245 -62.53 -21.97 22.44
C ILE E 245 -63.15 -23.23 21.84
N ALA E 246 -62.45 -24.36 21.96
CA ALA E 246 -62.97 -25.64 21.48
C ALA E 246 -64.30 -25.97 22.14
N GLN E 247 -64.35 -25.84 23.47
CA GLN E 247 -65.59 -26.09 24.16
C GLN E 247 -66.66 -25.14 23.64
N LEU E 248 -66.31 -23.87 23.46
CA LEU E 248 -67.25 -22.91 22.89
C LEU E 248 -67.84 -23.38 21.55
N MET E 249 -66.95 -23.84 20.67
CA MET E 249 -67.32 -24.29 19.34
C MET E 249 -68.25 -25.49 19.40
N ARG E 250 -67.92 -26.46 20.24
CA ARG E 250 -68.79 -27.63 20.35
C ARG E 250 -70.08 -27.37 21.08
N ASP E 251 -70.12 -26.32 21.89
CA ASP E 251 -71.38 -25.85 22.42
C ASP E 251 -72.21 -25.34 21.25
N THR E 252 -71.56 -24.59 20.37
CA THR E 252 -72.23 -24.02 19.21
C THR E 252 -72.81 -25.10 18.28
N GLU E 253 -71.99 -26.08 17.91
CA GLU E 253 -72.44 -27.14 17.02
C GLU E 253 -73.36 -28.12 17.74
N SER E 254 -73.33 -28.09 19.08
CA SER E 254 -74.29 -28.88 19.84
C SER E 254 -75.66 -28.24 19.78
N LEU E 255 -75.69 -26.91 19.83
CA LEU E 255 -76.94 -26.18 19.66
C LEU E 255 -77.46 -26.37 18.25
N ALA E 256 -76.55 -26.31 17.28
CA ALA E 256 -76.89 -26.54 15.88
C ALA E 256 -77.40 -27.95 15.67
N LYS E 257 -76.89 -28.89 16.46
CA LYS E 257 -77.33 -30.28 16.38
C LYS E 257 -78.67 -30.46 17.07
N ARG E 258 -78.95 -29.59 18.05
CA ARG E 258 -80.20 -29.64 18.80
C ARG E 258 -81.35 -29.12 17.95
N ILE E 259 -81.13 -27.99 17.29
CA ILE E 259 -82.16 -27.39 16.44
C ILE E 259 -82.47 -28.30 15.25
N CYS E 260 -81.43 -28.87 14.66
CA CYS E 260 -81.59 -29.75 13.50
C CYS E 260 -80.77 -31.02 13.64
N LYS E 261 -81.45 -32.16 13.64
CA LYS E 261 -80.79 -33.46 13.75
C LYS E 261 -80.42 -34.01 12.37
N ASP E 262 -79.36 -33.45 11.80
CA ASP E 262 -78.89 -33.83 10.47
C ASP E 262 -79.98 -33.73 9.41
N ARG E 272 -62.02 -34.40 12.42
CA ARG E 272 -62.10 -32.96 12.22
C ARG E 272 -61.61 -32.24 13.46
N GLU E 273 -60.42 -31.66 13.37
CA GLU E 273 -59.81 -31.00 14.52
C GLU E 273 -60.01 -29.50 14.41
N PHE E 274 -60.23 -28.84 15.54
CA PHE E 274 -60.47 -27.41 15.53
C PHE E 274 -59.20 -26.63 15.23
N GLY E 275 -59.38 -25.49 14.59
CA GLY E 275 -58.26 -24.62 14.24
C GLY E 275 -57.51 -25.12 13.03
N THR E 276 -58.21 -25.81 12.13
CA THR E 276 -57.60 -26.29 10.90
C THR E 276 -58.42 -25.89 9.68
N GLN E 277 -57.83 -26.02 8.49
CA GLN E 277 -58.53 -25.69 7.26
C GLN E 277 -59.56 -26.78 6.93
N LYS E 278 -59.35 -27.98 7.47
CA LYS E 278 -60.27 -29.08 7.26
C LYS E 278 -61.62 -28.78 7.91
N TYR E 279 -61.58 -28.21 9.11
CA TYR E 279 -62.79 -27.87 9.84
C TYR E 279 -63.52 -26.73 9.15
N GLU E 280 -62.77 -25.85 8.49
CA GLU E 280 -63.36 -24.75 7.74
C GLU E 280 -64.06 -25.27 6.49
N GLN E 281 -63.35 -26.11 5.75
CA GLN E 281 -63.89 -26.74 4.55
C GLN E 281 -65.11 -27.59 4.90
N TRP E 282 -65.14 -28.07 6.14
CA TRP E 282 -66.28 -28.83 6.64
C TRP E 282 -67.47 -27.92 6.96
N ILE E 283 -67.22 -26.86 7.72
CA ILE E 283 -68.28 -25.98 8.18
C ILE E 283 -68.89 -25.18 7.03
N VAL E 284 -68.10 -24.96 5.98
CA VAL E 284 -68.62 -24.31 4.78
C VAL E 284 -69.62 -25.25 4.09
N THR E 285 -69.27 -26.53 4.06
CA THR E 285 -70.15 -27.54 3.48
C THR E 285 -71.42 -27.70 4.31
N VAL E 286 -71.27 -27.64 5.64
CA VAL E 286 -72.40 -27.75 6.55
C VAL E 286 -73.35 -26.57 6.36
N GLN E 287 -72.78 -25.37 6.28
CA GLN E 287 -73.59 -24.17 6.05
C GLN E 287 -74.27 -24.23 4.70
N LYS E 288 -73.57 -24.81 3.71
CA LYS E 288 -74.12 -24.96 2.37
C LYS E 288 -75.24 -26.00 2.34
N ALA E 289 -75.21 -26.93 3.29
CA ALA E 289 -76.19 -28.01 3.35
C ALA E 289 -77.37 -27.65 4.25
N CYS E 290 -77.19 -26.66 5.10
CA CYS E 290 -78.26 -26.19 5.98
C CYS E 290 -79.15 -25.19 5.25
N MET E 291 -78.57 -24.54 4.24
CA MET E 291 -79.31 -23.57 3.44
C MET E 291 -80.38 -24.27 2.60
N VAL E 292 -80.13 -25.53 2.24
CA VAL E 292 -81.07 -26.28 1.42
C VAL E 292 -82.02 -27.11 2.26
N PHE E 293 -81.87 -27.05 3.58
CA PHE E 293 -82.78 -27.74 4.49
C PHE E 293 -84.18 -27.14 4.39
N GLN E 294 -85.15 -27.97 4.02
CA GLN E 294 -86.50 -27.48 3.73
C GLN E 294 -87.55 -28.14 4.64
N MET E 295 -88.61 -27.40 4.93
CA MET E 295 -89.73 -27.88 5.73
C MET E 295 -91.05 -27.37 5.17
N PRO E 296 -92.16 -28.08 5.46
CA PRO E 296 -93.47 -27.61 4.99
C PRO E 296 -93.85 -26.25 5.56
N ASP E 297 -93.62 -26.05 6.85
CA ASP E 297 -93.84 -24.76 7.49
C ASP E 297 -92.68 -23.85 7.17
N LYS E 298 -92.95 -22.80 6.41
CA LYS E 298 -91.90 -21.92 5.93
C LYS E 298 -91.34 -21.06 7.05
N ASP E 299 -92.11 -20.83 8.10
CA ASP E 299 -91.63 -19.92 9.13
C ASP E 299 -90.57 -20.67 9.91
N GLU E 300 -90.89 -21.89 10.29
CA GLU E 300 -90.00 -22.76 11.05
C GLU E 300 -88.73 -23.10 10.27
N GLU E 301 -88.89 -23.24 8.95
CA GLU E 301 -87.77 -23.42 8.06
C GLU E 301 -86.87 -22.20 8.08
N SER E 302 -87.49 -21.01 8.08
CA SER E 302 -86.73 -19.77 8.12
C SER E 302 -85.96 -19.61 9.43
N ARG E 303 -86.64 -19.87 10.54
CA ARG E 303 -86.04 -19.76 11.86
C ARG E 303 -84.87 -20.71 12.00
N ILE E 304 -85.11 -21.98 11.65
CA ILE E 304 -84.08 -23.01 11.76
C ILE E 304 -82.89 -22.73 10.83
N CYS E 305 -83.17 -22.32 9.60
CA CYS E 305 -82.12 -22.03 8.63
C CYS E 305 -81.26 -20.83 9.06
N LYS E 306 -81.92 -19.78 9.55
CA LYS E 306 -81.20 -18.61 10.02
C LYS E 306 -80.35 -18.95 11.26
N ALA E 307 -80.93 -19.77 12.13
CA ALA E 307 -80.22 -20.21 13.33
C ALA E 307 -78.98 -21.00 12.97
N LEU E 308 -79.14 -21.98 12.08
CA LEU E 308 -78.01 -22.80 11.62
C LEU E 308 -76.96 -21.95 10.91
N PHE E 309 -77.43 -20.93 10.19
CA PHE E 309 -76.54 -20.01 9.50
C PHE E 309 -75.66 -19.27 10.50
N LEU E 310 -76.29 -18.71 11.53
CA LEU E 310 -75.57 -17.99 12.57
C LEU E 310 -74.61 -18.92 13.31
N TYR E 311 -75.05 -20.14 13.56
CA TYR E 311 -74.22 -21.15 14.22
C TYR E 311 -72.96 -21.45 13.42
N THR E 312 -73.14 -21.77 12.14
CA THR E 312 -72.02 -22.09 11.26
C THR E 312 -71.08 -20.89 11.09
N SER E 313 -71.64 -19.69 11.04
CA SER E 313 -70.85 -18.48 10.93
C SER E 313 -69.98 -18.28 12.17
N HIS E 314 -70.60 -18.42 13.34
CA HIS E 314 -69.87 -18.30 14.60
C HIS E 314 -68.77 -19.36 14.71
N LEU E 315 -69.09 -20.58 14.32
CA LEU E 315 -68.12 -21.67 14.30
C LEU E 315 -66.93 -21.33 13.41
N ARG E 316 -67.23 -20.83 12.21
CA ARG E 316 -66.21 -20.39 11.27
C ARG E 316 -65.32 -19.33 11.90
N LYS E 317 -65.93 -18.37 12.58
CA LYS E 317 -65.18 -17.29 13.22
C LYS E 317 -64.29 -17.79 14.36
N TYR E 318 -64.78 -18.77 15.11
CA TYR E 318 -64.01 -19.38 16.18
C TYR E 318 -62.80 -20.11 15.61
N ASN E 319 -63.01 -20.82 14.50
CA ASN E 319 -61.93 -21.51 13.82
C ASN E 319 -60.87 -20.52 13.33
N ASP E 320 -61.33 -19.45 12.69
CA ASP E 320 -60.46 -18.37 12.25
C ASP E 320 -59.64 -17.84 13.42
N ALA E 321 -60.30 -17.65 14.55
CA ALA E 321 -59.67 -17.17 15.76
C ALA E 321 -58.56 -18.12 16.22
N LEU E 322 -58.84 -19.41 16.20
CA LEU E 322 -57.84 -20.41 16.57
C LEU E 322 -56.63 -20.33 15.65
N ILE E 323 -56.88 -20.21 14.36
CA ILE E 323 -55.80 -20.10 13.37
C ILE E 323 -54.93 -18.87 13.62
N ILE E 324 -55.58 -17.72 13.81
CA ILE E 324 -54.88 -16.48 14.14
C ILE E 324 -54.05 -16.64 15.41
N SER E 325 -54.62 -17.34 16.38
CA SER E 325 -53.95 -17.58 17.66
C SER E 325 -52.70 -18.42 17.49
N GLU E 326 -52.77 -19.41 16.60
CA GLU E 326 -51.61 -20.26 16.37
C GLU E 326 -50.56 -19.53 15.54
N HIS E 327 -50.99 -18.59 14.71
CA HIS E 327 -50.05 -17.87 13.85
C HIS E 327 -49.54 -16.57 14.49
N ALA E 328 -50.14 -16.17 15.60
CA ALA E 328 -49.75 -14.94 16.28
C ALA E 328 -50.06 -14.97 17.77
N ARG E 329 -50.48 -13.83 18.30
CA ARG E 329 -50.82 -13.72 19.72
C ARG E 329 -52.23 -14.22 19.99
N MET E 330 -52.50 -14.57 21.25
CA MET E 330 -53.85 -14.91 21.67
C MET E 330 -54.71 -13.66 21.71
N LYS E 331 -54.07 -12.53 21.98
CA LYS E 331 -54.76 -11.24 22.03
C LYS E 331 -55.33 -10.87 20.66
N ASP E 332 -54.62 -11.23 19.60
CA ASP E 332 -55.07 -10.94 18.24
C ASP E 332 -56.32 -11.74 17.90
N ALA E 333 -56.33 -13.01 18.31
CA ALA E 333 -57.48 -13.88 18.12
C ALA E 333 -58.67 -13.38 18.92
N LEU E 334 -58.41 -13.03 20.18
CA LEU E 334 -59.45 -12.56 21.08
C LEU E 334 -60.05 -11.23 20.61
N ASP E 335 -59.21 -10.39 20.00
CA ASP E 335 -59.67 -9.12 19.45
C ASP E 335 -60.45 -9.34 18.16
N TYR E 336 -60.05 -10.36 17.41
CA TYR E 336 -60.78 -10.76 16.21
C TYR E 336 -62.19 -11.18 16.60
N LEU E 337 -62.28 -11.99 17.66
CA LEU E 337 -63.57 -12.43 18.19
C LEU E 337 -64.38 -11.26 18.74
N LYS E 338 -63.70 -10.36 19.46
CA LYS E 338 -64.36 -9.19 20.04
C LYS E 338 -64.98 -8.33 18.96
N ASP E 339 -64.23 -8.11 17.89
CA ASP E 339 -64.74 -7.31 16.79
C ASP E 339 -65.84 -8.07 16.06
N PHE E 340 -65.77 -9.39 16.04
CA PHE E 340 -66.85 -10.16 15.40
C PHE E 340 -68.17 -10.05 16.17
N PHE E 341 -68.09 -10.14 17.49
CA PHE E 341 -69.30 -10.03 18.30
C PHE E 341 -69.78 -8.58 18.33
N SER E 342 -68.87 -7.65 18.07
CA SER E 342 -69.24 -6.26 17.85
C SER E 342 -70.03 -6.11 16.55
N ASN E 343 -69.47 -6.66 15.46
CA ASN E 343 -70.16 -6.82 14.19
C ASN E 343 -71.60 -7.24 14.43
N VAL E 344 -71.73 -8.37 15.10
CA VAL E 344 -73.02 -9.03 15.29
C VAL E 344 -73.98 -8.20 16.15
N ARG E 345 -73.48 -7.68 17.26
CA ARG E 345 -74.27 -6.85 18.16
C ARG E 345 -74.81 -5.60 17.46
N ALA E 346 -74.00 -5.02 16.58
CA ALA E 346 -74.43 -3.83 15.85
C ALA E 346 -75.46 -4.17 14.76
N ALA E 347 -75.33 -5.36 14.18
CA ALA E 347 -76.19 -5.76 13.07
C ALA E 347 -77.46 -6.46 13.54
N GLY E 348 -78.19 -5.82 14.45
CA GLY E 348 -79.41 -6.40 14.98
C GLY E 348 -79.14 -7.48 16.01
N PHE E 349 -79.83 -7.39 17.15
CA PHE E 349 -79.59 -8.31 18.25
C PHE E 349 -80.68 -9.38 18.33
N ASP E 350 -80.33 -10.60 17.92
CA ASP E 350 -81.26 -11.72 17.92
C ASP E 350 -81.14 -12.53 19.20
N GLU E 351 -82.19 -13.28 19.53
CA GLU E 351 -82.22 -14.09 20.74
C GLU E 351 -81.15 -15.19 20.75
N ILE E 352 -80.95 -15.83 19.60
CA ILE E 352 -79.95 -16.88 19.51
C ILE E 352 -78.56 -16.25 19.40
N GLU E 353 -78.51 -15.07 18.81
CA GLU E 353 -77.28 -14.30 18.75
C GLU E 353 -76.97 -13.76 20.13
N GLN E 354 -78.03 -13.51 20.89
CA GLN E 354 -77.90 -13.10 22.29
C GLN E 354 -77.35 -14.26 23.11
N ASP E 355 -77.80 -15.46 22.78
CA ASP E 355 -77.36 -16.65 23.47
C ASP E 355 -75.89 -16.91 23.18
N LEU E 356 -75.49 -16.79 21.92
CA LEU E 356 -74.11 -17.03 21.54
C LEU E 356 -73.17 -15.94 22.07
N THR E 357 -73.59 -14.68 21.98
CA THR E 357 -72.80 -13.56 22.48
C THR E 357 -72.59 -13.67 23.99
N GLN E 358 -73.67 -14.01 24.69
CA GLN E 358 -73.57 -14.40 26.10
C GLN E 358 -72.50 -15.46 26.25
N ARG E 359 -72.72 -16.57 25.54
CA ARG E 359 -71.85 -17.76 25.57
C ARG E 359 -70.39 -17.42 25.31
N PHE E 360 -70.13 -16.26 24.71
CA PHE E 360 -68.76 -15.79 24.57
C PHE E 360 -68.37 -14.98 25.80
N GLU E 361 -69.33 -14.24 26.34
CA GLU E 361 -69.03 -13.31 27.42
C GLU E 361 -68.79 -13.97 28.78
N GLU E 362 -69.27 -15.19 29.04
CA GLU E 362 -68.86 -15.79 30.33
C GLU E 362 -67.38 -16.18 30.25
N LYS E 363 -66.97 -16.73 29.12
CA LYS E 363 -65.61 -17.23 28.97
C LYS E 363 -64.63 -16.10 28.68
N LEU E 364 -65.17 -14.93 28.33
CA LEU E 364 -64.34 -13.77 28.01
C LEU E 364 -63.34 -13.44 29.11
N GLN E 365 -63.80 -13.56 30.36
CA GLN E 365 -62.96 -13.31 31.52
C GLN E 365 -61.76 -14.24 31.57
N GLU E 366 -62.05 -15.54 31.51
CA GLU E 366 -61.01 -16.57 31.55
C GLU E 366 -60.06 -16.45 30.36
N LEU E 367 -60.61 -16.09 29.21
CA LEU E 367 -59.83 -15.91 27.99
C LEU E 367 -58.84 -14.76 28.14
N GLU E 368 -59.32 -13.63 28.64
CA GLU E 368 -58.45 -12.47 28.88
C GLU E 368 -57.42 -12.79 29.96
N SER E 369 -57.80 -13.65 30.90
CA SER E 369 -56.90 -14.07 31.96
C SER E 369 -55.75 -14.91 31.40
N VAL E 370 -56.08 -15.80 30.48
CA VAL E 370 -55.08 -16.66 29.84
C VAL E 370 -54.19 -15.86 28.90
N SER E 371 -54.80 -14.93 28.18
CA SER E 371 -54.09 -14.14 27.17
C SER E 371 -53.07 -13.18 27.77
N ARG E 372 -53.34 -12.70 28.99
CA ARG E 372 -52.47 -11.72 29.64
C ARG E 372 -51.24 -12.37 30.25
N ASP E 373 -51.19 -13.70 30.21
CA ASP E 373 -50.11 -14.46 30.82
C ASP E 373 -48.92 -14.58 29.87
N PRO E 374 -47.76 -14.04 30.27
CA PRO E 374 -46.52 -14.14 29.49
C PRO E 374 -46.09 -15.58 29.24
N SER E 375 -46.56 -16.49 30.07
CA SER E 375 -46.30 -17.91 29.92
C SER E 375 -46.75 -18.44 28.56
N ASN E 376 -47.87 -17.93 28.08
CA ASN E 376 -48.45 -18.41 26.83
C ASN E 376 -48.11 -17.52 25.63
N GLU E 377 -46.83 -17.49 25.26
CA GLU E 377 -46.39 -16.71 24.12
C GLU E 377 -45.98 -17.61 22.95
N ASN E 378 -46.23 -17.14 21.74
CA ASN E 378 -45.89 -17.89 20.54
C ASN E 378 -44.39 -17.88 20.27
N PRO E 379 -43.77 -19.06 20.21
CA PRO E 379 -42.33 -19.20 19.95
C PRO E 379 -41.94 -18.72 18.55
N LYS E 380 -42.88 -18.78 17.61
CA LYS E 380 -42.66 -18.27 16.27
C LYS E 380 -42.41 -16.77 16.32
N LEU E 381 -43.20 -16.08 17.14
CA LEU E 381 -43.05 -14.64 17.33
C LEU E 381 -41.77 -14.32 18.07
N GLU E 382 -41.36 -15.22 18.96
CA GLU E 382 -40.11 -15.04 19.70
C GLU E 382 -38.91 -15.17 18.78
N ASP E 383 -39.01 -16.09 17.82
CA ASP E 383 -37.94 -16.29 16.84
C ASP E 383 -37.90 -15.13 15.86
N LEU E 384 -39.08 -14.67 15.44
CA LEU E 384 -39.18 -13.51 14.56
C LEU E 384 -38.56 -12.29 15.24
N CYS E 385 -38.90 -12.12 16.51
CA CYS E 385 -38.35 -11.04 17.33
C CYS E 385 -36.84 -11.17 17.46
N PHE E 386 -36.36 -12.42 17.55
CA PHE E 386 -34.93 -12.68 17.66
C PHE E 386 -34.20 -12.28 16.38
N ILE E 387 -34.79 -12.62 15.24
CA ILE E 387 -34.23 -12.27 13.94
C ILE E 387 -34.18 -10.75 13.76
N LEU E 388 -35.31 -10.11 14.01
CA LEU E 388 -35.40 -8.65 13.91
C LEU E 388 -34.39 -7.96 14.83
N GLN E 389 -34.32 -8.43 16.06
CA GLN E 389 -33.37 -7.89 17.05
C GLN E 389 -31.94 -8.04 16.57
N GLU E 390 -31.59 -9.23 16.09
CA GLU E 390 -30.24 -9.48 15.62
C GLU E 390 -29.87 -8.57 14.44
N GLU E 391 -30.72 -8.56 13.43
CA GLU E 391 -30.44 -7.78 12.22
C GLU E 391 -30.38 -6.28 12.48
N TYR E 392 -31.30 -5.77 13.29
CA TYR E 392 -31.32 -4.33 13.57
C TYR E 392 -30.24 -3.93 14.58
N HIS E 393 -29.80 -4.88 15.39
CA HIS E 393 -28.67 -4.65 16.28
C HIS E 393 -27.39 -4.55 15.47
N LEU E 394 -27.28 -5.41 14.46
CA LEU E 394 -26.14 -5.38 13.56
C LEU E 394 -26.19 -4.14 12.67
N ASN E 395 -27.40 -3.70 12.33
CA ASN E 395 -27.58 -2.55 11.46
C ASN E 395 -28.91 -1.85 11.72
N PRO E 396 -28.87 -0.70 12.40
CA PRO E 396 -30.07 0.08 12.74
C PRO E 396 -30.69 0.79 11.54
N GLU E 397 -30.01 0.74 10.40
CA GLU E 397 -30.52 1.36 9.17
C GLU E 397 -31.24 0.33 8.30
N THR E 398 -31.48 -0.84 8.87
CA THR E 398 -32.09 -1.95 8.15
C THR E 398 -33.50 -1.62 7.67
N ILE E 399 -33.77 -1.94 6.41
CA ILE E 399 -35.11 -1.82 5.84
C ILE E 399 -35.69 -3.21 5.63
N THR E 400 -36.80 -3.50 6.31
CA THR E 400 -37.35 -4.86 6.33
C THR E 400 -38.73 -4.92 5.67
N ILE E 401 -39.00 -6.04 4.99
CA ILE E 401 -40.34 -6.32 4.50
C ILE E 401 -40.78 -7.69 5.03
N LEU E 402 -42.01 -7.76 5.53
CA LEU E 402 -42.49 -8.96 6.20
C LEU E 402 -43.78 -9.50 5.57
N PHE E 403 -43.65 -10.62 4.86
CA PHE E 403 -44.78 -11.23 4.18
C PHE E 403 -45.53 -12.23 5.04
N VAL E 404 -46.85 -12.12 5.06
CA VAL E 404 -47.70 -13.11 5.73
C VAL E 404 -48.84 -13.53 4.82
N LYS E 405 -49.68 -14.45 5.30
CA LYS E 405 -50.72 -15.02 4.45
C LYS E 405 -52.01 -14.20 4.43
N THR E 406 -52.44 -13.73 5.60
CA THR E 406 -53.74 -13.04 5.70
C THR E 406 -53.63 -11.62 6.23
N ARG E 407 -54.61 -10.79 5.88
CA ARG E 407 -54.66 -9.40 6.33
C ARG E 407 -54.87 -9.31 7.84
N ALA E 408 -55.64 -10.26 8.37
CA ALA E 408 -55.85 -10.35 9.81
C ALA E 408 -54.50 -10.56 10.51
N LEU E 409 -53.65 -11.36 9.88
CA LEU E 409 -52.32 -11.62 10.42
C LEU E 409 -51.41 -10.41 10.22
N VAL E 410 -51.68 -9.63 9.18
CA VAL E 410 -50.98 -8.37 8.96
C VAL E 410 -51.21 -7.44 10.15
N ASP E 411 -52.49 -7.16 10.40
CA ASP E 411 -52.87 -6.30 11.52
C ASP E 411 -52.38 -6.87 12.84
N ALA E 412 -52.46 -8.19 12.97
CA ALA E 412 -52.02 -8.88 14.17
C ALA E 412 -50.54 -8.61 14.44
N LEU E 413 -49.70 -8.82 13.43
CA LEU E 413 -48.26 -8.60 13.58
C LEU E 413 -47.92 -7.13 13.76
N LYS E 414 -48.74 -6.24 13.18
CA LYS E 414 -48.56 -4.82 13.38
C LYS E 414 -48.77 -4.47 14.85
N ASN E 415 -49.86 -5.00 15.42
CA ASN E 415 -50.17 -4.78 16.82
C ASN E 415 -49.11 -5.40 17.73
N TRP E 416 -48.59 -6.55 17.32
CA TRP E 416 -47.54 -7.25 18.08
C TRP E 416 -46.25 -6.44 18.10
N ILE E 417 -45.87 -5.91 16.95
CA ILE E 417 -44.67 -5.09 16.85
C ILE E 417 -44.83 -3.79 17.64
N GLU E 418 -45.95 -3.11 17.45
CA GLU E 418 -46.21 -1.87 18.17
C GLU E 418 -46.35 -2.10 19.67
N GLY E 419 -46.65 -3.33 20.06
CA GLY E 419 -46.82 -3.68 21.46
C GLY E 419 -45.55 -4.16 22.13
N ASN E 420 -44.73 -4.91 21.37
CA ASN E 420 -43.50 -5.47 21.91
C ASN E 420 -42.47 -4.39 22.24
N PRO E 421 -42.06 -4.33 23.52
CA PRO E 421 -41.05 -3.36 23.98
C PRO E 421 -39.69 -3.59 23.34
N LYS E 422 -39.38 -4.83 23.01
CA LYS E 422 -38.08 -5.19 22.43
C LYS E 422 -37.99 -4.83 20.94
N LEU E 423 -39.07 -4.25 20.41
CA LEU E 423 -39.10 -3.87 19.01
C LEU E 423 -39.47 -2.39 18.84
N SER E 424 -39.03 -1.58 19.79
CA SER E 424 -39.35 -0.15 19.79
C SER E 424 -38.67 0.59 18.64
N PHE E 425 -37.63 -0.02 18.08
CA PHE E 425 -36.89 0.58 16.98
C PHE E 425 -37.60 0.43 15.64
N LEU E 426 -38.66 -0.38 15.64
CA LEU E 426 -39.42 -0.63 14.42
C LEU E 426 -40.56 0.36 14.24
N LYS E 427 -40.74 0.82 13.00
CA LYS E 427 -41.84 1.70 12.65
C LYS E 427 -42.70 1.05 11.58
N PRO E 428 -43.58 0.12 12.00
CA PRO E 428 -44.35 -0.74 11.09
C PRO E 428 -45.30 0.02 10.16
N GLY E 429 -45.39 -0.47 8.92
CA GLY E 429 -46.33 0.04 7.94
C GLY E 429 -47.10 -1.13 7.35
N ILE E 430 -48.19 -0.84 6.65
CA ILE E 430 -49.07 -1.89 6.15
C ILE E 430 -49.23 -1.83 4.63
N LEU E 431 -49.23 -3.00 3.99
CA LEU E 431 -49.48 -3.08 2.55
C LEU E 431 -50.34 -4.29 2.20
N THR E 432 -51.61 -4.05 1.92
CA THR E 432 -52.52 -5.11 1.53
C THR E 432 -53.13 -4.83 0.16
N GLY E 433 -53.92 -5.77 -0.33
CA GLY E 433 -54.61 -5.59 -1.60
C GLY E 433 -55.83 -4.70 -1.44
N ARG E 434 -56.52 -4.44 -2.53
CA ARG E 434 -57.70 -3.59 -2.50
C ARG E 434 -58.87 -4.25 -1.78
N GLY E 435 -58.79 -5.57 -1.62
CA GLY E 435 -59.88 -6.32 -1.02
C GLY E 435 -61.00 -6.50 -2.01
N LYS E 436 -62.14 -6.97 -1.53
CA LYS E 436 -63.30 -7.17 -2.38
C LYS E 436 -63.99 -5.84 -2.69
N THR E 437 -64.39 -5.66 -3.94
CA THR E 437 -64.92 -4.39 -4.43
C THR E 437 -66.24 -3.99 -3.77
N ASN E 438 -66.93 -4.95 -3.17
CA ASN E 438 -68.21 -4.68 -2.51
C ASN E 438 -68.14 -4.87 -1.00
N GLN E 439 -66.95 -4.72 -0.44
CA GLN E 439 -66.77 -4.83 1.01
C GLN E 439 -65.87 -3.72 1.54
N ASN E 440 -66.21 -3.21 2.72
CA ASN E 440 -65.42 -2.17 3.36
C ASN E 440 -64.14 -2.72 3.96
N THR E 441 -63.32 -3.34 3.11
CA THR E 441 -62.05 -3.92 3.53
C THR E 441 -60.95 -3.57 2.54
N GLY E 442 -59.74 -4.05 2.81
CA GLY E 442 -58.62 -3.85 1.90
C GLY E 442 -57.93 -2.52 2.06
N MET E 443 -57.55 -1.93 0.92
CA MET E 443 -56.78 -0.69 0.90
C MET E 443 -56.78 -0.09 -0.51
N THR E 444 -57.23 1.15 -0.61
CA THR E 444 -57.30 1.84 -1.90
C THR E 444 -55.89 2.09 -2.47
N LEU E 445 -55.82 2.32 -3.77
CA LEU E 445 -54.55 2.61 -4.44
C LEU E 445 -53.83 3.83 -3.87
N PRO E 446 -54.55 4.95 -3.63
CA PRO E 446 -53.81 6.10 -3.07
C PRO E 446 -53.26 5.83 -1.67
N ALA E 447 -53.90 4.96 -0.90
CA ALA E 447 -53.40 4.60 0.42
C ALA E 447 -52.12 3.78 0.30
N GLN E 448 -52.13 2.81 -0.61
CA GLN E 448 -50.96 2.01 -0.90
C GLN E 448 -49.81 2.90 -1.33
N LYS E 449 -50.09 3.81 -2.26
CA LYS E 449 -49.08 4.74 -2.77
C LYS E 449 -48.55 5.64 -1.65
N CYS E 450 -49.44 6.00 -0.72
CA CYS E 450 -49.06 6.85 0.40
C CYS E 450 -48.08 6.13 1.32
N ILE E 451 -48.43 4.91 1.72
CA ILE E 451 -47.58 4.14 2.62
C ILE E 451 -46.27 3.74 1.95
N LEU E 452 -46.33 3.49 0.64
CA LEU E 452 -45.12 3.14 -0.12
C LEU E 452 -44.20 4.34 -0.28
N ASP E 453 -44.76 5.52 -0.47
CA ASP E 453 -43.96 6.74 -0.51
C ASP E 453 -43.40 7.05 0.86
N ALA E 454 -44.11 6.63 1.90
CA ALA E 454 -43.65 6.82 3.27
C ALA E 454 -42.60 5.78 3.65
N PHE E 455 -42.64 4.64 2.96
CA PHE E 455 -41.73 3.53 3.27
C PHE E 455 -40.35 3.73 2.67
N LYS E 456 -39.51 4.48 3.38
CA LYS E 456 -38.12 4.70 2.98
C LYS E 456 -37.21 4.67 4.20
N ALA E 457 -35.91 4.76 3.97
CA ALA E 457 -34.95 4.87 5.06
C ALA E 457 -35.04 6.25 5.70
N SER E 458 -35.28 7.25 4.85
CA SER E 458 -35.46 8.63 5.31
C SER E 458 -36.92 8.90 5.64
N GLY E 459 -37.76 7.88 5.43
CA GLY E 459 -39.19 8.02 5.65
C GLY E 459 -39.62 7.68 7.08
N ASP E 460 -40.92 7.51 7.26
CA ASP E 460 -41.48 7.24 8.58
C ASP E 460 -41.46 5.75 8.91
N HIS E 461 -41.65 4.91 7.90
CA HIS E 461 -41.78 3.48 8.12
C HIS E 461 -40.47 2.72 7.96
N ASN E 462 -40.18 1.87 8.94
CA ASN E 462 -38.93 1.12 8.99
C ASN E 462 -39.11 -0.30 8.42
N ILE E 463 -40.22 -0.93 8.77
CA ILE E 463 -40.54 -2.26 8.29
C ILE E 463 -41.94 -2.29 7.70
N LEU E 464 -42.11 -2.98 6.57
CA LEU E 464 -43.39 -3.02 5.88
C LEU E 464 -44.03 -4.41 5.94
N ILE E 465 -45.09 -4.54 6.72
CA ILE E 465 -45.85 -5.78 6.80
C ILE E 465 -46.84 -5.86 5.64
N ALA E 466 -46.78 -6.94 4.88
CA ALA E 466 -47.60 -7.09 3.69
C ALA E 466 -48.10 -8.51 3.50
N THR E 467 -49.14 -8.67 2.69
CA THR E 467 -49.67 -9.98 2.35
C THR E 467 -48.87 -10.58 1.20
N SER E 468 -49.15 -10.10 -0.01
CA SER E 468 -48.45 -10.57 -1.21
C SER E 468 -48.66 -9.58 -2.35
N VAL E 469 -47.71 -9.56 -3.29
CA VAL E 469 -47.81 -8.68 -4.44
C VAL E 469 -47.81 -9.48 -5.74
N ALA E 470 -48.73 -9.14 -6.64
CA ALA E 470 -48.80 -9.79 -7.94
C ALA E 470 -47.58 -9.44 -8.79
N ASP E 471 -46.77 -10.44 -9.07
CA ASP E 471 -45.55 -10.28 -9.87
C ASP E 471 -44.61 -9.24 -9.29
N GLU E 472 -43.81 -8.61 -10.16
CA GLU E 472 -42.81 -7.65 -9.73
C GLU E 472 -43.43 -6.36 -9.20
N GLY E 473 -44.31 -5.75 -10.00
CA GLY E 473 -44.93 -4.49 -9.64
C GLY E 473 -43.93 -3.35 -9.69
N ILE E 474 -44.32 -2.20 -9.16
CA ILE E 474 -43.44 -1.03 -9.13
C ILE E 474 -42.34 -1.23 -8.10
N ASP E 475 -41.12 -0.83 -8.45
CA ASP E 475 -40.00 -0.91 -7.53
C ASP E 475 -40.22 0.01 -6.33
N ILE E 476 -40.20 -0.57 -5.13
CA ILE E 476 -40.29 0.20 -3.91
C ILE E 476 -38.90 0.34 -3.30
N ALA E 477 -38.84 0.85 -2.07
CA ALA E 477 -37.56 0.99 -1.38
C ALA E 477 -36.91 -0.37 -1.18
N GLN E 478 -35.60 -0.43 -1.43
CA GLN E 478 -34.86 -1.68 -1.31
C GLN E 478 -34.83 -2.18 0.12
N CYS E 479 -35.13 -3.46 0.29
CA CYS E 479 -35.13 -4.10 1.60
C CYS E 479 -33.95 -5.05 1.74
N ASN E 480 -33.08 -4.77 2.71
CA ASN E 480 -31.94 -5.64 2.96
C ASN E 480 -32.33 -6.81 3.86
N LEU E 481 -33.62 -6.84 4.24
CA LEU E 481 -34.15 -7.94 5.03
C LEU E 481 -35.58 -8.29 4.60
N VAL E 482 -35.74 -9.49 4.06
CA VAL E 482 -37.06 -10.00 3.71
C VAL E 482 -37.39 -11.15 4.66
N ILE E 483 -38.61 -11.16 5.19
CA ILE E 483 -39.02 -12.24 6.09
C ILE E 483 -40.32 -12.88 5.64
N LEU E 484 -40.25 -14.15 5.28
CA LEU E 484 -41.41 -14.91 4.86
C LEU E 484 -42.02 -15.68 6.03
N TYR E 485 -43.09 -15.14 6.59
CA TYR E 485 -43.71 -15.72 7.78
C TYR E 485 -44.82 -16.69 7.43
N GLU E 486 -44.54 -17.98 7.54
CA GLU E 486 -45.46 -19.04 7.12
C GLU E 486 -45.92 -18.80 5.69
N TYR E 487 -44.94 -18.62 4.80
CA TYR E 487 -45.20 -18.17 3.45
C TYR E 487 -44.94 -19.27 2.42
N VAL E 488 -45.92 -19.52 1.57
CA VAL E 488 -45.79 -20.52 0.51
C VAL E 488 -46.12 -19.91 -0.84
N GLY E 489 -45.26 -20.13 -1.83
CA GLY E 489 -45.50 -19.65 -3.17
C GLY E 489 -44.85 -20.55 -4.20
N ASN E 490 -44.90 -20.13 -5.47
CA ASN E 490 -44.28 -20.89 -6.55
C ASN E 490 -42.84 -20.44 -6.80
N VAL E 491 -42.22 -20.99 -7.84
CA VAL E 491 -40.84 -20.66 -8.17
C VAL E 491 -40.75 -19.25 -8.77
N ILE E 492 -41.80 -18.86 -9.51
CA ILE E 492 -41.85 -17.55 -10.14
C ILE E 492 -41.81 -16.43 -9.11
N LYS E 493 -42.68 -16.51 -8.12
CA LYS E 493 -42.72 -15.51 -7.06
C LYS E 493 -41.45 -15.56 -6.22
N MET E 494 -40.86 -16.75 -6.09
CA MET E 494 -39.61 -16.92 -5.37
C MET E 494 -38.49 -16.13 -6.03
N ILE E 495 -38.41 -16.25 -7.35
CA ILE E 495 -37.39 -15.54 -8.12
C ILE E 495 -37.68 -14.04 -8.15
N GLN E 496 -38.96 -13.69 -8.24
CA GLN E 496 -39.38 -12.29 -8.30
C GLN E 496 -39.09 -11.52 -7.01
N THR E 497 -39.41 -12.11 -5.88
CA THR E 497 -39.26 -11.45 -4.58
C THR E 497 -37.80 -11.14 -4.24
N ARG E 498 -36.87 -11.71 -5.01
CA ARG E 498 -35.45 -11.39 -4.85
C ARG E 498 -35.20 -9.92 -5.19
N GLY E 499 -36.06 -9.36 -6.04
CA GLY E 499 -35.93 -7.98 -6.46
C GLY E 499 -36.11 -6.98 -5.34
N ARG E 500 -36.72 -7.43 -4.24
CA ARG E 500 -36.90 -6.58 -3.07
C ARG E 500 -35.55 -6.25 -2.43
N GLY E 501 -34.61 -7.18 -2.53
CA GLY E 501 -33.28 -6.99 -1.99
C GLY E 501 -32.20 -7.25 -3.02
N ARG E 502 -31.97 -6.28 -3.89
CA ARG E 502 -30.99 -6.42 -4.95
C ARG E 502 -29.57 -6.07 -4.48
N ALA E 503 -29.49 -5.26 -3.42
CA ALA E 503 -28.20 -4.85 -2.87
C ALA E 503 -27.46 -6.05 -2.29
N ARG E 504 -26.14 -6.07 -2.50
CA ARG E 504 -25.30 -7.15 -1.99
C ARG E 504 -25.32 -7.18 -0.46
N GLY E 505 -25.64 -8.35 0.09
CA GLY E 505 -25.70 -8.52 1.53
C GLY E 505 -27.12 -8.69 2.03
N SER E 506 -28.09 -8.59 1.12
CA SER E 506 -29.48 -8.74 1.46
C SER E 506 -29.78 -10.17 1.92
N LYS E 507 -30.71 -10.30 2.87
CA LYS E 507 -31.01 -11.60 3.46
C LYS E 507 -32.51 -11.90 3.43
N CYS E 508 -32.85 -13.16 3.20
CA CYS E 508 -34.24 -13.61 3.22
C CYS E 508 -34.40 -14.73 4.25
N PHE E 509 -35.40 -14.60 5.11
CA PHE E 509 -35.63 -15.55 6.19
C PHE E 509 -36.99 -16.24 6.07
N LEU E 510 -36.98 -17.51 5.69
CA LEU E 510 -38.22 -18.28 5.68
C LEU E 510 -38.49 -18.84 7.07
N LEU E 511 -39.51 -18.32 7.75
CA LEU E 511 -39.81 -18.75 9.11
C LEU E 511 -41.10 -19.55 9.15
N THR E 512 -41.03 -20.77 9.71
CA THR E 512 -42.23 -21.61 9.79
C THR E 512 -42.11 -22.72 10.83
N SER E 513 -43.19 -23.48 10.97
CA SER E 513 -43.22 -24.63 11.87
C SER E 513 -44.02 -25.77 11.24
N ASN E 514 -44.12 -25.72 9.91
CA ASN E 514 -44.94 -26.66 9.16
C ASN E 514 -44.10 -27.75 8.50
N ALA E 515 -42.80 -27.49 8.38
CA ALA E 515 -41.84 -28.39 7.73
C ALA E 515 -42.13 -28.58 6.23
N GLY E 516 -43.40 -28.75 5.88
CA GLY E 516 -43.80 -28.88 4.49
C GLY E 516 -43.54 -27.62 3.69
N VAL E 517 -43.55 -26.47 4.37
CA VAL E 517 -43.24 -25.20 3.74
C VAL E 517 -41.78 -25.18 3.27
N ILE E 518 -40.90 -25.65 4.14
CA ILE E 518 -39.48 -25.76 3.83
C ILE E 518 -39.26 -26.64 2.60
N GLU E 519 -39.84 -27.83 2.63
CA GLU E 519 -39.75 -28.76 1.52
C GLU E 519 -40.29 -28.14 0.24
N LYS E 520 -41.36 -27.37 0.37
CA LYS E 520 -41.97 -26.69 -0.77
C LYS E 520 -40.99 -25.69 -1.38
N GLU E 521 -40.35 -24.90 -0.53
CA GLU E 521 -39.39 -23.90 -0.99
C GLU E 521 -38.16 -24.54 -1.66
N GLN E 522 -37.70 -25.64 -1.07
CA GLN E 522 -36.57 -26.38 -1.63
C GLN E 522 -36.94 -26.98 -2.99
N ILE E 523 -38.16 -27.48 -3.09
CA ILE E 523 -38.70 -27.99 -4.34
C ILE E 523 -38.73 -26.88 -5.38
N ASN E 524 -39.12 -25.67 -4.96
CA ASN E 524 -39.12 -24.51 -5.85
C ASN E 524 -37.70 -24.17 -6.33
N MET E 525 -36.74 -24.33 -5.42
CA MET E 525 -35.33 -24.09 -5.75
C MET E 525 -34.85 -25.05 -6.84
N TYR E 526 -35.10 -26.34 -6.61
CA TYR E 526 -34.76 -27.36 -7.59
C TYR E 526 -35.49 -27.11 -8.91
N LYS E 527 -36.70 -26.59 -8.82
CA LYS E 527 -37.48 -26.23 -10.01
C LYS E 527 -36.84 -25.09 -10.78
N GLU E 528 -36.22 -24.16 -10.04
CA GLU E 528 -35.48 -23.08 -10.68
C GLU E 528 -34.29 -23.66 -11.44
N LYS E 529 -33.61 -24.61 -10.80
CA LYS E 529 -32.50 -25.29 -11.48
C LYS E 529 -32.96 -25.95 -12.77
N MET E 530 -34.04 -26.72 -12.67
CA MET E 530 -34.66 -27.38 -13.82
C MET E 530 -34.99 -26.39 -14.93
N MET E 531 -35.55 -25.24 -14.54
CA MET E 531 -35.92 -24.21 -15.48
C MET E 531 -34.71 -23.68 -16.23
N ASN E 532 -33.68 -23.29 -15.50
CA ASN E 532 -32.46 -22.76 -16.10
C ASN E 532 -31.79 -23.77 -17.04
N ASP E 533 -31.66 -25.01 -16.59
CA ASP E 533 -31.05 -26.06 -17.40
C ASP E 533 -31.87 -26.32 -18.67
N SER E 534 -33.20 -26.30 -18.52
CA SER E 534 -34.09 -26.51 -19.65
C SER E 534 -33.96 -25.39 -20.68
N ILE E 535 -33.83 -24.16 -20.19
CA ILE E 535 -33.64 -23.01 -21.07
C ILE E 535 -32.31 -23.14 -21.82
N LEU E 536 -31.25 -23.44 -21.09
CA LEU E 536 -29.93 -23.67 -21.68
C LEU E 536 -29.99 -24.72 -22.79
N ARG E 537 -30.68 -25.82 -22.51
CA ARG E 537 -30.81 -26.90 -23.48
C ARG E 537 -31.61 -26.48 -24.71
N LEU E 538 -32.71 -25.77 -24.47
CA LEU E 538 -33.60 -25.34 -25.54
C LEU E 538 -32.91 -24.35 -26.48
N GLN E 539 -32.04 -23.51 -25.91
CA GLN E 539 -31.36 -22.48 -26.69
C GLN E 539 -30.33 -23.05 -27.66
N THR E 540 -29.95 -24.31 -27.46
CA THR E 540 -28.98 -24.95 -28.34
C THR E 540 -29.64 -25.49 -29.60
N TRP E 541 -30.97 -25.58 -29.58
CA TRP E 541 -31.72 -26.08 -30.72
C TRP E 541 -31.67 -25.13 -31.91
N ASP E 542 -31.91 -25.68 -33.10
CA ASP E 542 -32.02 -24.86 -34.31
C ASP E 542 -33.37 -24.16 -34.30
N GLU E 543 -33.39 -22.88 -34.69
CA GLU E 543 -34.59 -22.07 -34.60
C GLU E 543 -35.73 -22.59 -35.47
N ALA E 544 -35.41 -23.05 -36.68
CA ALA E 544 -36.43 -23.53 -37.60
C ALA E 544 -37.14 -24.78 -37.06
N VAL E 545 -36.35 -25.74 -36.61
CA VAL E 545 -36.88 -26.96 -36.02
C VAL E 545 -37.77 -26.64 -34.82
N PHE E 546 -37.29 -25.73 -33.99
CA PHE E 546 -38.03 -25.30 -32.81
C PHE E 546 -39.33 -24.63 -33.21
N ARG E 547 -39.32 -23.92 -34.34
CA ARG E 547 -40.54 -23.29 -34.84
C ARG E 547 -41.53 -24.34 -35.33
N GLU E 548 -41.01 -25.40 -35.92
CA GLU E 548 -41.86 -26.51 -36.36
C GLU E 548 -42.52 -27.17 -35.15
N LYS E 549 -41.73 -27.43 -34.12
CA LYS E 549 -42.25 -28.00 -32.89
C LYS E 549 -43.30 -27.08 -32.26
N ILE E 550 -43.00 -25.79 -32.25
CA ILE E 550 -43.92 -24.79 -31.71
C ILE E 550 -45.25 -24.82 -32.46
N LEU E 551 -45.19 -24.87 -33.78
CA LEU E 551 -46.39 -24.94 -34.60
C LEU E 551 -47.19 -26.20 -34.30
N HIS E 552 -46.49 -27.32 -34.14
CA HIS E 552 -47.14 -28.58 -33.80
C HIS E 552 -47.85 -28.49 -32.46
N ILE E 553 -47.20 -27.86 -31.48
CA ILE E 553 -47.78 -27.68 -30.16
C ILE E 553 -48.99 -26.75 -30.23
N GLN E 554 -48.92 -25.73 -31.06
CA GLN E 554 -50.00 -24.77 -31.22
C GLN E 554 -51.23 -25.43 -31.84
N THR E 555 -50.99 -26.28 -32.84
CA THR E 555 -52.08 -27.00 -33.50
C THR E 555 -52.69 -28.02 -32.55
N HIS E 556 -51.83 -28.70 -31.80
CA HIS E 556 -52.26 -29.66 -30.77
C HIS E 556 -53.16 -29.00 -29.73
N GLU E 557 -52.67 -27.90 -29.16
CA GLU E 557 -53.39 -27.17 -28.13
C GLU E 557 -54.67 -26.54 -28.66
N LYS E 558 -54.64 -26.09 -29.91
CA LYS E 558 -55.84 -25.51 -30.51
C LYS E 558 -56.89 -26.59 -30.75
N PHE E 559 -56.42 -27.79 -31.11
CA PHE E 559 -57.32 -28.91 -31.32
C PHE E 559 -57.99 -29.31 -30.00
N ILE E 560 -57.17 -29.43 -28.96
CA ILE E 560 -57.69 -29.75 -27.62
C ILE E 560 -58.65 -28.66 -27.14
N ARG E 561 -58.34 -27.41 -27.47
CA ARG E 561 -59.15 -26.28 -27.05
C ARG E 561 -60.49 -26.24 -27.75
N ASP E 562 -60.49 -26.52 -29.05
CA ASP E 562 -61.72 -26.52 -29.84
C ASP E 562 -62.59 -27.73 -29.47
N SER E 563 -61.94 -28.84 -29.16
CA SER E 563 -62.66 -30.06 -28.76
C SER E 563 -63.30 -29.90 -27.39
N GLN E 564 -62.78 -28.96 -26.60
CA GLN E 564 -63.19 -28.80 -25.22
C GLN E 564 -64.41 -27.90 -25.04
N GLU E 565 -64.97 -27.43 -26.16
CA GLU E 565 -66.10 -26.50 -26.14
C GLU E 565 -67.29 -27.06 -25.36
N LYS E 566 -67.84 -28.17 -25.86
CA LYS E 566 -69.01 -28.83 -25.27
C LYS E 566 -70.18 -27.92 -24.90
N PRO E 567 -70.69 -27.11 -25.84
CA PRO E 567 -71.82 -26.28 -25.43
C PRO E 567 -73.15 -26.97 -25.73
N LYS E 568 -74.03 -27.11 -24.75
CA LYS E 568 -75.32 -27.79 -24.95
C LYS E 568 -76.41 -27.70 -23.85
N PRO E 569 -76.06 -27.27 -22.60
CA PRO E 569 -77.15 -27.35 -21.61
C PRO E 569 -78.38 -26.50 -21.92
N VAL E 570 -79.50 -27.16 -22.17
CA VAL E 570 -80.75 -26.50 -22.52
C VAL E 570 -81.26 -25.63 -21.38
N PRO E 571 -81.51 -24.35 -21.66
CA PRO E 571 -82.01 -23.40 -20.65
C PRO E 571 -83.38 -23.80 -20.11
N ASP E 572 -83.44 -24.07 -18.81
CA ASP E 572 -84.70 -24.41 -18.14
C ASP E 572 -85.66 -23.23 -18.20
N LYS E 573 -86.82 -23.44 -18.82
CA LYS E 573 -87.78 -22.37 -19.00
C LYS E 573 -88.88 -22.39 -17.93
N GLU E 574 -88.80 -23.35 -17.02
CA GLU E 574 -89.72 -23.38 -15.90
C GLU E 574 -89.30 -22.35 -14.84
N ASN E 575 -90.19 -21.40 -14.56
CA ASN E 575 -89.93 -20.35 -13.59
C ASN E 575 -89.60 -20.85 -12.19
N LYS E 576 -88.56 -20.28 -11.58
CA LYS E 576 -88.14 -20.68 -10.24
C LYS E 576 -88.15 -19.51 -9.26
N LYS E 577 -88.10 -19.84 -7.96
CA LYS E 577 -88.13 -18.83 -6.91
C LYS E 577 -86.78 -18.72 -6.21
N LEU E 578 -86.34 -17.47 -5.98
CA LEU E 578 -85.09 -17.20 -5.31
C LEU E 578 -85.30 -16.87 -3.83
N LEU E 579 -84.81 -17.74 -2.95
CA LEU E 579 -84.97 -17.53 -1.51
C LEU E 579 -83.67 -17.06 -0.87
N CYS E 580 -83.76 -16.12 0.06
CA CYS E 580 -82.57 -15.63 0.76
C CYS E 580 -81.83 -16.79 1.45
N ARG E 581 -80.53 -16.88 1.22
CA ARG E 581 -79.75 -17.99 1.77
C ARG E 581 -79.79 -18.05 3.29
N LYS E 582 -79.94 -16.89 3.91
CA LYS E 582 -79.91 -16.80 5.36
C LYS E 582 -81.28 -17.06 5.99
N CYS E 583 -82.32 -16.42 5.48
CA CYS E 583 -83.64 -16.50 6.11
C CYS E 583 -84.70 -17.16 5.23
N LYS E 584 -84.29 -17.67 4.07
CA LYS E 584 -85.18 -18.40 3.16
C LYS E 584 -86.38 -17.57 2.69
N ALA E 585 -86.30 -16.26 2.82
CA ALA E 585 -87.39 -15.38 2.39
C ALA E 585 -87.41 -15.26 0.87
N LEU E 586 -88.61 -15.30 0.29
CA LEU E 586 -88.77 -15.18 -1.15
C LEU E 586 -88.35 -13.80 -1.64
N ALA E 587 -87.24 -13.77 -2.37
CA ALA E 587 -86.74 -12.52 -2.94
C ALA E 587 -87.55 -12.14 -4.18
N CYS E 588 -87.50 -13.01 -5.18
CA CYS E 588 -88.25 -12.80 -6.42
C CYS E 588 -88.34 -14.10 -7.21
N TYR E 589 -88.90 -13.99 -8.42
CA TYR E 589 -88.97 -15.13 -9.33
C TYR E 589 -88.06 -14.90 -10.53
N THR E 590 -87.61 -15.98 -11.15
CA THR E 590 -86.69 -15.88 -12.29
C THR E 590 -87.34 -15.17 -13.48
N ALA E 591 -88.66 -15.12 -13.48
CA ALA E 591 -89.40 -14.44 -14.54
C ALA E 591 -89.19 -12.93 -14.48
N ASP E 592 -88.95 -12.42 -13.27
CA ASP E 592 -88.73 -10.99 -13.07
C ASP E 592 -87.29 -10.60 -13.41
N VAL E 593 -86.41 -11.58 -13.45
CA VAL E 593 -84.99 -11.34 -13.68
C VAL E 593 -84.69 -10.94 -15.12
N ARG E 594 -83.87 -9.90 -15.28
CA ARG E 594 -83.41 -9.46 -16.59
C ARG E 594 -81.89 -9.42 -16.63
N VAL E 595 -81.31 -9.85 -17.74
CA VAL E 595 -79.86 -9.86 -17.88
C VAL E 595 -79.36 -8.70 -18.73
N ILE E 596 -78.43 -7.94 -18.16
CA ILE E 596 -77.81 -6.82 -18.84
C ILE E 596 -76.41 -7.16 -19.32
N GLU E 597 -76.15 -6.89 -20.60
CA GLU E 597 -74.85 -7.11 -21.22
C GLU E 597 -74.36 -8.54 -21.05
N GLU E 598 -75.31 -9.47 -20.97
CA GLU E 598 -75.04 -10.90 -20.86
C GLU E 598 -74.19 -11.26 -19.63
N CYS E 599 -74.03 -10.33 -18.70
CA CYS E 599 -73.17 -10.53 -17.55
C CYS E 599 -73.86 -10.23 -16.23
N HIS E 600 -74.60 -9.12 -16.17
CA HIS E 600 -75.16 -8.67 -14.91
C HIS E 600 -76.65 -8.98 -14.82
N TYR E 601 -77.18 -9.06 -13.60
CA TYR E 601 -78.55 -9.52 -13.41
C TYR E 601 -79.36 -8.61 -12.50
N THR E 602 -80.43 -8.05 -13.06
CA THR E 602 -81.31 -7.14 -12.33
C THR E 602 -82.69 -7.74 -12.18
N VAL E 603 -83.55 -7.07 -11.39
CA VAL E 603 -84.92 -7.52 -11.19
C VAL E 603 -85.90 -6.38 -11.43
N LEU E 604 -87.01 -6.67 -12.09
CA LEU E 604 -88.03 -5.67 -12.37
C LEU E 604 -89.25 -5.85 -11.47
N GLY E 605 -90.04 -4.77 -11.35
CA GLY E 605 -91.25 -4.81 -10.54
C GLY E 605 -91.09 -4.09 -9.22
N ASP E 606 -92.16 -3.41 -8.79
CA ASP E 606 -92.15 -2.68 -7.53
C ASP E 606 -92.24 -3.64 -6.35
N ALA E 607 -92.56 -4.90 -6.63
CA ALA E 607 -92.67 -5.92 -5.59
C ALA E 607 -91.31 -6.24 -4.97
N PHE E 608 -90.30 -6.37 -5.81
CA PHE E 608 -88.97 -6.72 -5.35
C PHE E 608 -88.29 -5.58 -4.61
N LYS E 609 -88.65 -4.35 -4.95
CA LYS E 609 -88.01 -3.17 -4.38
C LYS E 609 -88.30 -3.02 -2.89
N GLU E 610 -89.35 -3.69 -2.43
CA GLU E 610 -89.73 -3.64 -1.02
C GLU E 610 -89.18 -4.85 -0.27
N CYS E 611 -88.43 -5.69 -0.97
CA CYS E 611 -87.84 -6.88 -0.38
C CYS E 611 -86.41 -6.62 0.10
N PHE E 612 -85.90 -5.42 -0.16
CA PHE E 612 -84.54 -5.10 0.22
C PHE E 612 -84.36 -3.65 0.68
N VAL E 613 -83.38 -3.44 1.56
CA VAL E 613 -82.97 -2.10 1.97
C VAL E 613 -81.65 -1.75 1.30
N SER E 614 -81.20 -0.51 1.48
CA SER E 614 -79.97 -0.05 0.83
C SER E 614 -79.07 0.75 1.77
N ARG E 615 -77.77 0.55 1.63
CA ARG E 615 -76.77 1.30 2.40
C ARG E 615 -75.72 1.84 1.43
N PRO E 616 -75.12 3.01 1.75
CA PRO E 616 -74.14 3.62 0.84
C PRO E 616 -72.96 2.71 0.54
N HIS E 617 -72.61 2.59 -0.74
CA HIS E 617 -71.52 1.71 -1.18
C HIS E 617 -70.18 2.19 -0.65
N PRO E 618 -69.39 1.27 -0.07
CA PRO E 618 -68.09 1.61 0.52
C PRO E 618 -67.03 1.96 -0.51
N LYS E 619 -67.05 1.27 -1.65
CA LYS E 619 -66.07 1.52 -2.71
C LYS E 619 -66.75 1.81 -4.04
N PRO E 620 -67.30 3.03 -4.19
CA PRO E 620 -68.00 3.40 -5.43
C PRO E 620 -67.04 3.58 -6.61
N LYS E 621 -67.34 2.91 -7.71
CA LYS E 621 -66.52 2.99 -8.91
C LYS E 621 -67.37 2.70 -10.16
N GLN E 622 -67.05 3.38 -11.25
CA GLN E 622 -67.82 3.25 -12.48
C GLN E 622 -67.31 2.13 -13.37
N PHE E 623 -67.70 0.90 -13.06
CA PHE E 623 -67.37 -0.25 -13.91
C PHE E 623 -68.40 -0.35 -15.04
N SER E 624 -67.92 -0.66 -16.24
CA SER E 624 -68.77 -0.72 -17.44
C SER E 624 -69.68 0.51 -17.53
N SER E 625 -70.89 0.32 -18.06
CA SER E 625 -71.88 1.40 -18.12
C SER E 625 -72.69 1.46 -16.84
N PHE E 626 -72.06 1.10 -15.74
CA PHE E 626 -72.71 1.11 -14.44
C PHE E 626 -71.98 2.08 -13.52
N GLU E 627 -72.67 2.50 -12.46
CA GLU E 627 -72.09 3.38 -11.46
C GLU E 627 -72.59 2.98 -10.09
N LYS E 628 -71.76 2.28 -9.33
CA LYS E 628 -72.14 1.80 -8.00
C LYS E 628 -72.54 2.96 -7.09
N ARG E 629 -73.74 2.87 -6.54
CA ARG E 629 -74.23 3.92 -5.66
C ARG E 629 -74.47 3.37 -4.25
N ALA E 630 -74.85 2.10 -4.16
CA ALA E 630 -75.19 1.49 -2.88
C ALA E 630 -75.15 -0.03 -2.92
N LYS E 631 -75.08 -0.64 -1.74
CA LYS E 631 -75.24 -2.08 -1.57
C LYS E 631 -76.63 -2.38 -1.04
N ILE E 632 -77.23 -3.46 -1.53
CA ILE E 632 -78.58 -3.83 -1.14
C ILE E 632 -78.57 -5.05 -0.21
N PHE E 633 -79.41 -5.01 0.81
CA PHE E 633 -79.46 -6.06 1.82
C PHE E 633 -80.88 -6.56 2.01
N CYS E 634 -81.04 -7.76 2.55
CA CYS E 634 -82.37 -8.30 2.83
C CYS E 634 -83.04 -7.48 3.93
N ALA E 635 -84.33 -7.22 3.76
CA ALA E 635 -85.07 -6.39 4.72
C ALA E 635 -85.90 -7.24 5.67
N ARG E 636 -86.06 -8.52 5.34
CA ARG E 636 -86.94 -9.41 6.10
C ARG E 636 -86.43 -9.72 7.51
N GLN E 637 -87.10 -9.14 8.50
CA GLN E 637 -86.84 -9.42 9.92
C GLN E 637 -85.36 -9.40 10.31
N ASN E 638 -84.72 -8.25 10.13
CA ASN E 638 -83.33 -7.98 10.52
C ASN E 638 -82.24 -8.81 9.81
N CYS E 639 -82.62 -9.50 8.73
CA CYS E 639 -81.69 -10.41 8.05
C CYS E 639 -80.39 -9.73 7.61
N SER E 640 -80.52 -8.63 6.89
CA SER E 640 -79.38 -7.84 6.44
C SER E 640 -78.36 -8.65 5.66
N HIS E 641 -78.84 -9.61 4.87
CA HIS E 641 -77.95 -10.46 4.07
C HIS E 641 -77.57 -9.77 2.76
N ASP E 642 -76.29 -9.85 2.41
CA ASP E 642 -75.80 -9.24 1.17
C ASP E 642 -76.45 -9.92 -0.03
N TRP E 643 -77.18 -9.13 -0.82
CA TRP E 643 -77.81 -9.64 -2.02
C TRP E 643 -77.10 -9.15 -3.28
N GLY E 644 -76.53 -7.96 -3.19
CA GLY E 644 -75.83 -7.36 -4.32
C GLY E 644 -75.61 -5.87 -4.12
N ILE E 645 -75.78 -5.11 -5.19
CA ILE E 645 -75.57 -3.67 -5.16
C ILE E 645 -76.69 -2.92 -5.88
N HIS E 646 -76.55 -1.60 -5.95
CA HIS E 646 -77.47 -0.77 -6.71
C HIS E 646 -76.67 0.20 -7.58
N VAL E 647 -77.01 0.27 -8.86
CA VAL E 647 -76.24 1.06 -9.82
C VAL E 647 -77.10 1.99 -10.67
N LYS E 648 -76.43 2.91 -11.35
CA LYS E 648 -77.08 3.81 -12.30
C LYS E 648 -76.72 3.43 -13.73
N TYR E 649 -77.37 2.39 -14.24
CA TYR E 649 -77.11 1.92 -15.59
C TYR E 649 -77.83 2.79 -16.62
N LYS E 650 -77.05 3.53 -17.41
CA LYS E 650 -77.57 4.45 -18.41
C LYS E 650 -78.52 5.49 -17.81
N THR E 651 -79.79 5.41 -18.17
CA THR E 651 -80.79 6.35 -17.69
C THR E 651 -81.54 5.76 -16.50
N PHE E 652 -81.40 4.46 -16.30
CA PHE E 652 -82.14 3.75 -15.26
C PHE E 652 -81.31 3.57 -13.98
N GLU E 653 -81.97 3.69 -12.83
CA GLU E 653 -81.36 3.39 -11.54
C GLU E 653 -81.91 2.07 -11.03
N ILE E 654 -81.09 1.01 -11.11
CA ILE E 654 -81.57 -0.35 -10.88
C ILE E 654 -80.64 -1.17 -10.00
N PRO E 655 -81.18 -2.19 -9.32
CA PRO E 655 -80.35 -3.08 -8.50
C PRO E 655 -79.72 -4.22 -9.30
N VAL E 656 -78.56 -4.70 -8.85
CA VAL E 656 -77.90 -5.84 -9.48
C VAL E 656 -77.54 -6.89 -8.42
N ILE E 657 -78.01 -8.12 -8.62
CA ILE E 657 -77.84 -9.17 -7.62
C ILE E 657 -76.85 -10.25 -8.03
N LYS E 658 -76.42 -11.04 -7.05
CA LYS E 658 -75.54 -12.17 -7.28
C LYS E 658 -76.21 -13.46 -6.83
N ILE E 659 -76.09 -14.51 -7.64
CA ILE E 659 -76.81 -15.76 -7.41
C ILE E 659 -76.33 -16.48 -6.15
N GLU E 660 -75.11 -16.17 -5.70
CA GLU E 660 -74.54 -16.81 -4.52
C GLU E 660 -75.15 -16.27 -3.23
N SER E 661 -76.15 -15.40 -3.36
CA SER E 661 -76.84 -14.84 -2.22
C SER E 661 -78.25 -15.39 -2.09
N PHE E 662 -78.61 -16.27 -3.02
CA PHE E 662 -79.95 -16.83 -3.04
C PHE E 662 -79.94 -18.35 -3.17
N VAL E 663 -81.14 -18.91 -3.20
CA VAL E 663 -81.37 -20.35 -3.30
C VAL E 663 -82.45 -20.60 -4.31
N VAL E 664 -82.15 -21.40 -5.33
CA VAL E 664 -83.10 -21.66 -6.40
C VAL E 664 -84.02 -22.81 -6.04
N GLU E 665 -85.25 -22.47 -5.66
CA GLU E 665 -86.29 -23.47 -5.42
C GLU E 665 -87.41 -23.28 -6.40
N ASP E 666 -87.58 -24.23 -7.32
CA ASP E 666 -88.60 -24.11 -8.35
C ASP E 666 -89.95 -24.66 -7.92
N ILE E 667 -90.97 -23.91 -8.29
CA ILE E 667 -92.38 -24.15 -7.97
C ILE E 667 -92.86 -25.60 -8.06
N ALA E 668 -92.44 -26.32 -9.10
CA ALA E 668 -92.94 -27.67 -9.34
C ALA E 668 -92.40 -28.70 -8.35
N THR E 669 -91.19 -29.18 -8.59
CA THR E 669 -90.58 -30.22 -7.77
C THR E 669 -90.24 -29.73 -6.37
N GLY E 670 -90.08 -28.42 -6.23
CA GLY E 670 -89.80 -27.80 -4.94
C GLY E 670 -88.48 -28.19 -4.30
N VAL E 671 -87.45 -28.38 -5.12
CA VAL E 671 -86.11 -28.74 -4.62
C VAL E 671 -85.17 -27.54 -4.70
N GLN E 672 -84.45 -27.30 -3.61
CA GLN E 672 -83.58 -26.13 -3.52
C GLN E 672 -82.16 -26.46 -3.99
N THR E 673 -81.57 -25.55 -4.76
CA THR E 673 -80.23 -25.77 -5.32
C THR E 673 -79.40 -24.50 -5.21
N LEU E 674 -78.08 -24.67 -5.01
CA LEU E 674 -77.19 -23.54 -4.85
C LEU E 674 -76.29 -23.32 -6.07
N TYR E 675 -76.12 -22.05 -6.45
CA TYR E 675 -75.18 -21.68 -7.51
C TYR E 675 -74.26 -20.57 -7.02
N SER E 676 -72.99 -20.66 -7.40
CA SER E 676 -72.00 -19.65 -7.02
C SER E 676 -71.89 -18.57 -8.08
N LYS E 677 -72.05 -18.96 -9.33
CA LYS E 677 -71.97 -18.02 -10.46
C LYS E 677 -73.17 -18.19 -11.38
N TRP E 678 -73.58 -17.09 -12.01
CA TRP E 678 -74.70 -17.11 -12.93
C TRP E 678 -74.43 -17.96 -14.17
N LYS E 679 -73.16 -18.13 -14.50
CA LYS E 679 -72.76 -18.88 -15.68
C LYS E 679 -73.09 -20.36 -15.57
N ASP E 680 -73.38 -20.82 -14.36
CA ASP E 680 -73.70 -22.22 -14.12
C ASP E 680 -75.20 -22.41 -13.89
N PHE E 681 -75.90 -21.31 -13.65
CA PHE E 681 -77.35 -21.35 -13.46
C PHE E 681 -78.06 -21.19 -14.80
N HIS E 682 -78.32 -22.32 -15.46
CA HIS E 682 -78.92 -22.31 -16.78
C HIS E 682 -80.45 -22.24 -16.73
N PHE E 683 -80.99 -21.09 -17.11
CA PHE E 683 -82.43 -20.92 -17.24
C PHE E 683 -82.75 -19.92 -18.35
N GLU E 684 -84.03 -19.71 -18.60
CA GLU E 684 -84.47 -18.77 -19.63
C GLU E 684 -84.13 -17.34 -19.25
N LYS E 685 -82.89 -16.95 -19.45
CA LYS E 685 -82.44 -15.61 -19.10
C LYS E 685 -82.96 -14.58 -20.10
N ILE E 686 -83.87 -13.73 -19.64
CA ILE E 686 -84.48 -12.71 -20.49
C ILE E 686 -83.62 -11.45 -20.51
N PRO E 687 -83.21 -11.03 -21.71
CA PRO E 687 -82.43 -9.79 -21.90
C PRO E 687 -83.16 -8.56 -21.39
N PHE E 688 -82.41 -7.57 -20.91
CA PHE E 688 -83.00 -6.36 -20.36
C PHE E 688 -83.41 -5.39 -21.48
N ASP E 689 -84.55 -4.75 -21.30
CA ASP E 689 -85.08 -3.82 -22.29
C ASP E 689 -85.53 -2.53 -21.60
N PRO E 690 -85.00 -1.39 -22.06
CA PRO E 690 -85.41 -0.07 -21.55
C PRO E 690 -86.91 0.17 -21.72
N ALA E 691 -87.52 -0.49 -22.70
CA ALA E 691 -88.94 -0.37 -22.95
C ALA E 691 -89.72 -1.40 -22.13
N GLU E 692 -89.29 -1.64 -20.91
CA GLU E 692 -89.93 -2.60 -20.03
C GLU E 692 -89.97 -2.10 -18.59
N PRO G 10 39.62 29.66 38.06
CA PRO G 10 38.76 29.41 36.90
C PRO G 10 38.96 30.45 35.80
N PHE G 11 38.56 31.69 36.07
CA PHE G 11 38.76 32.80 35.14
C PHE G 11 38.36 34.11 35.83
N LYS G 12 38.92 35.22 35.35
CA LYS G 12 38.62 36.53 35.92
C LYS G 12 37.57 37.26 35.08
N PRO G 13 36.34 37.34 35.61
CA PRO G 13 35.23 37.99 34.88
C PRO G 13 35.39 39.51 34.82
N ARG G 14 35.36 40.05 33.61
CA ARG G 14 35.41 41.50 33.43
C ARG G 14 34.09 42.10 33.92
N ASN G 15 34.16 43.32 34.45
CA ASN G 15 33.00 43.94 35.09
C ASN G 15 31.82 44.18 34.15
N TYR G 16 32.12 44.52 32.89
CA TYR G 16 31.05 44.77 31.93
C TYR G 16 30.33 43.47 31.57
N GLN G 17 31.06 42.36 31.64
CA GLN G 17 30.46 41.05 31.42
C GLN G 17 29.46 40.73 32.53
N LEU G 18 29.84 41.06 33.75
CA LEU G 18 28.96 40.91 34.91
C LEU G 18 27.75 41.81 34.79
N GLU G 19 27.97 43.02 34.27
CA GLU G 19 26.89 43.98 34.06
C GLU G 19 25.88 43.46 33.03
N LEU G 20 26.41 42.90 31.95
CA LEU G 20 25.58 42.33 30.90
C LEU G 20 24.83 41.10 31.38
N ALA G 21 25.46 40.34 32.28
CA ALA G 21 24.88 39.10 32.77
C ALA G 21 23.90 39.31 33.92
N LEU G 22 23.97 40.49 34.53
CA LEU G 22 23.15 40.81 35.71
C LEU G 22 21.62 40.66 35.49
N PRO G 23 21.08 41.22 34.39
CA PRO G 23 19.62 41.05 34.23
C PRO G 23 19.21 39.60 34.02
N ALA G 24 20.05 38.84 33.32
CA ALA G 24 19.78 37.44 33.04
C ALA G 24 19.87 36.59 34.30
N MET G 25 20.78 36.96 35.19
CA MET G 25 20.95 36.23 36.44
C MET G 25 19.79 36.49 37.40
N LYS G 26 19.05 37.57 37.14
CA LYS G 26 17.88 37.90 37.95
C LYS G 26 16.64 37.16 37.44
N GLY G 27 16.82 36.35 36.40
CA GLY G 27 15.74 35.51 35.90
C GLY G 27 14.92 36.15 34.80
N LYS G 28 15.31 37.35 34.39
CA LYS G 28 14.58 38.08 33.36
C LYS G 28 14.96 37.62 31.96
N ASN G 29 13.96 37.45 31.10
CA ASN G 29 14.21 37.18 29.68
C ASN G 29 14.93 38.37 29.06
N THR G 30 16.13 38.13 28.54
CA THR G 30 17.02 39.23 28.19
C THR G 30 17.69 39.08 26.82
N ILE G 31 17.80 40.19 26.10
CA ILE G 31 18.61 40.26 24.90
C ILE G 31 19.89 41.03 25.18
N ILE G 32 21.00 40.30 25.31
CA ILE G 32 22.30 40.90 25.53
C ILE G 32 22.92 41.39 24.22
N CYS G 33 23.10 42.70 24.13
CA CYS G 33 23.66 43.33 22.93
C CYS G 33 24.97 44.02 23.28
N ALA G 34 26.06 43.53 22.70
CA ALA G 34 27.40 44.03 23.02
C ALA G 34 28.32 43.85 21.81
N PRO G 35 29.41 44.66 21.73
CA PRO G 35 30.37 44.56 20.63
C PRO G 35 30.91 43.14 20.42
N THR G 36 31.18 42.79 19.16
CA THR G 36 31.69 41.47 18.81
C THR G 36 33.07 41.22 19.41
N GLY G 37 33.21 40.08 20.08
CA GLY G 37 34.50 39.68 20.62
C GLY G 37 34.79 40.23 22.00
N CYS G 38 33.75 40.68 22.69
CA CYS G 38 33.91 41.19 24.05
C CYS G 38 33.86 40.05 25.05
N GLY G 39 33.65 38.84 24.55
CA GLY G 39 33.62 37.66 25.38
C GLY G 39 32.22 37.21 25.76
N LYS G 40 31.47 36.74 24.76
CA LYS G 40 30.10 36.30 25.00
C LYS G 40 30.05 34.91 25.60
N THR G 41 31.08 34.12 25.32
CA THR G 41 31.16 32.75 25.81
C THR G 41 31.19 32.72 27.33
N PHE G 42 31.97 33.63 27.92
CA PHE G 42 32.10 33.66 29.37
C PHE G 42 30.85 34.21 30.04
N VAL G 43 30.13 35.08 29.33
CA VAL G 43 28.85 35.57 29.81
C VAL G 43 27.85 34.42 29.83
N SER G 44 27.88 33.62 28.77
CA SER G 44 27.04 32.43 28.66
C SER G 44 27.34 31.46 29.80
N LEU G 45 28.63 31.26 30.06
CA LEU G 45 29.07 30.38 31.13
C LEU G 45 28.63 30.90 32.50
N LEU G 46 28.65 32.22 32.65
CA LEU G 46 28.25 32.87 33.89
C LEU G 46 26.76 32.67 34.16
N ILE G 47 25.95 33.05 33.18
CA ILE G 47 24.49 32.94 33.29
C ILE G 47 24.07 31.48 33.49
N CYS G 48 24.69 30.58 32.74
CA CYS G 48 24.38 29.16 32.84
C CYS G 48 24.77 28.59 34.20
N GLU G 49 25.97 28.92 34.67
CA GLU G 49 26.45 28.44 35.95
C GLU G 49 25.57 28.93 37.10
N HIS G 50 25.25 30.21 37.07
CA HIS G 50 24.37 30.80 38.07
C HIS G 50 22.99 30.13 38.05
N HIS G 51 22.47 29.97 36.83
CA HIS G 51 21.15 29.34 36.64
C HIS G 51 21.10 27.93 37.20
N LEU G 52 22.15 27.15 36.97
CA LEU G 52 22.20 25.78 37.46
C LEU G 52 22.42 25.73 38.97
N LYS G 53 23.21 26.66 39.48
CA LYS G 53 23.56 26.66 40.90
C LYS G 53 22.49 27.32 41.76
N LYS G 54 21.47 27.90 41.14
CA LYS G 54 20.40 28.55 41.89
C LYS G 54 19.39 27.55 42.44
N PHE G 55 19.26 26.40 41.79
CA PHE G 55 18.28 25.40 42.19
C PHE G 55 18.62 24.78 43.54
N PRO G 56 17.59 24.44 44.33
CA PRO G 56 17.79 23.79 45.63
C PRO G 56 18.06 22.29 45.49
N GLN G 57 18.06 21.57 46.60
CA GLN G 57 18.25 20.12 46.58
C GLN G 57 16.94 19.42 46.23
N GLY G 58 17.05 18.32 45.50
CA GLY G 58 15.89 17.57 45.08
C GLY G 58 15.38 18.00 43.71
N GLN G 59 15.91 19.12 43.21
CA GLN G 59 15.52 19.63 41.89
C GLN G 59 16.74 20.12 41.11
N LYS G 60 16.69 19.98 39.80
CA LYS G 60 17.77 20.43 38.94
C LYS G 60 17.24 21.28 37.80
N GLY G 61 18.16 21.95 37.10
CA GLY G 61 17.80 22.74 35.94
C GLY G 61 18.27 22.09 34.65
N LYS G 62 17.75 22.55 33.52
CA LYS G 62 18.14 22.01 32.23
C LYS G 62 18.33 23.14 31.21
N VAL G 63 19.58 23.38 30.84
CA VAL G 63 19.92 24.47 29.93
C VAL G 63 20.08 23.96 28.50
N VAL G 64 19.57 24.73 27.54
CA VAL G 64 19.81 24.43 26.13
C VAL G 64 20.45 25.62 25.44
N PHE G 65 21.46 25.36 24.62
CA PHE G 65 22.20 26.41 23.94
C PHE G 65 22.11 26.23 22.43
N PHE G 66 21.58 27.24 21.74
CA PHE G 66 21.37 27.17 20.30
C PHE G 66 22.45 27.90 19.52
N ALA G 67 23.04 27.20 18.55
CA ALA G 67 23.97 27.78 17.60
C ALA G 67 23.66 27.24 16.21
N ASN G 68 23.47 28.13 15.25
CA ASN G 68 23.08 27.72 13.90
C ASN G 68 24.27 27.49 12.97
N GLN G 69 25.43 27.18 13.56
CA GLN G 69 26.62 26.83 12.80
C GLN G 69 27.38 25.69 13.51
N ILE G 70 27.77 24.69 12.74
CA ILE G 70 28.52 23.54 13.28
C ILE G 70 29.79 23.93 14.05
N PRO G 71 30.62 24.86 13.50
CA PRO G 71 31.82 25.22 14.27
C PRO G 71 31.51 25.83 15.64
N VAL G 72 30.55 26.74 15.69
CA VAL G 72 30.16 27.35 16.95
C VAL G 72 29.54 26.29 17.88
N TYR G 73 28.79 25.38 17.29
CA TYR G 73 28.20 24.26 18.01
C TYR G 73 29.28 23.45 18.74
N GLU G 74 30.29 23.02 17.99
CA GLU G 74 31.36 22.20 18.53
C GLU G 74 32.21 22.98 19.55
N GLN G 75 32.48 24.24 19.24
CA GLN G 75 33.25 25.09 20.14
C GLN G 75 32.56 25.26 21.49
N GLN G 76 31.30 25.68 21.45
CA GLN G 76 30.52 25.88 22.67
C GLN G 76 30.31 24.56 23.42
N LYS G 77 30.15 23.47 22.68
CA LYS G 77 30.00 22.16 23.30
C LYS G 77 31.25 21.80 24.09
N SER G 78 32.41 22.00 23.47
CA SER G 78 33.70 21.75 24.11
C SER G 78 33.88 22.60 25.36
N VAL G 79 33.67 23.91 25.21
CA VAL G 79 33.82 24.86 26.30
C VAL G 79 32.92 24.52 27.48
N PHE G 80 31.63 24.32 27.20
CA PHE G 80 30.66 24.01 28.25
C PHE G 80 30.94 22.68 28.93
N SER G 81 31.35 21.68 28.16
CA SER G 81 31.70 20.38 28.73
C SER G 81 32.85 20.53 29.73
N LYS G 82 33.98 21.02 29.21
CA LYS G 82 35.21 21.18 29.97
C LYS G 82 35.01 22.07 31.19
N TYR G 83 34.13 23.06 31.07
CA TYR G 83 33.87 23.99 32.17
C TYR G 83 32.98 23.37 33.24
N PHE G 84 31.95 22.66 32.81
CA PHE G 84 30.85 22.32 33.73
C PHE G 84 30.83 20.90 34.28
N GLU G 85 31.44 19.93 33.62
CA GLU G 85 31.21 18.55 34.06
C GLU G 85 31.91 18.26 35.39
N ARG G 86 33.00 18.97 35.66
CA ARG G 86 33.69 18.84 36.95
C ARG G 86 32.78 19.31 38.07
N HIS G 87 31.86 20.21 37.73
CA HIS G 87 30.83 20.67 38.66
C HIS G 87 29.76 19.61 38.86
N GLY G 88 29.71 18.65 37.94
CA GLY G 88 28.79 17.52 38.08
C GLY G 88 27.57 17.59 37.18
N TYR G 89 27.65 18.42 36.13
CA TYR G 89 26.53 18.57 35.21
C TYR G 89 26.84 17.89 33.87
N ARG G 90 26.07 16.86 33.53
CA ARG G 90 26.29 16.13 32.29
C ARG G 90 25.97 16.98 31.07
N VAL G 91 27.01 17.30 30.31
CA VAL G 91 26.89 18.14 29.13
C VAL G 91 26.92 17.31 27.85
N THR G 92 26.07 17.64 26.88
CA THR G 92 26.08 16.98 25.59
C THR G 92 25.64 17.94 24.48
N GLY G 93 25.56 17.41 23.27
CA GLY G 93 25.09 18.18 22.12
C GLY G 93 24.52 17.30 21.04
N ILE G 94 23.63 17.87 20.23
CA ILE G 94 23.07 17.14 19.09
C ILE G 94 23.10 18.00 17.83
N SER G 95 23.69 17.46 16.76
CA SER G 95 23.68 18.11 15.47
C SER G 95 23.07 17.18 14.43
N GLY G 96 23.06 17.61 13.17
CA GLY G 96 22.48 16.83 12.10
C GLY G 96 23.16 15.49 11.91
N ALA G 97 24.46 15.45 12.17
CA ALA G 97 25.25 14.23 12.00
C ALA G 97 24.87 13.16 13.02
N THR G 98 24.50 13.59 14.22
CA THR G 98 24.19 12.67 15.30
C THR G 98 22.73 12.77 15.74
N ALA G 99 21.84 13.03 14.80
CA ALA G 99 20.43 13.22 15.12
C ALA G 99 19.56 12.01 14.75
N GLU G 100 20.06 11.20 13.82
CA GLU G 100 19.26 10.10 13.30
C GLU G 100 19.41 8.82 14.12
N ASN G 101 18.29 8.11 14.28
CA ASN G 101 18.25 6.83 14.99
C ASN G 101 18.76 6.91 16.43
N VAL G 102 18.46 8.02 17.10
CA VAL G 102 18.80 8.18 18.50
C VAL G 102 17.63 8.75 19.29
N PRO G 103 17.42 8.27 20.52
CA PRO G 103 16.33 8.77 21.36
C PRO G 103 16.59 10.17 21.91
N VAL G 104 16.16 11.19 21.15
CA VAL G 104 16.38 12.58 21.53
C VAL G 104 15.77 12.91 22.89
N GLU G 105 14.60 12.35 23.17
CA GLU G 105 13.91 12.57 24.44
C GLU G 105 14.77 12.15 25.63
N GLN G 106 15.35 10.96 25.54
CA GLN G 106 16.20 10.44 26.60
C GLN G 106 17.49 11.23 26.73
N ILE G 107 18.06 11.62 25.59
CA ILE G 107 19.30 12.40 25.57
C ILE G 107 19.10 13.74 26.26
N VAL G 108 18.01 14.41 25.95
CA VAL G 108 17.65 15.68 26.58
C VAL G 108 17.38 15.48 28.07
N GLU G 109 16.67 14.40 28.39
CA GLU G 109 16.32 14.10 29.77
C GLU G 109 17.52 13.81 30.65
N ASN G 110 18.43 12.96 30.17
CA ASN G 110 19.56 12.50 30.97
C ASN G 110 20.75 13.44 30.96
N ASN G 111 20.56 14.65 30.42
CA ASN G 111 21.63 15.65 30.42
C ASN G 111 21.15 16.99 30.97
N ASP G 112 22.09 17.74 31.53
CA ASP G 112 21.76 19.01 32.18
C ASP G 112 21.98 20.20 31.25
N ILE G 113 23.03 20.12 30.43
CA ILE G 113 23.31 21.16 29.45
C ILE G 113 23.39 20.54 28.06
N ILE G 114 22.52 20.97 27.16
CA ILE G 114 22.49 20.40 25.82
C ILE G 114 22.67 21.49 24.75
N ILE G 115 23.62 21.27 23.84
CA ILE G 115 23.88 22.23 22.77
C ILE G 115 23.28 21.73 21.45
N LEU G 116 22.36 22.52 20.90
CA LEU G 116 21.64 22.15 19.69
C LEU G 116 21.89 23.09 18.53
N THR G 117 21.77 22.54 17.32
CA THR G 117 21.42 23.34 16.16
C THR G 117 19.89 23.34 16.17
N PRO G 118 19.28 24.53 16.10
CA PRO G 118 17.84 24.68 16.35
C PRO G 118 16.94 23.81 15.47
N GLN G 119 17.39 23.46 14.27
CA GLN G 119 16.58 22.63 13.38
C GLN G 119 16.27 21.28 14.01
N ILE G 120 17.19 20.80 14.85
CA ILE G 120 16.99 19.56 15.58
C ILE G 120 15.78 19.67 16.51
N LEU G 121 15.77 20.72 17.33
CA LEU G 121 14.66 20.94 18.26
C LEU G 121 13.37 21.22 17.52
N VAL G 122 13.46 21.91 16.38
CA VAL G 122 12.30 22.19 15.55
C VAL G 122 11.67 20.88 15.07
N ASN G 123 12.50 20.02 14.48
CA ASN G 123 12.04 18.75 13.96
C ASN G 123 11.50 17.83 15.04
N ASN G 124 12.14 17.84 16.21
CA ASN G 124 11.71 16.97 17.31
C ASN G 124 10.44 17.49 17.98
N LEU G 125 10.25 18.80 17.98
CA LEU G 125 9.02 19.40 18.47
C LEU G 125 7.87 19.07 17.54
N LYS G 126 8.12 19.20 16.24
CA LYS G 126 7.12 18.92 15.23
C LYS G 126 6.75 17.44 15.20
N LYS G 127 7.75 16.58 15.39
CA LYS G 127 7.54 15.14 15.40
C LYS G 127 6.87 14.68 16.69
N GLY G 128 7.02 15.47 17.74
CA GLY G 128 6.39 15.20 19.01
C GLY G 128 7.29 14.49 20.01
N THR G 129 8.48 14.10 19.58
CA THR G 129 9.45 13.42 20.44
C THR G 129 9.73 14.25 21.67
N ILE G 130 9.95 15.54 21.47
CA ILE G 130 10.00 16.49 22.57
C ILE G 130 8.63 17.17 22.67
N PRO G 131 7.81 16.74 23.63
CA PRO G 131 6.42 17.17 23.73
C PRO G 131 6.27 18.64 24.08
N SER G 132 7.20 19.18 24.86
CA SER G 132 7.11 20.56 25.31
C SER G 132 8.47 21.17 25.61
N LEU G 133 8.56 22.48 25.48
CA LEU G 133 9.78 23.21 25.82
C LEU G 133 9.88 23.41 27.33
N SER G 134 8.89 22.90 28.05
CA SER G 134 8.86 22.99 29.51
C SER G 134 9.94 22.13 30.14
N ILE G 135 10.50 21.20 29.37
CA ILE G 135 11.56 20.34 29.86
C ILE G 135 12.82 21.16 30.14
N PHE G 136 12.98 22.27 29.42
CA PHE G 136 14.11 23.16 29.64
C PHE G 136 13.76 24.26 30.63
N THR G 137 14.76 24.74 31.36
CA THR G 137 14.56 25.81 32.33
C THR G 137 15.25 27.09 31.86
N LEU G 138 16.11 26.96 30.85
CA LEU G 138 16.82 28.10 30.30
C LEU G 138 17.23 27.84 28.85
N MET G 139 16.82 28.75 27.96
CA MET G 139 17.18 28.66 26.56
C MET G 139 18.05 29.85 26.15
N ILE G 140 19.23 29.56 25.61
CA ILE G 140 20.12 30.61 25.15
C ILE G 140 20.26 30.58 23.63
N PHE G 141 19.97 31.69 22.98
CA PHE G 141 20.05 31.78 21.52
C PHE G 141 21.30 32.55 21.09
N ASP G 142 22.27 31.86 20.49
CA ASP G 142 23.43 32.55 19.93
C ASP G 142 23.02 33.24 18.63
N GLU G 143 23.39 34.50 18.49
CA GLU G 143 22.97 35.34 17.35
C GLU G 143 21.45 35.38 17.28
N CYS G 144 20.83 35.94 18.32
CA CYS G 144 19.37 35.91 18.47
C CYS G 144 18.65 36.81 17.49
N HIS G 145 19.39 37.69 16.81
CA HIS G 145 18.80 38.61 15.84
C HIS G 145 18.19 37.84 14.66
N ASN G 146 18.60 36.59 14.49
CA ASN G 146 18.06 35.74 13.44
C ASN G 146 16.63 35.27 13.74
N THR G 147 16.17 35.54 14.95
CA THR G 147 14.82 35.15 15.34
C THR G 147 13.79 36.02 14.64
N SER G 148 13.57 35.74 13.36
CA SER G 148 12.60 36.48 12.56
C SER G 148 12.20 35.65 11.35
N LYS G 149 11.04 35.98 10.78
CA LYS G 149 10.51 35.28 9.60
C LYS G 149 10.38 33.78 9.85
N GLN G 150 10.80 32.97 8.88
CA GLN G 150 10.66 31.52 9.00
C GLN G 150 11.96 30.84 9.40
N HIS G 151 12.73 31.51 10.25
CA HIS G 151 13.99 30.97 10.75
C HIS G 151 13.72 29.98 11.89
N PRO G 152 14.50 28.90 11.98
CA PRO G 152 14.36 27.87 13.03
C PRO G 152 14.24 28.44 14.44
N TYR G 153 15.04 29.46 14.75
CA TYR G 153 14.90 30.18 16.02
C TYR G 153 13.47 30.66 16.21
N ASN G 154 12.95 31.32 15.17
CA ASN G 154 11.61 31.89 15.22
C ASN G 154 10.54 30.80 15.26
N MET G 155 10.85 29.63 14.72
CA MET G 155 9.93 28.49 14.79
C MET G 155 9.84 27.98 16.23
N ILE G 156 11.00 27.78 16.84
CA ILE G 156 11.07 27.39 18.25
C ILE G 156 10.32 28.38 19.12
N MET G 157 10.52 29.67 18.84
CA MET G 157 9.84 30.72 19.59
C MET G 157 8.35 30.80 19.26
N PHE G 158 7.97 30.26 18.10
CA PHE G 158 6.55 30.16 17.75
C PHE G 158 5.92 29.09 18.62
N ASN G 159 6.64 28.00 18.84
CA ASN G 159 6.19 26.96 19.75
C ASN G 159 6.06 27.51 21.17
N TYR G 160 7.13 28.18 21.61
CA TYR G 160 7.18 28.80 22.93
C TYR G 160 6.00 29.76 23.15
N LEU G 161 5.79 30.68 22.22
CA LEU G 161 4.75 31.69 22.34
C LEU G 161 3.36 31.09 22.20
N ASP G 162 3.25 30.02 21.42
CA ASP G 162 1.98 29.31 21.29
C ASP G 162 1.61 28.70 22.63
N GLN G 163 2.59 28.12 23.31
CA GLN G 163 2.36 27.53 24.62
C GLN G 163 2.08 28.61 25.67
N LYS G 164 2.77 29.74 25.54
CA LYS G 164 2.64 30.85 26.50
C LYS G 164 1.27 31.50 26.42
N LEU G 165 0.88 31.89 25.21
CA LEU G 165 -0.36 32.62 25.00
C LEU G 165 -1.57 31.70 25.01
N GLY G 166 -1.32 30.39 25.10
CA GLY G 166 -2.39 29.42 25.23
C GLY G 166 -2.71 29.21 26.69
N GLY G 167 -3.83 28.53 26.96
CA GLY G 167 -4.22 28.22 28.32
C GLY G 167 -3.37 27.13 28.91
N SER G 168 -2.39 26.67 28.14
CA SER G 168 -1.46 25.63 28.56
C SER G 168 -0.74 26.04 29.83
N SER G 169 -0.78 25.16 30.83
CA SER G 169 -0.01 25.33 32.04
C SER G 169 1.39 24.74 31.86
N GLY G 170 2.08 24.51 32.96
CA GLY G 170 3.46 24.05 32.91
C GLY G 170 4.38 25.23 32.67
N PRO G 171 5.49 25.29 33.44
CA PRO G 171 6.40 26.44 33.38
C PRO G 171 7.15 26.55 32.06
N LEU G 172 7.55 27.76 31.72
CA LEU G 172 8.35 28.01 30.52
C LEU G 172 9.75 28.46 30.90
N PRO G 173 10.75 28.11 30.07
CA PRO G 173 12.14 28.47 30.37
C PRO G 173 12.42 29.96 30.18
N GLN G 174 13.40 30.46 30.93
CA GLN G 174 13.91 31.81 30.73
C GLN G 174 14.57 31.88 29.35
N VAL G 175 14.44 33.01 28.67
CA VAL G 175 15.02 33.15 27.33
C VAL G 175 16.10 34.23 27.28
N ILE G 176 17.31 33.81 26.95
CA ILE G 176 18.43 34.71 26.76
C ILE G 176 18.80 34.73 25.27
N GLY G 177 19.19 35.90 24.77
CA GLY G 177 19.58 36.03 23.38
C GLY G 177 20.85 36.85 23.23
N LEU G 178 21.89 36.24 22.68
CA LEU G 178 23.17 36.91 22.53
C LEU G 178 23.31 37.50 21.12
N THR G 179 23.60 38.80 21.04
CA THR G 179 23.81 39.42 19.74
C THR G 179 24.69 40.66 19.83
N ALA G 180 25.14 41.16 18.68
CA ALA G 180 25.92 42.38 18.63
C ALA G 180 25.09 43.51 18.03
N SER G 181 24.01 43.14 17.35
CA SER G 181 23.13 44.10 16.72
C SER G 181 21.73 43.52 16.53
N VAL G 182 20.75 44.13 17.20
CA VAL G 182 19.37 43.69 17.10
C VAL G 182 18.77 43.98 15.73
N GLY G 183 19.39 44.91 15.01
CA GLY G 183 18.91 45.30 13.69
C GLY G 183 17.78 46.30 13.77
N VAL G 184 17.43 46.91 12.64
CA VAL G 184 16.36 47.89 12.59
C VAL G 184 15.43 47.66 11.41
N GLY G 185 15.76 46.68 10.58
CA GLY G 185 14.96 46.39 9.40
C GLY G 185 15.06 47.50 8.37
N ASP G 186 13.96 47.75 7.66
CA ASP G 186 13.91 48.80 6.65
C ASP G 186 13.41 50.11 7.26
N ALA G 187 13.93 50.44 8.44
CA ALA G 187 13.53 51.66 9.13
C ALA G 187 14.11 52.90 8.48
N LYS G 188 13.43 54.03 8.65
CA LYS G 188 13.89 55.30 8.10
C LYS G 188 14.08 56.32 9.22
N ASN G 189 13.37 56.13 10.32
CA ASN G 189 13.50 57.00 11.48
C ASN G 189 13.50 56.21 12.79
N THR G 190 13.59 56.91 13.90
CA THR G 190 13.73 56.28 15.22
C THR G 190 12.52 55.43 15.60
N ASP G 191 11.32 55.91 15.30
CA ASP G 191 10.10 55.21 15.70
C ASP G 191 9.95 53.85 15.02
N GLU G 192 10.24 53.80 13.72
CA GLU G 192 10.17 52.55 12.96
C GLU G 192 11.16 51.54 13.51
N ALA G 193 12.38 52.01 13.78
CA ALA G 193 13.44 51.18 14.34
C ALA G 193 13.03 50.64 15.70
N LEU G 194 12.42 51.50 16.51
CA LEU G 194 11.98 51.11 17.85
C LEU G 194 10.88 50.07 17.77
N ASP G 195 9.98 50.22 16.79
CA ASP G 195 8.92 49.24 16.58
C ASP G 195 9.53 47.89 16.17
N TYR G 196 10.53 47.94 15.31
CA TYR G 196 11.22 46.72 14.88
C TYR G 196 11.89 46.01 16.05
N ILE G 197 12.61 46.77 16.87
CA ILE G 197 13.30 46.22 18.02
C ILE G 197 12.31 45.65 19.03
N CYS G 198 11.18 46.33 19.19
CA CYS G 198 10.11 45.84 20.05
C CYS G 198 9.55 44.52 19.51
N LYS G 199 9.47 44.41 18.18
CA LYS G 199 9.00 43.20 17.54
C LYS G 199 9.98 42.05 17.76
N LEU G 200 11.27 42.36 17.71
CA LEU G 200 12.30 41.35 17.95
C LEU G 200 12.26 40.88 19.40
N CYS G 201 12.10 41.83 20.32
CA CYS G 201 11.97 41.50 21.75
C CYS G 201 10.74 40.65 21.99
N ALA G 202 9.68 40.91 21.23
CA ALA G 202 8.45 40.14 21.33
C ALA G 202 8.65 38.72 20.81
N SER G 203 9.42 38.60 19.74
CA SER G 203 9.72 37.30 19.14
C SER G 203 10.53 36.42 20.10
N LEU G 204 11.25 37.06 21.01
CA LEU G 204 12.10 36.35 21.95
C LEU G 204 11.55 36.39 23.37
N ASP G 205 10.37 36.98 23.53
CA ASP G 205 9.71 37.12 24.83
C ASP G 205 10.61 37.86 25.82
N ALA G 206 11.46 38.74 25.29
CA ALA G 206 12.41 39.47 26.12
C ALA G 206 11.82 40.76 26.66
N SER G 207 12.07 41.03 27.93
CA SER G 207 11.57 42.24 28.58
C SER G 207 12.71 43.18 28.92
N VAL G 208 13.94 42.74 28.65
CA VAL G 208 15.13 43.51 28.98
C VAL G 208 16.15 43.48 27.83
N ILE G 209 16.70 44.64 27.49
CA ILE G 209 17.83 44.70 26.58
C ILE G 209 19.08 45.09 27.36
N ALA G 210 20.02 44.16 27.50
CA ALA G 210 21.21 44.39 28.31
C ALA G 210 22.37 44.93 27.48
N THR G 211 22.82 46.14 27.82
CA THR G 211 23.99 46.73 27.19
C THR G 211 24.94 47.27 28.27
N VAL G 212 26.17 47.59 27.87
CA VAL G 212 27.15 48.13 28.79
C VAL G 212 26.97 49.64 28.94
N LYS G 213 26.89 50.12 30.17
CA LYS G 213 26.70 51.53 30.45
C LYS G 213 27.65 52.03 31.53
N HIS G 214 27.77 51.27 32.61
CA HIS G 214 28.55 51.67 33.77
C HIS G 214 30.02 51.31 33.62
N ASN G 215 30.32 50.43 32.68
CA ASN G 215 31.69 49.97 32.47
C ASN G 215 32.14 50.15 31.03
N LEU G 216 31.78 51.28 30.43
CA LEU G 216 32.11 51.54 29.03
C LEU G 216 33.61 51.68 28.78
N GLU G 217 34.32 52.31 29.71
CA GLU G 217 35.75 52.54 29.57
C GLU G 217 36.56 51.24 29.66
N GLU G 218 36.04 50.28 30.43
CA GLU G 218 36.65 48.96 30.48
C GLU G 218 36.44 48.24 29.16
N LEU G 219 35.25 48.40 28.60
CA LEU G 219 34.89 47.74 27.35
C LEU G 219 35.65 48.31 26.15
N GLU G 220 35.88 49.62 26.16
CA GLU G 220 36.49 50.32 25.03
C GLU G 220 38.01 50.17 25.02
N GLN G 221 38.55 49.46 26.01
CA GLN G 221 39.98 49.16 26.03
C GLN G 221 40.23 47.70 25.68
N VAL G 222 39.16 46.91 25.68
CA VAL G 222 39.22 45.53 25.23
C VAL G 222 38.82 45.44 23.77
N VAL G 223 37.76 46.16 23.41
CA VAL G 223 37.25 46.17 22.04
C VAL G 223 37.25 47.57 21.45
N TYR G 224 38.11 47.77 20.46
CA TYR G 224 38.21 49.06 19.79
C TYR G 224 37.46 49.06 18.45
N LYS G 225 36.86 50.20 18.13
CA LYS G 225 36.17 50.36 16.85
C LYS G 225 37.16 50.78 15.77
N PRO G 226 37.31 49.94 14.74
CA PRO G 226 38.24 50.26 13.64
C PRO G 226 37.78 51.48 12.84
N GLN G 227 38.73 52.31 12.44
CA GLN G 227 38.43 53.48 11.62
C GLN G 227 38.04 53.06 10.20
N LYS G 228 36.99 53.65 9.66
CA LYS G 228 36.53 53.30 8.32
C LYS G 228 36.89 54.39 7.30
N PHE G 229 37.30 53.95 6.11
CA PHE G 229 37.64 54.83 5.02
C PHE G 229 36.81 54.44 3.79
N PHE G 230 36.47 55.43 2.97
CA PHE G 230 35.72 55.17 1.76
C PHE G 230 36.54 55.45 0.51
N ARG G 231 36.77 54.41 -0.29
CA ARG G 231 37.58 54.53 -1.49
C ARG G 231 36.74 54.45 -2.75
N LYS G 232 36.41 55.60 -3.31
CA LYS G 232 35.65 55.69 -4.56
C LYS G 232 36.59 55.82 -5.75
N VAL G 233 36.55 54.82 -6.63
CA VAL G 233 37.41 54.81 -7.80
C VAL G 233 36.59 54.78 -9.08
N GLU G 234 37.26 54.70 -10.22
CA GLU G 234 36.58 54.71 -11.51
C GLU G 234 36.71 53.38 -12.23
N SER G 235 35.74 53.08 -13.09
CA SER G 235 35.78 51.89 -13.92
C SER G 235 36.78 52.08 -15.06
N ARG G 236 37.24 50.98 -15.64
CA ARG G 236 38.22 51.03 -16.71
C ARG G 236 37.66 51.76 -17.94
N ILE G 237 38.44 52.71 -18.45
CA ILE G 237 37.97 53.58 -19.53
C ILE G 237 37.96 52.86 -20.88
N SER G 238 39.01 52.12 -21.18
CA SER G 238 39.11 51.40 -22.44
C SER G 238 38.86 49.92 -22.23
N ASP G 239 37.87 49.38 -22.93
CA ASP G 239 37.49 47.98 -22.76
C ASP G 239 37.18 47.34 -24.10
N LYS G 240 38.22 46.95 -24.82
CA LYS G 240 38.06 46.25 -26.09
C LYS G 240 37.60 44.82 -25.82
N PHE G 241 37.94 44.30 -24.65
CA PHE G 241 37.51 42.98 -24.20
C PHE G 241 35.99 42.88 -24.24
N LYS G 242 35.34 43.88 -23.66
CA LYS G 242 33.88 43.92 -23.63
C LYS G 242 33.32 44.05 -25.04
N TYR G 243 34.05 44.70 -25.93
CA TYR G 243 33.61 44.84 -27.32
C TYR G 243 33.61 43.49 -28.02
N ILE G 244 34.72 42.77 -27.87
CA ILE G 244 34.85 41.44 -28.47
C ILE G 244 33.80 40.47 -27.92
N ILE G 245 33.70 40.41 -26.60
CA ILE G 245 32.74 39.54 -25.95
C ILE G 245 31.31 39.92 -26.33
N ALA G 246 31.06 41.21 -26.50
CA ALA G 246 29.75 41.70 -26.93
C ALA G 246 29.45 41.23 -28.34
N GLN G 247 30.48 41.23 -29.20
CA GLN G 247 30.30 40.76 -30.56
C GLN G 247 29.97 39.26 -30.57
N LEU G 248 30.67 38.50 -29.73
CA LEU G 248 30.39 37.08 -29.57
C LEU G 248 28.95 36.86 -29.08
N MET G 249 28.51 37.73 -28.17
CA MET G 249 27.16 37.67 -27.63
C MET G 249 26.12 37.93 -28.71
N ARG G 250 26.37 38.95 -29.53
CA ARG G 250 25.45 39.29 -30.60
C ARG G 250 25.39 38.18 -31.64
N ASP G 251 26.53 37.54 -31.89
CA ASP G 251 26.59 36.41 -32.81
C ASP G 251 25.77 35.25 -32.26
N THR G 252 25.93 34.97 -30.98
CA THR G 252 25.19 33.88 -30.33
C THR G 252 23.69 34.18 -30.34
N GLU G 253 23.34 35.45 -30.16
CA GLU G 253 21.95 35.89 -30.23
C GLU G 253 21.41 35.71 -31.64
N SER G 254 22.26 35.91 -32.63
CA SER G 254 21.87 35.77 -34.04
C SER G 254 21.65 34.31 -34.40
N LEU G 255 22.47 33.43 -33.85
CA LEU G 255 22.28 31.99 -34.03
C LEU G 255 20.99 31.54 -33.36
N ALA G 256 20.82 31.96 -32.12
CA ALA G 256 19.62 31.64 -31.33
C ALA G 256 18.35 32.10 -32.03
N LYS G 257 18.39 33.30 -32.61
CA LYS G 257 17.25 33.84 -33.34
C LYS G 257 17.08 33.14 -34.67
N ARG G 258 18.18 32.62 -35.21
CA ARG G 258 18.16 31.91 -36.48
C ARG G 258 17.47 30.56 -36.32
N ILE G 259 17.59 29.98 -35.13
CA ILE G 259 16.94 28.71 -34.87
C ILE G 259 15.46 28.88 -34.54
N CYS G 260 15.12 29.91 -33.76
CA CYS G 260 13.74 30.14 -33.36
C CYS G 260 13.37 31.62 -33.33
N LYS G 261 12.13 31.92 -33.67
CA LYS G 261 11.64 33.30 -33.68
C LYS G 261 10.29 33.41 -32.98
N ARG G 272 18.76 46.55 -22.36
CA ARG G 272 19.59 45.45 -21.90
C ARG G 272 21.03 45.54 -22.46
N GLU G 273 21.93 46.08 -21.65
CA GLU G 273 23.33 46.14 -22.03
C GLU G 273 24.07 44.92 -21.50
N PHE G 274 25.02 44.42 -22.27
CA PHE G 274 25.77 43.23 -21.89
C PHE G 274 26.59 43.48 -20.63
N GLY G 275 26.83 42.43 -19.85
CA GLY G 275 27.60 42.54 -18.64
C GLY G 275 26.85 43.21 -17.51
N THR G 276 25.56 42.92 -17.41
CA THR G 276 24.72 43.47 -16.34
C THR G 276 23.88 42.36 -15.70
N GLN G 277 23.27 42.68 -14.56
CA GLN G 277 22.40 41.74 -13.87
C GLN G 277 21.06 41.63 -14.60
N LYS G 278 20.66 42.71 -15.25
CA LYS G 278 19.41 42.74 -16.01
C LYS G 278 19.46 41.80 -17.20
N TYR G 279 20.58 41.80 -17.91
CA TYR G 279 20.74 40.91 -19.06
C TYR G 279 20.77 39.46 -18.60
N GLU G 280 21.24 39.24 -17.38
CA GLU G 280 21.27 37.91 -16.79
C GLU G 280 19.85 37.44 -16.48
N GLN G 281 19.07 38.30 -15.83
CA GLN G 281 17.67 37.98 -15.54
C GLN G 281 16.91 37.72 -16.85
N TRP G 282 17.23 38.53 -17.85
CA TRP G 282 16.59 38.40 -19.15
C TRP G 282 16.91 37.07 -19.81
N ILE G 283 18.20 36.71 -19.84
CA ILE G 283 18.61 35.48 -20.52
C ILE G 283 18.14 34.25 -19.75
N VAL G 284 17.96 34.40 -18.43
CA VAL G 284 17.39 33.32 -17.63
C VAL G 284 15.92 33.14 -17.98
N THR G 285 15.19 34.24 -18.03
CA THR G 285 13.78 34.23 -18.42
C THR G 285 13.61 33.65 -19.82
N VAL G 286 14.56 33.97 -20.70
CA VAL G 286 14.54 33.49 -22.08
C VAL G 286 14.80 32.00 -22.14
N GLN G 287 15.77 31.53 -21.37
CA GLN G 287 16.06 30.10 -21.31
C GLN G 287 14.84 29.31 -20.82
N LYS G 288 14.25 29.80 -19.73
CA LYS G 288 13.04 29.18 -19.18
C LYS G 288 11.91 29.20 -20.20
N ALA G 289 11.81 30.29 -20.96
CA ALA G 289 10.77 30.41 -21.97
C ALA G 289 11.02 29.50 -23.17
N CYS G 290 12.28 29.15 -23.39
CA CYS G 290 12.67 28.30 -24.51
C CYS G 290 12.50 26.84 -24.15
N MET G 291 12.56 26.55 -22.84
CA MET G 291 12.37 25.18 -22.37
C MET G 291 10.98 24.64 -22.68
N VAL G 292 10.04 25.52 -22.99
CA VAL G 292 8.67 25.10 -23.26
C VAL G 292 8.24 25.38 -24.71
N PHE G 293 9.18 25.30 -25.64
CA PHE G 293 8.89 25.46 -27.05
C PHE G 293 8.26 24.20 -27.62
N GLN G 294 7.14 24.35 -28.32
CA GLN G 294 6.39 23.19 -28.82
C GLN G 294 6.41 23.05 -30.33
N MET G 295 6.46 21.80 -30.79
CA MET G 295 6.44 21.47 -32.21
C MET G 295 5.83 20.09 -32.42
N PRO G 296 5.20 19.86 -33.58
CA PRO G 296 4.65 18.53 -33.89
C PRO G 296 5.74 17.47 -33.99
N ASP G 297 6.84 17.80 -34.66
CA ASP G 297 8.00 16.93 -34.71
C ASP G 297 8.78 17.07 -33.41
N LYS G 298 8.87 15.98 -32.66
CA LYS G 298 9.45 16.04 -31.31
C LYS G 298 10.96 15.90 -31.30
N ASP G 299 11.52 15.24 -32.32
CA ASP G 299 12.97 15.14 -32.44
C ASP G 299 13.55 16.51 -32.75
N GLU G 300 12.89 17.22 -33.66
CA GLU G 300 13.27 18.59 -34.00
C GLU G 300 13.05 19.52 -32.83
N GLU G 301 11.98 19.29 -32.07
CA GLU G 301 11.71 20.07 -30.87
C GLU G 301 12.84 19.89 -29.86
N SER G 302 13.30 18.65 -29.73
CA SER G 302 14.42 18.32 -28.86
C SER G 302 15.68 19.05 -29.30
N ARG G 303 16.00 18.94 -30.59
CA ARG G 303 17.20 19.57 -31.15
C ARG G 303 17.18 21.08 -30.93
N ILE G 304 16.02 21.70 -31.19
CA ILE G 304 15.87 23.14 -31.08
C ILE G 304 15.95 23.61 -29.62
N CYS G 305 15.23 22.94 -28.73
CA CYS G 305 15.25 23.29 -27.32
C CYS G 305 16.66 23.15 -26.74
N LYS G 306 17.35 22.07 -27.11
CA LYS G 306 18.72 21.86 -26.69
C LYS G 306 19.62 22.98 -27.22
N ALA G 307 19.39 23.34 -28.48
CA ALA G 307 20.13 24.42 -29.13
C ALA G 307 20.00 25.72 -28.35
N LEU G 308 18.76 26.12 -28.09
CA LEU G 308 18.48 27.36 -27.38
C LEU G 308 19.03 27.33 -25.95
N PHE G 309 18.97 26.16 -25.33
CA PHE G 309 19.53 25.98 -23.99
C PHE G 309 21.04 26.25 -24.00
N LEU G 310 21.73 25.67 -24.98
CA LEU G 310 23.17 25.85 -25.13
C LEU G 310 23.52 27.31 -25.40
N TYR G 311 22.77 27.93 -26.31
CA TYR G 311 22.98 29.33 -26.66
C TYR G 311 22.82 30.25 -25.45
N THR G 312 21.71 30.09 -24.73
CA THR G 312 21.45 30.90 -23.54
C THR G 312 22.49 30.65 -22.45
N SER G 313 22.96 29.41 -22.35
CA SER G 313 23.99 29.06 -21.39
C SER G 313 25.30 29.79 -21.71
N HIS G 314 25.69 29.75 -22.97
CA HIS G 314 26.91 30.42 -23.42
C HIS G 314 26.81 31.93 -23.24
N LEU G 315 25.63 32.48 -23.51
CA LEU G 315 25.39 33.91 -23.32
C LEU G 315 25.54 34.28 -21.84
N ARG G 316 24.99 33.42 -20.98
CA ARG G 316 25.10 33.60 -19.54
C ARG G 316 26.56 33.59 -19.08
N LYS G 317 27.32 32.62 -19.59
CA LYS G 317 28.74 32.51 -19.24
C LYS G 317 29.53 33.72 -19.71
N TYR G 318 29.24 34.17 -20.92
CA TYR G 318 29.86 35.38 -21.46
C TYR G 318 29.56 36.58 -20.56
N ASN G 319 28.31 36.66 -20.09
CA ASN G 319 27.88 37.74 -19.20
C ASN G 319 28.65 37.73 -17.89
N ASP G 320 28.70 36.55 -17.27
CA ASP G 320 29.47 36.35 -16.04
C ASP G 320 30.91 36.78 -16.25
N ALA G 321 31.47 36.43 -17.41
CA ALA G 321 32.83 36.81 -17.75
C ALA G 321 32.98 38.33 -17.81
N LEU G 322 32.01 39.00 -18.43
CA LEU G 322 32.04 40.46 -18.49
C LEU G 322 32.01 41.08 -17.10
N ILE G 323 31.21 40.51 -16.20
CA ILE G 323 31.13 41.01 -14.83
C ILE G 323 32.45 40.81 -14.08
N ILE G 324 33.03 39.62 -14.23
CA ILE G 324 34.32 39.32 -13.63
C ILE G 324 35.40 40.28 -14.11
N SER G 325 35.42 40.51 -15.42
CA SER G 325 36.35 41.45 -16.03
C SER G 325 36.12 42.86 -15.51
N GLU G 326 34.85 43.18 -15.21
CA GLU G 326 34.51 44.49 -14.66
C GLU G 326 35.05 44.65 -13.25
N HIS G 327 35.04 43.57 -12.48
CA HIS G 327 35.49 43.64 -11.09
C HIS G 327 36.93 43.17 -10.89
N ALA G 328 37.59 42.71 -11.95
CA ALA G 328 38.95 42.21 -11.83
C ALA G 328 39.73 42.29 -13.14
N ARG G 329 40.74 41.42 -13.27
CA ARG G 329 41.56 41.37 -14.48
C ARG G 329 40.78 40.81 -15.66
N MET G 330 41.28 41.09 -16.86
CA MET G 330 40.72 40.50 -18.07
C MET G 330 41.14 39.04 -18.16
N LYS G 331 42.31 38.74 -17.60
CA LYS G 331 42.81 37.37 -17.56
C LYS G 331 41.88 36.47 -16.75
N ASP G 332 41.28 37.04 -15.70
CA ASP G 332 40.36 36.29 -14.86
C ASP G 332 39.12 35.88 -15.63
N ALA G 333 38.56 36.82 -16.37
CA ALA G 333 37.39 36.57 -17.20
C ALA G 333 37.70 35.57 -18.31
N LEU G 334 38.85 35.77 -18.95
CA LEU G 334 39.29 34.91 -20.04
C LEU G 334 39.53 33.49 -19.55
N ASP G 335 40.04 33.36 -18.32
CA ASP G 335 40.28 32.06 -17.72
C ASP G 335 38.97 31.42 -17.31
N TYR G 336 38.01 32.25 -16.94
CA TYR G 336 36.67 31.78 -16.61
C TYR G 336 36.03 31.15 -17.85
N LEU G 337 36.12 31.87 -18.96
CA LEU G 337 35.61 31.39 -20.24
C LEU G 337 36.35 30.15 -20.71
N LYS G 338 37.67 30.16 -20.58
CA LYS G 338 38.49 29.02 -20.96
C LYS G 338 38.13 27.79 -20.16
N ASP G 339 37.85 27.98 -18.87
CA ASP G 339 37.43 26.90 -18.00
C ASP G 339 36.06 26.38 -18.40
N PHE G 340 35.17 27.30 -18.77
CA PHE G 340 33.84 26.93 -19.21
C PHE G 340 33.89 26.08 -20.48
N PHE G 341 34.57 26.58 -21.50
CA PHE G 341 34.71 25.86 -22.76
C PHE G 341 35.51 24.57 -22.58
N SER G 342 36.34 24.54 -21.54
CA SER G 342 37.08 23.33 -21.21
C SER G 342 36.14 22.28 -20.63
N ASN G 343 35.17 22.74 -19.85
CA ASN G 343 34.17 21.85 -19.26
C ASN G 343 33.12 21.44 -20.29
N VAL G 344 32.97 22.27 -21.32
CA VAL G 344 32.15 21.92 -22.46
C VAL G 344 32.81 20.74 -23.16
N ARG G 345 34.15 20.71 -23.13
CA ARG G 345 34.86 19.54 -23.61
C ARG G 345 34.92 18.55 -22.44
N ALA G 346 35.26 17.29 -22.73
CA ALA G 346 35.30 16.21 -21.76
C ALA G 346 33.88 15.84 -21.32
N ALA G 347 32.91 16.48 -21.97
CA ALA G 347 31.50 16.24 -21.73
C ALA G 347 30.80 15.89 -23.04
N GLY G 348 31.60 15.75 -24.10
CA GLY G 348 31.07 15.41 -25.41
C GLY G 348 30.58 16.61 -26.20
N PHE G 349 31.26 16.89 -27.30
CA PHE G 349 30.89 18.03 -28.14
C PHE G 349 29.59 17.83 -28.90
N ASP G 350 28.71 18.82 -28.80
CA ASP G 350 27.57 18.89 -29.70
C ASP G 350 28.03 19.65 -30.94
N GLU G 351 27.30 19.49 -32.04
CA GLU G 351 27.61 20.22 -33.27
C GLU G 351 27.63 21.72 -33.00
N ILE G 352 26.62 22.20 -32.30
CA ILE G 352 26.49 23.60 -31.96
C ILE G 352 27.55 24.03 -30.96
N GLU G 353 27.86 23.16 -30.00
CA GLU G 353 28.94 23.41 -29.06
C GLU G 353 30.28 23.53 -29.80
N GLN G 354 30.42 22.75 -30.86
CA GLN G 354 31.62 22.81 -31.69
C GLN G 354 31.68 24.13 -32.44
N ASP G 355 30.54 24.56 -32.97
CA ASP G 355 30.45 25.83 -33.68
C ASP G 355 30.82 27.00 -32.76
N LEU G 356 30.22 27.02 -31.58
CA LEU G 356 30.45 28.09 -30.60
C LEU G 356 31.89 28.08 -30.09
N THR G 357 32.43 26.89 -29.83
CA THR G 357 33.80 26.74 -29.38
C THR G 357 34.77 27.23 -30.45
N GLN G 358 34.42 27.00 -31.71
CA GLN G 358 35.22 27.48 -32.82
C GLN G 358 35.17 29.01 -32.90
N ARG G 359 33.96 29.56 -32.77
CA ARG G 359 33.75 31.00 -32.80
C ARG G 359 34.49 31.71 -31.67
N PHE G 360 34.59 31.06 -30.52
CA PHE G 360 35.34 31.61 -29.41
C PHE G 360 36.84 31.46 -29.64
N GLU G 361 37.22 30.36 -30.26
CA GLU G 361 38.62 30.05 -30.53
C GLU G 361 39.24 31.03 -31.53
N GLU G 362 38.44 31.50 -32.50
CA GLU G 362 38.95 32.43 -33.49
C GLU G 362 39.26 33.79 -32.85
N LYS G 363 38.41 34.19 -31.90
CA LYS G 363 38.59 35.48 -31.24
C LYS G 363 39.54 35.37 -30.06
N LEU G 364 39.88 34.13 -29.69
CA LEU G 364 40.69 33.85 -28.52
C LEU G 364 42.07 34.52 -28.57
N GLN G 365 42.68 34.53 -29.75
CA GLN G 365 44.00 35.13 -29.92
C GLN G 365 43.96 36.63 -29.64
N GLU G 366 42.97 37.31 -30.23
CA GLU G 366 42.81 38.74 -30.03
C GLU G 366 42.45 39.05 -28.59
N LEU G 367 41.61 38.21 -27.99
CA LEU G 367 41.20 38.36 -26.60
C LEU G 367 42.39 38.29 -25.66
N GLU G 368 43.21 37.26 -25.84
CA GLU G 368 44.37 37.04 -25.00
C GLU G 368 45.41 38.14 -25.24
N SER G 369 45.50 38.60 -26.48
CA SER G 369 46.41 39.68 -26.84
C SER G 369 46.04 40.98 -26.14
N VAL G 370 44.74 41.27 -26.10
CA VAL G 370 44.24 42.45 -25.41
C VAL G 370 44.41 42.29 -23.89
N SER G 371 44.23 41.06 -23.42
CA SER G 371 44.35 40.75 -22.00
C SER G 371 45.76 40.97 -21.48
N ARG G 372 46.75 40.53 -22.24
CA ARG G 372 48.15 40.63 -21.82
C ARG G 372 48.63 42.08 -21.75
N ASP G 373 47.93 42.97 -22.43
CA ASP G 373 48.30 44.39 -22.45
C ASP G 373 48.17 45.02 -21.07
N PRO G 374 49.30 45.45 -20.49
CA PRO G 374 49.34 46.06 -19.15
C PRO G 374 48.57 47.37 -19.09
N SER G 375 48.38 48.02 -20.24
CA SER G 375 47.66 49.28 -20.30
C SER G 375 46.17 49.09 -20.03
N ASN G 376 45.67 47.88 -20.33
CA ASN G 376 44.28 47.56 -20.08
C ASN G 376 44.07 46.93 -18.71
N GLU G 377 44.48 47.65 -17.66
CA GLU G 377 44.34 47.16 -16.30
C GLU G 377 43.21 47.84 -15.55
N ASN G 378 42.63 47.11 -14.60
CA ASN G 378 41.52 47.62 -13.80
C ASN G 378 42.02 48.55 -12.70
N PRO G 379 41.55 49.81 -12.72
CA PRO G 379 41.94 50.83 -11.72
C PRO G 379 41.70 50.39 -10.28
N LYS G 380 40.65 49.59 -10.07
CA LYS G 380 40.29 49.13 -8.74
C LYS G 380 41.37 48.23 -8.14
N LEU G 381 41.95 47.38 -8.98
CA LEU G 381 43.02 46.51 -8.55
C LEU G 381 44.29 47.32 -8.27
N GLU G 382 44.46 48.41 -9.01
CA GLU G 382 45.61 49.30 -8.82
C GLU G 382 45.50 50.03 -7.49
N ASP G 383 44.30 50.50 -7.18
CA ASP G 383 44.04 51.22 -5.94
C ASP G 383 44.14 50.27 -4.74
N LEU G 384 43.60 49.06 -4.91
CA LEU G 384 43.70 48.03 -3.88
C LEU G 384 45.15 47.68 -3.61
N CYS G 385 45.90 47.49 -4.69
CA CYS G 385 47.34 47.22 -4.59
C CYS G 385 48.06 48.36 -3.90
N PHE G 386 47.60 49.59 -4.15
CA PHE G 386 48.17 50.76 -3.51
C PHE G 386 47.93 50.75 -2.01
N ILE G 387 46.70 50.43 -1.62
CA ILE G 387 46.32 50.37 -0.21
C ILE G 387 47.13 49.31 0.52
N LEU G 388 47.16 48.10 -0.04
CA LEU G 388 47.94 47.01 0.53
C LEU G 388 49.42 47.37 0.62
N GLN G 389 49.94 48.01 -0.43
CA GLN G 389 51.33 48.44 -0.47
C GLN G 389 51.65 49.42 0.65
N GLU G 390 50.83 50.46 0.79
CA GLU G 390 51.04 51.46 1.83
C GLU G 390 50.97 50.85 3.22
N GLU G 391 49.90 50.08 3.46
CA GLU G 391 49.68 49.51 4.79
C GLU G 391 50.75 48.51 5.19
N TYR G 392 51.20 47.69 4.26
CA TYR G 392 52.25 46.71 4.56
C TYR G 392 53.64 47.35 4.58
N HIS G 393 53.76 48.50 3.92
CA HIS G 393 54.99 49.28 3.98
C HIS G 393 55.13 49.87 5.37
N LEU G 394 54.03 50.42 5.89
CA LEU G 394 54.01 50.99 7.23
C LEU G 394 54.13 49.89 8.30
N ASN G 395 53.72 48.68 7.93
CA ASN G 395 53.74 47.56 8.87
C ASN G 395 53.71 46.22 8.14
N PRO G 396 54.89 45.60 7.96
CA PRO G 396 55.01 44.31 7.26
C PRO G 396 54.33 43.15 7.98
N GLU G 397 54.02 43.34 9.26
CA GLU G 397 53.39 42.28 10.05
C GLU G 397 51.87 42.39 10.00
N THR G 398 51.36 43.16 9.04
CA THR G 398 49.93 43.39 8.88
C THR G 398 49.17 42.10 8.58
N ILE G 399 48.03 41.92 9.25
CA ILE G 399 47.15 40.80 8.97
C ILE G 399 45.88 41.32 8.30
N THR G 400 45.67 40.94 7.04
CA THR G 400 44.59 41.50 6.25
C THR G 400 43.48 40.48 5.95
N ILE G 401 42.24 40.95 5.96
CA ILE G 401 41.13 40.15 5.45
C ILE G 401 40.44 40.94 4.33
N LEU G 402 40.09 40.25 3.26
CA LEU G 402 39.56 40.90 2.06
C LEU G 402 38.25 40.25 1.62
N PHE G 403 37.15 41.00 1.72
CA PHE G 403 35.82 40.49 1.39
C PHE G 403 35.42 40.82 -0.04
N VAL G 404 34.89 39.81 -0.74
CA VAL G 404 34.35 40.00 -2.08
C VAL G 404 33.01 39.29 -2.21
N LYS G 405 32.28 39.61 -3.27
CA LYS G 405 30.92 39.10 -3.43
C LYS G 405 30.86 37.64 -3.87
N THR G 406 31.67 37.27 -4.85
CA THR G 406 31.60 35.93 -5.44
C THR G 406 32.86 35.10 -5.21
N ARG G 407 32.73 33.78 -5.34
CA ARG G 407 33.86 32.88 -5.19
C ARG G 407 34.79 32.98 -6.40
N ALA G 408 34.21 33.29 -7.55
CA ALA G 408 34.97 33.54 -8.76
C ALA G 408 35.93 34.71 -8.55
N LEU G 409 35.43 35.74 -7.87
CA LEU G 409 36.24 36.91 -7.57
C LEU G 409 37.28 36.57 -6.51
N VAL G 410 36.97 35.60 -5.64
CA VAL G 410 37.94 35.11 -4.66
C VAL G 410 39.14 34.51 -5.37
N ASP G 411 38.88 33.48 -6.18
CA ASP G 411 39.95 32.81 -6.92
C ASP G 411 40.70 33.80 -7.81
N ALA G 412 39.95 34.68 -8.46
CA ALA G 412 40.53 35.69 -9.34
C ALA G 412 41.50 36.59 -8.59
N LEU G 413 41.09 37.04 -7.40
CA LEU G 413 41.93 37.94 -6.62
C LEU G 413 43.14 37.24 -6.02
N LYS G 414 43.00 35.96 -5.67
CA LYS G 414 44.16 35.22 -5.20
C LYS G 414 45.17 35.07 -6.33
N ASN G 415 44.68 34.73 -7.52
CA ASN G 415 45.53 34.62 -8.69
C ASN G 415 46.22 35.95 -9.01
N TRP G 416 45.48 37.03 -8.84
CA TRP G 416 46.01 38.37 -9.12
C TRP G 416 47.09 38.75 -8.11
N ILE G 417 46.87 38.45 -6.84
CA ILE G 417 47.84 38.74 -5.80
C ILE G 417 49.11 37.92 -6.01
N GLU G 418 48.94 36.62 -6.23
CA GLU G 418 50.07 35.72 -6.45
C GLU G 418 50.83 36.06 -7.73
N GLY G 419 50.13 36.66 -8.69
CA GLY G 419 50.73 37.02 -9.97
C GLY G 419 51.42 38.37 -9.95
N ASN G 420 50.94 39.26 -9.10
CA ASN G 420 51.49 40.61 -8.99
C ASN G 420 52.84 40.62 -8.28
N PRO G 421 53.87 41.16 -8.96
CA PRO G 421 55.20 41.31 -8.34
C PRO G 421 55.21 42.35 -7.21
N LYS G 422 54.33 43.34 -7.30
CA LYS G 422 54.26 44.41 -6.30
C LYS G 422 53.79 43.89 -4.94
N LEU G 423 53.08 42.78 -4.94
CA LEU G 423 52.50 42.24 -3.71
C LEU G 423 53.14 40.92 -3.30
N SER G 424 54.45 40.84 -3.49
CA SER G 424 55.20 39.62 -3.16
C SER G 424 55.17 39.32 -1.66
N PHE G 425 54.96 40.34 -0.86
CA PHE G 425 54.92 40.18 0.60
C PHE G 425 53.65 39.49 1.07
N LEU G 426 52.71 39.29 0.16
CA LEU G 426 51.43 38.66 0.49
C LEU G 426 51.45 37.15 0.24
N LYS G 427 50.85 36.41 1.15
CA LYS G 427 50.66 34.97 0.98
C LYS G 427 49.17 34.65 1.12
N PRO G 428 48.39 34.93 0.06
CA PRO G 428 46.93 34.90 0.11
C PRO G 428 46.35 33.52 0.41
N GLY G 429 45.29 33.51 1.23
CA GLY G 429 44.56 32.29 1.54
C GLY G 429 43.11 32.43 1.12
N ILE G 430 42.41 31.30 1.02
CA ILE G 430 41.03 31.29 0.54
C ILE G 430 40.05 30.91 1.63
N LEU G 431 38.92 31.61 1.68
CA LEU G 431 37.83 31.26 2.60
C LEU G 431 36.49 31.43 1.90
N THR G 432 35.75 30.34 1.73
CA THR G 432 34.44 30.40 1.11
C THR G 432 33.43 29.56 1.88
N GLY G 433 32.19 29.56 1.40
CA GLY G 433 31.17 28.71 1.98
C GLY G 433 31.39 27.27 1.57
N ARG G 434 30.53 26.37 2.04
CA ARG G 434 30.67 24.95 1.74
C ARG G 434 30.05 24.61 0.38
N GLY G 435 29.54 25.63 -0.31
CA GLY G 435 28.97 25.44 -1.63
C GLY G 435 27.65 24.68 -1.61
N LYS G 436 27.13 24.40 -2.80
CA LYS G 436 25.89 23.64 -2.91
C LYS G 436 26.13 22.16 -2.56
N THR G 437 25.16 21.55 -1.91
CA THR G 437 25.31 20.20 -1.39
C THR G 437 25.47 19.14 -2.47
N ASN G 438 25.03 19.46 -3.69
CA ASN G 438 25.09 18.49 -4.79
C ASN G 438 25.89 19.02 -5.98
N GLN G 439 26.94 19.78 -5.71
CA GLN G 439 27.80 20.30 -6.77
C GLN G 439 29.26 20.26 -6.38
N ASN G 440 30.13 20.03 -7.37
CA ASN G 440 31.57 19.93 -7.16
C ASN G 440 32.21 21.30 -6.99
N THR G 441 31.75 22.05 -5.99
CA THR G 441 32.24 23.42 -5.76
C THR G 441 32.45 23.71 -4.28
N GLY G 442 32.80 24.97 -3.99
CA GLY G 442 32.93 25.42 -2.62
C GLY G 442 34.18 24.93 -1.90
N MET G 443 34.06 24.76 -0.60
CA MET G 443 35.17 24.34 0.24
C MET G 443 34.67 23.64 1.49
N THR G 444 35.15 22.42 1.72
CA THR G 444 34.71 21.61 2.85
C THR G 444 35.06 22.26 4.19
N LEU G 445 34.38 21.86 5.25
CA LEU G 445 34.61 22.39 6.58
C LEU G 445 36.02 22.13 7.14
N PRO G 446 36.54 20.89 6.98
CA PRO G 446 37.91 20.70 7.47
C PRO G 446 38.94 21.49 6.66
N ALA G 447 38.63 21.80 5.41
CA ALA G 447 39.50 22.65 4.60
C ALA G 447 39.46 24.07 5.13
N GLN G 448 38.26 24.54 5.48
CA GLN G 448 38.09 25.84 6.11
C GLN G 448 38.91 25.93 7.38
N LYS G 449 38.78 24.92 8.25
CA LYS G 449 39.54 24.85 9.48
C LYS G 449 41.04 24.92 9.19
N CYS G 450 41.49 24.05 8.27
CA CYS G 450 42.90 24.00 7.88
C CYS G 450 43.45 25.36 7.48
N ILE G 451 42.74 26.06 6.61
CA ILE G 451 43.20 27.37 6.13
C ILE G 451 43.10 28.42 7.24
N LEU G 452 42.14 28.26 8.15
CA LEU G 452 41.94 29.23 9.23
C LEU G 452 43.02 29.13 10.30
N ASP G 453 43.48 27.93 10.60
CA ASP G 453 44.54 27.75 11.59
C ASP G 453 45.91 28.12 11.02
N ALA G 454 45.99 28.18 9.70
CA ALA G 454 47.23 28.58 9.03
C ALA G 454 47.28 30.09 8.86
N PHE G 455 46.14 30.74 9.11
CA PHE G 455 46.01 32.18 8.99
C PHE G 455 46.35 32.86 10.30
N LYS G 456 47.60 33.31 10.43
CA LYS G 456 48.07 34.00 11.63
C LYS G 456 49.41 34.69 11.36
N ALA G 457 49.92 35.39 12.37
CA ALA G 457 51.19 36.10 12.24
C ALA G 457 52.35 35.13 12.00
N SER G 458 52.42 34.08 12.80
CA SER G 458 53.45 33.06 12.66
C SER G 458 52.98 31.93 11.77
N GLY G 459 52.02 32.22 10.90
CA GLY G 459 51.46 31.23 10.00
C GLY G 459 51.94 31.37 8.57
N ASP G 460 51.28 30.65 7.67
CA ASP G 460 51.67 30.64 6.27
C ASP G 460 51.00 31.77 5.49
N HIS G 461 49.83 32.20 5.94
CA HIS G 461 49.02 33.15 5.17
C HIS G 461 49.01 34.55 5.78
N ASN G 462 49.27 35.54 4.93
CA ASN G 462 49.32 36.94 5.35
C ASN G 462 47.94 37.60 5.21
N ILE G 463 47.36 37.47 4.03
CA ILE G 463 46.05 38.03 3.74
C ILE G 463 45.06 36.90 3.44
N LEU G 464 43.82 37.06 3.92
CA LEU G 464 42.80 36.04 3.71
C LEU G 464 41.67 36.58 2.83
N ILE G 465 41.48 35.96 1.67
CA ILE G 465 40.42 36.38 0.75
C ILE G 465 39.16 35.55 0.97
N ALA G 466 38.09 36.22 1.38
CA ALA G 466 36.86 35.53 1.77
C ALA G 466 35.62 36.11 1.10
N THR G 467 34.58 35.28 0.98
CA THR G 467 33.29 35.71 0.47
C THR G 467 32.46 36.35 1.58
N SER G 468 31.86 35.51 2.41
CA SER G 468 30.99 35.96 3.49
C SER G 468 30.96 34.93 4.62
N VAL G 469 30.63 35.40 5.83
CA VAL G 469 30.55 34.54 7.00
C VAL G 469 29.27 34.81 7.79
N ALA G 470 28.45 33.78 7.97
CA ALA G 470 27.21 33.93 8.73
C ALA G 470 27.49 34.39 10.14
N ASP G 471 27.02 35.59 10.47
CA ASP G 471 27.20 36.21 11.78
C ASP G 471 28.68 36.34 12.17
N GLU G 472 28.94 36.35 13.47
CA GLU G 472 30.30 36.48 13.98
C GLU G 472 31.13 35.25 13.65
N GLY G 473 30.67 34.09 14.10
CA GLY G 473 31.38 32.84 13.88
C GLY G 473 32.54 32.66 14.83
N ILE G 474 33.39 31.69 14.55
CA ILE G 474 34.57 31.43 15.37
C ILE G 474 35.58 32.56 15.21
N ASP G 475 36.10 33.04 16.34
CA ASP G 475 37.16 34.04 16.32
C ASP G 475 38.39 33.53 15.59
N ILE G 476 38.91 34.33 14.68
CA ILE G 476 40.13 33.98 13.96
C ILE G 476 41.22 35.00 14.28
N ALA G 477 42.38 34.86 13.64
CA ALA G 477 43.50 35.77 13.87
C ALA G 477 43.08 37.21 13.61
N GLN G 478 43.36 38.09 14.57
CA GLN G 478 42.96 39.48 14.49
C GLN G 478 43.56 40.18 13.28
N CYS G 479 42.71 40.89 12.55
CA CYS G 479 43.13 41.60 11.35
C CYS G 479 43.15 43.11 11.59
N ASN G 480 44.33 43.70 11.46
CA ASN G 480 44.47 45.15 11.59
C ASN G 480 44.16 45.85 10.28
N LEU G 481 43.78 45.08 9.28
CA LEU G 481 43.35 45.62 7.99
C LEU G 481 42.20 44.81 7.40
N VAL G 482 41.06 45.48 7.22
CA VAL G 482 39.88 44.86 6.62
C VAL G 482 39.48 45.60 5.36
N ILE G 483 39.53 44.92 4.22
CA ILE G 483 39.18 45.55 2.96
C ILE G 483 37.89 44.99 2.39
N LEU G 484 36.93 45.86 2.13
CA LEU G 484 35.66 45.47 1.54
C LEU G 484 35.66 45.84 0.06
N TYR G 485 35.83 44.83 -0.79
CA TYR G 485 35.92 45.03 -2.24
C TYR G 485 34.55 44.89 -2.88
N GLU G 486 33.88 46.02 -3.11
CA GLU G 486 32.51 46.05 -3.63
C GLU G 486 31.58 45.23 -2.76
N TYR G 487 31.53 45.57 -1.48
CA TYR G 487 30.81 44.76 -0.50
C TYR G 487 29.62 45.49 0.12
N VAL G 488 28.43 45.01 -0.15
CA VAL G 488 27.20 45.59 0.39
C VAL G 488 26.54 44.63 1.39
N GLY G 489 26.25 45.14 2.58
CA GLY G 489 25.60 44.34 3.60
C GLY G 489 24.66 45.15 4.46
N ASN G 490 24.16 44.55 5.54
CA ASN G 490 23.27 45.25 6.45
C ASN G 490 24.01 45.83 7.64
N VAL G 491 23.28 46.50 8.53
CA VAL G 491 23.87 47.11 9.71
C VAL G 491 24.41 46.02 10.65
N ILE G 492 23.75 44.87 10.67
CA ILE G 492 24.13 43.78 11.55
C ILE G 492 25.51 43.25 11.21
N LYS G 493 25.73 42.91 9.95
CA LYS G 493 27.01 42.38 9.53
C LYS G 493 28.08 43.45 9.52
N MET G 494 27.67 44.70 9.35
CA MET G 494 28.60 45.81 9.43
C MET G 494 29.18 45.91 10.84
N ILE G 495 28.28 45.85 11.82
CA ILE G 495 28.68 45.89 13.23
C ILE G 495 29.48 44.64 13.60
N GLN G 496 29.10 43.51 13.03
CA GLN G 496 29.78 42.23 13.30
C GLN G 496 31.20 42.19 12.74
N THR G 497 31.41 42.79 11.57
CA THR G 497 32.71 42.75 10.89
C THR G 497 33.78 43.47 11.70
N ARG G 498 33.37 44.40 12.55
CA ARG G 498 34.28 45.12 13.43
C ARG G 498 35.05 44.17 14.35
N GLY G 499 34.48 42.99 14.59
CA GLY G 499 35.09 42.00 15.45
C GLY G 499 36.38 41.43 14.88
N ARG G 500 36.61 41.64 13.59
CA ARG G 500 37.83 41.17 12.94
C ARG G 500 39.01 42.04 13.34
N GLY G 501 38.76 43.32 13.57
CA GLY G 501 39.80 44.25 13.97
C GLY G 501 39.51 44.90 15.31
N ARG G 502 39.62 44.11 16.38
CA ARG G 502 39.30 44.59 17.72
C ARG G 502 40.45 45.41 18.32
N ALA G 503 41.65 45.19 17.84
CA ALA G 503 42.82 45.87 18.36
C ALA G 503 42.82 47.36 17.99
N ARG G 504 43.55 48.15 18.76
CA ARG G 504 43.68 49.57 18.50
C ARG G 504 44.37 49.85 17.17
N GLY G 505 43.84 50.81 16.42
CA GLY G 505 44.46 51.22 15.18
C GLY G 505 44.07 50.37 13.99
N SER G 506 43.16 49.43 14.21
CA SER G 506 42.64 48.60 13.14
C SER G 506 41.93 49.48 12.11
N LYS G 507 42.15 49.18 10.83
CA LYS G 507 41.60 50.00 9.75
C LYS G 507 40.71 49.18 8.83
N CYS G 508 39.69 49.83 8.30
CA CYS G 508 38.76 49.18 7.38
C CYS G 508 38.46 50.07 6.18
N PHE G 509 38.83 49.60 4.99
CA PHE G 509 38.57 50.36 3.76
C PHE G 509 37.37 49.79 3.01
N LEU G 510 36.63 50.66 2.35
CA LEU G 510 35.52 50.23 1.50
C LEU G 510 35.78 50.67 0.07
N LEU G 511 36.35 49.77 -0.72
CA LEU G 511 36.74 50.09 -2.09
C LEU G 511 35.62 49.75 -3.07
N THR G 512 35.20 50.75 -3.85
CA THR G 512 34.13 50.55 -4.82
C THR G 512 34.14 51.60 -5.92
N SER G 513 33.48 51.31 -7.04
CA SER G 513 33.44 52.22 -8.17
C SER G 513 32.02 52.74 -8.41
N ASN G 514 31.14 52.49 -7.46
CA ASN G 514 29.76 52.98 -7.55
C ASN G 514 29.25 53.53 -6.23
N ALA G 515 28.75 54.76 -6.27
CA ALA G 515 28.39 55.52 -5.08
C ALA G 515 27.29 54.85 -4.26
N GLY G 516 26.51 53.97 -4.88
CA GLY G 516 25.43 53.29 -4.20
C GLY G 516 25.90 52.47 -3.01
N VAL G 517 27.11 51.91 -3.13
CA VAL G 517 27.70 51.10 -2.07
C VAL G 517 28.06 51.95 -0.86
N ILE G 518 28.81 53.01 -1.10
CA ILE G 518 29.22 53.93 -0.04
C ILE G 518 28.00 54.54 0.64
N GLU G 519 27.04 54.97 -0.17
CA GLU G 519 25.79 55.54 0.33
C GLU G 519 25.04 54.53 1.18
N LYS G 520 25.05 53.27 0.76
CA LYS G 520 24.39 52.20 1.51
C LYS G 520 25.09 51.98 2.85
N GLU G 521 26.40 52.11 2.85
CA GLU G 521 27.17 51.98 4.09
C GLU G 521 26.85 53.12 5.05
N GLN G 522 26.73 54.32 4.51
CA GLN G 522 26.33 55.49 5.29
C GLN G 522 24.94 55.26 5.89
N ILE G 523 24.05 54.72 5.07
CA ILE G 523 22.71 54.36 5.51
C ILE G 523 22.78 53.38 6.66
N ASN G 524 23.64 52.38 6.55
CA ASN G 524 23.83 51.39 7.61
C ASN G 524 24.34 52.02 8.90
N MET G 525 25.26 52.97 8.79
CA MET G 525 25.80 53.65 9.96
C MET G 525 24.71 54.46 10.65
N TYR G 526 23.92 55.17 9.86
CA TYR G 526 22.79 55.92 10.39
C TYR G 526 21.79 54.98 11.07
N LYS G 527 21.62 53.81 10.48
CA LYS G 527 20.73 52.79 11.04
C LYS G 527 21.27 52.29 12.37
N GLU G 528 22.59 52.24 12.50
CA GLU G 528 23.21 51.86 13.77
C GLU G 528 22.95 52.94 14.81
N LYS G 529 23.04 54.20 14.38
CA LYS G 529 22.74 55.31 15.27
C LYS G 529 21.30 55.21 15.79
N MET G 530 20.37 55.00 14.86
CA MET G 530 18.96 54.83 15.20
C MET G 530 18.76 53.65 16.14
N MET G 531 19.53 52.59 15.91
CA MET G 531 19.44 51.38 16.73
C MET G 531 19.83 51.66 18.16
N ASN G 532 21.03 52.22 18.34
CA ASN G 532 21.53 52.55 19.67
C ASN G 532 20.64 53.54 20.41
N ASP G 533 20.22 54.59 19.71
CA ASP G 533 19.33 55.58 20.30
C ASP G 533 18.01 54.96 20.72
N SER G 534 17.49 54.07 19.88
CA SER G 534 16.23 53.39 20.18
C SER G 534 16.37 52.46 21.38
N ILE G 535 17.52 51.81 21.49
CA ILE G 535 17.80 50.95 22.63
C ILE G 535 17.86 51.77 23.92
N LEU G 536 18.56 52.90 23.85
CA LEU G 536 18.64 53.82 24.99
C LEU G 536 17.26 54.30 25.39
N ARG G 537 16.41 54.57 24.41
CA ARG G 537 15.05 55.02 24.68
C ARG G 537 14.21 53.93 25.34
N LEU G 538 14.32 52.71 24.82
CA LEU G 538 13.57 51.57 25.34
C LEU G 538 14.00 51.20 26.76
N GLN G 539 15.28 51.39 27.05
CA GLN G 539 15.83 51.03 28.35
C GLN G 539 15.33 51.92 29.47
N THR G 540 14.74 53.06 29.11
CA THR G 540 14.20 53.99 30.10
C THR G 540 12.75 53.64 30.46
N TRP G 541 12.11 52.84 29.61
CA TRP G 541 10.74 52.40 29.85
C TRP G 541 10.64 51.55 31.12
N ASP G 542 9.43 51.46 31.66
CA ASP G 542 9.17 50.57 32.79
C ASP G 542 9.00 49.15 32.25
N GLU G 543 9.55 48.18 32.98
CA GLU G 543 9.53 46.78 32.54
C GLU G 543 8.11 46.24 32.41
N ALA G 544 7.20 46.74 33.23
CA ALA G 544 5.81 46.29 33.19
C ALA G 544 5.12 46.74 31.90
N VAL G 545 5.28 48.02 31.58
CA VAL G 545 4.71 48.58 30.35
C VAL G 545 5.29 47.88 29.13
N PHE G 546 6.60 47.68 29.15
CA PHE G 546 7.30 47.01 28.07
C PHE G 546 6.78 45.58 27.91
N ARG G 547 6.58 44.88 29.03
CA ARG G 547 6.03 43.53 29.00
C ARG G 547 4.62 43.51 28.42
N GLU G 548 3.84 44.54 28.74
CA GLU G 548 2.49 44.66 28.22
C GLU G 548 2.50 44.84 26.70
N LYS G 549 3.37 45.74 26.23
CA LYS G 549 3.51 45.98 24.79
C LYS G 549 3.99 44.72 24.08
N ILE G 550 4.92 44.02 24.72
CA ILE G 550 5.44 42.75 24.21
C ILE G 550 4.33 41.74 24.05
N LEU G 551 3.52 41.57 25.08
CA LEU G 551 2.39 40.64 25.04
C LEU G 551 1.39 41.06 23.96
N HIS G 552 1.26 42.37 23.76
CA HIS G 552 0.37 42.89 22.73
C HIS G 552 0.83 42.47 21.34
N ILE G 553 2.10 42.74 21.04
CA ILE G 553 2.69 42.38 19.76
C ILE G 553 2.66 40.85 19.55
N GLN G 554 2.94 40.11 20.61
CA GLN G 554 2.90 38.65 20.58
C GLN G 554 1.50 38.14 20.23
N THR G 555 0.50 38.74 20.85
CA THR G 555 -0.89 38.33 20.63
C THR G 555 -1.32 38.67 19.20
N HIS G 556 -0.89 39.83 18.72
CA HIS G 556 -1.16 40.24 17.35
C HIS G 556 -0.57 39.25 16.36
N GLU G 557 0.73 39.01 16.49
CA GLU G 557 1.45 38.10 15.61
C GLU G 557 0.89 36.68 15.69
N LYS G 558 0.39 36.30 16.86
CA LYS G 558 -0.19 34.96 17.03
C LYS G 558 -1.54 34.86 16.36
N PHE G 559 -2.34 35.93 16.44
CA PHE G 559 -3.61 35.97 15.69
C PHE G 559 -3.33 35.80 14.21
N ILE G 560 -2.43 36.65 13.69
CA ILE G 560 -2.04 36.60 12.30
C ILE G 560 -1.55 35.22 11.89
N ARG G 561 -0.72 34.61 12.73
CA ARG G 561 -0.11 33.31 12.45
C ARG G 561 -1.15 32.18 12.48
N ASP G 562 -2.12 32.30 13.38
CA ASP G 562 -3.15 31.28 13.54
C ASP G 562 -4.16 31.33 12.41
N SER G 563 -4.34 32.53 11.84
CA SER G 563 -5.26 32.68 10.72
C SER G 563 -4.88 31.80 9.53
N GLN G 564 -3.59 31.81 9.17
CA GLN G 564 -3.12 31.06 8.01
C GLN G 564 -2.89 29.59 8.35
N PRO G 569 -5.30 24.03 -2.06
CA PRO G 569 -5.59 23.86 -3.49
C PRO G 569 -5.88 22.40 -3.85
N VAL G 570 -6.73 22.20 -4.86
CA VAL G 570 -7.07 20.85 -5.30
C VAL G 570 -5.90 20.23 -6.06
N PRO G 571 -5.56 18.97 -5.74
CA PRO G 571 -4.48 18.28 -6.43
C PRO G 571 -4.89 17.77 -7.82
N ASP G 572 -4.14 18.17 -8.84
CA ASP G 572 -4.41 17.71 -10.19
C ASP G 572 -4.09 16.22 -10.31
N LYS G 573 -5.15 15.41 -10.39
CA LYS G 573 -4.99 13.95 -10.42
C LYS G 573 -4.66 13.47 -11.83
N GLU G 574 -4.65 14.38 -12.79
CA GLU G 574 -4.31 14.05 -14.17
C GLU G 574 -2.85 13.63 -14.26
N ASN G 575 -2.59 12.59 -15.03
CA ASN G 575 -1.22 12.12 -15.21
C ASN G 575 -0.41 13.11 -16.04
N LYS G 576 0.78 13.43 -15.56
CA LYS G 576 1.64 14.40 -16.24
C LYS G 576 2.96 13.78 -16.66
N LYS G 577 3.51 14.27 -17.76
CA LYS G 577 4.83 13.86 -18.22
C LYS G 577 5.90 14.80 -17.70
N LEU G 578 6.90 14.24 -17.03
CA LEU G 578 8.08 14.97 -16.65
C LEU G 578 9.16 14.76 -17.70
N LEU G 579 9.48 15.84 -18.41
CA LEU G 579 10.44 15.85 -19.51
C LEU G 579 11.73 16.54 -19.10
N CYS G 580 12.84 16.22 -19.75
CA CYS G 580 14.10 16.88 -19.45
C CYS G 580 14.11 18.32 -19.99
N ARG G 581 14.48 19.27 -19.14
CA ARG G 581 14.44 20.69 -19.53
C ARG G 581 15.41 21.01 -20.66
N LYS G 582 16.36 20.13 -20.92
CA LYS G 582 17.35 20.39 -21.97
C LYS G 582 17.00 19.65 -23.28
N CYS G 583 16.47 18.43 -23.18
CA CYS G 583 16.20 17.63 -24.39
C CYS G 583 14.71 17.56 -24.71
N LYS G 584 13.87 17.86 -23.72
CA LYS G 584 12.43 17.58 -23.79
C LYS G 584 12.21 16.07 -23.89
N ALA G 585 13.18 15.30 -23.43
CA ALA G 585 13.09 13.84 -23.43
C ALA G 585 12.24 13.36 -22.26
N LEU G 586 11.45 12.32 -22.49
CA LEU G 586 10.58 11.77 -21.45
C LEU G 586 11.39 11.17 -20.31
N ALA G 587 11.37 11.83 -19.16
CA ALA G 587 12.00 11.29 -17.97
C ALA G 587 11.07 10.29 -17.31
N CYS G 588 9.87 10.75 -16.93
CA CYS G 588 8.91 9.83 -16.32
C CYS G 588 7.48 10.37 -16.30
N TYR G 589 6.59 9.63 -15.65
CA TYR G 589 5.23 10.09 -15.44
C TYR G 589 5.02 10.34 -13.95
N THR G 590 4.12 11.27 -13.62
CA THR G 590 3.85 11.61 -12.22
C THR G 590 3.23 10.42 -11.48
N ALA G 591 2.71 9.46 -12.23
CA ALA G 591 2.17 8.23 -11.66
C ALA G 591 3.28 7.37 -11.06
N ASP G 592 4.46 7.46 -11.67
CA ASP G 592 5.62 6.69 -11.22
C ASP G 592 6.26 7.32 -9.97
N VAL G 593 6.03 8.61 -9.80
CA VAL G 593 6.64 9.37 -8.71
C VAL G 593 6.02 9.04 -7.35
N ARG G 594 6.88 8.84 -6.36
CA ARG G 594 6.44 8.65 -4.98
C ARG G 594 7.09 9.67 -4.06
N VAL G 595 6.38 10.10 -3.03
CA VAL G 595 6.92 11.09 -2.11
C VAL G 595 7.33 10.45 -0.78
N ILE G 596 8.56 10.74 -0.34
CA ILE G 596 9.10 10.24 0.91
C ILE G 596 9.15 11.35 1.95
N GLU G 597 8.56 11.07 3.11
CA GLU G 597 8.50 12.00 4.24
C GLU G 597 8.05 13.40 3.85
N GLU G 598 7.10 13.45 2.92
CA GLU G 598 6.43 14.68 2.51
C GLU G 598 7.36 15.76 1.98
N CYS G 599 8.57 15.38 1.60
CA CYS G 599 9.54 16.36 1.11
C CYS G 599 10.35 15.86 -0.09
N HIS G 600 10.70 14.58 -0.09
CA HIS G 600 11.57 14.06 -1.14
C HIS G 600 10.76 13.29 -2.18
N TYR G 601 11.31 13.14 -3.39
CA TYR G 601 10.55 12.55 -4.48
C TYR G 601 11.36 11.56 -5.30
N THR G 602 10.93 10.30 -5.29
CA THR G 602 11.61 9.24 -6.01
C THR G 602 10.75 8.73 -7.16
N VAL G 603 11.32 7.83 -7.97
CA VAL G 603 10.61 7.28 -9.13
C VAL G 603 10.65 5.75 -9.12
N LEU G 604 9.50 5.13 -9.33
CA LEU G 604 9.42 3.68 -9.40
C LEU G 604 9.47 3.18 -10.83
N GLY G 605 9.77 1.90 -11.00
CA GLY G 605 9.79 1.28 -12.32
C GLY G 605 11.19 1.13 -12.88
N ASP G 606 11.41 0.02 -13.59
CA ASP G 606 12.71 -0.24 -14.20
C ASP G 606 12.86 0.51 -15.53
N ALA G 607 11.77 1.10 -15.99
CA ALA G 607 11.79 1.88 -17.22
C ALA G 607 12.59 3.17 -17.04
N PHE G 608 12.45 3.78 -15.87
CA PHE G 608 13.16 5.01 -15.56
C PHE G 608 14.67 4.79 -15.46
N LYS G 609 15.06 3.57 -15.13
CA LYS G 609 16.48 3.26 -14.92
C LYS G 609 17.31 3.44 -16.18
N GLU G 610 16.69 3.30 -17.35
CA GLU G 610 17.41 3.44 -18.60
C GLU G 610 17.36 4.88 -19.12
N CYS G 611 16.64 5.74 -18.41
CA CYS G 611 16.51 7.14 -18.82
C CYS G 611 17.65 8.00 -18.30
N PHE G 612 18.39 7.49 -17.32
CA PHE G 612 19.44 8.29 -16.70
C PHE G 612 20.77 7.55 -16.54
N VAL G 613 21.83 8.34 -16.42
CA VAL G 613 23.15 7.82 -16.05
C VAL G 613 23.52 8.42 -14.69
N SER G 614 24.68 8.03 -14.16
CA SER G 614 25.07 8.53 -12.84
C SER G 614 26.58 8.69 -12.67
N ARG G 615 26.97 9.65 -11.84
CA ARG G 615 28.35 9.86 -11.47
C ARG G 615 28.48 9.88 -9.95
N PRO G 616 29.58 9.32 -9.41
CA PRO G 616 29.76 9.29 -7.95
C PRO G 616 29.69 10.68 -7.32
N HIS G 617 28.89 10.81 -6.27
CA HIS G 617 28.61 12.10 -5.64
C HIS G 617 29.87 12.75 -5.07
N PRO G 618 30.07 14.05 -5.34
CA PRO G 618 31.25 14.78 -4.88
C PRO G 618 31.20 15.10 -3.39
N LYS G 619 30.01 15.15 -2.81
CA LYS G 619 29.87 15.45 -1.39
C LYS G 619 28.92 14.47 -0.69
N PRO G 620 29.35 13.22 -0.52
CA PRO G 620 28.49 12.20 0.11
C PRO G 620 28.23 12.48 1.59
N LYS G 621 27.04 12.97 1.90
CA LYS G 621 26.64 13.22 3.28
C LYS G 621 25.34 12.49 3.58
N GLN G 622 25.05 12.32 4.87
CA GLN G 622 23.84 11.61 5.28
C GLN G 622 22.81 12.55 5.91
N PHE G 623 21.90 13.05 5.08
CA PHE G 623 20.77 13.83 5.57
C PHE G 623 19.58 12.91 5.79
N SER G 624 18.89 13.10 6.91
CA SER G 624 17.75 12.27 7.28
C SER G 624 18.13 10.78 7.27
N SER G 625 17.28 9.97 6.66
CA SER G 625 17.56 8.55 6.47
C SER G 625 18.11 8.30 5.07
N PHE G 626 18.58 9.37 4.43
CA PHE G 626 19.11 9.30 3.07
C PHE G 626 20.62 9.38 3.06
N GLU G 627 21.26 8.53 2.27
CA GLU G 627 22.71 8.56 2.14
C GLU G 627 23.11 8.72 0.68
N LYS G 628 23.63 9.90 0.34
CA LYS G 628 23.99 10.22 -1.04
C LYS G 628 25.11 9.32 -1.57
N ARG G 629 24.86 8.72 -2.73
CA ARG G 629 25.85 7.88 -3.38
C ARG G 629 26.33 8.51 -4.68
N ALA G 630 25.39 9.11 -5.42
CA ALA G 630 25.70 9.61 -6.76
C ALA G 630 24.73 10.70 -7.20
N LYS G 631 25.16 11.46 -8.20
CA LYS G 631 24.28 12.38 -8.92
C LYS G 631 23.81 11.69 -10.19
N ILE G 632 22.59 12.00 -10.63
CA ILE G 632 22.05 11.38 -11.84
C ILE G 632 21.77 12.41 -12.93
N PHE G 633 22.00 12.01 -14.18
CA PHE G 633 21.91 12.92 -15.31
C PHE G 633 21.09 12.28 -16.43
N CYS G 634 20.62 13.08 -17.38
CA CYS G 634 19.91 12.56 -18.54
C CYS G 634 20.85 11.70 -19.39
N ALA G 635 20.29 10.69 -20.04
CA ALA G 635 21.11 9.72 -20.77
C ALA G 635 20.94 9.81 -22.29
N ARG G 636 19.88 10.47 -22.73
CA ARG G 636 19.58 10.54 -24.15
C ARG G 636 20.52 11.46 -24.92
N GLN G 637 21.24 10.89 -25.87
CA GLN G 637 22.11 11.63 -26.79
C GLN G 637 23.12 12.54 -26.07
N ASN G 638 23.71 12.03 -25.00
CA ASN G 638 24.73 12.75 -24.24
C ASN G 638 24.28 14.14 -23.79
N CYS G 639 23.03 14.24 -23.36
CA CYS G 639 22.56 15.49 -22.79
C CYS G 639 23.26 15.80 -21.47
N SER G 640 23.12 14.85 -20.54
CA SER G 640 23.77 14.91 -19.24
C SER G 640 23.24 16.04 -18.36
N HIS G 641 22.02 16.48 -18.60
CA HIS G 641 21.39 17.49 -17.74
C HIS G 641 21.16 16.92 -16.36
N ASP G 642 21.44 17.73 -15.34
CA ASP G 642 21.30 17.29 -13.96
C ASP G 642 19.84 17.04 -13.60
N TRP G 643 19.53 15.81 -13.19
CA TRP G 643 18.16 15.45 -12.83
C TRP G 643 17.97 15.37 -11.33
N GLY G 644 19.05 15.07 -10.61
CA GLY G 644 18.99 14.93 -9.16
C GLY G 644 20.10 14.04 -8.65
N ILE G 645 19.82 13.29 -7.60
CA ILE G 645 20.82 12.43 -6.99
C ILE G 645 20.36 10.98 -6.91
N HIS G 646 21.26 10.10 -6.48
CA HIS G 646 20.90 8.71 -6.20
C HIS G 646 21.36 8.36 -4.78
N VAL G 647 20.43 7.89 -3.96
CA VAL G 647 20.71 7.67 -2.55
C VAL G 647 20.36 6.27 -2.07
N LYS G 648 20.87 5.94 -0.88
CA LYS G 648 20.43 4.78 -0.14
C LYS G 648 19.47 5.24 0.95
N TYR G 649 18.23 4.76 0.88
CA TYR G 649 17.22 5.10 1.86
C TYR G 649 16.79 3.86 2.62
N LYS G 650 17.26 3.74 3.86
CA LYS G 650 17.02 2.56 4.68
C LYS G 650 17.44 1.29 3.95
N THR G 651 16.47 0.54 3.43
CA THR G 651 16.76 -0.73 2.77
C THR G 651 16.95 -0.55 1.26
N PHE G 652 16.36 0.50 0.72
CA PHE G 652 16.30 0.68 -0.73
C PHE G 652 17.45 1.49 -1.30
N GLU G 653 17.69 1.32 -2.60
CA GLU G 653 18.66 2.13 -3.33
C GLU G 653 17.92 2.83 -4.47
N ILE G 654 17.59 4.10 -4.25
CA ILE G 654 16.62 4.79 -5.11
C ILE G 654 17.12 6.13 -5.63
N PRO G 655 16.54 6.61 -6.74
CA PRO G 655 16.86 7.96 -7.22
C PRO G 655 15.96 9.03 -6.58
N VAL G 656 16.53 10.20 -6.32
CA VAL G 656 15.75 11.33 -5.82
C VAL G 656 15.87 12.51 -6.78
N ILE G 657 14.75 12.92 -7.36
CA ILE G 657 14.75 13.94 -8.39
C ILE G 657 14.27 15.29 -7.87
N LYS G 658 14.69 16.36 -8.56
CA LYS G 658 14.21 17.71 -8.26
C LYS G 658 13.40 18.23 -9.44
N ILE G 659 12.24 18.79 -9.14
CA ILE G 659 11.30 19.24 -10.17
C ILE G 659 11.89 20.37 -11.03
N GLU G 660 12.86 21.08 -10.48
CA GLU G 660 13.47 22.21 -11.19
C GLU G 660 14.30 21.76 -12.39
N SER G 661 14.41 20.45 -12.58
CA SER G 661 15.15 19.90 -13.70
C SER G 661 14.24 19.44 -14.83
N PHE G 662 12.93 19.56 -14.62
CA PHE G 662 11.98 19.01 -15.58
C PHE G 662 10.88 19.97 -16.02
N VAL G 663 10.33 19.69 -17.19
CA VAL G 663 9.16 20.37 -17.70
C VAL G 663 7.93 19.49 -17.49
N VAL G 664 6.86 20.07 -16.96
CA VAL G 664 5.63 19.34 -16.69
C VAL G 664 4.62 19.52 -17.82
N GLU G 665 4.45 18.49 -18.64
CA GLU G 665 3.47 18.53 -19.71
C GLU G 665 2.23 17.73 -19.37
N ASP G 666 1.07 18.37 -19.42
CA ASP G 666 -0.19 17.66 -19.25
C ASP G 666 -0.43 16.78 -20.47
N ILE G 667 -0.74 15.51 -20.24
CA ILE G 667 -0.90 14.56 -21.33
C ILE G 667 -2.11 14.90 -22.20
N ALA G 668 -3.18 15.36 -21.56
CA ALA G 668 -4.42 15.69 -22.28
C ALA G 668 -4.28 16.98 -23.09
N THR G 669 -3.94 18.07 -22.41
CA THR G 669 -3.91 19.40 -23.05
C THR G 669 -2.61 19.68 -23.78
N GLY G 670 -1.53 19.00 -23.38
CA GLY G 670 -0.24 19.17 -24.03
C GLY G 670 0.51 20.41 -23.57
N VAL G 671 -0.09 21.15 -22.64
CA VAL G 671 0.51 22.38 -22.14
C VAL G 671 1.72 22.09 -21.25
N GLN G 672 2.82 22.80 -21.51
CA GLN G 672 4.06 22.61 -20.73
C GLN G 672 4.24 23.72 -19.70
N THR G 673 4.66 23.32 -18.51
CA THR G 673 4.79 24.25 -17.38
C THR G 673 6.12 24.03 -16.67
N LEU G 674 6.58 25.05 -15.95
CA LEU G 674 7.81 24.94 -15.16
C LEU G 674 7.56 25.20 -13.68
N TYR G 675 8.17 24.39 -12.84
CA TYR G 675 8.07 24.57 -11.39
C TYR G 675 9.46 24.50 -10.76
N SER G 676 9.74 25.45 -9.86
CA SER G 676 11.03 25.48 -9.19
C SER G 676 11.07 24.54 -7.99
N LYS G 677 9.96 24.50 -7.24
CA LYS G 677 9.89 23.66 -6.05
C LYS G 677 8.70 22.71 -6.11
N TRP G 678 8.85 21.56 -5.46
CA TRP G 678 7.79 20.55 -5.44
C TRP G 678 6.54 21.05 -4.72
N LYS G 679 6.74 21.88 -3.69
CA LYS G 679 5.64 22.40 -2.90
C LYS G 679 4.72 23.31 -3.71
N ASP G 680 5.20 23.76 -4.86
CA ASP G 680 4.41 24.59 -5.76
C ASP G 680 3.76 23.75 -6.84
N PHE G 681 4.18 22.49 -6.95
CA PHE G 681 3.61 21.56 -7.91
C PHE G 681 2.48 20.78 -7.26
N HIS G 682 1.25 21.27 -7.42
CA HIS G 682 0.09 20.69 -6.77
C HIS G 682 -0.55 19.58 -7.60
N PHE G 683 -0.01 18.37 -7.48
CA PHE G 683 -0.58 17.20 -8.13
C PHE G 683 -0.84 16.12 -7.09
N GLU G 684 -1.47 15.02 -7.49
CA GLU G 684 -1.74 13.92 -6.56
C GLU G 684 -0.47 13.22 -6.15
N LYS G 685 0.04 13.57 -4.97
CA LYS G 685 1.30 13.03 -4.48
C LYS G 685 1.08 11.75 -3.67
N ILE G 686 1.43 10.61 -4.27
CA ILE G 686 1.25 9.32 -3.62
C ILE G 686 2.43 9.02 -2.71
N PRO G 687 2.15 8.75 -1.42
CA PRO G 687 3.18 8.44 -0.42
C PRO G 687 3.98 7.19 -0.78
N PHE G 688 5.25 7.18 -0.39
CA PHE G 688 6.11 6.03 -0.64
C PHE G 688 5.75 4.88 0.31
N ASP G 689 5.52 3.71 -0.25
CA ASP G 689 5.10 2.55 0.53
C ASP G 689 5.98 1.34 0.24
N PRO G 690 6.69 0.83 1.27
CA PRO G 690 7.56 -0.34 1.15
C PRO G 690 6.80 -1.60 0.75
N ALA G 691 5.50 -1.63 1.04
CA ALA G 691 4.69 -2.82 0.76
C ALA G 691 4.27 -2.91 -0.70
N GLU G 692 4.82 -2.05 -1.53
CA GLU G 692 4.53 -2.09 -2.97
C GLU G 692 5.60 -2.87 -3.72
N PRO I 10 -52.77 13.97 -3.27
CA PRO I 10 -52.32 15.27 -3.80
C PRO I 10 -51.62 16.12 -2.75
N PHE I 11 -51.24 17.34 -3.11
CA PHE I 11 -50.56 18.24 -2.19
C PHE I 11 -51.57 19.14 -1.47
N LYS I 12 -51.10 19.84 -0.45
CA LYS I 12 -51.95 20.78 0.29
C LYS I 12 -51.78 22.18 -0.28
N PRO I 13 -52.84 22.70 -0.93
CA PRO I 13 -52.79 24.00 -1.59
C PRO I 13 -52.61 25.16 -0.61
N ARG I 14 -51.67 26.04 -0.91
CA ARG I 14 -51.48 27.25 -0.12
C ARG I 14 -52.69 28.16 -0.29
N ASN I 15 -52.98 28.95 0.73
CA ASN I 15 -54.17 29.79 0.73
C ASN I 15 -54.19 30.83 -0.39
N TYR I 16 -53.04 31.44 -0.66
CA TYR I 16 -52.96 32.46 -1.69
C TYR I 16 -53.16 31.87 -3.08
N GLN I 17 -52.86 30.59 -3.23
CA GLN I 17 -53.10 29.89 -4.48
C GLN I 17 -54.59 29.74 -4.72
N LEU I 18 -55.31 29.41 -3.65
CA LEU I 18 -56.77 29.32 -3.70
C LEU I 18 -57.38 30.69 -3.94
N GLU I 19 -56.75 31.72 -3.40
CA GLU I 19 -57.19 33.09 -3.61
C GLU I 19 -57.02 33.49 -5.07
N LEU I 20 -55.89 33.11 -5.66
CA LEU I 20 -55.60 33.39 -7.05
C LEU I 20 -56.51 32.60 -7.99
N ALA I 21 -56.92 31.41 -7.55
CA ALA I 21 -57.72 30.52 -8.37
C ALA I 21 -59.21 30.80 -8.25
N LEU I 22 -59.61 31.48 -7.18
CA LEU I 22 -61.02 31.72 -6.88
C LEU I 22 -61.82 32.40 -8.00
N PRO I 23 -61.30 33.50 -8.58
CA PRO I 23 -62.09 34.12 -9.66
C PRO I 23 -62.25 33.18 -10.85
N ALA I 24 -61.22 32.38 -11.12
CA ALA I 24 -61.27 31.40 -12.20
C ALA I 24 -62.28 30.30 -11.88
N MET I 25 -62.27 29.85 -10.63
CA MET I 25 -63.19 28.80 -10.20
C MET I 25 -64.64 29.26 -10.26
N LYS I 26 -64.85 30.55 -10.03
CA LYS I 26 -66.21 31.11 -10.10
C LYS I 26 -66.71 31.16 -11.54
N GLY I 27 -65.80 31.08 -12.51
CA GLY I 27 -66.17 30.99 -13.91
C GLY I 27 -65.87 32.22 -14.72
N LYS I 28 -65.13 33.16 -14.15
CA LYS I 28 -64.80 34.40 -14.83
C LYS I 28 -63.51 34.26 -15.63
N ASN I 29 -63.47 34.92 -16.79
CA ASN I 29 -62.22 35.04 -17.54
C ASN I 29 -61.24 35.88 -16.72
N THR I 30 -60.07 35.33 -16.45
CA THR I 30 -59.19 35.92 -15.45
C THR I 30 -57.72 35.92 -15.85
N ILE I 31 -57.03 37.03 -15.59
CA ILE I 31 -55.58 37.10 -15.72
C ILE I 31 -54.95 36.99 -14.33
N ILE I 32 -54.35 35.83 -14.04
CA ILE I 32 -53.69 35.61 -12.77
C ILE I 32 -52.26 36.13 -12.82
N CYS I 33 -51.99 37.12 -11.98
CA CYS I 33 -50.67 37.76 -11.93
C CYS I 33 -50.06 37.62 -10.54
N ALA I 34 -48.99 36.83 -10.46
CA ALA I 34 -48.32 36.56 -9.19
C ALA I 34 -46.83 36.31 -9.45
N PRO I 35 -45.99 36.50 -8.41
CA PRO I 35 -44.54 36.33 -8.56
C PRO I 35 -44.12 34.98 -9.13
N THR I 36 -42.99 34.97 -9.83
CA THR I 36 -42.45 33.75 -10.43
C THR I 36 -42.06 32.73 -9.37
N GLY I 37 -42.58 31.51 -9.51
CA GLY I 37 -42.22 30.43 -8.61
C GLY I 37 -43.12 30.32 -7.40
N CYS I 38 -44.29 30.97 -7.46
CA CYS I 38 -45.25 30.91 -6.36
C CYS I 38 -46.10 29.64 -6.45
N GLY I 39 -45.83 28.83 -7.47
CA GLY I 39 -46.53 27.57 -7.67
C GLY I 39 -47.74 27.72 -8.57
N LYS I 40 -47.48 27.99 -9.85
CA LYS I 40 -48.56 28.21 -10.80
C LYS I 40 -49.18 26.91 -11.31
N THR I 41 -48.38 25.86 -11.33
CA THR I 41 -48.84 24.57 -11.84
C THR I 41 -49.99 24.05 -10.99
N PHE I 42 -49.86 24.20 -9.67
CA PHE I 42 -50.90 23.72 -8.76
C PHE I 42 -52.16 24.58 -8.86
N VAL I 43 -51.98 25.86 -9.17
CA VAL I 43 -53.12 26.74 -9.40
C VAL I 43 -53.87 26.29 -10.64
N SER I 44 -53.12 26.00 -11.70
CA SER I 44 -53.68 25.48 -12.94
C SER I 44 -54.43 24.18 -12.70
N LEU I 45 -53.86 23.33 -11.85
CA LEU I 45 -54.47 22.05 -11.51
C LEU I 45 -55.77 22.25 -10.74
N LEU I 46 -55.77 23.18 -9.80
CA LEU I 46 -56.97 23.50 -9.02
C LEU I 46 -58.09 23.98 -9.94
N ILE I 47 -57.75 24.96 -10.78
CA ILE I 47 -58.72 25.54 -11.70
C ILE I 47 -59.28 24.50 -12.68
N CYS I 48 -58.39 23.74 -13.29
CA CYS I 48 -58.78 22.72 -14.28
C CYS I 48 -59.62 21.62 -13.65
N GLU I 49 -59.24 21.18 -12.45
CA GLU I 49 -59.97 20.14 -11.74
C GLU I 49 -61.37 20.60 -11.36
N HIS I 50 -61.44 21.79 -10.74
CA HIS I 50 -62.72 22.37 -10.38
C HIS I 50 -63.62 22.51 -11.60
N HIS I 51 -63.03 23.00 -12.70
CA HIS I 51 -63.76 23.19 -13.95
C HIS I 51 -64.32 21.89 -14.51
N LEU I 52 -63.49 20.86 -14.60
CA LEU I 52 -63.93 19.57 -15.14
C LEU I 52 -64.96 18.91 -14.23
N LYS I 53 -64.81 19.12 -12.93
CA LYS I 53 -65.67 18.47 -11.95
C LYS I 53 -67.00 19.20 -11.79
N LYS I 54 -67.06 20.44 -12.25
CA LYS I 54 -68.28 21.24 -12.10
C LYS I 54 -69.40 20.79 -13.02
N PHE I 55 -69.05 20.16 -14.15
CA PHE I 55 -70.04 19.74 -15.14
C PHE I 55 -70.93 18.61 -14.61
N PRO I 56 -72.20 18.59 -15.04
CA PRO I 56 -73.13 17.53 -14.63
C PRO I 56 -72.76 16.17 -15.20
N GLN I 57 -73.58 15.16 -14.91
CA GLN I 57 -73.30 13.79 -15.35
C GLN I 57 -73.36 13.65 -16.86
N GLY I 58 -74.33 14.31 -17.48
CA GLY I 58 -74.52 14.21 -18.92
C GLY I 58 -73.48 14.96 -19.73
N GLN I 59 -73.00 16.07 -19.19
CA GLN I 59 -72.04 16.91 -19.89
C GLN I 59 -70.61 16.62 -19.49
N LYS I 60 -69.66 17.06 -20.32
CA LYS I 60 -68.24 16.95 -20.00
C LYS I 60 -67.50 18.18 -20.50
N GLY I 61 -66.41 18.54 -19.82
CA GLY I 61 -65.63 19.69 -20.20
C GLY I 61 -64.36 19.30 -20.94
N LYS I 62 -63.82 20.23 -21.71
CA LYS I 62 -62.58 20.00 -22.45
C LYS I 62 -61.63 21.17 -22.28
N VAL I 63 -60.52 20.93 -21.57
CA VAL I 63 -59.56 21.98 -21.27
C VAL I 63 -58.36 21.91 -22.20
N VAL I 64 -57.86 23.08 -22.61
CA VAL I 64 -56.63 23.17 -23.40
C VAL I 64 -55.63 24.08 -22.69
N PHE I 65 -54.38 23.62 -22.60
CA PHE I 65 -53.32 24.36 -21.92
C PHE I 65 -52.25 24.77 -22.92
N PHE I 66 -51.91 26.05 -22.95
CA PHE I 66 -50.95 26.57 -23.92
C PHE I 66 -49.59 26.86 -23.31
N ALA I 67 -48.56 26.19 -23.85
CA ALA I 67 -47.18 26.45 -23.47
C ALA I 67 -46.35 26.67 -24.72
N ASN I 68 -45.71 27.83 -24.82
CA ASN I 68 -44.97 28.19 -26.02
C ASN I 68 -43.51 27.71 -25.98
N GLN I 69 -43.23 26.76 -25.10
CA GLN I 69 -41.89 26.17 -24.99
C GLN I 69 -41.99 24.66 -24.79
N ILE I 70 -41.22 23.90 -25.57
CA ILE I 70 -41.23 22.45 -25.50
C ILE I 70 -40.94 21.88 -24.09
N PRO I 71 -39.92 22.42 -23.38
CA PRO I 71 -39.72 21.90 -22.03
C PRO I 71 -40.94 22.09 -21.11
N VAL I 72 -41.53 23.27 -21.14
CA VAL I 72 -42.71 23.57 -20.34
C VAL I 72 -43.89 22.71 -20.82
N TYR I 73 -43.97 22.52 -22.14
CA TYR I 73 -44.99 21.67 -22.74
C TYR I 73 -44.94 20.25 -22.19
N GLU I 74 -43.76 19.66 -22.21
CA GLU I 74 -43.55 18.31 -21.73
C GLU I 74 -43.78 18.20 -20.22
N GLN I 75 -43.26 19.18 -19.49
CA GLN I 75 -43.43 19.22 -18.04
C GLN I 75 -44.90 19.25 -17.65
N GLN I 76 -45.65 20.16 -18.26
CA GLN I 76 -47.07 20.31 -17.96
C GLN I 76 -47.88 19.11 -18.42
N LYS I 77 -47.48 18.50 -19.53
CA LYS I 77 -48.14 17.30 -20.01
C LYS I 77 -47.98 16.18 -18.98
N SER I 78 -46.75 16.02 -18.51
CA SER I 78 -46.43 15.03 -17.48
C SER I 78 -47.23 15.27 -16.20
N VAL I 79 -47.21 16.51 -15.71
CA VAL I 79 -47.88 16.86 -14.47
C VAL I 79 -49.39 16.68 -14.56
N PHE I 80 -49.99 17.13 -15.65
CA PHE I 80 -51.43 17.02 -15.84
C PHE I 80 -51.87 15.57 -15.97
N SER I 81 -51.15 14.80 -16.78
CA SER I 81 -51.42 13.38 -16.93
C SER I 81 -51.36 12.70 -15.56
N LYS I 82 -50.22 12.82 -14.90
CA LYS I 82 -49.98 12.21 -13.60
C LYS I 82 -51.03 12.60 -12.56
N TYR I 83 -51.41 13.87 -12.55
CA TYR I 83 -52.38 14.37 -11.59
C TYR I 83 -53.76 13.78 -11.83
N PHE I 84 -54.19 13.80 -13.09
CA PHE I 84 -55.53 13.32 -13.42
C PHE I 84 -55.53 11.85 -13.83
N GLU I 85 -54.52 11.10 -13.39
CA GLU I 85 -54.53 9.64 -13.52
C GLU I 85 -55.69 9.01 -12.75
N ARG I 86 -55.80 9.37 -11.47
CA ARG I 86 -56.81 8.79 -10.58
C ARG I 86 -58.23 9.09 -11.07
N HIS I 87 -58.40 10.21 -11.76
CA HIS I 87 -59.69 10.57 -12.33
C HIS I 87 -59.89 9.89 -13.67
N GLY I 88 -61.08 10.01 -14.23
CA GLY I 88 -61.40 9.40 -15.51
C GLY I 88 -61.15 10.33 -16.68
N TYR I 89 -60.23 11.27 -16.50
CA TYR I 89 -59.92 12.25 -17.53
C TYR I 89 -58.77 11.77 -18.42
N ARG I 90 -58.95 11.85 -19.73
CA ARG I 90 -57.91 11.45 -20.67
C ARG I 90 -57.06 12.65 -21.06
N VAL I 91 -55.81 12.65 -20.59
CA VAL I 91 -54.89 13.75 -20.86
C VAL I 91 -53.99 13.43 -22.06
N THR I 92 -53.74 14.43 -22.89
CA THR I 92 -52.87 14.29 -24.04
C THR I 92 -52.13 15.58 -24.35
N GLY I 93 -51.25 15.51 -25.33
CA GLY I 93 -50.51 16.69 -25.77
C GLY I 93 -50.19 16.63 -27.25
N ILE I 94 -50.05 17.79 -27.87
CA ILE I 94 -49.66 17.87 -29.27
C ILE I 94 -48.60 18.96 -29.47
N SER I 95 -47.51 18.60 -30.14
CA SER I 95 -46.46 19.55 -30.48
C SER I 95 -46.03 19.36 -31.92
N GLY I 96 -45.11 20.21 -32.38
CA GLY I 96 -44.63 20.14 -33.75
C GLY I 96 -44.03 18.80 -34.11
N ALA I 97 -43.42 18.14 -33.12
CA ALA I 97 -42.80 16.84 -33.33
C ALA I 97 -43.82 15.75 -33.63
N THR I 98 -45.03 15.90 -33.09
CA THR I 98 -46.07 14.89 -33.26
C THR I 98 -47.40 15.49 -33.71
N ALA I 99 -47.37 16.30 -34.77
CA ALA I 99 -48.57 16.96 -35.26
C ALA I 99 -48.87 16.60 -36.72
N GLU I 100 -47.87 16.06 -37.40
CA GLU I 100 -48.00 15.74 -38.82
C GLU I 100 -48.65 14.37 -39.05
N ASN I 101 -49.41 14.25 -40.12
CA ASN I 101 -50.04 13.00 -40.53
C ASN I 101 -50.89 12.38 -39.42
N VAL I 102 -51.79 13.18 -38.86
CA VAL I 102 -52.65 12.73 -37.77
C VAL I 102 -53.86 13.68 -37.63
N PRO I 103 -55.06 13.09 -37.47
CA PRO I 103 -56.27 13.91 -37.30
C PRO I 103 -56.30 14.63 -35.96
N VAL I 104 -55.95 15.91 -35.96
CA VAL I 104 -55.89 16.70 -34.73
C VAL I 104 -57.27 16.84 -34.08
N GLU I 105 -58.29 17.02 -34.91
CA GLU I 105 -59.65 17.21 -34.42
C GLU I 105 -60.15 15.98 -33.66
N GLN I 106 -59.68 14.79 -34.07
CA GLN I 106 -60.05 13.57 -33.39
C GLN I 106 -59.35 13.47 -32.03
N ILE I 107 -58.07 13.86 -32.01
CA ILE I 107 -57.30 13.88 -30.78
C ILE I 107 -57.94 14.82 -29.76
N VAL I 108 -58.34 15.99 -30.23
CA VAL I 108 -59.03 16.97 -29.39
C VAL I 108 -60.36 16.41 -28.91
N GLU I 109 -61.12 15.82 -29.83
CA GLU I 109 -62.43 15.26 -29.51
C GLU I 109 -62.35 14.11 -28.51
N ASN I 110 -61.32 13.27 -28.67
CA ASN I 110 -61.21 12.06 -27.86
C ASN I 110 -60.34 12.24 -26.62
N ASN I 111 -60.13 13.49 -26.22
CA ASN I 111 -59.39 13.79 -25.00
C ASN I 111 -60.02 14.93 -24.22
N ASP I 112 -59.84 14.92 -22.91
CA ASP I 112 -60.46 15.91 -22.04
C ASP I 112 -59.52 17.07 -21.74
N ILE I 113 -58.23 16.76 -21.62
CA ILE I 113 -57.23 17.79 -21.39
C ILE I 113 -56.15 17.71 -22.46
N ILE I 114 -55.90 18.84 -23.13
CA ILE I 114 -54.95 18.87 -24.24
C ILE I 114 -53.88 19.94 -24.03
N ILE I 115 -52.65 19.51 -23.76
CA ILE I 115 -51.54 20.43 -23.68
C ILE I 115 -51.04 20.68 -25.10
N LEU I 116 -50.90 21.95 -25.46
CA LEU I 116 -50.84 22.34 -26.85
C LEU I 116 -49.95 23.55 -27.10
N THR I 117 -48.95 23.38 -27.96
CA THR I 117 -48.21 24.51 -28.50
C THR I 117 -49.17 25.33 -29.36
N PRO I 118 -49.25 26.64 -29.11
CA PRO I 118 -50.25 27.50 -29.75
C PRO I 118 -50.19 27.49 -31.28
N GLN I 119 -49.00 27.31 -31.86
CA GLN I 119 -48.85 27.33 -33.31
C GLN I 119 -49.64 26.19 -33.97
N ILE I 120 -49.73 25.07 -33.27
CA ILE I 120 -50.53 23.94 -33.75
C ILE I 120 -51.98 24.34 -33.91
N LEU I 121 -52.55 24.93 -32.87
CA LEU I 121 -53.94 25.38 -32.89
C LEU I 121 -54.15 26.49 -33.92
N VAL I 122 -53.14 27.33 -34.10
CA VAL I 122 -53.20 28.38 -35.11
C VAL I 122 -53.34 27.75 -36.49
N ASN I 123 -52.47 26.78 -36.78
CA ASN I 123 -52.49 26.09 -38.07
C ASN I 123 -53.79 25.33 -38.32
N ASN I 124 -54.29 24.64 -37.30
CA ASN I 124 -55.50 23.84 -37.46
C ASN I 124 -56.78 24.67 -37.50
N LEU I 125 -56.75 25.84 -36.87
CA LEU I 125 -57.84 26.79 -37.00
C LEU I 125 -57.82 27.39 -38.40
N LYS I 126 -56.61 27.70 -38.86
CA LYS I 126 -56.41 28.31 -40.17
C LYS I 126 -56.80 27.36 -41.30
N LYS I 127 -56.53 26.07 -41.11
CA LYS I 127 -56.87 25.06 -42.11
C LYS I 127 -58.33 24.61 -42.02
N GLY I 128 -59.01 25.07 -40.97
CA GLY I 128 -60.40 24.71 -40.75
C GLY I 128 -60.56 23.31 -40.22
N THR I 129 -59.43 22.63 -39.98
CA THR I 129 -59.43 21.29 -39.40
C THR I 129 -60.14 21.30 -38.05
N ILE I 130 -59.90 22.37 -37.29
CA ILE I 130 -60.67 22.67 -36.10
C ILE I 130 -61.58 23.85 -36.40
N PRO I 131 -62.89 23.59 -36.54
CA PRO I 131 -63.85 24.61 -36.96
C PRO I 131 -63.98 25.77 -35.98
N SER I 132 -64.27 25.45 -34.72
CA SER I 132 -64.50 26.48 -33.72
C SER I 132 -63.77 26.18 -32.41
N LEU I 133 -63.47 27.25 -31.66
CA LEU I 133 -62.87 27.11 -30.34
C LEU I 133 -63.91 26.73 -29.30
N SER I 134 -65.15 26.59 -29.76
CA SER I 134 -66.27 26.21 -28.88
C SER I 134 -66.16 24.77 -28.42
N ILE I 135 -65.26 24.01 -29.05
CA ILE I 135 -65.02 22.62 -28.66
C ILE I 135 -64.42 22.57 -27.25
N PHE I 136 -63.73 23.64 -26.87
CA PHE I 136 -63.15 23.74 -25.53
C PHE I 136 -64.10 24.45 -24.58
N THR I 137 -63.99 24.13 -23.30
CA THR I 137 -64.77 24.80 -22.27
C THR I 137 -63.84 25.64 -21.38
N LEU I 138 -62.54 25.50 -21.62
CA LEU I 138 -61.55 26.23 -20.84
C LEU I 138 -60.20 26.30 -21.57
N MET I 139 -59.72 27.50 -21.81
CA MET I 139 -58.40 27.72 -22.38
C MET I 139 -57.49 28.39 -21.35
N ILE I 140 -56.29 27.84 -21.18
CA ILE I 140 -55.32 28.42 -20.27
C ILE I 140 -54.08 28.84 -21.04
N PHE I 141 -53.62 30.07 -20.83
CA PHE I 141 -52.43 30.57 -21.50
C PHE I 141 -51.27 30.73 -20.51
N ASP I 142 -50.25 29.88 -20.64
CA ASP I 142 -49.05 30.07 -19.84
C ASP I 142 -48.28 31.25 -20.41
N GLU I 143 -47.83 32.14 -19.53
CA GLU I 143 -47.19 33.39 -19.91
C GLU I 143 -48.10 34.19 -20.84
N CYS I 144 -49.28 34.53 -20.33
CA CYS I 144 -50.33 35.17 -21.12
C CYS I 144 -49.97 36.57 -21.59
N HIS I 145 -48.91 37.14 -21.01
CA HIS I 145 -48.46 38.47 -21.39
C HIS I 145 -47.98 38.51 -22.83
N ASN I 146 -47.69 37.32 -23.39
CA ASN I 146 -47.27 37.22 -24.78
C ASN I 146 -48.43 37.44 -25.76
N THR I 147 -49.65 37.43 -25.23
CA THR I 147 -50.84 37.63 -26.06
C THR I 147 -50.91 39.06 -26.58
N SER I 148 -50.11 39.35 -27.60
CA SER I 148 -50.09 40.68 -28.22
C SER I 148 -49.40 40.61 -29.58
N LYS I 149 -49.56 41.66 -30.37
CA LYS I 149 -48.97 41.76 -31.70
C LYS I 149 -49.33 40.55 -32.57
N GLN I 150 -48.33 39.90 -33.14
CA GLN I 150 -48.57 38.77 -34.04
C GLN I 150 -48.18 37.44 -33.41
N HIS I 151 -48.21 37.38 -32.08
CA HIS I 151 -47.92 36.15 -31.36
C HIS I 151 -49.07 35.15 -31.53
N PRO I 152 -48.74 33.85 -31.61
CA PRO I 152 -49.74 32.77 -31.72
C PRO I 152 -50.91 32.90 -30.75
N TYR I 153 -50.63 33.25 -29.49
CA TYR I 153 -51.68 33.50 -28.51
C TYR I 153 -52.67 34.52 -29.04
N ASN I 154 -52.14 35.62 -29.56
CA ASN I 154 -52.96 36.70 -30.07
C ASN I 154 -53.73 36.29 -31.32
N MET I 155 -53.20 35.33 -32.07
CA MET I 155 -53.91 34.80 -33.24
C MET I 155 -55.11 33.98 -32.79
N ILE I 156 -54.87 33.08 -31.84
CA ILE I 156 -55.92 32.26 -31.24
C ILE I 156 -57.02 33.16 -30.68
N MET I 157 -56.62 34.24 -30.03
CA MET I 157 -57.57 35.19 -29.45
C MET I 157 -58.23 36.05 -30.53
N PHE I 158 -57.58 36.18 -31.69
CA PHE I 158 -58.20 36.87 -32.82
C PHE I 158 -59.36 36.01 -33.31
N ASN I 159 -59.12 34.72 -33.40
CA ASN I 159 -60.17 33.77 -33.75
C ASN I 159 -61.32 33.82 -32.75
N TYR I 160 -60.95 33.72 -31.47
CA TYR I 160 -61.90 33.77 -30.36
C TYR I 160 -62.78 35.02 -30.42
N LEU I 161 -62.16 36.18 -30.52
CA LEU I 161 -62.87 37.46 -30.50
C LEU I 161 -63.68 37.68 -31.78
N ASP I 162 -63.18 37.17 -32.91
CA ASP I 162 -63.93 37.25 -34.16
C ASP I 162 -65.20 36.43 -34.05
N GLN I 163 -65.11 35.30 -33.37
CA GLN I 163 -66.29 34.47 -33.13
C GLN I 163 -67.24 35.16 -32.13
N LYS I 164 -66.67 35.80 -31.13
CA LYS I 164 -67.45 36.47 -30.09
C LYS I 164 -68.26 37.63 -30.66
N LEU I 165 -67.54 38.62 -31.17
CA LEU I 165 -68.16 39.87 -31.64
C LEU I 165 -68.94 39.68 -32.93
N GLY I 166 -68.60 38.65 -33.69
CA GLY I 166 -69.26 38.40 -34.96
C GLY I 166 -70.70 37.96 -34.79
N GLY I 167 -71.43 37.87 -35.91
CA GLY I 167 -72.78 37.32 -35.90
C GLY I 167 -72.77 35.89 -35.38
N SER I 168 -71.59 35.28 -35.40
CA SER I 168 -71.32 33.99 -34.78
C SER I 168 -71.80 33.99 -33.33
N SER I 169 -72.18 32.82 -32.82
CA SER I 169 -72.53 32.63 -31.41
C SER I 169 -72.58 31.16 -31.01
N GLY I 170 -71.46 30.65 -30.54
CA GLY I 170 -71.40 29.33 -29.93
C GLY I 170 -70.79 29.49 -28.55
N PRO I 171 -70.99 28.51 -27.66
CA PRO I 171 -70.45 28.61 -26.29
C PRO I 171 -68.94 28.70 -26.25
N LEU I 172 -68.42 29.93 -26.15
CA LEU I 172 -66.98 30.17 -26.09
C LEU I 172 -66.38 29.70 -24.77
N PRO I 173 -65.12 29.26 -24.80
CA PRO I 173 -64.45 28.75 -23.60
C PRO I 173 -64.06 29.85 -22.61
N GLN I 174 -64.06 29.52 -21.32
CA GLN I 174 -63.54 30.40 -20.30
C GLN I 174 -62.04 30.61 -20.53
N VAL I 175 -61.56 31.82 -20.34
CA VAL I 175 -60.15 32.10 -20.61
C VAL I 175 -59.37 32.48 -19.35
N ILE I 176 -58.35 31.69 -19.05
CA ILE I 176 -57.46 31.96 -17.93
C ILE I 176 -56.06 32.23 -18.43
N GLY I 177 -55.53 33.42 -18.13
CA GLY I 177 -54.16 33.75 -18.46
C GLY I 177 -53.30 33.67 -17.22
N LEU I 178 -52.03 33.29 -17.40
CA LEU I 178 -51.10 33.21 -16.29
C LEU I 178 -49.85 34.03 -16.60
N THR I 179 -49.49 34.96 -15.72
CA THR I 179 -48.26 35.71 -15.93
C THR I 179 -47.68 36.24 -14.63
N ALA I 180 -46.40 36.61 -14.68
CA ALA I 180 -45.73 37.23 -13.54
C ALA I 180 -45.75 38.74 -13.68
N SER I 181 -46.01 39.21 -14.91
CA SER I 181 -46.05 40.64 -15.19
C SER I 181 -46.83 40.90 -16.49
N VAL I 182 -47.93 41.63 -16.36
CA VAL I 182 -48.75 41.97 -17.52
C VAL I 182 -48.04 42.98 -18.42
N GLY I 183 -47.08 43.70 -17.85
CA GLY I 183 -46.33 44.71 -18.60
C GLY I 183 -47.07 46.03 -18.66
N VAL I 184 -46.40 47.06 -19.17
CA VAL I 184 -47.00 48.38 -19.31
C VAL I 184 -46.65 49.01 -20.65
N GLY I 185 -45.82 48.31 -21.44
CA GLY I 185 -45.39 48.84 -22.72
C GLY I 185 -44.47 50.03 -22.55
N ASP I 186 -44.59 50.99 -23.46
CA ASP I 186 -43.79 52.20 -23.39
C ASP I 186 -44.54 53.32 -22.67
N ALA I 187 -45.21 52.95 -21.58
CA ALA I 187 -46.01 53.88 -20.82
C ALA I 187 -45.14 54.82 -19.98
N LYS I 188 -45.56 56.07 -19.86
CA LYS I 188 -44.80 57.08 -19.13
C LYS I 188 -45.45 57.44 -17.80
N ASN I 189 -46.72 57.06 -17.65
CA ASN I 189 -47.45 57.36 -16.41
C ASN I 189 -48.59 56.37 -16.16
N THR I 190 -49.35 56.62 -15.10
CA THR I 190 -50.42 55.73 -14.66
C THR I 190 -51.48 55.50 -15.74
N ASP I 191 -51.90 56.56 -16.41
CA ASP I 191 -52.96 56.47 -17.41
C ASP I 191 -52.58 55.57 -18.58
N GLU I 192 -51.39 55.78 -19.13
CA GLU I 192 -50.90 55.00 -20.25
C GLU I 192 -50.75 53.52 -19.89
N ALA I 193 -50.20 53.27 -18.70
CA ALA I 193 -50.02 51.92 -18.20
C ALA I 193 -51.37 51.22 -18.04
N LEU I 194 -52.34 51.96 -17.49
CA LEU I 194 -53.68 51.45 -17.28
C LEU I 194 -54.34 51.11 -18.62
N ASP I 195 -54.12 51.97 -19.61
CA ASP I 195 -54.64 51.73 -20.95
C ASP I 195 -54.03 50.47 -21.56
N TYR I 196 -52.72 50.31 -21.39
CA TYR I 196 -52.01 49.13 -21.89
C TYR I 196 -52.55 47.86 -21.25
N ILE I 197 -52.67 47.87 -19.93
CA ILE I 197 -53.18 46.71 -19.19
C ILE I 197 -54.61 46.39 -19.60
N CYS I 198 -55.41 47.43 -19.84
CA CYS I 198 -56.78 47.24 -20.31
C CYS I 198 -56.80 46.63 -21.70
N LYS I 199 -55.84 47.01 -22.54
CA LYS I 199 -55.74 46.45 -23.88
C LYS I 199 -55.35 44.97 -23.83
N LEU I 200 -54.45 44.63 -22.90
CA LEU I 200 -54.06 43.25 -22.71
C LEU I 200 -55.23 42.43 -22.19
N CYS I 201 -56.00 43.01 -21.28
CA CYS I 201 -57.20 42.38 -20.75
C CYS I 201 -58.24 42.18 -21.84
N ALA I 202 -58.24 43.07 -22.83
CA ALA I 202 -59.15 42.99 -23.95
C ALA I 202 -58.73 41.88 -24.91
N SER I 203 -57.42 41.76 -25.13
CA SER I 203 -56.89 40.74 -26.02
C SER I 203 -57.15 39.33 -25.48
N LEU I 204 -57.26 39.22 -24.16
CA LEU I 204 -57.50 37.94 -23.52
C LEU I 204 -58.95 37.80 -23.05
N ASP I 205 -59.75 38.83 -23.32
CA ASP I 205 -61.16 38.87 -22.93
C ASP I 205 -61.32 38.67 -21.43
N ALA I 206 -60.37 39.20 -20.67
CA ALA I 206 -60.38 39.03 -19.21
C ALA I 206 -61.17 40.13 -18.53
N SER I 207 -61.99 39.74 -17.55
CA SER I 207 -62.81 40.69 -16.81
C SER I 207 -62.26 40.91 -15.41
N VAL I 208 -61.33 40.06 -15.01
CA VAL I 208 -60.75 40.11 -13.67
C VAL I 208 -59.24 39.90 -13.70
N ILE I 209 -58.51 40.70 -12.93
CA ILE I 209 -57.08 40.45 -12.72
C ILE I 209 -56.86 39.95 -11.29
N ALA I 210 -56.51 38.67 -11.18
CA ALA I 210 -56.33 38.04 -9.87
C ALA I 210 -54.93 38.26 -9.33
N THR I 211 -54.85 38.85 -8.14
CA THR I 211 -53.58 39.03 -7.44
C THR I 211 -53.76 38.67 -5.97
N VAL I 212 -52.66 38.54 -5.25
CA VAL I 212 -52.70 38.19 -3.84
C VAL I 212 -52.83 39.45 -2.98
N LYS I 213 -53.75 39.43 -2.01
CA LYS I 213 -53.96 40.55 -1.11
C LYS I 213 -54.14 40.08 0.33
N HIS I 214 -55.07 39.14 0.52
CA HIS I 214 -55.45 38.69 1.85
C HIS I 214 -54.51 37.59 2.36
N ASN I 215 -53.48 37.28 1.58
CA ASN I 215 -52.50 36.28 1.98
C ASN I 215 -51.10 36.66 1.56
N LEU I 216 -50.80 37.96 1.62
CA LEU I 216 -49.51 38.48 1.20
C LEU I 216 -48.37 38.00 2.09
N GLU I 217 -48.64 37.79 3.36
CA GLU I 217 -47.64 37.30 4.30
C GLU I 217 -47.17 35.89 3.90
N GLU I 218 -48.14 35.02 3.68
CA GLU I 218 -47.89 33.65 3.23
C GLU I 218 -47.04 33.62 1.97
N LEU I 219 -47.38 34.47 1.01
CA LEU I 219 -46.64 34.56 -0.24
C LEU I 219 -45.22 35.06 -0.02
N GLU I 220 -45.09 36.09 0.81
CA GLU I 220 -43.79 36.72 1.06
C GLU I 220 -42.89 35.81 1.89
N GLN I 221 -43.46 34.75 2.47
CA GLN I 221 -42.65 33.76 3.17
C GLN I 221 -42.22 32.62 2.25
N VAL I 222 -42.81 32.55 1.06
CA VAL I 222 -42.46 31.51 0.10
C VAL I 222 -41.57 32.07 -1.02
N VAL I 223 -41.90 33.28 -1.47
CA VAL I 223 -41.12 33.94 -2.51
C VAL I 223 -40.56 35.27 -2.01
N TYR I 224 -39.24 35.33 -1.86
CA TYR I 224 -38.57 36.55 -1.41
C TYR I 224 -38.00 37.33 -2.57
N LYS I 225 -38.07 38.66 -2.48
CA LYS I 225 -37.50 39.53 -3.50
C LYS I 225 -36.01 39.75 -3.22
N PRO I 226 -35.16 39.38 -4.20
CA PRO I 226 -33.71 39.55 -4.04
C PRO I 226 -33.31 41.03 -4.03
N GLN I 227 -32.26 41.35 -3.30
CA GLN I 227 -31.77 42.71 -3.24
C GLN I 227 -30.93 43.04 -4.48
N LYS I 228 -31.25 44.16 -5.13
CA LYS I 228 -30.56 44.55 -6.34
C LYS I 228 -29.48 45.59 -6.06
N PHE I 229 -28.34 45.43 -6.74
CA PHE I 229 -27.21 46.33 -6.59
C PHE I 229 -26.79 46.84 -7.96
N PHE I 230 -26.24 48.04 -8.00
CA PHE I 230 -25.84 48.64 -9.27
C PHE I 230 -24.34 48.93 -9.30
N ARG I 231 -23.63 48.21 -10.15
CA ARG I 231 -22.18 48.35 -10.26
C ARG I 231 -21.81 49.13 -11.53
N LYS I 232 -21.60 50.43 -11.36
CA LYS I 232 -21.19 51.30 -12.45
C LYS I 232 -19.67 51.44 -12.48
N VAL I 233 -19.05 50.82 -13.47
CA VAL I 233 -17.61 50.90 -13.65
C VAL I 233 -17.29 51.68 -14.93
N GLU I 234 -16.00 51.81 -15.23
CA GLU I 234 -15.56 52.52 -16.42
C GLU I 234 -15.02 51.56 -17.46
N SER I 235 -15.02 51.98 -18.72
CA SER I 235 -14.43 51.19 -19.79
C SER I 235 -12.91 51.25 -19.69
N ARG I 236 -12.24 50.31 -20.33
CA ARG I 236 -10.77 50.26 -20.28
C ARG I 236 -10.18 51.52 -20.91
N ILE I 237 -9.17 52.08 -20.25
CA ILE I 237 -8.59 53.35 -20.66
C ILE I 237 -7.76 53.22 -21.93
N SER I 238 -6.60 52.59 -21.81
CA SER I 238 -5.72 52.40 -22.95
C SER I 238 -6.24 51.32 -23.90
N ASP I 239 -5.85 51.40 -25.17
CA ASP I 239 -6.29 50.44 -26.17
C ASP I 239 -5.43 50.51 -27.43
N LYS I 240 -4.20 50.00 -27.34
CA LYS I 240 -3.33 49.90 -28.51
C LYS I 240 -3.82 48.75 -29.40
N PHE I 241 -4.46 47.78 -28.78
CA PHE I 241 -5.10 46.66 -29.48
C PHE I 241 -6.11 47.20 -30.49
N LYS I 242 -7.00 48.06 -30.01
CA LYS I 242 -8.02 48.67 -30.85
C LYS I 242 -7.39 49.52 -31.94
N TYR I 243 -6.22 50.09 -31.66
CA TYR I 243 -5.52 50.89 -32.66
C TYR I 243 -5.00 50.02 -33.78
N ILE I 244 -4.40 48.88 -33.42
CA ILE I 244 -3.90 47.92 -34.40
C ILE I 244 -5.04 47.39 -35.27
N ILE I 245 -6.11 46.93 -34.61
CA ILE I 245 -7.26 46.39 -35.32
C ILE I 245 -7.91 47.46 -36.20
N ALA I 246 -7.92 48.70 -35.72
CA ALA I 246 -8.46 49.81 -36.48
C ALA I 246 -7.64 50.07 -37.74
N GLN I 247 -6.32 49.98 -37.59
CA GLN I 247 -5.43 50.20 -38.73
C GLN I 247 -5.61 49.07 -39.74
N LEU I 248 -5.80 47.85 -39.26
CA LEU I 248 -6.10 46.73 -40.14
C LEU I 248 -7.44 46.96 -40.85
N MET I 249 -8.38 47.58 -40.16
CA MET I 249 -9.68 47.91 -40.73
C MET I 249 -9.55 48.91 -41.86
N ARG I 250 -8.77 49.96 -41.63
CA ARG I 250 -8.56 50.98 -42.65
C ARG I 250 -7.80 50.41 -43.84
N ASP I 251 -6.83 49.54 -43.56
CA ASP I 251 -6.08 48.86 -44.61
C ASP I 251 -7.03 48.04 -45.48
N THR I 252 -7.89 47.27 -44.85
CA THR I 252 -8.87 46.46 -45.57
C THR I 252 -9.86 47.34 -46.34
N GLU I 253 -10.19 48.49 -45.76
CA GLU I 253 -11.11 49.44 -46.37
C GLU I 253 -10.54 50.02 -47.65
N SER I 254 -9.26 50.38 -47.62
CA SER I 254 -8.63 50.94 -48.80
C SER I 254 -8.29 49.85 -49.80
N LEU I 255 -8.13 48.63 -49.32
CA LEU I 255 -8.01 47.47 -50.21
C LEU I 255 -9.33 47.22 -50.92
N ALA I 256 -10.42 47.62 -50.27
CA ALA I 256 -11.75 47.47 -50.84
C ALA I 256 -12.05 48.61 -51.81
N LYS I 257 -11.56 49.80 -51.51
CA LYS I 257 -11.78 50.96 -52.37
C LYS I 257 -10.75 51.03 -53.50
N ARG I 258 -9.75 50.16 -53.45
CA ARG I 258 -8.74 50.10 -54.50
C ARG I 258 -9.23 49.27 -55.67
N ILE I 259 -10.18 48.38 -55.40
CA ILE I 259 -10.75 47.51 -56.42
C ILE I 259 -12.04 48.11 -56.97
N CYS I 260 -12.78 48.80 -56.12
CA CYS I 260 -14.03 49.43 -56.51
C CYS I 260 -14.06 50.91 -56.14
N LYS I 261 -14.57 51.73 -57.05
CA LYS I 261 -14.65 53.18 -56.82
C LYS I 261 -15.81 53.53 -55.89
N ASP I 262 -15.49 53.75 -54.61
CA ASP I 262 -16.50 54.07 -53.62
C ASP I 262 -16.22 55.41 -52.94
N LEU I 263 -17.28 56.13 -52.59
CA LEU I 263 -17.16 57.42 -51.94
C LEU I 263 -18.21 57.59 -50.84
N GLU I 264 -17.74 57.64 -49.59
CA GLU I 264 -18.61 57.79 -48.43
C GLU I 264 -19.69 56.72 -48.37
N ARG I 272 -13.40 55.74 -38.36
CA ARG I 272 -14.82 55.95 -38.54
C ARG I 272 -15.61 55.34 -37.39
N GLU I 273 -15.19 55.64 -36.17
CA GLU I 273 -15.78 55.10 -34.95
C GLU I 273 -15.90 53.58 -35.01
N PHE I 274 -14.76 52.90 -34.97
CA PHE I 274 -14.73 51.44 -35.09
C PHE I 274 -15.13 50.77 -33.78
N GLY I 275 -15.55 49.51 -33.87
CA GLY I 275 -15.91 48.74 -32.69
C GLY I 275 -17.27 49.07 -32.13
N THR I 276 -18.12 49.69 -32.96
CA THR I 276 -19.45 50.09 -32.53
C THR I 276 -20.53 49.44 -33.39
N GLN I 277 -21.79 49.70 -33.03
CA GLN I 277 -22.94 49.12 -33.73
C GLN I 277 -23.25 49.88 -35.00
N LYS I 278 -23.03 51.20 -34.97
CA LYS I 278 -23.25 52.03 -36.15
C LYS I 278 -22.35 51.59 -37.29
N TYR I 279 -21.12 51.23 -36.95
CA TYR I 279 -20.15 50.73 -37.92
C TYR I 279 -20.61 49.39 -38.49
N GLU I 280 -21.26 48.59 -37.65
CA GLU I 280 -21.79 47.29 -38.08
C GLU I 280 -22.93 47.48 -39.07
N GLN I 281 -23.85 48.39 -38.75
CA GLN I 281 -24.95 48.71 -39.65
C GLN I 281 -24.40 49.23 -40.98
N TRP I 282 -23.38 50.09 -40.89
CA TRP I 282 -22.76 50.63 -42.08
C TRP I 282 -22.14 49.55 -42.96
N ILE I 283 -21.31 48.70 -42.37
CA ILE I 283 -20.61 47.68 -43.13
C ILE I 283 -21.57 46.62 -43.66
N VAL I 284 -22.70 46.44 -42.98
CA VAL I 284 -23.76 45.57 -43.48
C VAL I 284 -24.37 46.18 -44.74
N THR I 285 -24.71 47.47 -44.65
CA THR I 285 -25.27 48.20 -45.78
C THR I 285 -24.32 48.19 -46.98
N VAL I 286 -23.03 48.32 -46.71
CA VAL I 286 -22.02 48.33 -47.76
C VAL I 286 -21.87 46.95 -48.38
N GLN I 287 -21.85 45.91 -47.53
CA GLN I 287 -21.76 44.54 -48.02
C GLN I 287 -22.93 44.20 -48.93
N LYS I 288 -24.12 44.67 -48.55
CA LYS I 288 -25.31 44.43 -49.35
C LYS I 288 -25.34 45.33 -50.59
N ALA I 289 -24.64 46.46 -50.53
CA ALA I 289 -24.62 47.40 -51.65
C ALA I 289 -23.62 46.98 -52.72
N CYS I 290 -22.59 46.25 -52.31
CA CYS I 290 -21.58 45.77 -53.25
C CYS I 290 -22.11 44.61 -54.07
N MET I 291 -23.21 44.03 -53.62
CA MET I 291 -23.80 42.87 -54.28
C MET I 291 -24.54 43.25 -55.55
N VAL I 292 -24.96 44.50 -55.66
CA VAL I 292 -25.69 44.97 -56.84
C VAL I 292 -24.77 45.73 -57.80
N PHE I 293 -23.47 45.55 -57.64
CA PHE I 293 -22.50 46.16 -58.54
C PHE I 293 -22.43 45.39 -59.86
N GLN I 294 -22.69 46.08 -60.96
CA GLN I 294 -22.75 45.41 -62.26
C GLN I 294 -21.77 46.00 -63.28
N MET I 295 -21.29 45.12 -64.16
CA MET I 295 -20.36 45.48 -65.22
C MET I 295 -20.72 44.75 -66.50
N PRO I 296 -20.30 45.30 -67.66
CA PRO I 296 -20.45 44.55 -68.91
C PRO I 296 -19.67 43.23 -68.87
N ASP I 297 -18.43 43.30 -68.40
CA ASP I 297 -17.63 42.10 -68.20
C ASP I 297 -17.98 41.46 -66.86
N LYS I 298 -18.81 40.42 -66.91
CA LYS I 298 -19.36 39.82 -65.70
C LYS I 298 -18.37 38.92 -64.97
N ASP I 299 -17.39 38.41 -65.70
CA ASP I 299 -16.35 37.58 -65.08
C ASP I 299 -15.48 38.42 -64.15
N GLU I 300 -15.48 39.73 -64.38
CA GLU I 300 -14.80 40.67 -63.51
C GLU I 300 -15.75 41.12 -62.40
N GLU I 301 -17.04 41.22 -62.72
CA GLU I 301 -18.06 41.55 -61.73
C GLU I 301 -18.07 40.53 -60.61
N SER I 302 -17.95 39.26 -60.97
CA SER I 302 -17.90 38.18 -59.99
C SER I 302 -16.69 38.33 -59.06
N ARG I 303 -15.53 38.55 -59.67
CA ARG I 303 -14.28 38.72 -58.92
C ARG I 303 -14.38 39.88 -57.93
N ILE I 304 -14.82 41.03 -58.42
CA ILE I 304 -14.94 42.23 -57.60
C ILE I 304 -15.96 42.04 -56.48
N CYS I 305 -17.11 41.48 -56.80
CA CYS I 305 -18.16 41.24 -55.81
C CYS I 305 -17.70 40.30 -54.71
N LYS I 306 -17.03 39.21 -55.09
CA LYS I 306 -16.50 38.26 -54.13
C LYS I 306 -15.44 38.92 -53.25
N ALA I 307 -14.59 39.73 -53.89
CA ALA I 307 -13.56 40.49 -53.18
C ALA I 307 -14.15 41.37 -52.10
N LEU I 308 -15.09 42.23 -52.51
CA LEU I 308 -15.75 43.16 -51.61
C LEU I 308 -16.50 42.43 -50.50
N PHE I 309 -17.10 41.29 -50.84
CA PHE I 309 -17.80 40.48 -49.85
C PHE I 309 -16.84 39.99 -48.78
N LEU I 310 -15.70 39.46 -49.22
CA LEU I 310 -14.66 38.98 -48.32
C LEU I 310 -14.15 40.11 -47.41
N TYR I 311 -13.84 41.25 -48.02
CA TYR I 311 -13.35 42.41 -47.28
C TYR I 311 -14.34 42.88 -46.22
N THR I 312 -15.59 43.06 -46.63
CA THR I 312 -16.64 43.52 -45.72
C THR I 312 -16.88 42.52 -44.59
N SER I 313 -16.81 41.23 -44.92
CA SER I 313 -16.98 40.19 -43.91
C SER I 313 -15.85 40.25 -42.89
N HIS I 314 -14.62 40.44 -43.37
CA HIS I 314 -13.47 40.56 -42.50
C HIS I 314 -13.59 41.78 -41.59
N LEU I 315 -14.06 42.89 -42.16
CA LEU I 315 -14.29 44.11 -41.40
C LEU I 315 -15.33 43.88 -40.30
N ARG I 316 -16.38 43.17 -40.65
CA ARG I 316 -17.42 42.80 -39.70
C ARG I 316 -16.85 41.97 -38.56
N LYS I 317 -16.01 41.00 -38.90
CA LYS I 317 -15.39 40.13 -37.90
C LYS I 317 -14.47 40.91 -36.97
N TYR I 318 -13.71 41.84 -37.54
CA TYR I 318 -12.85 42.71 -36.76
C TYR I 318 -13.67 43.57 -35.80
N ASN I 319 -14.78 44.08 -36.28
CA ASN I 319 -15.69 44.88 -35.46
C ASN I 319 -16.25 44.07 -34.29
N ASP I 320 -16.70 42.85 -34.60
CA ASP I 320 -17.17 41.91 -33.59
C ASP I 320 -16.08 41.70 -32.53
N ALA I 321 -14.85 41.52 -33.01
CA ALA I 321 -13.71 41.33 -32.11
C ALA I 321 -13.52 42.52 -31.20
N LEU I 322 -13.65 43.73 -31.75
CA LEU I 322 -13.49 44.94 -30.95
C LEU I 322 -14.58 45.06 -29.89
N ILE I 323 -15.80 44.64 -30.24
CA ILE I 323 -16.89 44.64 -29.28
C ILE I 323 -16.62 43.64 -28.16
N ILE I 324 -16.12 42.46 -28.54
CA ILE I 324 -15.76 41.42 -27.58
C ILE I 324 -14.68 41.91 -26.62
N SER I 325 -13.67 42.58 -27.17
CA SER I 325 -12.59 43.14 -26.38
C SER I 325 -13.10 44.25 -25.46
N GLU I 326 -14.14 44.94 -25.93
CA GLU I 326 -14.77 45.98 -25.12
C GLU I 326 -15.49 45.37 -23.92
N HIS I 327 -16.15 44.23 -24.14
CA HIS I 327 -16.91 43.59 -23.07
C HIS I 327 -16.20 42.40 -22.43
N ALA I 328 -14.96 42.16 -22.82
CA ALA I 328 -14.19 41.05 -22.25
C ALA I 328 -12.69 41.25 -22.42
N ARG I 329 -11.94 40.15 -22.46
CA ARG I 329 -10.50 40.20 -22.63
C ARG I 329 -10.11 40.51 -24.07
N MET I 330 -8.87 40.92 -24.26
CA MET I 330 -8.32 41.07 -25.60
C MET I 330 -8.03 39.70 -26.18
N LYS I 331 -7.73 38.75 -25.30
CA LYS I 331 -7.44 37.39 -25.70
C LYS I 331 -8.68 36.71 -26.29
N ASP I 332 -9.84 37.03 -25.76
CA ASP I 332 -11.09 36.47 -26.26
C ASP I 332 -11.37 36.96 -27.68
N ALA I 333 -11.12 38.25 -27.90
CA ALA I 333 -11.28 38.84 -29.22
C ALA I 333 -10.28 38.23 -30.21
N LEU I 334 -9.04 38.11 -29.76
CA LEU I 334 -7.97 37.55 -30.59
C LEU I 334 -8.27 36.10 -30.95
N ASP I 335 -8.85 35.36 -30.01
CA ASP I 335 -9.19 33.95 -30.24
C ASP I 335 -10.42 33.86 -31.15
N TYR I 336 -11.27 34.86 -31.08
CA TYR I 336 -12.43 34.95 -31.96
C TYR I 336 -11.96 35.15 -33.40
N LEU I 337 -11.02 36.06 -33.58
CA LEU I 337 -10.43 36.31 -34.89
C LEU I 337 -9.67 35.09 -35.39
N LYS I 338 -8.89 34.46 -34.52
CA LYS I 338 -8.17 33.24 -34.85
C LYS I 338 -9.10 32.16 -35.33
N ASP I 339 -10.20 32.00 -34.60
CA ASP I 339 -11.21 31.01 -34.94
C ASP I 339 -11.84 31.34 -36.28
N PHE I 340 -12.06 32.62 -36.53
CA PHE I 340 -12.61 33.05 -37.82
C PHE I 340 -11.67 32.66 -38.94
N PHE I 341 -10.43 33.12 -38.88
CA PHE I 341 -9.43 32.83 -39.91
C PHE I 341 -9.22 31.33 -40.10
N SER I 342 -9.29 30.57 -39.01
CA SER I 342 -9.18 29.11 -39.07
C SER I 342 -10.36 28.49 -39.82
N ASN I 343 -11.57 28.94 -39.49
CA ASN I 343 -12.77 28.48 -40.17
C ASN I 343 -12.77 28.81 -41.66
N VAL I 344 -12.22 29.96 -41.98
CA VAL I 344 -12.00 30.35 -43.36
C VAL I 344 -11.02 29.32 -43.94
N ARG I 345 -9.94 29.02 -43.21
CA ARG I 345 -8.92 28.05 -43.71
C ARG I 345 -9.49 26.63 -43.97
N ALA I 346 -10.33 26.05 -43.10
CA ALA I 346 -10.92 24.72 -43.40
C ALA I 346 -11.80 24.76 -44.67
N ALA I 347 -12.39 25.93 -44.92
CA ALA I 347 -13.34 26.09 -46.00
C ALA I 347 -12.70 26.49 -47.33
N GLY I 348 -11.44 26.13 -47.52
CA GLY I 348 -10.76 26.45 -48.76
C GLY I 348 -10.34 27.90 -48.91
N PHE I 349 -9.08 28.12 -49.26
CA PHE I 349 -8.60 29.51 -49.30
C PHE I 349 -8.48 30.17 -50.67
N ASP I 350 -9.11 31.35 -50.74
CA ASP I 350 -9.01 32.24 -51.88
C ASP I 350 -7.73 33.03 -51.72
N GLU I 351 -7.24 33.56 -52.84
CA GLU I 351 -6.06 34.39 -52.87
C GLU I 351 -6.18 35.58 -51.92
N ILE I 352 -7.35 36.20 -51.94
CA ILE I 352 -7.63 37.36 -51.09
C ILE I 352 -7.69 36.96 -49.62
N GLU I 353 -8.27 35.81 -49.34
CA GLU I 353 -8.31 35.28 -47.99
C GLU I 353 -6.89 35.01 -47.49
N GLN I 354 -6.04 34.55 -48.39
CA GLN I 354 -4.63 34.33 -48.08
C GLN I 354 -3.92 35.65 -47.78
N ASP I 355 -4.23 36.67 -48.56
CA ASP I 355 -3.62 37.99 -48.39
C ASP I 355 -4.04 38.63 -47.07
N LEU I 356 -5.33 38.53 -46.75
CA LEU I 356 -5.86 39.09 -45.52
C LEU I 356 -5.37 38.33 -44.29
N THR I 357 -5.31 37.01 -44.42
CA THR I 357 -4.78 36.17 -43.35
C THR I 357 -3.30 36.50 -43.13
N GLN I 358 -2.61 36.84 -44.20
CA GLN I 358 -1.20 37.25 -44.09
C GLN I 358 -1.08 38.59 -43.36
N ARG I 359 -1.83 39.58 -43.83
CA ARG I 359 -1.85 40.92 -43.24
C ARG I 359 -2.20 40.86 -41.77
N PHE I 360 -3.08 39.94 -41.40
CA PHE I 360 -3.44 39.75 -40.00
C PHE I 360 -2.31 39.05 -39.24
N GLU I 361 -1.74 38.01 -39.83
CA GLU I 361 -0.72 37.21 -39.17
C GLU I 361 0.57 38.00 -38.91
N GLU I 362 0.76 39.08 -39.66
CA GLU I 362 1.91 39.95 -39.43
C GLU I 362 1.73 40.82 -38.18
N LYS I 363 0.49 41.25 -37.93
CA LYS I 363 0.16 41.98 -36.71
C LYS I 363 -0.03 41.01 -35.55
N LEU I 364 -0.15 39.73 -35.90
CA LEU I 364 -0.53 38.71 -34.93
C LEU I 364 0.50 38.71 -33.82
N GLN I 365 1.75 38.51 -34.20
CA GLN I 365 2.90 38.49 -33.28
C GLN I 365 2.83 39.50 -32.15
N GLU I 366 2.54 40.75 -32.48
CA GLU I 366 2.45 41.79 -31.47
C GLU I 366 1.12 41.72 -30.71
N LEU I 367 0.04 41.44 -31.43
CA LEU I 367 -1.30 41.35 -30.83
C LEU I 367 -1.40 40.28 -29.74
N GLU I 368 -0.67 39.19 -29.89
CA GLU I 368 -0.77 38.05 -28.97
C GLU I 368 -0.18 38.30 -27.57
N SER I 369 0.53 39.41 -27.39
CA SER I 369 1.06 39.73 -26.07
C SER I 369 0.85 41.21 -25.73
N VAL I 370 0.26 41.95 -26.65
CA VAL I 370 -0.41 43.17 -26.25
C VAL I 370 -1.56 42.74 -25.35
N SER I 371 -2.14 41.60 -25.69
CA SER I 371 -3.21 40.99 -24.91
C SER I 371 -2.67 40.32 -23.64
N ARG I 372 -1.48 39.72 -23.73
CA ARG I 372 -0.90 39.01 -22.59
C ARG I 372 -0.36 39.98 -21.54
N ASP I 373 -0.34 41.27 -21.87
CA ASP I 373 0.07 42.30 -20.92
C ASP I 373 -0.90 42.35 -19.74
N PRO I 374 -0.40 42.03 -18.53
CA PRO I 374 -1.22 41.98 -17.31
C PRO I 374 -1.86 43.32 -16.96
N SER I 375 -1.17 44.42 -17.25
CA SER I 375 -1.67 45.75 -16.92
C SER I 375 -2.90 46.09 -17.77
N ASN I 376 -2.86 45.73 -19.04
CA ASN I 376 -3.98 45.96 -19.94
C ASN I 376 -5.07 44.92 -19.73
N GLU I 377 -5.91 45.14 -18.71
CA GLU I 377 -6.98 44.21 -18.39
C GLU I 377 -8.30 44.97 -18.17
N ASN I 378 -9.40 44.37 -18.61
CA ASN I 378 -10.72 44.97 -18.48
C ASN I 378 -11.14 45.11 -17.03
N PRO I 379 -11.41 46.35 -16.59
CA PRO I 379 -11.82 46.63 -15.21
C PRO I 379 -13.19 46.05 -14.87
N LYS I 380 -14.02 45.82 -15.88
CA LYS I 380 -15.33 45.21 -15.68
C LYS I 380 -15.16 43.78 -15.21
N LEU I 381 -14.20 43.07 -15.81
CA LEU I 381 -13.87 41.71 -15.41
C LEU I 381 -13.24 41.71 -14.03
N GLU I 382 -12.52 42.79 -13.70
CA GLU I 382 -11.90 42.93 -12.39
C GLU I 382 -12.96 43.07 -11.31
N ASP I 383 -13.98 43.88 -11.58
CA ASP I 383 -15.06 44.10 -10.64
C ASP I 383 -15.93 42.87 -10.52
N LEU I 384 -16.15 42.19 -11.64
CA LEU I 384 -16.89 40.93 -11.66
C LEU I 384 -16.18 39.89 -10.80
N CYS I 385 -14.88 39.78 -11.01
CA CYS I 385 -14.04 38.86 -10.24
C CYS I 385 -14.06 39.23 -8.77
N PHE I 386 -14.13 40.52 -8.47
CA PHE I 386 -14.21 41.00 -7.10
C PHE I 386 -15.51 40.56 -6.44
N ILE I 387 -16.62 40.75 -7.15
CA ILE I 387 -17.94 40.35 -6.68
C ILE I 387 -17.99 38.85 -6.40
N LEU I 388 -17.52 38.07 -7.37
CA LEU I 388 -17.47 36.62 -7.24
C LEU I 388 -16.61 36.19 -6.05
N GLN I 389 -15.43 36.80 -5.94
CA GLN I 389 -14.50 36.49 -4.85
C GLN I 389 -15.14 36.77 -3.49
N GLU I 390 -15.76 37.93 -3.35
CA GLU I 390 -16.41 38.31 -2.11
C GLU I 390 -17.54 37.35 -1.75
N GLU I 391 -18.48 37.18 -2.69
CA GLU I 391 -19.67 36.36 -2.44
C GLU I 391 -19.33 34.89 -2.16
N TYR I 392 -18.28 34.39 -2.80
CA TYR I 392 -17.89 32.99 -2.58
C TYR I 392 -16.99 32.83 -1.36
N HIS I 393 -16.31 33.90 -0.98
CA HIS I 393 -15.52 33.90 0.25
C HIS I 393 -16.48 33.90 1.44
N LEU I 394 -17.58 34.62 1.31
CA LEU I 394 -18.61 34.63 2.35
C LEU I 394 -19.37 33.31 2.37
N ASN I 395 -19.61 32.76 1.19
CA ASN I 395 -20.35 31.51 1.04
C ASN I 395 -19.85 30.69 -0.14
N PRO I 396 -18.99 29.70 0.13
CA PRO I 396 -18.40 28.85 -0.92
C PRO I 396 -19.43 27.95 -1.60
N GLU I 397 -20.57 27.74 -0.96
CA GLU I 397 -21.63 26.91 -1.54
C GLU I 397 -22.59 27.73 -2.39
N THR I 398 -22.12 28.90 -2.82
CA THR I 398 -22.94 29.82 -3.60
C THR I 398 -23.24 29.29 -5.00
N ILE I 399 -24.52 29.30 -5.37
CA ILE I 399 -24.94 28.94 -6.70
C ILE I 399 -25.20 30.21 -7.51
N THR I 400 -24.35 30.47 -8.50
CA THR I 400 -24.39 31.72 -9.24
C THR I 400 -24.91 31.53 -10.67
N ILE I 401 -25.67 32.50 -11.16
CA ILE I 401 -26.05 32.51 -12.57
C ILE I 401 -25.70 33.87 -13.19
N LEU I 402 -24.98 33.81 -14.31
CA LEU I 402 -24.46 35.02 -14.95
C LEU I 402 -25.02 35.22 -16.35
N PHE I 403 -25.78 36.29 -16.53
CA PHE I 403 -26.41 36.59 -17.81
C PHE I 403 -25.58 37.57 -18.64
N VAL I 404 -25.29 37.19 -19.89
CA VAL I 404 -24.61 38.08 -20.81
C VAL I 404 -25.44 38.25 -22.08
N LYS I 405 -24.95 39.09 -22.99
CA LYS I 405 -25.73 39.46 -24.17
C LYS I 405 -25.56 38.47 -25.32
N THR I 406 -24.33 38.06 -25.59
CA THR I 406 -24.04 37.18 -26.73
C THR I 406 -23.41 35.86 -26.32
N ARG I 407 -23.42 34.89 -27.23
CA ARG I 407 -22.82 33.59 -27.00
C ARG I 407 -21.30 33.67 -27.02
N ALA I 408 -20.78 34.59 -27.82
CA ALA I 408 -19.35 34.86 -27.87
C ALA I 408 -18.84 35.29 -26.50
N LEU I 409 -19.66 36.07 -25.80
CA LEU I 409 -19.31 36.54 -24.47
C LEU I 409 -19.50 35.43 -23.44
N VAL I 410 -20.42 34.50 -23.71
CA VAL I 410 -20.57 33.31 -22.89
C VAL I 410 -19.27 32.52 -22.88
N ASP I 411 -18.84 32.12 -24.08
CA ASP I 411 -17.59 31.39 -24.26
C ASP I 411 -16.43 32.16 -23.66
N ALA I 412 -16.40 33.46 -23.92
CA ALA I 412 -15.34 34.34 -23.43
C ALA I 412 -15.23 34.30 -21.92
N LEU I 413 -16.35 34.49 -21.22
CA LEU I 413 -16.35 34.51 -19.77
C LEU I 413 -16.08 33.14 -19.16
N LYS I 414 -16.48 32.08 -19.85
CA LYS I 414 -16.18 30.75 -19.35
C LYS I 414 -14.67 30.47 -19.43
N ASN I 415 -14.07 30.83 -20.57
CA ASN I 415 -12.62 30.72 -20.72
C ASN I 415 -11.86 31.58 -19.72
N TRP I 416 -12.41 32.77 -19.47
CA TRP I 416 -11.80 33.72 -18.53
C TRP I 416 -11.85 33.21 -17.11
N ILE I 417 -12.99 32.64 -16.72
CA ILE I 417 -13.16 32.06 -15.39
C ILE I 417 -12.23 30.88 -15.19
N GLU I 418 -12.21 29.98 -16.18
CA GLU I 418 -11.34 28.80 -16.10
C GLU I 418 -9.86 29.16 -16.13
N GLY I 419 -9.54 30.29 -16.75
CA GLY I 419 -8.15 30.72 -16.87
C GLY I 419 -7.71 31.58 -15.70
N ASN I 420 -8.68 32.12 -14.97
CA ASN I 420 -8.38 32.99 -13.83
C ASN I 420 -8.07 32.19 -12.58
N PRO I 421 -6.85 32.34 -12.05
CA PRO I 421 -6.42 31.66 -10.82
C PRO I 421 -7.21 32.13 -9.60
N LYS I 422 -7.69 33.37 -9.65
CA LYS I 422 -8.44 33.95 -8.55
C LYS I 422 -9.83 33.32 -8.45
N LEU I 423 -10.35 32.85 -9.57
CA LEU I 423 -11.68 32.27 -9.63
C LEU I 423 -11.63 30.74 -9.70
N SER I 424 -10.63 30.16 -9.02
CA SER I 424 -10.42 28.72 -9.05
C SER I 424 -11.60 27.95 -8.44
N PHE I 425 -12.34 28.62 -7.55
CA PHE I 425 -13.45 27.98 -6.85
C PHE I 425 -14.68 27.79 -7.74
N LEU I 426 -14.64 28.36 -8.94
CA LEU I 426 -15.78 28.29 -9.85
C LEU I 426 -15.67 27.10 -10.81
N LYS I 427 -16.83 26.54 -11.15
CA LYS I 427 -16.92 25.47 -12.14
C LYS I 427 -17.99 25.83 -13.18
N PRO I 428 -17.62 26.65 -14.17
CA PRO I 428 -18.55 27.25 -15.12
C PRO I 428 -19.27 26.24 -16.03
N GLY I 429 -20.59 26.40 -16.13
CA GLY I 429 -21.39 25.65 -17.07
C GLY I 429 -22.00 26.60 -18.09
N ILE I 430 -22.46 26.06 -19.22
CA ILE I 430 -22.97 26.91 -20.29
C ILE I 430 -24.46 26.67 -20.55
N LEU I 431 -25.20 27.75 -20.76
CA LEU I 431 -26.62 27.65 -21.10
C LEU I 431 -26.98 28.65 -22.20
N THR I 432 -27.01 28.18 -23.44
CA THR I 432 -27.36 29.03 -24.56
C THR I 432 -28.67 28.58 -25.20
N GLY I 433 -29.11 29.32 -26.21
CA GLY I 433 -30.28 28.92 -26.98
C GLY I 433 -29.88 27.86 -27.99
N ARG I 434 -30.85 27.34 -28.72
CA ARG I 434 -30.58 26.28 -29.68
C ARG I 434 -29.98 26.82 -30.98
N GLY I 435 -29.83 28.13 -31.06
CA GLY I 435 -29.25 28.77 -32.23
C GLY I 435 -30.16 28.70 -33.43
N LYS I 436 -29.66 29.13 -34.58
CA LYS I 436 -30.42 29.07 -35.82
C LYS I 436 -30.54 27.61 -36.27
N THR I 437 -31.71 27.26 -36.80
CA THR I 437 -32.04 25.88 -37.11
C THR I 437 -31.25 25.33 -38.31
N ASN I 438 -30.50 26.18 -38.98
CA ASN I 438 -29.73 25.77 -40.15
C ASN I 438 -28.24 26.09 -40.02
N GLN I 439 -27.77 26.24 -38.79
CA GLN I 439 -26.37 26.52 -38.53
C GLN I 439 -25.81 25.63 -37.44
N ASN I 440 -24.55 25.21 -37.59
CA ASN I 440 -23.90 24.39 -36.58
C ASN I 440 -23.48 25.22 -35.39
N THR I 441 -24.45 25.84 -34.72
CA THR I 441 -24.22 26.67 -33.56
C THR I 441 -25.19 26.33 -32.44
N GLY I 442 -25.23 27.19 -31.42
CA GLY I 442 -26.16 27.02 -30.33
C GLY I 442 -25.94 25.77 -29.51
N MET I 443 -26.99 25.32 -28.83
CA MET I 443 -26.92 24.15 -27.98
C MET I 443 -28.24 23.38 -28.00
N THR I 444 -28.16 22.10 -28.34
CA THR I 444 -29.36 21.27 -28.46
C THR I 444 -30.11 21.15 -27.14
N LEU I 445 -31.40 20.86 -27.23
CA LEU I 445 -32.25 20.73 -26.04
C LEU I 445 -31.78 19.68 -25.04
N PRO I 446 -31.37 18.47 -25.51
CA PRO I 446 -30.90 17.51 -24.50
C PRO I 446 -29.57 17.91 -23.87
N ALA I 447 -28.79 18.74 -24.56
CA ALA I 447 -27.54 19.25 -24.00
C ALA I 447 -27.85 20.29 -22.93
N GLN I 448 -28.82 21.15 -23.23
CA GLN I 448 -29.33 22.12 -22.27
C GLN I 448 -29.79 21.40 -21.02
N LYS I 449 -30.64 20.40 -21.22
CA LYS I 449 -31.15 19.58 -20.13
C LYS I 449 -30.00 18.96 -19.35
N CYS I 450 -28.98 18.48 -20.05
CA CYS I 450 -27.82 17.87 -19.43
C CYS I 450 -27.11 18.83 -18.47
N ILE I 451 -26.70 19.98 -18.99
CA ILE I 451 -25.98 20.97 -18.19
C ILE I 451 -26.85 21.51 -17.06
N LEU I 452 -28.16 21.57 -17.29
CA LEU I 452 -29.10 21.98 -16.25
C LEU I 452 -29.20 20.92 -15.16
N ASP I 453 -29.13 19.66 -15.56
CA ASP I 453 -29.15 18.54 -14.62
C ASP I 453 -27.80 18.38 -13.94
N ALA I 454 -26.82 19.14 -14.40
CA ALA I 454 -25.50 19.15 -13.76
C ALA I 454 -25.28 20.43 -12.96
N PHE I 455 -26.23 21.36 -13.01
CA PHE I 455 -26.09 22.64 -12.34
C PHE I 455 -26.86 22.68 -11.02
N LYS I 456 -26.24 22.16 -9.96
CA LYS I 456 -26.81 22.24 -8.61
C LYS I 456 -25.71 22.20 -7.56
N ALA I 457 -26.11 22.21 -6.29
CA ALA I 457 -25.15 22.21 -5.18
C ALA I 457 -24.31 20.94 -5.16
N SER I 458 -24.94 19.81 -5.49
CA SER I 458 -24.24 18.54 -5.55
C SER I 458 -23.90 18.18 -6.99
N GLY I 459 -23.83 19.21 -7.84
CA GLY I 459 -23.56 19.01 -9.25
C GLY I 459 -22.13 19.32 -9.65
N ASP I 460 -21.87 19.30 -10.94
CA ASP I 460 -20.53 19.53 -11.47
C ASP I 460 -20.30 21.00 -11.80
N HIS I 461 -21.30 21.84 -11.54
CA HIS I 461 -21.20 23.25 -11.88
C HIS I 461 -21.60 24.17 -10.74
N ASN I 462 -20.73 25.13 -10.45
CA ASN I 462 -20.93 26.07 -9.37
C ASN I 462 -21.58 27.36 -9.87
N ILE I 463 -21.23 27.75 -11.09
CA ILE I 463 -21.76 28.95 -11.72
C ILE I 463 -22.24 28.63 -13.13
N LEU I 464 -23.34 29.23 -13.54
CA LEU I 464 -23.93 28.98 -14.86
C LEU I 464 -23.97 30.23 -15.72
N ILE I 465 -23.18 30.24 -16.79
CA ILE I 465 -23.15 31.35 -17.73
C ILE I 465 -24.19 31.17 -18.83
N ALA I 466 -25.11 32.12 -18.93
CA ALA I 466 -26.20 32.01 -19.89
C ALA I 466 -26.44 33.32 -20.65
N THR I 467 -27.18 33.25 -21.74
CA THR I 467 -27.54 34.43 -22.51
C THR I 467 -28.85 35.02 -21.97
N SER I 468 -29.95 34.36 -22.30
CA SER I 468 -31.27 34.76 -21.81
C SER I 468 -32.25 33.60 -21.96
N VAL I 469 -33.35 33.67 -21.22
CA VAL I 469 -34.38 32.63 -21.29
C VAL I 469 -35.75 33.25 -21.56
N ALA I 470 -36.47 32.68 -22.52
CA ALA I 470 -37.82 33.13 -22.82
C ALA I 470 -38.74 32.90 -21.63
N ASP I 471 -39.22 33.99 -21.04
CA ASP I 471 -40.11 33.95 -19.89
C ASP I 471 -39.50 33.19 -18.72
N GLU I 472 -40.34 32.52 -17.94
CA GLU I 472 -39.90 31.81 -16.75
C GLU I 472 -39.16 30.52 -17.10
N GLY I 473 -39.84 29.64 -17.84
CA GLY I 473 -39.28 28.35 -18.21
C GLY I 473 -39.34 27.35 -17.07
N ILE I 474 -38.55 26.30 -17.17
CA ILE I 474 -38.48 25.28 -16.12
C ILE I 474 -37.65 25.80 -14.95
N ASP I 475 -38.09 25.50 -13.73
CA ASP I 475 -37.34 25.90 -12.55
C ASP I 475 -36.06 25.10 -12.39
N ILE I 476 -34.93 25.81 -12.46
CA ILE I 476 -33.63 25.20 -12.27
C ILE I 476 -33.20 25.34 -10.82
N ALA I 477 -31.97 24.94 -10.50
CA ALA I 477 -31.47 25.06 -9.14
C ALA I 477 -31.43 26.53 -8.71
N GLN I 478 -31.90 26.78 -7.50
CA GLN I 478 -31.97 28.14 -6.97
C GLN I 478 -30.60 28.81 -6.92
N CYS I 479 -30.57 30.08 -7.28
CA CYS I 479 -29.34 30.86 -7.24
C CYS I 479 -29.43 31.97 -6.21
N ASN I 480 -28.48 31.99 -5.28
CA ASN I 480 -28.43 33.06 -4.29
C ASN I 480 -27.61 34.23 -4.82
N LEU I 481 -27.13 34.11 -6.05
CA LEU I 481 -26.38 35.16 -6.70
C LEU I 481 -26.68 35.22 -8.20
N VAL I 482 -27.28 36.32 -8.63
CA VAL I 482 -27.56 36.56 -10.04
C VAL I 482 -26.76 37.76 -10.53
N ILE I 483 -25.91 37.55 -11.52
CA ILE I 483 -25.11 38.63 -12.07
C ILE I 483 -25.59 38.97 -13.48
N LEU I 484 -25.73 40.27 -13.74
CA LEU I 484 -26.20 40.76 -15.02
C LEU I 484 -25.11 41.60 -15.69
N TYR I 485 -24.44 41.00 -16.67
CA TYR I 485 -23.31 41.63 -17.34
C TYR I 485 -23.77 42.36 -18.60
N GLU I 486 -23.82 43.69 -18.53
CA GLU I 486 -24.32 44.53 -19.61
C GLU I 486 -25.71 44.08 -20.05
N TYR I 487 -26.58 43.86 -19.08
CA TYR I 487 -27.93 43.37 -19.33
C TYR I 487 -28.93 44.51 -19.52
N VAL I 488 -29.79 44.36 -20.51
CA VAL I 488 -30.85 45.34 -20.75
C VAL I 488 -32.14 44.63 -21.18
N GLY I 489 -33.06 44.46 -20.23
CA GLY I 489 -34.32 43.79 -20.51
C GLY I 489 -35.52 44.64 -20.12
N ASN I 490 -36.70 44.16 -20.47
CA ASN I 490 -37.94 44.86 -20.11
C ASN I 490 -38.37 44.57 -18.68
N VAL I 491 -39.49 45.15 -18.27
CA VAL I 491 -39.98 45.00 -16.91
C VAL I 491 -40.43 43.56 -16.63
N ILE I 492 -41.01 42.93 -17.65
CA ILE I 492 -41.49 41.56 -17.52
C ILE I 492 -40.35 40.60 -17.21
N LYS I 493 -39.28 40.69 -17.99
CA LYS I 493 -38.12 39.84 -17.78
C LYS I 493 -37.43 40.17 -16.46
N MET I 494 -37.49 41.44 -16.05
CA MET I 494 -36.92 41.86 -14.78
C MET I 494 -37.65 41.19 -13.62
N ILE I 495 -38.97 41.17 -13.68
CA ILE I 495 -39.78 40.55 -12.64
C ILE I 495 -39.63 39.02 -12.67
N GLN I 496 -39.52 38.46 -13.87
CA GLN I 496 -39.36 37.02 -14.04
C GLN I 496 -38.04 36.51 -13.50
N THR I 497 -36.97 37.29 -13.71
CA THR I 497 -35.61 36.89 -13.34
C THR I 497 -35.48 36.65 -11.84
N ARG I 498 -36.30 37.35 -11.05
CA ARG I 498 -36.28 37.19 -9.60
C ARG I 498 -36.56 35.76 -9.16
N GLY I 499 -37.21 34.99 -10.03
CA GLY I 499 -37.51 33.60 -9.76
C GLY I 499 -36.28 32.73 -9.62
N ARG I 500 -35.15 33.22 -10.14
CA ARG I 500 -33.89 32.51 -10.03
C ARG I 500 -33.38 32.50 -8.59
N GLY I 501 -33.80 33.51 -7.83
CA GLY I 501 -33.41 33.61 -6.43
C GLY I 501 -34.58 33.94 -5.52
N ARG I 502 -35.44 32.95 -5.30
CA ARG I 502 -36.63 33.14 -4.48
C ARG I 502 -36.33 33.03 -2.98
N ALA I 503 -35.21 32.38 -2.66
CA ALA I 503 -34.82 32.20 -1.27
C ALA I 503 -34.43 33.53 -0.62
N ARG I 504 -34.58 33.60 0.70
CA ARG I 504 -34.19 34.80 1.43
C ARG I 504 -32.67 34.99 1.38
N GLY I 505 -32.25 36.23 1.14
CA GLY I 505 -30.84 36.55 1.13
C GLY I 505 -30.22 36.55 -0.25
N SER I 506 -31.01 36.18 -1.26
CA SER I 506 -30.52 36.17 -2.64
C SER I 506 -30.15 37.57 -3.11
N LYS I 507 -29.06 37.67 -3.85
CA LYS I 507 -28.55 38.96 -4.29
C LYS I 507 -28.45 39.03 -5.81
N CYS I 508 -28.69 40.21 -6.37
CA CYS I 508 -28.58 40.42 -7.81
C CYS I 508 -27.75 41.66 -8.12
N PHE I 509 -26.68 41.49 -8.88
CA PHE I 509 -25.80 42.59 -9.24
C PHE I 509 -25.92 42.96 -10.71
N LEU I 510 -26.20 44.23 -11.00
CA LEU I 510 -26.19 44.70 -12.38
C LEU I 510 -24.86 45.41 -12.67
N LEU I 511 -23.97 44.72 -13.36
CA LEU I 511 -22.64 45.26 -13.63
C LEU I 511 -22.56 45.84 -15.04
N THR I 512 -22.17 47.12 -15.14
CA THR I 512 -22.08 47.75 -16.46
C THR I 512 -21.16 48.97 -16.49
N SER I 513 -20.67 49.28 -17.68
CA SER I 513 -19.91 50.50 -17.91
C SER I 513 -20.72 51.46 -18.78
N ASN I 514 -22.02 51.50 -18.51
CA ASN I 514 -22.94 52.33 -19.28
C ASN I 514 -24.05 52.86 -18.38
N ALA I 515 -24.23 54.18 -18.38
CA ALA I 515 -25.24 54.82 -17.56
C ALA I 515 -26.65 54.51 -18.05
N GLY I 516 -26.78 54.32 -19.36
CA GLY I 516 -28.07 54.03 -19.96
C GLY I 516 -28.66 52.71 -19.50
N VAL I 517 -27.79 51.79 -19.08
CA VAL I 517 -28.23 50.50 -18.57
C VAL I 517 -28.88 50.64 -17.19
N ILE I 518 -28.15 51.26 -16.28
CA ILE I 518 -28.66 51.57 -14.94
C ILE I 518 -29.97 52.36 -15.05
N GLU I 519 -29.93 53.39 -15.90
CA GLU I 519 -31.10 54.19 -16.20
C GLU I 519 -32.27 53.32 -16.62
N LYS I 520 -32.02 52.42 -17.57
CA LYS I 520 -33.05 51.52 -18.11
C LYS I 520 -33.65 50.64 -17.02
N GLU I 521 -32.82 50.10 -16.15
CA GLU I 521 -33.30 49.24 -15.08
C GLU I 521 -34.14 50.01 -14.06
N GLN I 522 -33.69 51.22 -13.73
CA GLN I 522 -34.46 52.09 -12.84
C GLN I 522 -35.83 52.39 -13.44
N ILE I 523 -35.84 52.71 -14.73
CA ILE I 523 -37.07 52.94 -15.47
C ILE I 523 -37.97 51.72 -15.41
N ASN I 524 -37.37 50.53 -15.49
CA ASN I 524 -38.11 49.29 -15.39
C ASN I 524 -38.76 49.12 -14.02
N MET I 525 -38.02 49.48 -12.97
CA MET I 525 -38.55 49.40 -11.61
C MET I 525 -39.74 50.34 -11.45
N TYR I 526 -39.60 51.57 -11.94
CA TYR I 526 -40.69 52.53 -11.90
C TYR I 526 -41.89 52.02 -12.70
N LYS I 527 -41.61 51.33 -13.80
CA LYS I 527 -42.65 50.75 -14.63
C LYS I 527 -43.38 49.63 -13.89
N GLU I 528 -42.64 48.93 -13.03
CA GLU I 528 -43.25 47.90 -12.19
C GLU I 528 -44.18 48.57 -11.19
N LYS I 529 -43.73 49.69 -10.62
CA LYS I 529 -44.58 50.46 -9.70
C LYS I 529 -45.87 50.89 -10.40
N MET I 530 -45.72 51.44 -11.61
CA MET I 530 -46.86 51.83 -12.44
C MET I 530 -47.80 50.67 -12.68
N MET I 531 -47.22 49.51 -12.97
CA MET I 531 -48.01 48.31 -13.25
C MET I 531 -48.84 47.88 -12.04
N ASN I 532 -48.18 47.76 -10.90
CA ASN I 532 -48.85 47.35 -9.67
C ASN I 532 -49.95 48.33 -9.26
N ASP I 533 -49.63 49.63 -9.33
CA ASP I 533 -50.60 50.66 -8.98
C ASP I 533 -51.79 50.67 -9.92
N SER I 534 -51.51 50.45 -11.21
CA SER I 534 -52.56 50.41 -12.23
C SER I 534 -53.48 49.22 -12.04
N ILE I 535 -52.88 48.08 -11.68
CA ILE I 535 -53.66 46.87 -11.41
C ILE I 535 -54.53 47.07 -10.17
N LEU I 536 -53.94 47.60 -9.11
CA LEU I 536 -54.67 47.91 -7.88
C LEU I 536 -55.82 48.87 -8.17
N ARG I 537 -55.62 49.78 -9.11
CA ARG I 537 -56.64 50.75 -9.47
C ARG I 537 -57.77 50.09 -10.25
N LEU I 538 -57.41 49.27 -11.23
CA LEU I 538 -58.38 48.58 -12.07
C LEU I 538 -59.23 47.60 -11.26
N GLN I 539 -58.63 47.03 -10.21
CA GLN I 539 -59.32 46.05 -9.38
C GLN I 539 -60.43 46.66 -8.53
N THR I 540 -60.51 47.99 -8.52
CA THR I 540 -61.54 48.69 -7.76
C THR I 540 -62.80 48.89 -8.61
N TRP I 541 -62.62 48.95 -9.92
CA TRP I 541 -63.72 49.21 -10.85
C TRP I 541 -64.81 48.14 -10.76
N ASP I 542 -66.03 48.53 -11.12
CA ASP I 542 -67.12 47.58 -11.24
C ASP I 542 -66.88 46.69 -12.45
N GLU I 543 -67.09 45.39 -12.29
CA GLU I 543 -66.78 44.42 -13.33
C GLU I 543 -67.57 44.66 -14.61
N ALA I 544 -68.78 45.21 -14.47
CA ALA I 544 -69.63 45.48 -15.62
C ALA I 544 -69.08 46.62 -16.46
N VAL I 545 -68.72 47.72 -15.80
CA VAL I 545 -68.15 48.88 -16.48
C VAL I 545 -66.84 48.50 -17.17
N PHE I 546 -66.01 47.76 -16.45
CA PHE I 546 -64.75 47.26 -16.98
C PHE I 546 -65.00 46.39 -18.21
N ARG I 547 -66.02 45.55 -18.13
CA ARG I 547 -66.39 44.69 -19.25
C ARG I 547 -66.86 45.51 -20.45
N GLU I 548 -67.48 46.65 -20.17
CA GLU I 548 -67.92 47.55 -21.23
C GLU I 548 -66.73 48.19 -21.94
N LYS I 549 -65.79 48.71 -21.14
CA LYS I 549 -64.57 49.29 -21.68
C LYS I 549 -63.82 48.26 -22.52
N ILE I 550 -63.69 47.06 -21.97
CA ILE I 550 -63.08 45.92 -22.65
C ILE I 550 -63.77 45.65 -23.98
N LEU I 551 -65.10 45.65 -23.96
CA LEU I 551 -65.88 45.40 -25.17
C LEU I 551 -65.61 46.47 -26.22
N HIS I 552 -65.50 47.72 -25.80
CA HIS I 552 -65.16 48.81 -26.70
C HIS I 552 -63.80 48.58 -27.33
N ILE I 553 -62.81 48.25 -26.51
CA ILE I 553 -61.45 48.01 -27.00
C ILE I 553 -61.42 46.85 -27.99
N GLN I 554 -62.11 45.77 -27.65
CA GLN I 554 -62.19 44.58 -28.51
C GLN I 554 -62.82 44.91 -29.86
N THR I 555 -63.97 45.57 -29.84
CA THR I 555 -64.69 45.92 -31.06
C THR I 555 -63.84 46.87 -31.92
N HIS I 556 -63.16 47.80 -31.28
CA HIS I 556 -62.29 48.75 -31.97
C HIS I 556 -61.13 48.03 -32.67
N GLU I 557 -60.40 47.24 -31.91
CA GLU I 557 -59.28 46.47 -32.43
C GLU I 557 -59.72 45.56 -33.57
N LYS I 558 -60.89 44.95 -33.43
CA LYS I 558 -61.42 44.07 -34.46
C LYS I 558 -61.77 44.84 -35.72
N PHE I 559 -62.34 46.03 -35.56
CA PHE I 559 -62.66 46.89 -36.71
C PHE I 559 -61.40 47.27 -37.47
N ILE I 560 -60.44 47.83 -36.74
CA ILE I 560 -59.14 48.21 -37.29
C ILE I 560 -58.48 47.04 -38.02
N ARG I 561 -58.55 45.85 -37.41
CA ARG I 561 -57.95 44.65 -37.99
C ARG I 561 -58.68 44.22 -39.26
N ASP I 562 -60.00 44.33 -39.25
CA ASP I 562 -60.82 43.96 -40.39
C ASP I 562 -60.55 44.88 -41.57
N SER I 563 -60.19 46.13 -41.30
CA SER I 563 -59.89 47.08 -42.36
C SER I 563 -58.61 46.73 -43.12
N GLN I 564 -57.65 46.12 -42.44
CA GLN I 564 -56.34 45.83 -43.03
C GLN I 564 -56.42 44.80 -44.17
N GLU I 565 -55.97 45.21 -45.35
CA GLU I 565 -55.97 44.33 -46.52
C GLU I 565 -54.79 44.61 -47.44
N LYS I 568 -53.03 43.77 -52.13
CA LYS I 568 -51.64 43.46 -52.43
C LYS I 568 -51.27 43.93 -53.83
N PRO I 569 -49.98 44.26 -54.04
CA PRO I 569 -49.50 44.68 -55.37
C PRO I 569 -49.67 43.59 -56.42
N VAL I 570 -49.83 44.00 -57.67
CA VAL I 570 -49.92 43.07 -58.79
C VAL I 570 -48.58 42.38 -59.02
N PRO I 571 -48.56 41.04 -59.03
CA PRO I 571 -47.32 40.28 -59.16
C PRO I 571 -46.63 40.47 -60.50
N ASP I 572 -45.32 40.72 -60.46
CA ASP I 572 -44.52 40.84 -61.68
C ASP I 572 -44.38 39.47 -62.34
N LYS I 573 -44.74 39.39 -63.62
CA LYS I 573 -44.69 38.13 -64.33
C LYS I 573 -43.51 38.09 -65.30
N GLU I 574 -42.58 39.01 -65.14
CA GLU I 574 -41.36 39.02 -65.94
C GLU I 574 -40.33 38.05 -65.35
N ASN I 575 -39.60 37.36 -66.22
CA ASN I 575 -38.62 36.37 -65.79
C ASN I 575 -37.38 37.03 -65.18
N LYS I 576 -36.98 36.56 -64.00
CA LYS I 576 -35.84 37.12 -63.30
C LYS I 576 -34.75 36.07 -63.09
N LYS I 577 -33.50 36.53 -62.97
CA LYS I 577 -32.39 35.66 -62.64
C LYS I 577 -32.00 35.81 -61.18
N LEU I 578 -31.73 34.68 -60.53
CA LEU I 578 -31.27 34.68 -59.15
C LEU I 578 -29.76 34.39 -59.10
N LEU I 579 -28.97 35.41 -58.80
CA LEU I 579 -27.53 35.25 -58.77
C LEU I 579 -27.02 35.05 -57.35
N CYS I 580 -25.82 34.49 -57.22
CA CYS I 580 -25.22 34.27 -55.89
C CYS I 580 -24.75 35.60 -55.32
N ARG I 581 -25.15 35.91 -54.09
CA ARG I 581 -24.80 37.20 -53.48
C ARG I 581 -23.29 37.36 -53.30
N LYS I 582 -22.56 36.25 -53.29
CA LYS I 582 -21.12 36.31 -53.11
C LYS I 582 -20.37 36.46 -54.43
N CYS I 583 -20.68 35.61 -55.41
CA CYS I 583 -19.93 35.62 -56.67
C CYS I 583 -20.79 35.84 -57.91
N LYS I 584 -22.05 36.20 -57.71
CA LYS I 584 -22.96 36.57 -58.80
C LYS I 584 -23.18 35.45 -59.83
N ALA I 585 -22.83 34.23 -59.47
CA ALA I 585 -23.03 33.09 -60.35
C ALA I 585 -24.52 32.83 -60.56
N LEU I 586 -24.88 32.39 -61.76
CA LEU I 586 -26.28 32.12 -62.08
C LEU I 586 -26.76 30.84 -61.41
N ALA I 587 -27.66 30.99 -60.46
CA ALA I 587 -28.24 29.84 -59.78
C ALA I 587 -29.41 29.28 -60.56
N CYS I 588 -30.46 30.08 -60.71
CA CYS I 588 -31.64 29.68 -61.48
C CYS I 588 -32.47 30.89 -61.88
N TYR I 589 -33.64 30.62 -62.46
CA TYR I 589 -34.56 31.67 -62.87
C TYR I 589 -35.82 31.62 -62.01
N THR I 590 -36.61 32.69 -62.05
CA THR I 590 -37.87 32.72 -61.31
C THR I 590 -38.95 31.91 -62.03
N ALA I 591 -38.60 31.37 -63.18
CA ALA I 591 -39.50 30.48 -63.91
C ALA I 591 -39.33 29.05 -63.40
N ASP I 592 -38.16 28.77 -62.83
CA ASP I 592 -37.84 27.43 -62.34
C ASP I 592 -38.35 27.21 -60.93
N VAL I 593 -38.62 28.29 -60.21
CA VAL I 593 -39.00 28.18 -58.80
C VAL I 593 -40.47 27.83 -58.62
N ARG I 594 -40.73 26.95 -57.65
CA ARG I 594 -42.09 26.57 -57.29
C ARG I 594 -42.29 26.81 -55.79
N VAL I 595 -43.47 27.28 -55.43
CA VAL I 595 -43.76 27.55 -54.02
C VAL I 595 -44.57 26.42 -53.40
N ILE I 596 -44.05 25.88 -52.30
CA ILE I 596 -44.70 24.82 -51.56
C ILE I 596 -45.34 25.36 -50.29
N GLU I 597 -46.62 25.01 -50.10
CA GLU I 597 -47.38 25.39 -48.91
C GLU I 597 -47.38 26.90 -48.67
N GLU I 598 -47.25 27.66 -49.77
CA GLU I 598 -47.30 29.12 -49.73
C GLU I 598 -46.26 29.71 -48.77
N CYS I 599 -45.16 28.99 -48.56
CA CYS I 599 -44.13 29.44 -47.63
C CYS I 599 -42.72 29.09 -48.12
N HIS I 600 -42.57 27.87 -48.62
CA HIS I 600 -41.24 27.38 -49.00
C HIS I 600 -41.03 27.48 -50.51
N TYR I 601 -39.78 27.49 -50.95
CA TYR I 601 -39.48 27.72 -52.35
C TYR I 601 -38.42 26.78 -52.88
N THR I 602 -38.81 25.93 -53.83
CA THR I 602 -37.92 24.95 -54.41
C THR I 602 -37.62 25.28 -55.86
N VAL I 603 -36.67 24.55 -56.46
CA VAL I 603 -36.28 24.78 -57.84
C VAL I 603 -36.34 23.50 -58.67
N LEU I 604 -37.00 23.56 -59.81
CA LEU I 604 -37.12 22.41 -60.70
C LEU I 604 -36.00 22.39 -61.75
N GLY I 605 -35.89 21.28 -62.47
CA GLY I 605 -34.91 21.15 -63.53
C GLY I 605 -33.59 20.59 -63.06
N ASP I 606 -32.92 19.85 -63.94
CA ASP I 606 -31.62 19.26 -63.64
C ASP I 606 -30.48 20.26 -63.88
N ALA I 607 -30.84 21.45 -64.33
CA ALA I 607 -29.84 22.49 -64.59
C ALA I 607 -29.34 23.09 -63.28
N PHE I 608 -30.22 23.13 -62.28
CA PHE I 608 -29.91 23.75 -61.00
C PHE I 608 -28.96 22.88 -60.17
N LYS I 609 -29.10 21.57 -60.28
CA LYS I 609 -28.32 20.66 -59.44
C LYS I 609 -26.87 20.54 -59.88
N GLU I 610 -26.51 21.24 -60.95
CA GLU I 610 -25.11 21.31 -61.37
C GLU I 610 -24.44 22.54 -60.78
N CYS I 611 -25.24 23.40 -60.14
CA CYS I 611 -24.77 24.68 -59.64
C CYS I 611 -24.39 24.64 -58.16
N PHE I 612 -24.81 23.60 -57.45
CA PHE I 612 -24.57 23.57 -56.01
C PHE I 612 -23.92 22.29 -55.49
N VAL I 613 -23.27 22.40 -54.34
CA VAL I 613 -22.81 21.26 -53.57
C VAL I 613 -23.66 21.17 -52.31
N SER I 614 -23.56 20.05 -51.60
CA SER I 614 -24.32 19.88 -50.37
C SER I 614 -23.49 19.23 -49.28
N ARG I 615 -23.81 19.55 -48.03
CA ARG I 615 -23.17 18.92 -46.88
C ARG I 615 -24.24 18.46 -45.90
N PRO I 616 -24.00 17.35 -45.20
CA PRO I 616 -25.02 16.82 -44.28
C PRO I 616 -25.43 17.84 -43.21
N HIS I 617 -26.75 18.02 -43.05
CA HIS I 617 -27.30 19.02 -42.14
C HIS I 617 -26.88 18.77 -40.70
N PRO I 618 -26.45 19.83 -39.99
CA PRO I 618 -26.01 19.71 -38.59
C PRO I 618 -27.18 19.52 -37.64
N LYS I 619 -28.37 19.93 -38.06
CA LYS I 619 -29.56 19.82 -37.22
C LYS I 619 -30.75 19.27 -38.02
N PRO I 620 -30.77 17.95 -38.25
CA PRO I 620 -31.88 17.32 -38.97
C PRO I 620 -33.21 17.50 -38.23
N LYS I 621 -34.00 18.46 -38.68
CA LYS I 621 -35.26 18.80 -38.03
C LYS I 621 -36.45 18.57 -38.95
N GLN I 622 -37.50 17.97 -38.42
CA GLN I 622 -38.71 17.68 -39.19
C GLN I 622 -39.76 18.76 -38.99
N PHE I 623 -39.77 19.75 -39.88
CA PHE I 623 -40.81 20.77 -39.86
C PHE I 623 -41.84 20.48 -40.96
N SER I 624 -43.11 20.54 -40.61
CA SER I 624 -44.20 20.17 -41.52
C SER I 624 -43.94 18.79 -42.11
N SER I 625 -44.20 18.65 -43.41
CA SER I 625 -43.92 17.39 -44.10
C SER I 625 -42.49 17.39 -44.64
N PHE I 626 -41.73 18.42 -44.30
CA PHE I 626 -40.35 18.54 -44.74
C PHE I 626 -39.40 17.86 -43.77
N GLU I 627 -38.23 17.47 -44.27
CA GLU I 627 -37.21 16.83 -43.44
C GLU I 627 -35.81 17.19 -43.94
N LYS I 628 -35.15 18.09 -43.22
CA LYS I 628 -33.82 18.56 -43.60
C LYS I 628 -32.81 17.41 -43.57
N ARG I 629 -32.06 17.19 -44.64
CA ARG I 629 -30.91 16.29 -44.43
C ARG I 629 -29.61 16.88 -45.01
N ALA I 630 -29.68 18.09 -45.56
CA ALA I 630 -28.48 18.73 -46.09
C ALA I 630 -28.58 20.25 -46.21
N LYS I 631 -27.44 20.92 -46.05
CA LYS I 631 -27.30 22.33 -46.39
C LYS I 631 -26.72 22.46 -47.79
N ILE I 632 -27.16 23.49 -48.50
CA ILE I 632 -26.76 23.72 -49.88
C ILE I 632 -25.79 24.89 -49.99
N PHE I 633 -24.77 24.75 -50.82
CA PHE I 633 -23.79 25.80 -51.03
C PHE I 633 -23.47 25.98 -52.51
N CYS I 634 -22.96 27.16 -52.86
CA CYS I 634 -22.55 27.42 -54.24
C CYS I 634 -21.36 26.54 -54.61
N ALA I 635 -21.26 26.19 -55.90
CA ALA I 635 -20.23 25.24 -56.35
C ALA I 635 -19.22 25.87 -57.29
N ARG I 636 -19.33 27.17 -57.52
CA ARG I 636 -18.42 27.85 -58.44
C ARG I 636 -17.15 28.32 -57.76
N GLN I 637 -16.03 27.69 -58.13
CA GLN I 637 -14.71 28.09 -57.64
C GLN I 637 -14.62 28.14 -56.12
N ASN I 638 -15.26 27.16 -55.46
CA ASN I 638 -15.31 27.09 -54.00
C ASN I 638 -15.88 28.36 -53.40
N CYS I 639 -16.96 28.87 -54.00
CA CYS I 639 -17.66 30.02 -53.47
C CYS I 639 -18.30 29.67 -52.13
N SER I 640 -19.05 28.56 -52.14
CA SER I 640 -19.60 27.96 -50.92
C SER I 640 -20.50 28.88 -50.12
N HIS I 641 -21.22 29.76 -50.81
CA HIS I 641 -22.19 30.62 -50.13
C HIS I 641 -23.46 29.82 -49.82
N ASP I 642 -23.99 30.01 -48.62
CA ASP I 642 -25.17 29.27 -48.17
C ASP I 642 -26.40 29.63 -48.99
N TRP I 643 -26.91 28.66 -49.75
CA TRP I 643 -28.07 28.88 -50.63
C TRP I 643 -29.36 28.39 -50.00
N GLY I 644 -29.25 27.47 -49.04
CA GLY I 644 -30.43 26.93 -48.39
C GLY I 644 -30.20 25.52 -47.86
N ILE I 645 -31.22 24.67 -48.01
CA ILE I 645 -31.16 23.30 -47.51
C ILE I 645 -31.76 22.30 -48.49
N HIS I 646 -31.67 21.02 -48.17
CA HIS I 646 -32.26 19.97 -49.01
C HIS I 646 -33.27 19.19 -48.18
N VAL I 647 -34.54 19.36 -48.51
CA VAL I 647 -35.59 18.78 -47.71
C VAL I 647 -36.41 17.70 -48.45
N LYS I 648 -36.82 16.70 -47.67
CA LYS I 648 -37.58 15.55 -48.17
C LYS I 648 -39.07 15.80 -48.04
N TYR I 649 -39.63 16.38 -49.10
CA TYR I 649 -41.04 16.72 -49.11
C TYR I 649 -41.86 15.58 -49.70
N LYS I 650 -42.55 14.86 -48.83
CA LYS I 650 -43.33 13.67 -49.22
C LYS I 650 -42.42 12.63 -49.89
N THR I 651 -42.70 12.33 -51.15
CA THR I 651 -41.91 11.34 -51.88
C THR I 651 -40.74 11.98 -52.61
N PHE I 652 -40.74 13.32 -52.66
CA PHE I 652 -39.72 14.06 -53.38
C PHE I 652 -38.55 14.45 -52.48
N GLU I 653 -37.36 14.47 -53.07
CA GLU I 653 -36.17 14.96 -52.38
C GLU I 653 -35.65 16.20 -53.08
N ILE I 654 -35.96 17.37 -52.55
CA ILE I 654 -35.78 18.60 -53.31
C ILE I 654 -35.00 19.67 -52.57
N PRO I 655 -34.42 20.63 -53.31
CA PRO I 655 -33.76 21.77 -52.68
C PRO I 655 -34.72 22.89 -52.31
N VAL I 656 -34.56 23.45 -51.11
CA VAL I 656 -35.30 24.66 -50.74
C VAL I 656 -34.33 25.80 -50.45
N ILE I 657 -34.53 26.90 -51.18
CA ILE I 657 -33.62 28.03 -51.11
C ILE I 657 -34.27 29.23 -50.43
N LYS I 658 -33.43 30.09 -49.86
CA LYS I 658 -33.89 31.32 -49.24
C LYS I 658 -33.48 32.51 -50.11
N ILE I 659 -34.39 33.47 -50.24
CA ILE I 659 -34.19 34.60 -51.15
C ILE I 659 -33.03 35.50 -50.71
N GLU I 660 -32.76 35.56 -49.41
CA GLU I 660 -31.72 36.46 -48.91
C GLU I 660 -30.31 35.92 -49.20
N SER I 661 -30.24 34.81 -49.91
CA SER I 661 -28.97 34.25 -50.36
C SER I 661 -28.68 34.64 -51.80
N PHE I 662 -29.65 35.28 -52.45
CA PHE I 662 -29.52 35.60 -53.86
C PHE I 662 -29.84 37.06 -54.20
N VAL I 663 -29.33 37.50 -55.34
CA VAL I 663 -29.65 38.81 -55.89
C VAL I 663 -30.61 38.65 -57.07
N VAL I 664 -31.69 39.42 -57.05
CA VAL I 664 -32.69 39.35 -58.12
C VAL I 664 -32.39 40.33 -59.23
N GLU I 665 -32.02 39.83 -60.40
CA GLU I 665 -31.78 40.68 -61.55
C GLU I 665 -32.88 40.51 -62.59
N ASP I 666 -33.35 41.62 -63.15
CA ASP I 666 -34.32 41.57 -64.23
C ASP I 666 -33.60 41.40 -65.57
N ILE I 667 -34.01 40.40 -66.34
CA ILE I 667 -33.33 40.07 -67.59
C ILE I 667 -33.38 41.22 -68.58
N ALA I 668 -34.53 41.89 -68.66
CA ALA I 668 -34.72 42.99 -69.60
C ALA I 668 -33.94 44.23 -69.20
N THR I 669 -34.31 44.81 -68.06
CA THR I 669 -33.74 46.08 -67.61
C THR I 669 -32.32 45.93 -67.06
N GLY I 670 -32.01 44.77 -66.50
CA GLY I 670 -30.69 44.52 -65.95
C GLY I 670 -30.56 45.02 -64.52
N VAL I 671 -31.65 45.58 -63.99
CA VAL I 671 -31.65 46.12 -62.63
C VAL I 671 -31.62 45.00 -61.59
N GLN I 672 -30.73 45.14 -60.61
CA GLN I 672 -30.58 44.15 -59.56
C GLN I 672 -31.18 44.64 -58.24
N THR I 673 -31.87 43.75 -57.54
CA THR I 673 -32.56 44.10 -56.30
C THR I 673 -32.37 43.01 -55.25
N LEU I 674 -32.40 43.39 -53.97
CA LEU I 674 -32.28 42.44 -52.88
C LEU I 674 -33.59 42.29 -52.11
N TYR I 675 -33.85 41.08 -51.62
CA TYR I 675 -35.01 40.82 -50.79
C TYR I 675 -34.62 39.91 -49.62
N SER I 676 -35.09 40.25 -48.42
CA SER I 676 -34.76 39.48 -47.24
C SER I 676 -35.80 38.40 -46.96
N LYS I 677 -37.01 38.60 -47.49
CA LYS I 677 -38.09 37.64 -47.31
C LYS I 677 -38.83 37.39 -48.63
N TRP I 678 -39.30 36.17 -48.80
CA TRP I 678 -40.02 35.79 -50.03
C TRP I 678 -41.34 36.55 -50.16
N LYS I 679 -41.98 36.84 -49.04
CA LYS I 679 -43.28 37.52 -49.04
C LYS I 679 -43.15 38.96 -49.54
N ASP I 680 -41.93 39.47 -49.58
CA ASP I 680 -41.66 40.81 -50.09
C ASP I 680 -41.37 40.77 -51.58
N PHE I 681 -40.87 39.62 -52.04
CA PHE I 681 -40.56 39.41 -53.46
C PHE I 681 -41.85 39.15 -54.24
N HIS I 682 -42.46 40.22 -54.75
CA HIS I 682 -43.74 40.12 -55.45
C HIS I 682 -43.57 39.73 -56.92
N PHE I 683 -43.22 38.48 -57.17
CA PHE I 683 -43.19 37.96 -58.53
C PHE I 683 -44.30 36.93 -58.70
N GLU I 684 -44.49 36.45 -59.92
CA GLU I 684 -45.51 35.44 -60.18
C GLU I 684 -45.08 34.09 -59.62
N LYS I 685 -45.65 33.73 -58.47
CA LYS I 685 -45.25 32.52 -57.77
C LYS I 685 -46.09 31.31 -58.20
N ILE I 686 -45.45 30.41 -58.92
CA ILE I 686 -46.13 29.20 -59.40
C ILE I 686 -46.21 28.14 -58.30
N PRO I 687 -47.43 27.71 -57.96
CA PRO I 687 -47.64 26.65 -56.96
C PRO I 687 -46.97 25.34 -57.37
N PHE I 688 -46.33 24.68 -56.42
CA PHE I 688 -45.68 23.41 -56.70
C PHE I 688 -46.71 22.34 -57.03
N ASP I 689 -46.50 21.65 -58.14
CA ASP I 689 -47.41 20.60 -58.59
C ASP I 689 -46.68 19.28 -58.75
N PRO I 690 -47.08 18.26 -57.96
CA PRO I 690 -46.51 16.92 -58.05
C PRO I 690 -46.71 16.28 -59.42
N ALA I 691 -47.76 16.70 -60.12
CA ALA I 691 -48.06 16.16 -61.44
C ALA I 691 -47.20 16.82 -62.53
N GLU I 692 -46.36 17.77 -62.13
CA GLU I 692 -45.47 18.44 -63.06
C GLU I 692 -44.08 17.84 -63.03
N LYS K 12 46.48 13.42 9.76
CA LYS K 12 47.87 13.26 9.31
C LYS K 12 48.54 12.06 9.97
N PRO K 13 48.12 10.84 9.58
CA PRO K 13 48.66 9.63 10.19
C PRO K 13 50.10 9.33 9.80
N ARG K 14 50.91 8.94 10.79
CA ARG K 14 52.27 8.50 10.51
C ARG K 14 52.25 7.01 10.23
N ASN K 15 53.26 6.52 9.51
CA ASN K 15 53.28 5.13 9.08
C ASN K 15 53.36 4.13 10.24
N TYR K 16 54.13 4.46 11.27
CA TYR K 16 54.28 3.54 12.39
C TYR K 16 53.01 3.49 13.23
N GLN K 17 52.21 4.56 13.17
CA GLN K 17 50.92 4.58 13.84
C GLN K 17 49.97 3.62 13.15
N LEU K 18 49.99 3.63 11.83
CA LEU K 18 49.22 2.69 11.03
C LEU K 18 49.68 1.26 11.28
N GLU K 19 50.99 1.11 11.47
CA GLU K 19 51.58 -0.20 11.73
C GLU K 19 51.14 -0.74 13.09
N LEU K 20 51.06 0.16 14.07
CA LEU K 20 50.62 -0.21 15.42
C LEU K 20 49.12 -0.48 15.44
N ALA K 21 48.38 0.18 14.56
CA ALA K 21 46.93 0.06 14.54
C ALA K 21 46.44 -1.11 13.69
N LEU K 22 47.29 -1.58 12.78
CA LEU K 22 46.91 -2.62 11.82
C LEU K 22 46.39 -3.93 12.44
N PRO K 23 47.09 -4.49 13.45
CA PRO K 23 46.55 -5.74 14.01
C PRO K 23 45.19 -5.55 14.66
N ALA K 24 44.97 -4.39 15.28
CA ALA K 24 43.70 -4.08 15.92
C ALA K 24 42.59 -3.94 14.89
N MET K 25 42.91 -3.29 13.76
CA MET K 25 41.93 -3.07 12.71
C MET K 25 41.51 -4.38 12.04
N LYS K 26 42.32 -5.42 12.21
CA LYS K 26 42.00 -6.73 11.66
C LYS K 26 41.19 -7.58 12.65
N GLY K 27 40.70 -6.94 13.70
CA GLY K 27 39.80 -7.59 14.65
C GLY K 27 40.48 -8.43 15.72
N LYS K 28 41.81 -8.43 15.72
CA LYS K 28 42.56 -9.22 16.69
C LYS K 28 42.72 -8.47 18.01
N ASN K 29 42.57 -9.18 19.12
CA ASN K 29 42.83 -8.61 20.43
C ASN K 29 44.31 -8.30 20.57
N THR K 30 44.64 -7.02 20.77
CA THR K 30 46.01 -6.56 20.59
C THR K 30 46.53 -5.68 21.72
N ILE K 31 47.74 -5.98 22.20
CA ILE K 31 48.44 -5.09 23.11
C ILE K 31 49.46 -4.25 22.34
N ILE K 32 49.16 -2.97 22.17
CA ILE K 32 50.03 -2.05 21.47
C ILE K 32 51.09 -1.49 22.39
N CYS K 33 52.35 -1.83 22.12
CA CYS K 33 53.47 -1.40 22.94
C CYS K 33 54.40 -0.49 22.13
N ALA K 34 54.43 0.78 22.50
CA ALA K 34 55.22 1.77 21.78
C ALA K 34 55.67 2.88 22.72
N PRO K 35 56.82 3.53 22.44
CA PRO K 35 57.38 4.55 23.32
C PRO K 35 56.39 5.66 23.69
N THR K 36 56.59 6.26 24.85
CA THR K 36 55.74 7.34 25.33
C THR K 36 55.87 8.58 24.45
N GLY K 37 54.74 9.11 24.00
CA GLY K 37 54.72 10.33 23.22
C GLY K 37 54.75 10.12 21.72
N CYS K 38 54.64 8.87 21.29
CA CYS K 38 54.63 8.56 19.87
C CYS K 38 53.26 8.85 19.26
N GLY K 39 52.29 9.13 20.12
CA GLY K 39 50.95 9.48 19.67
C GLY K 39 49.96 8.33 19.74
N LYS K 40 49.55 7.98 20.95
CA LYS K 40 48.64 6.86 21.15
C LYS K 40 47.19 7.25 20.87
N THR K 41 46.89 8.53 21.06
CA THR K 41 45.54 9.05 20.87
C THR K 41 45.07 8.83 19.44
N PHE K 42 45.93 9.16 18.48
CA PHE K 42 45.56 9.04 17.07
C PHE K 42 45.40 7.58 16.65
N VAL K 43 46.24 6.72 17.21
CA VAL K 43 46.12 5.29 16.98
C VAL K 43 44.76 4.80 17.46
N SER K 44 44.40 5.22 18.67
CA SER K 44 43.10 4.90 19.26
C SER K 44 41.96 5.40 18.38
N LEU K 45 42.14 6.59 17.81
CA LEU K 45 41.12 7.19 16.95
C LEU K 45 40.95 6.40 15.67
N LEU K 46 42.06 5.98 15.07
CA LEU K 46 42.02 5.16 13.87
C LEU K 46 41.32 3.83 14.14
N ILE K 47 41.72 3.18 15.22
CA ILE K 47 41.13 1.91 15.63
C ILE K 47 39.62 2.03 15.83
N CYS K 48 39.21 3.02 16.63
CA CYS K 48 37.79 3.25 16.91
C CYS K 48 37.01 3.55 15.63
N GLU K 49 37.56 4.41 14.79
CA GLU K 49 36.90 4.80 13.55
C GLU K 49 36.66 3.61 12.64
N HIS K 50 37.73 2.86 12.36
CA HIS K 50 37.64 1.67 11.52
C HIS K 50 36.64 0.68 12.11
N HIS K 51 36.75 0.43 13.41
CA HIS K 51 35.88 -0.51 14.09
C HIS K 51 34.41 -0.14 13.95
N LEU K 52 34.09 1.14 14.18
CA LEU K 52 32.71 1.61 14.10
C LEU K 52 32.18 1.59 12.67
N LYS K 53 33.05 1.89 11.71
CA LYS K 53 32.63 1.94 10.31
C LYS K 53 32.55 0.55 9.66
N LYS K 54 33.14 -0.45 10.30
CA LYS K 54 33.20 -1.79 9.70
C LYS K 54 31.82 -2.49 9.69
N PHE K 55 30.95 -2.12 10.63
CA PHE K 55 29.66 -2.78 10.77
C PHE K 55 28.73 -2.48 9.61
N PRO K 56 27.94 -3.49 9.19
CA PRO K 56 26.97 -3.31 8.11
C PRO K 56 25.82 -2.40 8.52
N GLN K 57 24.84 -2.23 7.65
CA GLN K 57 23.73 -1.32 7.91
C GLN K 57 22.87 -1.75 9.09
N GLY K 58 22.55 -3.04 9.15
CA GLY K 58 21.66 -3.56 10.17
C GLY K 58 22.30 -3.70 11.55
N GLN K 59 23.57 -3.35 11.66
CA GLN K 59 24.28 -3.47 12.92
C GLN K 59 25.05 -2.19 13.25
N LYS K 60 25.51 -2.09 14.49
CA LYS K 60 26.36 -0.98 14.90
C LYS K 60 27.25 -1.40 16.06
N GLY K 61 28.40 -0.77 16.18
CA GLY K 61 29.34 -1.10 17.22
C GLY K 61 29.24 -0.15 18.41
N LYS K 62 29.85 -0.55 19.52
CA LYS K 62 29.88 0.28 20.72
C LYS K 62 31.23 0.16 21.40
N VAL K 63 31.99 1.25 21.39
CA VAL K 63 33.33 1.26 21.95
C VAL K 63 33.32 1.83 23.37
N VAL K 64 34.10 1.21 24.26
CA VAL K 64 34.33 1.75 25.59
C VAL K 64 35.83 1.96 25.81
N PHE K 65 36.18 3.16 26.26
CA PHE K 65 37.58 3.53 26.44
C PHE K 65 37.89 3.76 27.91
N PHE K 66 38.83 2.98 28.46
CA PHE K 66 39.19 3.10 29.86
C PHE K 66 40.41 3.98 30.10
N ALA K 67 40.19 5.09 30.80
CA ALA K 67 41.28 5.90 31.32
C ALA K 67 41.20 5.90 32.84
N ASN K 68 42.32 5.71 33.51
CA ASN K 68 42.29 5.55 34.96
C ASN K 68 42.63 6.83 35.72
N GLN K 69 42.72 7.94 35.00
CA GLN K 69 42.91 9.24 35.63
C GLN K 69 41.95 10.26 35.05
N ILE K 70 41.49 11.19 35.89
CA ILE K 70 40.54 12.20 35.47
C ILE K 70 41.06 13.14 34.35
N PRO K 71 42.32 13.61 34.45
CA PRO K 71 42.80 14.45 33.33
C PRO K 71 42.83 13.72 32.00
N VAL K 72 43.31 12.48 31.99
CA VAL K 72 43.34 11.66 30.78
C VAL K 72 41.92 11.39 30.29
N TYR K 73 41.03 11.13 31.24
CA TYR K 73 39.61 10.93 30.95
C TYR K 73 39.03 12.12 30.19
N GLU K 74 39.23 13.31 30.74
CA GLU K 74 38.72 14.55 30.14
C GLU K 74 39.33 14.79 28.77
N GLN K 75 40.65 14.61 28.66
CA GLN K 75 41.35 14.82 27.40
C GLN K 75 40.82 13.90 26.31
N GLN K 76 40.76 12.61 26.61
CA GLN K 76 40.27 11.62 25.66
C GLN K 76 38.82 11.89 25.27
N LYS K 77 37.98 12.20 26.26
CA LYS K 77 36.58 12.49 25.99
C LYS K 77 36.45 13.68 25.04
N SER K 78 37.28 14.69 25.28
CA SER K 78 37.27 15.90 24.44
C SER K 78 37.69 15.58 23.01
N VAL K 79 38.84 14.94 22.85
CA VAL K 79 39.36 14.62 21.52
C VAL K 79 38.40 13.72 20.75
N PHE K 80 37.89 12.69 21.41
CA PHE K 80 36.93 11.76 20.80
C PHE K 80 35.64 12.46 20.38
N SER K 81 35.14 13.35 21.25
CA SER K 81 33.91 14.09 20.96
C SER K 81 34.11 15.01 19.76
N LYS K 82 35.24 15.71 19.73
CA LYS K 82 35.55 16.63 18.64
C LYS K 82 35.78 15.90 17.33
N TYR K 83 36.34 14.70 17.41
CA TYR K 83 36.73 13.95 16.21
C TYR K 83 35.56 13.18 15.59
N PHE K 84 34.78 12.49 16.42
CA PHE K 84 33.76 11.57 15.93
C PHE K 84 32.39 12.21 15.73
N GLU K 85 32.27 13.48 16.04
CA GLU K 85 30.99 14.18 15.89
C GLU K 85 30.57 14.22 14.43
N ARG K 86 31.53 14.52 13.55
CA ARG K 86 31.26 14.64 12.12
C ARG K 86 30.90 13.29 11.49
N HIS K 87 31.42 12.21 12.07
CA HIS K 87 31.20 10.88 11.53
C HIS K 87 29.86 10.30 11.97
N GLY K 88 29.12 11.07 12.76
CA GLY K 88 27.79 10.66 13.17
C GLY K 88 27.79 9.64 14.29
N TYR K 89 28.81 9.69 15.14
CA TYR K 89 28.90 8.80 16.29
C TYR K 89 28.82 9.60 17.60
N ARG K 90 27.86 9.24 18.45
CA ARG K 90 27.66 9.95 19.70
C ARG K 90 28.70 9.54 20.73
N VAL K 91 29.48 10.52 21.19
CA VAL K 91 30.52 10.29 22.18
C VAL K 91 30.09 10.82 23.54
N THR K 92 30.21 9.99 24.57
CA THR K 92 29.90 10.41 25.93
C THR K 92 30.98 9.93 26.91
N GLY K 93 30.85 10.37 28.16
CA GLY K 93 31.78 9.96 29.19
C GLY K 93 31.11 9.87 30.55
N ILE K 94 31.59 8.97 31.39
CA ILE K 94 31.09 8.85 32.76
C ILE K 94 32.24 8.73 33.75
N SER K 95 32.25 9.62 34.74
CA SER K 95 33.23 9.55 35.82
C SER K 95 32.53 9.63 37.16
N GLY K 96 33.31 9.66 38.24
CA GLY K 96 32.75 9.72 39.57
C GLY K 96 32.00 11.01 39.85
N ALA K 97 32.30 12.04 39.07
CA ALA K 97 31.67 13.35 39.25
C ALA K 97 30.25 13.36 38.67
N THR K 98 29.97 12.43 37.77
CA THR K 98 28.64 12.35 37.14
C THR K 98 28.14 10.91 37.09
N ALA K 99 28.50 10.12 38.10
CA ALA K 99 28.16 8.70 38.10
C ALA K 99 26.78 8.43 38.71
N GLU K 100 26.45 9.16 39.77
CA GLU K 100 25.30 8.80 40.58
C GLU K 100 24.01 9.49 40.13
N ASN K 101 22.89 8.84 40.40
CA ASN K 101 21.55 9.28 39.99
C ASN K 101 21.50 9.69 38.53
N VAL K 102 21.81 8.73 37.66
CA VAL K 102 21.70 8.90 36.22
C VAL K 102 21.71 7.49 35.60
N PRO K 103 20.78 7.23 34.68
CA PRO K 103 20.70 5.89 34.09
C PRO K 103 21.93 5.54 33.26
N VAL K 104 22.87 4.80 33.85
CA VAL K 104 24.11 4.45 33.18
C VAL K 104 23.87 3.55 31.97
N GLU K 105 22.97 2.58 32.12
CA GLU K 105 22.67 1.64 31.04
C GLU K 105 22.06 2.35 29.84
N GLN K 106 21.25 3.37 30.13
CA GLN K 106 20.62 4.16 29.09
C GLN K 106 21.66 5.01 28.36
N ILE K 107 22.63 5.52 29.11
CA ILE K 107 23.73 6.29 28.52
C ILE K 107 24.57 5.41 27.60
N VAL K 108 24.98 4.25 28.11
CA VAL K 108 25.75 3.29 27.33
C VAL K 108 24.99 2.89 26.07
N GLU K 109 23.69 2.66 26.21
CA GLU K 109 22.86 2.28 25.09
C GLU K 109 22.75 3.38 24.04
N ASN K 110 22.64 4.64 24.50
CA ASN K 110 22.41 5.76 23.60
C ASN K 110 23.69 6.44 23.13
N ASN K 111 24.81 5.73 23.20
CA ASN K 111 26.08 6.27 22.72
C ASN K 111 26.95 5.20 22.05
N ASP K 112 27.75 5.63 21.09
CA ASP K 112 28.61 4.72 20.34
C ASP K 112 29.98 4.59 20.98
N ILE K 113 30.43 5.67 21.62
CA ILE K 113 31.72 5.68 22.30
C ILE K 113 31.57 6.19 23.73
N ILE K 114 31.99 5.38 24.69
CA ILE K 114 31.86 5.72 26.10
C ILE K 114 33.22 5.77 26.79
N ILE K 115 33.67 6.98 27.14
CA ILE K 115 34.90 7.14 27.89
C ILE K 115 34.58 6.94 29.37
N LEU K 116 35.36 6.09 30.03
CA LEU K 116 34.96 5.54 31.31
C LEU K 116 36.15 5.32 32.25
N THR K 117 36.00 5.72 33.50
CA THR K 117 36.91 5.29 34.55
C THR K 117 36.47 3.90 34.99
N PRO K 118 37.40 2.94 35.01
CA PRO K 118 37.09 1.51 35.16
C PRO K 118 36.24 1.16 36.39
N GLN K 119 36.37 1.95 37.45
CA GLN K 119 35.60 1.70 38.68
C GLN K 119 34.11 1.84 38.43
N ILE K 120 33.74 2.72 37.50
CA ILE K 120 32.35 2.89 37.10
C ILE K 120 31.79 1.59 36.54
N LEU K 121 32.53 1.00 35.60
CA LEU K 121 32.12 -0.24 34.97
C LEU K 121 32.12 -1.39 35.97
N VAL K 122 33.10 -1.41 36.86
CA VAL K 122 33.14 -2.44 37.90
C VAL K 122 31.89 -2.36 38.77
N ASN K 123 31.62 -1.17 39.28
CA ASN K 123 30.44 -0.92 40.11
C ASN K 123 29.15 -1.32 39.42
N ASN K 124 28.98 -0.90 38.17
CA ASN K 124 27.73 -1.16 37.46
C ASN K 124 27.58 -2.62 37.04
N LEU K 125 28.69 -3.27 36.72
CA LEU K 125 28.69 -4.70 36.41
C LEU K 125 28.28 -5.49 37.65
N LYS K 126 28.84 -5.13 38.79
CA LYS K 126 28.53 -5.83 40.03
C LYS K 126 27.13 -5.51 40.54
N LYS K 127 26.62 -4.33 40.17
CA LYS K 127 25.29 -3.90 40.60
C LYS K 127 24.22 -4.44 39.66
N GLY K 128 24.64 -4.81 38.45
CA GLY K 128 23.75 -5.46 37.51
C GLY K 128 23.12 -4.52 36.49
N THR K 129 23.35 -3.21 36.64
CA THR K 129 22.79 -2.23 35.72
C THR K 129 23.35 -2.43 34.32
N ILE K 130 24.58 -2.92 34.25
CA ILE K 130 25.15 -3.39 32.99
C ILE K 130 25.31 -4.91 33.08
N PRO K 131 24.38 -5.65 32.48
CA PRO K 131 24.27 -7.10 32.65
C PRO K 131 25.43 -7.89 32.03
N SER K 132 26.09 -7.32 31.03
CA SER K 132 27.17 -8.03 30.35
C SER K 132 28.07 -7.10 29.55
N LEU K 133 29.29 -7.56 29.29
CA LEU K 133 30.23 -6.81 28.46
C LEU K 133 29.93 -7.02 26.98
N SER K 134 28.92 -7.84 26.71
CA SER K 134 28.48 -8.08 25.33
C SER K 134 27.85 -6.83 24.72
N ILE K 135 27.49 -5.88 25.58
CA ILE K 135 26.93 -4.61 25.12
C ILE K 135 27.99 -3.82 24.33
N PHE K 136 29.26 -4.06 24.64
CA PHE K 136 30.35 -3.43 23.92
C PHE K 136 30.89 -4.34 22.83
N THR K 137 31.38 -3.75 21.75
CA THR K 137 32.01 -4.50 20.68
C THR K 137 33.52 -4.30 20.70
N LEU K 138 33.95 -3.26 21.41
CA LEU K 138 35.37 -2.93 21.52
C LEU K 138 35.69 -2.29 22.86
N MET K 139 36.71 -2.82 23.54
CA MET K 139 37.21 -2.23 24.79
C MET K 139 38.65 -1.78 24.59
N ILE K 140 38.97 -0.59 25.06
CA ILE K 140 40.32 -0.06 24.92
C ILE K 140 40.89 0.39 26.26
N PHE K 141 41.76 -0.43 26.84
CA PHE K 141 42.41 -0.12 28.11
C PHE K 141 43.63 0.78 27.90
N ASP K 142 43.56 2.01 28.40
CA ASP K 142 44.73 2.88 28.41
C ASP K 142 45.63 2.46 29.56
N GLU K 143 46.94 2.35 29.29
CA GLU K 143 47.91 1.83 30.25
C GLU K 143 47.50 0.44 30.71
N CYS K 144 47.50 -0.50 29.77
CA CYS K 144 47.00 -1.85 30.01
C CYS K 144 47.90 -2.69 30.92
N HIS K 145 49.09 -2.19 31.21
CA HIS K 145 50.01 -2.88 32.09
C HIS K 145 49.47 -2.97 33.51
N ASN K 146 48.47 -2.15 33.81
CA ASN K 146 47.82 -2.17 35.11
C ASN K 146 46.81 -3.30 35.24
N THR K 147 46.56 -4.01 34.14
CA THR K 147 45.64 -5.15 34.15
C THR K 147 46.29 -6.31 34.90
N SER K 148 46.31 -6.23 36.22
CA SER K 148 46.92 -7.24 37.07
C SER K 148 46.41 -7.14 38.50
N LYS K 149 46.57 -8.24 39.24
CA LYS K 149 46.17 -8.30 40.65
C LYS K 149 44.71 -7.89 40.86
N GLN K 150 44.47 -7.01 41.81
CA GLN K 150 43.10 -6.60 42.14
C GLN K 150 42.75 -5.23 41.57
N HIS K 151 43.43 -4.86 40.50
CA HIS K 151 43.17 -3.61 39.80
C HIS K 151 41.84 -3.69 39.03
N PRO K 152 41.07 -2.58 39.01
CA PRO K 152 39.79 -2.50 38.31
C PRO K 152 39.80 -3.07 36.89
N TYR K 153 40.86 -2.79 36.14
CA TYR K 153 41.05 -3.38 34.81
C TYR K 153 40.95 -4.90 34.89
N ASN K 154 41.66 -5.46 35.86
CA ASN K 154 41.72 -6.90 36.02
C ASN K 154 40.38 -7.47 36.50
N MET K 155 39.60 -6.66 37.19
CA MET K 155 38.26 -7.08 37.63
C MET K 155 37.33 -7.16 36.41
N ILE K 156 37.39 -6.12 35.59
CA ILE K 156 36.67 -6.10 34.31
C ILE K 156 37.01 -7.33 33.48
N MET K 157 38.31 -7.59 33.35
CA MET K 157 38.77 -8.74 32.58
C MET K 157 38.45 -10.06 33.26
N PHE K 158 38.21 -10.02 34.57
CA PHE K 158 37.77 -11.22 35.29
C PHE K 158 36.34 -11.52 34.91
N ASN K 159 35.53 -10.47 34.79
CA ASN K 159 34.17 -10.63 34.29
C ASN K 159 34.19 -11.18 32.86
N TYR K 160 35.01 -10.55 32.03
CA TYR K 160 35.21 -10.96 30.63
C TYR K 160 35.57 -12.44 30.51
N LEU K 161 36.59 -12.85 31.24
CA LEU K 161 37.11 -14.21 31.17
C LEU K 161 36.17 -15.22 31.82
N ASP K 162 35.43 -14.79 32.83
CA ASP K 162 34.42 -15.64 33.44
C ASP K 162 33.32 -15.93 32.43
N GLN K 163 32.97 -14.91 31.65
CA GLN K 163 31.97 -15.08 30.59
C GLN K 163 32.51 -15.95 29.46
N LYS K 164 33.80 -15.78 29.15
CA LYS K 164 34.44 -16.52 28.06
C LYS K 164 34.55 -18.01 28.37
N LEU K 165 35.24 -18.33 29.46
CA LEU K 165 35.48 -19.71 29.86
C LEU K 165 34.20 -20.37 30.37
N GLY K 166 33.18 -19.57 30.63
CA GLY K 166 31.89 -20.08 31.05
C GLY K 166 31.15 -20.75 29.91
N GLY K 167 29.93 -21.20 30.18
CA GLY K 167 29.12 -21.87 29.17
C GLY K 167 28.37 -20.90 28.28
N SER K 168 28.51 -19.61 28.57
CA SER K 168 27.82 -18.57 27.81
C SER K 168 28.29 -18.53 26.36
N SER K 169 27.37 -18.22 25.45
CA SER K 169 27.69 -18.13 24.03
C SER K 169 27.58 -16.69 23.53
N GLY K 170 27.36 -15.76 24.46
CA GLY K 170 27.26 -14.36 24.13
C GLY K 170 28.55 -13.81 23.55
N PRO K 171 28.44 -12.91 22.56
CA PRO K 171 29.61 -12.34 21.89
C PRO K 171 30.41 -11.39 22.77
N LEU K 172 31.71 -11.63 22.87
CA LEU K 172 32.60 -10.76 23.65
C LEU K 172 33.23 -9.70 22.76
N PRO K 173 33.52 -8.53 23.33
CA PRO K 173 34.11 -7.44 22.56
C PRO K 173 35.58 -7.69 22.23
N GLN K 174 36.08 -7.02 21.19
CA GLN K 174 37.51 -7.01 20.88
C GLN K 174 38.22 -6.27 22.01
N VAL K 175 39.46 -6.66 22.31
CA VAL K 175 40.19 -6.01 23.39
C VAL K 175 41.52 -5.44 22.93
N ILE K 176 41.67 -4.13 23.15
CA ILE K 176 42.91 -3.42 22.82
C ILE K 176 43.54 -2.84 24.07
N GLY K 177 44.79 -3.17 24.31
CA GLY K 177 45.53 -2.57 25.40
C GLY K 177 46.56 -1.59 24.86
N LEU K 178 46.80 -0.50 25.59
CA LEU K 178 47.78 0.48 25.17
C LEU K 178 48.85 0.65 26.25
N THR K 179 50.12 0.61 25.86
CA THR K 179 51.20 0.83 26.82
C THR K 179 52.53 1.13 26.17
N ALA K 180 53.49 1.56 26.98
CA ALA K 180 54.85 1.77 26.52
C ALA K 180 55.75 0.65 27.04
N SER K 181 55.26 -0.06 28.05
CA SER K 181 56.01 -1.14 28.67
C SER K 181 55.07 -2.14 29.31
N VAL K 182 55.17 -3.40 28.88
CA VAL K 182 54.34 -4.47 29.44
C VAL K 182 54.89 -4.93 30.78
N GLY K 183 56.17 -4.63 31.02
CA GLY K 183 56.84 -5.06 32.23
C GLY K 183 57.22 -6.52 32.18
N VAL K 184 58.06 -6.95 33.11
CA VAL K 184 58.50 -8.35 33.16
C VAL K 184 58.41 -8.91 34.58
N GLY K 185 57.85 -8.12 35.49
CA GLY K 185 57.76 -8.53 36.88
C GLY K 185 59.13 -8.67 37.51
N ASP K 186 59.29 -9.70 38.35
CA ASP K 186 60.56 -9.96 39.00
C ASP K 186 61.38 -11.00 38.24
N ALA K 187 61.23 -11.01 36.91
CA ALA K 187 61.92 -11.96 36.07
C ALA K 187 63.43 -11.72 36.05
N LYS K 188 64.19 -12.80 36.10
CA LYS K 188 65.65 -12.71 36.09
C LYS K 188 66.22 -13.15 34.75
N ASN K 189 65.43 -13.90 33.99
CA ASN K 189 65.84 -14.38 32.68
C ASN K 189 64.72 -14.28 31.65
N THR K 190 65.07 -14.47 30.38
CA THR K 190 64.14 -14.30 29.27
C THR K 190 62.92 -15.22 29.36
N ASP K 191 63.09 -16.39 29.96
CA ASP K 191 61.99 -17.34 30.09
C ASP K 191 60.92 -16.85 31.06
N GLU K 192 61.37 -16.32 32.20
CA GLU K 192 60.45 -15.79 33.20
C GLU K 192 59.73 -14.55 32.68
N ALA K 193 60.45 -13.71 31.96
CA ALA K 193 59.87 -12.53 31.34
C ALA K 193 58.84 -12.94 30.29
N LEU K 194 59.16 -13.98 29.54
CA LEU K 194 58.27 -14.52 28.52
C LEU K 194 56.99 -15.03 29.16
N ASP K 195 57.13 -15.74 30.26
CA ASP K 195 55.98 -16.26 31.01
C ASP K 195 55.11 -15.12 31.55
N TYR K 196 55.76 -14.09 32.08
CA TYR K 196 55.05 -12.93 32.63
C TYR K 196 54.26 -12.22 31.54
N ILE K 197 54.91 -11.96 30.41
CA ILE K 197 54.26 -11.27 29.29
C ILE K 197 53.11 -12.10 28.73
N CYS K 198 53.30 -13.41 28.64
CA CYS K 198 52.25 -14.31 28.21
C CYS K 198 51.06 -14.26 29.17
N LYS K 199 51.35 -14.19 30.46
CA LYS K 199 50.31 -14.07 31.48
C LYS K 199 49.55 -12.75 31.33
N LEU K 200 50.28 -11.69 31.01
CA LEU K 200 49.65 -10.39 30.81
C LEU K 200 48.73 -10.42 29.60
N CYS K 201 49.19 -11.07 28.54
CA CYS K 201 48.39 -11.23 27.33
C CYS K 201 47.14 -12.05 27.63
N ALA K 202 47.26 -13.02 28.53
CA ALA K 202 46.15 -13.86 28.93
C ALA K 202 45.14 -13.07 29.76
N SER K 203 45.65 -12.13 30.56
CA SER K 203 44.81 -11.29 31.39
C SER K 203 43.97 -10.34 30.55
N LEU K 204 44.46 -10.04 29.36
CA LEU K 204 43.78 -9.12 28.45
C LEU K 204 43.20 -9.85 27.25
N ASP K 205 43.32 -11.18 27.25
CA ASP K 205 42.84 -12.02 26.16
C ASP K 205 43.47 -11.60 24.83
N ALA K 206 44.72 -11.14 24.88
CA ALA K 206 45.41 -10.69 23.69
C ALA K 206 46.15 -11.82 23.01
N SER K 207 46.14 -11.81 21.68
CA SER K 207 46.84 -12.83 20.91
C SER K 207 47.95 -12.21 20.08
N VAL K 208 48.01 -10.88 20.08
CA VAL K 208 49.01 -10.15 19.32
C VAL K 208 49.60 -8.99 20.12
N ILE K 209 50.93 -8.89 20.13
CA ILE K 209 51.60 -7.71 20.67
C ILE K 209 52.14 -6.86 19.53
N ALA K 210 51.57 -5.68 19.36
CA ALA K 210 51.94 -4.81 18.25
C ALA K 210 53.08 -3.86 18.64
N THR K 211 54.18 -3.94 17.91
CA THR K 211 55.29 -3.02 18.09
C THR K 211 55.73 -2.47 16.73
N VAL K 212 56.45 -1.36 16.75
CA VAL K 212 56.97 -0.79 15.51
C VAL K 212 58.20 -1.56 15.03
N LYS K 213 58.12 -2.11 13.83
CA LYS K 213 59.21 -2.90 13.28
C LYS K 213 59.72 -2.36 11.95
N HIS K 214 58.79 -1.98 11.08
CA HIS K 214 59.14 -1.59 9.72
C HIS K 214 59.33 -0.09 9.56
N ASN K 215 58.88 0.67 10.56
CA ASN K 215 59.01 2.13 10.52
C ASN K 215 59.76 2.67 11.73
N LEU K 216 60.85 2.00 12.09
CA LEU K 216 61.65 2.40 13.23
C LEU K 216 62.35 3.73 13.01
N GLU K 217 62.74 4.01 11.77
CA GLU K 217 63.41 5.26 11.44
C GLU K 217 62.52 6.46 11.77
N GLU K 218 61.31 6.44 11.23
CA GLU K 218 60.30 7.47 11.48
C GLU K 218 60.08 7.72 12.96
N LEU K 219 59.77 6.64 13.68
CA LEU K 219 59.55 6.68 15.12
C LEU K 219 60.74 7.28 15.86
N GLU K 220 61.95 6.84 15.51
CA GLU K 220 63.16 7.32 16.16
C GLU K 220 63.51 8.74 15.72
N GLN K 221 62.78 9.26 14.73
CA GLN K 221 62.92 10.66 14.36
C GLN K 221 61.83 11.50 15.04
N VAL K 222 60.78 10.85 15.53
CA VAL K 222 59.75 11.54 16.29
C VAL K 222 60.06 11.52 17.78
N VAL K 223 60.51 10.36 18.28
CA VAL K 223 60.85 10.20 19.69
C VAL K 223 62.29 9.76 19.86
N TYR K 224 63.07 10.57 20.60
CA TYR K 224 64.47 10.26 20.85
C TYR K 224 64.68 9.79 22.29
N LYS K 225 65.59 8.84 22.47
CA LYS K 225 65.91 8.33 23.79
C LYS K 225 66.94 9.21 24.49
N PRO K 226 66.57 9.82 25.61
CA PRO K 226 67.48 10.69 26.36
C PRO K 226 68.63 9.92 27.00
N GLN K 227 69.78 10.56 27.14
CA GLN K 227 70.95 9.92 27.71
C GLN K 227 70.89 9.90 29.23
N LYS K 228 71.11 8.72 29.81
CA LYS K 228 71.03 8.57 31.26
C LYS K 228 72.42 8.54 31.91
N PHE K 229 72.62 9.44 32.88
CA PHE K 229 73.87 9.51 33.62
C PHE K 229 73.65 9.09 35.07
N PHE K 230 74.59 8.34 35.61
CA PHE K 230 74.50 7.89 36.99
C PHE K 230 75.43 8.70 37.89
N ARG K 231 74.84 9.42 38.85
CA ARG K 231 75.62 10.26 39.75
C ARG K 231 75.64 9.68 41.17
N LYS K 232 76.72 8.96 41.48
CA LYS K 232 76.92 8.42 42.80
C LYS K 232 77.78 9.35 43.64
N VAL K 233 77.21 9.88 44.71
CA VAL K 233 77.93 10.78 45.60
C VAL K 233 77.96 10.24 47.02
N GLU K 234 78.73 10.89 47.88
CA GLU K 234 78.86 10.44 49.26
C GLU K 234 77.87 11.13 50.17
N SER K 235 77.64 10.55 51.35
CA SER K 235 76.81 11.17 52.36
C SER K 235 77.63 12.19 53.15
N ARG K 236 76.96 13.02 53.95
CA ARG K 236 77.67 14.04 54.72
C ARG K 236 78.53 13.38 55.80
N ILE K 237 79.78 13.82 55.88
CA ILE K 237 80.73 13.25 56.83
C ILE K 237 80.37 13.65 58.25
N SER K 238 80.39 14.95 58.53
CA SER K 238 80.03 15.46 59.85
C SER K 238 78.52 15.50 60.03
N ASP K 239 78.06 15.13 61.21
CA ASP K 239 76.63 15.12 61.50
C ASP K 239 76.36 15.29 63.00
N LYS K 240 76.59 16.50 63.50
CA LYS K 240 76.33 16.81 64.91
C LYS K 240 74.82 16.93 65.14
N PHE K 241 74.12 17.46 64.15
CA PHE K 241 72.66 17.54 64.16
C PHE K 241 72.08 16.17 64.45
N LYS K 242 72.59 15.17 63.75
CA LYS K 242 72.17 13.80 63.90
C LYS K 242 72.41 13.29 65.33
N TYR K 243 73.48 13.75 65.96
CA TYR K 243 73.81 13.35 67.33
C TYR K 243 72.82 13.94 68.33
N ILE K 244 72.63 15.26 68.24
CA ILE K 244 71.70 15.97 69.11
C ILE K 244 70.31 15.37 69.02
N ILE K 245 69.81 15.25 67.79
CA ILE K 245 68.51 14.63 67.56
C ILE K 245 68.49 13.19 68.08
N ALA K 246 69.61 12.49 67.92
CA ALA K 246 69.70 11.09 68.34
C ALA K 246 69.50 10.91 69.83
N GLN K 247 70.14 11.75 70.64
CA GLN K 247 69.93 11.54 72.07
C GLN K 247 68.67 12.28 72.56
N LEU K 248 68.16 13.22 71.78
CA LEU K 248 66.81 13.69 72.04
C LEU K 248 65.88 12.48 71.97
N MET K 249 66.10 11.66 70.94
CA MET K 249 65.36 10.42 70.75
C MET K 249 65.67 9.39 71.83
N ARG K 250 66.89 9.41 72.35
CA ARG K 250 67.29 8.45 73.37
C ARG K 250 66.61 8.78 74.70
N ASP K 251 66.45 10.06 74.99
CA ASP K 251 65.80 10.45 76.22
C ASP K 251 64.30 10.33 76.08
N THR K 252 63.79 10.56 74.87
CA THR K 252 62.37 10.33 74.62
C THR K 252 62.06 8.83 74.75
N GLU K 253 62.99 8.01 74.28
CA GLU K 253 62.87 6.56 74.43
C GLU K 253 62.84 6.20 75.90
N SER K 254 63.87 6.60 76.65
CA SER K 254 63.95 6.27 78.07
C SER K 254 62.78 6.83 78.87
N LEU K 255 62.23 7.94 78.40
CA LEU K 255 61.02 8.51 78.98
C LEU K 255 59.87 7.56 78.72
N ALA K 256 59.86 6.96 77.53
CA ALA K 256 58.82 6.00 77.20
C ALA K 256 58.94 4.72 78.03
N LYS K 257 60.17 4.23 78.22
CA LYS K 257 60.35 3.03 79.04
C LYS K 257 60.14 3.34 80.51
N ARG K 258 60.22 4.61 80.87
CA ARG K 258 60.07 5.01 82.27
C ARG K 258 58.66 4.74 82.79
N ILE K 259 57.67 4.99 81.95
CA ILE K 259 56.28 4.79 82.32
C ILE K 259 55.80 3.40 81.92
N CYS K 260 56.69 2.61 81.34
CA CYS K 260 56.37 1.24 80.95
C CYS K 260 57.63 0.39 80.86
N LYS K 261 57.82 -0.48 81.86
CA LYS K 261 59.02 -1.30 81.96
C LYS K 261 58.99 -2.51 81.03
N ASP K 262 57.92 -2.65 80.26
CA ASP K 262 57.74 -3.79 79.36
C ASP K 262 58.70 -3.73 78.17
N LEU K 263 59.14 -2.53 77.82
CA LEU K 263 60.05 -2.34 76.70
C LEU K 263 61.50 -2.59 77.11
N ARG K 272 68.12 0.70 67.95
CA ARG K 272 69.04 1.78 67.61
C ARG K 272 68.96 2.12 66.12
N GLU K 273 70.05 2.68 65.59
CA GLU K 273 70.15 3.09 64.19
C GLU K 273 69.02 4.05 63.83
N PHE K 274 69.05 5.25 64.41
CA PHE K 274 68.02 6.26 64.17
C PHE K 274 68.14 6.83 62.75
N GLY K 275 67.06 7.44 62.28
CA GLY K 275 67.05 8.04 60.96
C GLY K 275 67.01 6.99 59.86
N THR K 276 66.39 5.86 60.16
CA THR K 276 66.28 4.78 59.19
C THR K 276 64.82 4.31 59.07
N GLN K 277 64.56 3.49 58.07
CA GLN K 277 63.23 2.95 57.86
C GLN K 277 62.92 1.83 58.84
N LYS K 278 63.97 1.10 59.23
CA LYS K 278 63.84 0.02 60.19
C LYS K 278 63.36 0.55 61.54
N TYR K 279 63.91 1.69 61.95
CA TYR K 279 63.49 2.32 63.20
C TYR K 279 62.06 2.83 63.10
N GLU K 280 61.65 3.23 61.90
CA GLU K 280 60.29 3.69 61.68
C GLU K 280 59.31 2.54 61.84
N GLN K 281 59.59 1.43 61.18
CA GLN K 281 58.76 0.23 61.30
C GLN K 281 58.70 -0.23 62.76
N TRP K 282 59.86 -0.25 63.41
CA TRP K 282 59.95 -0.69 64.80
C TRP K 282 59.14 0.20 65.73
N ILE K 283 59.25 1.51 65.56
CA ILE K 283 58.58 2.45 66.44
C ILE K 283 57.07 2.46 66.17
N VAL K 284 56.67 2.16 64.95
CA VAL K 284 55.26 2.01 64.62
C VAL K 284 54.72 0.78 65.34
N THR K 285 55.49 -0.31 65.28
CA THR K 285 55.13 -1.54 65.97
C THR K 285 55.03 -1.30 67.48
N VAL K 286 55.94 -0.48 68.01
CA VAL K 286 55.95 -0.13 69.42
C VAL K 286 54.70 0.65 69.80
N GLN K 287 54.34 1.60 68.96
CA GLN K 287 53.12 2.39 69.16
C GLN K 287 51.89 1.49 69.20
N LYS K 288 51.74 0.66 68.18
CA LYS K 288 50.63 -0.28 68.09
C LYS K 288 50.59 -1.22 69.29
N ALA K 289 51.76 -1.58 69.80
CA ALA K 289 51.86 -2.48 70.95
C ALA K 289 51.45 -1.77 72.24
N CYS K 290 51.82 -0.50 72.35
CA CYS K 290 51.49 0.30 73.53
C CYS K 290 50.00 0.62 73.55
N MET K 291 49.38 0.58 72.38
CA MET K 291 47.94 0.83 72.29
C MET K 291 47.11 -0.26 72.99
N VAL K 292 47.58 -1.51 72.94
CA VAL K 292 46.84 -2.61 73.55
C VAL K 292 47.30 -2.91 74.97
N PHE K 293 48.27 -2.14 75.46
CA PHE K 293 48.72 -2.26 76.84
C PHE K 293 47.55 -1.96 77.78
N GLN K 294 47.27 -2.88 78.70
CA GLN K 294 46.05 -2.77 79.51
C GLN K 294 46.28 -2.88 81.00
N MET K 295 45.49 -2.10 81.76
CA MET K 295 45.52 -2.12 83.22
C MET K 295 44.10 -2.21 83.77
N PRO K 296 43.94 -2.67 85.03
CA PRO K 296 42.61 -2.71 85.64
C PRO K 296 42.00 -1.32 85.82
N ASP K 297 42.84 -0.34 86.15
CA ASP K 297 42.39 1.04 86.30
C ASP K 297 42.32 1.71 84.93
N LYS K 298 41.12 2.12 84.53
CA LYS K 298 40.90 2.69 83.20
C LYS K 298 41.61 4.02 83.00
N ASP K 299 41.64 4.85 84.03
CA ASP K 299 42.22 6.19 83.93
C ASP K 299 43.74 6.15 83.82
N GLU K 300 44.36 5.33 84.67
CA GLU K 300 45.81 5.15 84.63
C GLU K 300 46.23 4.56 83.29
N GLU K 301 45.48 3.56 82.84
CA GLU K 301 45.66 2.95 81.54
C GLU K 301 45.60 4.01 80.44
N SER K 302 44.59 4.87 80.52
CA SER K 302 44.39 5.93 79.54
C SER K 302 45.55 6.90 79.50
N ARG K 303 46.01 7.32 80.67
CA ARG K 303 47.11 8.27 80.78
C ARG K 303 48.40 7.68 80.24
N ILE K 304 48.69 6.44 80.62
CA ILE K 304 49.88 5.75 80.15
C ILE K 304 49.86 5.55 78.64
N CYS K 305 48.71 5.14 78.11
CA CYS K 305 48.56 4.91 76.68
C CYS K 305 48.70 6.20 75.88
N LYS K 306 48.10 7.28 76.39
CA LYS K 306 48.19 8.57 75.72
C LYS K 306 49.62 9.10 75.74
N ALA K 307 50.29 8.93 76.89
CA ALA K 307 51.67 9.38 77.04
C ALA K 307 52.60 8.60 76.10
N LEU K 308 52.38 7.29 76.01
CA LEU K 308 53.15 6.45 75.12
C LEU K 308 52.88 6.80 73.66
N PHE K 309 51.64 7.19 73.38
CA PHE K 309 51.24 7.62 72.04
C PHE K 309 51.99 8.88 71.65
N LEU K 310 52.03 9.84 72.57
CA LEU K 310 52.74 11.09 72.36
C LEU K 310 54.24 10.84 72.17
N TYR K 311 54.79 9.97 73.02
CA TYR K 311 56.20 9.59 72.94
C TYR K 311 56.54 9.00 71.58
N THR K 312 55.78 7.99 71.16
CA THR K 312 56.02 7.31 69.89
C THR K 312 55.84 8.24 68.71
N SER K 313 54.83 9.12 68.78
CA SER K 313 54.58 10.08 67.71
C SER K 313 55.77 11.03 67.58
N HIS K 314 56.23 11.55 68.71
CA HIS K 314 57.37 12.46 68.72
C HIS K 314 58.64 11.80 68.19
N LEU K 315 58.89 10.58 68.64
CA LEU K 315 60.03 9.79 68.16
C LEU K 315 59.97 9.61 66.65
N ARG K 316 58.77 9.30 66.15
CA ARG K 316 58.53 9.17 64.72
C ARG K 316 58.87 10.46 63.98
N LYS K 317 58.43 11.58 64.55
CA LYS K 317 58.70 12.89 63.94
C LYS K 317 60.19 13.22 63.92
N TYR K 318 60.90 12.83 64.97
CA TYR K 318 62.34 13.03 65.04
C TYR K 318 63.04 12.18 63.98
N ASN K 319 62.59 10.94 63.82
CA ASN K 319 63.14 10.05 62.80
C ASN K 319 62.93 10.62 61.39
N ASP K 320 61.70 11.09 61.15
CA ASP K 320 61.37 11.77 59.90
C ASP K 320 62.31 12.94 59.67
N ALA K 321 62.54 13.72 60.72
CA ALA K 321 63.45 14.84 60.68
C ALA K 321 64.86 14.40 60.26
N LEU K 322 65.32 13.30 60.81
CA LEU K 322 66.63 12.77 60.46
C LEU K 322 66.71 12.37 58.99
N ILE K 323 65.64 11.73 58.50
CA ILE K 323 65.57 11.34 57.10
C ILE K 323 65.67 12.56 56.17
N ILE K 324 64.82 13.56 56.47
CA ILE K 324 64.84 14.83 55.75
C ILE K 324 66.24 15.45 55.76
N SER K 325 66.86 15.43 56.93
CA SER K 325 68.22 15.95 57.10
C SER K 325 69.22 15.22 56.21
N GLU K 326 69.04 13.91 56.08
CA GLU K 326 69.91 13.12 55.21
C GLU K 326 69.74 13.53 53.76
N HIS K 327 68.50 13.69 53.32
CA HIS K 327 68.26 13.98 51.91
C HIS K 327 68.24 15.46 51.55
N ALA K 328 68.34 16.33 52.55
CA ALA K 328 68.30 17.77 52.28
C ALA K 328 69.03 18.59 53.33
N ARG K 329 68.64 19.84 53.49
CA ARG K 329 69.26 20.74 54.45
C ARG K 329 68.90 20.34 55.88
N MET K 330 69.73 20.78 56.82
CA MET K 330 69.41 20.61 58.23
C MET K 330 68.30 21.58 58.60
N LYS K 331 68.28 22.72 57.92
CA LYS K 331 67.26 23.73 58.12
C LYS K 331 65.87 23.21 57.76
N ASP K 332 65.79 22.38 56.73
CA ASP K 332 64.51 21.81 56.31
C ASP K 332 63.97 20.85 57.37
N ALA K 333 64.86 20.02 57.91
CA ALA K 333 64.49 19.09 58.96
C ALA K 333 64.05 19.83 60.22
N LEU K 334 64.82 20.85 60.59
CA LEU K 334 64.53 21.64 61.78
C LEU K 334 63.22 22.42 61.61
N ASP K 335 62.92 22.81 60.38
CA ASP K 335 61.68 23.52 60.07
C ASP K 335 60.51 22.55 60.09
N TYR K 336 60.77 21.30 59.74
CA TYR K 336 59.76 20.26 59.82
C TYR K 336 59.41 19.98 61.28
N LEU K 337 60.45 19.90 62.12
CA LEU K 337 60.26 19.73 63.55
C LEU K 337 59.51 20.92 64.16
N LYS K 338 59.94 22.12 63.79
CA LYS K 338 59.31 23.34 64.26
C LYS K 338 57.85 23.39 63.86
N ASP K 339 57.55 22.93 62.65
CA ASP K 339 56.19 22.91 62.14
C ASP K 339 55.37 21.87 62.91
N PHE K 340 56.00 20.76 63.26
CA PHE K 340 55.32 19.73 64.03
C PHE K 340 54.97 20.24 65.43
N PHE K 341 55.94 20.86 66.10
CA PHE K 341 55.72 21.41 67.44
C PHE K 341 54.80 22.63 67.39
N SER K 342 54.68 23.22 66.19
CA SER K 342 53.76 24.34 65.99
C SER K 342 52.34 23.83 65.81
N ASN K 343 52.22 22.63 65.23
CA ASN K 343 50.93 21.97 65.10
C ASN K 343 50.49 21.38 66.44
N VAL K 344 51.47 21.00 67.25
CA VAL K 344 51.22 20.54 68.61
C VAL K 344 50.70 21.70 69.43
N ARG K 345 51.19 22.89 69.13
CA ARG K 345 50.72 24.11 69.77
C ARG K 345 49.24 24.33 69.48
N ALA K 346 48.52 24.83 70.47
CA ALA K 346 47.08 25.08 70.38
C ALA K 346 46.29 23.83 70.03
N ALA K 347 46.84 22.67 70.34
CA ALA K 347 46.17 21.40 70.09
C ALA K 347 45.90 20.67 71.40
N GLY K 348 45.78 21.44 72.48
CA GLY K 348 45.55 20.87 73.79
C GLY K 348 46.85 20.42 74.43
N PHE K 349 47.38 21.24 75.34
CA PHE K 349 48.66 20.94 75.97
C PHE K 349 48.54 19.89 77.09
N ASP K 350 49.62 19.16 77.28
CA ASP K 350 49.70 18.12 78.29
C ASP K 350 51.03 18.32 79.05
N GLU K 351 51.11 17.80 80.27
CA GLU K 351 52.34 17.87 81.04
C GLU K 351 53.48 17.20 80.28
N ILE K 352 53.22 16.00 79.77
CA ILE K 352 54.19 15.26 78.98
C ILE K 352 54.47 15.97 77.66
N GLU K 353 53.41 16.48 77.03
CA GLU K 353 53.53 17.12 75.73
C GLU K 353 54.32 18.43 75.83
N GLN K 354 54.00 19.23 76.86
CA GLN K 354 54.78 20.43 77.16
C GLN K 354 56.23 20.04 77.37
N ASP K 355 56.45 19.17 78.35
CA ASP K 355 57.78 18.66 78.69
C ASP K 355 58.59 18.35 77.44
N LEU K 356 58.06 17.49 76.58
CA LEU K 356 58.69 17.18 75.30
C LEU K 356 58.97 18.44 74.49
N THR K 357 57.98 19.33 74.44
CA THR K 357 58.08 20.52 73.60
C THR K 357 59.25 21.44 73.99
N GLN K 358 59.40 21.80 75.25
CA GLN K 358 60.56 22.64 75.54
C GLN K 358 61.79 21.83 75.97
N ARG K 359 61.70 20.50 75.96
CA ARG K 359 62.92 19.71 75.93
C ARG K 359 63.51 19.90 74.55
N PHE K 360 62.64 20.00 73.55
CA PHE K 360 63.04 20.33 72.20
C PHE K 360 63.53 21.78 72.13
N GLU K 361 62.82 22.68 72.80
CA GLU K 361 63.22 24.09 72.83
C GLU K 361 64.53 24.28 73.59
N GLU K 362 64.85 23.35 74.48
CA GLU K 362 66.08 23.41 75.25
C GLU K 362 67.30 23.28 74.33
N LYS K 363 67.22 22.35 73.38
CA LYS K 363 68.32 22.11 72.46
C LYS K 363 68.16 22.90 71.17
N LEU K 364 67.15 23.78 71.12
CA LEU K 364 66.85 24.51 69.90
C LEU K 364 67.96 25.49 69.52
N GLN K 365 68.64 26.05 70.52
CA GLN K 365 69.71 27.01 70.26
C GLN K 365 70.89 26.36 69.55
N GLU K 366 71.32 25.21 70.06
CA GLU K 366 72.45 24.48 69.48
C GLU K 366 72.11 23.93 68.11
N LEU K 367 70.89 23.38 67.98
CA LEU K 367 70.40 22.86 66.71
C LEU K 367 70.32 23.95 65.65
N GLU K 368 69.86 25.12 66.05
CA GLU K 368 69.71 26.26 65.16
C GLU K 368 71.08 26.86 64.81
N SER K 369 72.02 26.70 65.73
CA SER K 369 73.38 27.17 65.50
C SER K 369 74.07 26.29 64.47
N VAL K 370 73.95 24.98 64.65
CA VAL K 370 74.52 24.04 63.70
C VAL K 370 73.82 24.15 62.35
N SER K 371 72.51 24.40 62.36
CA SER K 371 71.78 24.49 61.10
C SER K 371 72.23 25.69 60.24
N ARG K 372 72.86 26.68 60.86
CA ARG K 372 73.16 27.95 60.19
C ARG K 372 74.65 28.11 59.84
N ASP K 373 75.41 27.04 60.07
CA ASP K 373 76.83 26.93 59.67
C ASP K 373 76.94 26.31 58.27
N PRO K 374 77.66 26.99 57.36
CA PRO K 374 77.84 26.50 55.99
C PRO K 374 78.71 25.26 55.86
N SER K 375 79.62 25.03 56.79
CA SER K 375 80.37 23.78 56.75
C SER K 375 79.42 22.58 56.88
N ASN K 376 78.26 22.79 57.48
CA ASN K 376 77.28 21.73 57.48
C ASN K 376 76.58 21.79 56.14
N GLU K 377 76.82 20.85 55.22
CA GLU K 377 75.79 20.51 54.28
C GLU K 377 76.03 19.30 53.39
N ASN K 378 74.89 18.74 53.00
CA ASN K 378 74.78 17.57 52.14
C ASN K 378 75.39 17.80 50.75
N PRO K 379 76.47 17.06 50.45
CA PRO K 379 77.17 17.11 49.16
C PRO K 379 76.30 16.66 47.99
N LYS K 380 75.18 16.01 48.30
CA LYS K 380 74.21 15.63 47.28
C LYS K 380 73.55 16.86 46.70
N LEU K 381 73.23 17.82 47.57
CA LEU K 381 72.68 19.10 47.15
C LEU K 381 73.73 19.91 46.39
N GLU K 382 75.00 19.69 46.73
CA GLU K 382 76.09 20.36 46.05
C GLU K 382 76.27 19.81 44.64
N ASP K 383 76.16 18.49 44.50
CA ASP K 383 76.26 17.85 43.20
C ASP K 383 75.06 18.21 42.33
N LEU K 384 73.89 18.27 42.95
CA LEU K 384 72.68 18.69 42.27
C LEU K 384 72.80 20.13 41.76
N CYS K 385 73.28 21.00 42.64
CA CYS K 385 73.51 22.39 42.30
C CYS K 385 74.53 22.52 41.18
N PHE K 386 75.53 21.64 41.19
CA PHE K 386 76.55 21.64 40.15
C PHE K 386 75.96 21.23 38.80
N ILE K 387 75.18 20.15 38.80
CA ILE K 387 74.52 19.68 37.59
C ILE K 387 73.62 20.76 36.99
N LEU K 388 72.80 21.37 37.85
CA LEU K 388 71.92 22.45 37.44
C LEU K 388 72.71 23.63 36.87
N GLN K 389 73.77 24.03 37.58
CA GLN K 389 74.62 25.12 37.15
C GLN K 389 75.21 24.88 35.76
N GLU K 390 75.76 23.68 35.57
CA GLU K 390 76.37 23.31 34.30
C GLU K 390 75.34 23.31 33.16
N GLU K 391 74.27 22.57 33.36
CA GLU K 391 73.25 22.41 32.31
C GLU K 391 72.57 23.73 31.96
N TYR K 392 72.42 24.61 32.94
CA TYR K 392 71.81 25.91 32.68
C TYR K 392 72.81 26.92 32.13
N HIS K 393 74.09 26.67 32.38
CA HIS K 393 75.14 27.51 31.81
C HIS K 393 75.27 27.20 30.32
N LEU K 394 75.22 25.92 29.98
CA LEU K 394 75.25 25.48 28.59
C LEU K 394 74.01 25.95 27.85
N ASN K 395 72.90 26.02 28.57
CA ASN K 395 71.62 26.45 27.99
C ASN K 395 70.70 27.02 29.05
N PRO K 396 70.58 28.36 29.10
CA PRO K 396 69.74 29.05 30.09
C PRO K 396 68.25 28.80 29.90
N GLU K 397 67.86 28.42 28.69
CA GLU K 397 66.46 28.13 28.40
C GLU K 397 66.06 26.71 28.79
N THR K 398 66.91 26.06 29.57
CA THR K 398 66.69 24.69 29.99
C THR K 398 65.43 24.53 30.84
N ILE K 399 64.57 23.60 30.43
CA ILE K 399 63.41 23.24 31.23
C ILE K 399 63.69 21.96 31.99
N THR K 400 63.67 22.04 33.32
CA THR K 400 64.08 20.92 34.16
C THR K 400 62.92 20.34 34.97
N ILE K 401 62.91 19.03 35.13
CA ILE K 401 61.95 18.39 36.02
C ILE K 401 62.72 17.55 37.05
N LEU K 402 62.38 17.74 38.33
CA LEU K 402 63.12 17.12 39.43
C LEU K 402 62.23 16.23 40.27
N PHE K 403 62.50 14.91 40.22
CA PHE K 403 61.70 13.94 40.97
C PHE K 403 62.32 13.62 42.33
N VAL K 404 61.50 13.63 43.37
CA VAL K 404 61.93 13.20 44.69
C VAL K 404 60.90 12.27 45.31
N LYS K 405 61.24 11.66 46.44
CA LYS K 405 60.41 10.63 47.05
C LYS K 405 59.18 11.19 47.76
N THR K 406 59.39 12.10 48.69
CA THR K 406 58.30 12.60 49.53
C THR K 406 57.93 14.06 49.21
N ARG K 407 56.74 14.47 49.66
CA ARG K 407 56.28 15.83 49.46
C ARG K 407 57.06 16.80 50.34
N ALA K 408 57.44 16.32 51.52
CA ALA K 408 58.27 17.09 52.43
C ALA K 408 59.58 17.46 51.75
N LEU K 409 60.12 16.53 50.98
CA LEU K 409 61.36 16.75 50.25
C LEU K 409 61.13 17.68 49.05
N VAL K 410 59.90 17.67 48.53
CA VAL K 410 59.53 18.60 47.47
C VAL K 410 59.62 20.03 47.98
N ASP K 411 58.88 20.30 49.06
CA ASP K 411 58.89 21.62 49.67
C ASP K 411 60.30 22.00 50.14
N ALA K 412 61.02 21.01 50.65
CA ALA K 412 62.38 21.23 51.14
C ALA K 412 63.30 21.70 50.01
N LEU K 413 63.32 20.97 48.90
CA LEU K 413 64.17 21.33 47.77
C LEU K 413 63.72 22.63 47.13
N LYS K 414 62.42 22.93 47.21
CA LYS K 414 61.93 24.20 46.72
C LYS K 414 62.53 25.35 47.54
N ASN K 415 62.45 25.21 48.86
CA ASN K 415 63.02 26.20 49.77
C ASN K 415 64.53 26.33 49.58
N TRP K 416 65.17 25.21 49.26
CA TRP K 416 66.61 25.17 49.04
C TRP K 416 67.00 25.93 47.77
N ILE K 417 66.26 25.68 46.70
CA ILE K 417 66.50 26.37 45.43
C ILE K 417 66.24 27.87 45.57
N GLU K 418 65.13 28.22 46.20
CA GLU K 418 64.77 29.62 46.38
C GLU K 418 65.73 30.34 47.33
N GLY K 419 66.50 29.58 48.09
CA GLY K 419 67.43 30.15 49.05
C GLY K 419 68.88 29.98 48.67
N ASN K 420 69.13 29.58 47.42
CA ASN K 420 70.48 29.37 46.93
C ASN K 420 70.89 30.46 45.94
N PRO K 421 71.96 31.20 46.25
CA PRO K 421 72.49 32.26 45.38
C PRO K 421 72.97 31.72 44.04
N LYS K 422 73.59 30.55 44.05
CA LYS K 422 74.09 29.92 42.83
C LYS K 422 72.96 29.56 41.87
N LEU K 423 71.77 29.32 42.43
CA LEU K 423 70.63 28.89 41.64
C LEU K 423 69.58 30.00 41.50
N SER K 424 70.06 31.22 41.25
CA SER K 424 69.17 32.36 41.11
C SER K 424 68.36 32.31 39.82
N PHE K 425 68.87 31.57 38.83
CA PHE K 425 68.22 31.49 37.54
C PHE K 425 67.00 30.55 37.54
N LEU K 426 66.83 29.80 38.62
CA LEU K 426 65.73 28.86 38.73
C LEU K 426 64.46 29.52 39.28
N LYS K 427 63.32 29.17 38.71
CA LYS K 427 62.02 29.61 39.20
C LYS K 427 61.15 28.40 39.49
N PRO K 428 61.38 27.78 40.65
CA PRO K 428 60.79 26.47 41.00
C PRO K 428 59.26 26.47 41.09
N GLY K 429 58.67 25.37 40.64
CA GLY K 429 57.25 25.13 40.76
C GLY K 429 57.03 23.79 41.45
N ILE K 430 55.82 23.55 41.94
CA ILE K 430 55.53 22.34 42.71
C ILE K 430 54.46 21.50 42.05
N LEU K 431 54.64 20.17 42.08
CA LEU K 431 53.62 19.26 41.56
C LEU K 431 53.56 17.97 42.37
N THR K 432 52.52 17.84 43.20
CA THR K 432 52.35 16.64 44.01
C THR K 432 50.96 16.05 43.83
N GLY K 433 50.69 14.96 44.54
CA GLY K 433 49.38 14.34 44.52
C GLY K 433 48.38 15.14 45.32
N ARG K 434 47.13 14.68 45.34
CA ARG K 434 46.06 15.39 46.04
C ARG K 434 46.12 15.15 47.55
N GLY K 435 47.00 14.26 47.98
CA GLY K 435 47.11 13.91 49.39
C GLY K 435 45.95 13.03 49.80
N LYS K 436 45.90 12.65 51.08
CA LYS K 436 44.82 11.85 51.59
C LYS K 436 43.53 12.67 51.65
N THR K 437 42.43 12.04 51.24
CA THR K 437 41.15 12.73 51.07
C THR K 437 40.63 13.40 52.34
N ASN K 438 40.78 12.72 53.47
CA ASN K 438 40.27 13.25 54.73
C ASN K 438 41.32 14.04 55.50
N GLN K 439 42.22 14.71 54.79
CA GLN K 439 43.30 15.46 55.42
C GLN K 439 43.67 16.71 54.63
N ASN K 440 44.04 17.76 55.35
CA ASN K 440 44.43 19.03 54.76
C ASN K 440 45.87 19.02 54.26
N THR K 441 46.14 18.18 53.27
CA THR K 441 47.45 18.11 52.64
C THR K 441 47.34 17.95 51.14
N GLY K 442 48.48 17.81 50.47
CA GLY K 442 48.49 17.57 49.04
C GLY K 442 48.18 18.78 48.19
N MET K 443 47.71 18.54 46.97
CA MET K 443 47.44 19.60 46.01
C MET K 443 46.25 19.25 45.12
N THR K 444 45.26 20.14 45.06
CA THR K 444 44.05 19.90 44.28
C THR K 444 44.33 19.86 42.78
N LEU K 445 43.39 19.28 42.03
CA LEU K 445 43.50 19.21 40.57
C LEU K 445 43.65 20.59 39.93
N PRO K 446 42.77 21.56 40.28
CA PRO K 446 42.93 22.86 39.60
C PRO K 446 44.25 23.55 39.93
N ALA K 447 44.86 23.22 41.06
CA ALA K 447 46.16 23.77 41.43
C ALA K 447 47.25 23.13 40.58
N GLN K 448 47.17 21.81 40.43
CA GLN K 448 48.08 21.06 39.56
C GLN K 448 48.01 21.64 38.14
N LYS K 449 46.79 21.85 37.68
CA LYS K 449 46.54 22.43 36.37
C LYS K 449 47.15 23.81 36.26
N CYS K 450 46.93 24.64 37.27
CA CYS K 450 47.46 26.01 37.28
C CYS K 450 48.97 26.04 37.18
N ILE K 451 49.64 25.21 37.98
CA ILE K 451 51.10 25.18 38.00
C ILE K 451 51.67 24.56 36.72
N LEU K 452 50.97 23.55 36.19
CA LEU K 452 51.39 22.93 34.93
C LEU K 452 51.25 23.91 33.76
N ASP K 453 50.17 24.68 33.76
CA ASP K 453 49.94 25.68 32.72
C ASP K 453 50.90 26.85 32.85
N ALA K 454 51.55 26.96 34.00
CA ALA K 454 52.55 27.99 34.25
C ALA K 454 53.95 27.41 34.10
N PHE K 455 54.04 26.25 33.46
CA PHE K 455 55.31 25.54 33.31
C PHE K 455 55.63 25.33 31.83
N LYS K 456 56.18 26.35 31.19
CA LYS K 456 56.59 26.26 29.79
C LYS K 456 57.94 26.92 29.57
N ALA K 457 58.33 27.06 28.31
CA ALA K 457 59.56 27.75 27.94
C ALA K 457 59.49 29.22 28.33
N SER K 458 58.47 29.90 27.85
CA SER K 458 58.25 31.29 28.21
C SER K 458 57.13 31.41 29.24
N GLY K 459 57.31 30.71 30.35
CA GLY K 459 56.32 30.69 31.41
C GLY K 459 56.85 31.20 32.74
N ASP K 460 56.07 31.03 33.80
CA ASP K 460 56.42 31.53 35.12
C ASP K 460 57.43 30.64 35.83
N HIS K 461 57.61 29.41 35.34
CA HIS K 461 58.46 28.46 36.03
C HIS K 461 59.55 27.87 35.13
N ASN K 462 60.75 27.79 35.68
CA ASN K 462 61.91 27.29 34.96
C ASN K 462 62.15 25.81 35.24
N ILE K 463 61.93 25.42 36.50
CA ILE K 463 62.11 24.03 36.91
C ILE K 463 60.90 23.57 37.73
N LEU K 464 60.50 22.31 37.53
CA LEU K 464 59.34 21.74 38.21
C LEU K 464 59.73 20.61 39.16
N ILE K 465 59.55 20.83 40.45
CA ILE K 465 59.81 19.80 41.45
C ILE K 465 58.55 18.97 41.69
N ALA K 466 58.68 17.66 41.63
CA ALA K 466 57.51 16.78 41.73
C ALA K 466 57.84 15.46 42.44
N THR K 467 56.79 14.81 42.93
CA THR K 467 56.92 13.51 43.57
C THR K 467 57.03 12.41 42.52
N SER K 468 55.88 11.99 42.00
CA SER K 468 55.83 10.99 40.94
C SER K 468 54.52 11.08 40.18
N VAL K 469 54.50 10.56 38.96
CA VAL K 469 53.29 10.57 38.16
C VAL K 469 52.91 9.14 37.75
N ALA K 470 51.70 8.73 38.12
CA ALA K 470 51.20 7.42 37.75
C ALA K 470 51.03 7.32 36.23
N ASP K 471 51.73 6.35 35.63
CA ASP K 471 51.70 6.14 34.18
C ASP K 471 52.14 7.38 33.41
N GLU K 472 51.81 7.44 32.13
CA GLU K 472 52.24 8.53 31.26
C GLU K 472 51.58 9.85 31.63
N GLY K 473 50.26 9.83 31.79
CA GLY K 473 49.52 11.03 32.14
C GLY K 473 49.46 12.03 31.00
N ILE K 474 48.97 13.23 31.30
CA ILE K 474 48.85 14.28 30.30
C ILE K 474 50.23 14.83 29.92
N ASP K 475 50.41 15.07 28.62
CA ASP K 475 51.65 15.67 28.13
C ASP K 475 51.85 17.07 28.71
N ILE K 476 53.05 17.31 29.23
CA ILE K 476 53.40 18.64 29.72
C ILE K 476 54.53 19.21 28.85
N ALA K 477 55.10 20.33 29.29
CA ALA K 477 56.19 20.94 28.55
C ALA K 477 57.39 20.00 28.49
N GLN K 478 58.00 19.90 27.31
CA GLN K 478 59.16 19.03 27.13
C GLN K 478 60.35 19.51 27.94
N CYS K 479 60.87 18.62 28.78
CA CYS K 479 62.03 18.92 29.60
C CYS K 479 63.28 18.32 29.00
N ASN K 480 64.25 19.17 28.69
CA ASN K 480 65.54 18.68 28.17
C ASN K 480 66.46 18.29 29.32
N LEU K 481 65.92 18.30 30.53
CA LEU K 481 66.66 17.88 31.71
C LEU K 481 65.76 17.24 32.76
N VAL K 482 65.99 15.96 33.02
CA VAL K 482 65.28 15.23 34.06
C VAL K 482 66.28 14.86 35.16
N ILE K 483 65.87 15.04 36.41
CA ILE K 483 66.74 14.70 37.53
C ILE K 483 66.02 13.85 38.57
N LEU K 484 66.35 12.56 38.57
CA LEU K 484 65.85 11.63 39.59
C LEU K 484 66.72 11.73 40.84
N TYR K 485 66.18 12.37 41.87
CA TYR K 485 66.90 12.56 43.13
C TYR K 485 66.49 11.50 44.13
N GLU K 486 67.35 10.50 44.31
CA GLU K 486 67.08 9.36 45.19
C GLU K 486 65.77 8.68 44.83
N TYR K 487 65.49 8.57 43.53
CA TYR K 487 64.23 8.01 43.07
C TYR K 487 64.43 6.71 42.30
N VAL K 488 63.91 5.62 42.87
CA VAL K 488 63.91 4.33 42.20
C VAL K 488 62.50 3.96 41.76
N GLY K 489 62.40 3.19 40.67
CA GLY K 489 61.11 2.76 40.17
C GLY K 489 61.25 1.50 39.33
N ASN K 490 60.12 0.96 38.88
CA ASN K 490 60.14 -0.22 38.03
C ASN K 490 60.56 0.13 36.60
N VAL K 491 60.69 -0.88 35.75
CA VAL K 491 61.11 -0.67 34.37
C VAL K 491 60.06 0.12 33.59
N ILE K 492 58.80 -0.09 33.93
CA ILE K 492 57.70 0.60 33.27
C ILE K 492 57.78 2.11 33.47
N LYS K 493 57.98 2.53 34.71
CA LYS K 493 58.09 3.96 35.02
C LYS K 493 59.35 4.57 34.40
N MET K 494 60.42 3.78 34.35
CA MET K 494 61.64 4.22 33.69
C MET K 494 61.39 4.53 32.22
N ILE K 495 60.75 3.59 31.54
CA ILE K 495 60.44 3.75 30.13
C ILE K 495 59.46 4.89 29.88
N GLN K 496 58.50 5.05 30.79
CA GLN K 496 57.49 6.09 30.68
C GLN K 496 58.07 7.49 30.88
N THR K 497 59.03 7.61 31.80
CA THR K 497 59.63 8.90 32.12
C THR K 497 60.37 9.48 30.92
N ARG K 498 60.71 8.61 29.97
CA ARG K 498 61.35 9.04 28.72
C ARG K 498 60.52 10.06 27.97
N GLY K 499 59.20 9.99 28.17
CA GLY K 499 58.27 10.90 27.51
C GLY K 499 58.45 12.36 27.91
N ARG K 500 59.13 12.59 29.02
CA ARG K 500 59.40 13.95 29.47
C ARG K 500 60.42 14.62 28.56
N GLY K 501 61.39 13.84 28.09
CA GLY K 501 62.42 14.35 27.21
C GLY K 501 62.50 13.58 25.89
N ARG K 502 61.61 13.92 24.96
CA ARG K 502 61.54 13.23 23.68
C ARG K 502 62.48 13.86 22.66
N ALA K 503 62.68 15.17 22.78
CA ALA K 503 63.54 15.90 21.86
C ALA K 503 64.98 15.42 21.96
N ARG K 504 65.70 15.48 20.85
CA ARG K 504 67.11 15.07 20.82
C ARG K 504 67.96 15.96 21.71
N GLY K 505 68.83 15.33 22.51
CA GLY K 505 69.72 16.06 23.38
C GLY K 505 69.26 16.09 24.83
N SER K 506 68.08 15.54 25.08
CA SER K 506 67.54 15.48 26.44
C SER K 506 68.41 14.60 27.32
N LYS K 507 68.61 15.03 28.56
CA LYS K 507 69.47 14.32 29.49
C LYS K 507 68.74 13.97 30.78
N CYS K 508 69.13 12.86 31.39
CA CYS K 508 68.59 12.45 32.67
C CYS K 508 69.72 12.13 33.65
N PHE K 509 69.54 12.52 34.90
CA PHE K 509 70.55 12.30 35.92
C PHE K 509 69.98 11.56 37.12
N LEU K 510 70.53 10.38 37.41
CA LEU K 510 70.12 9.64 38.61
C LEU K 510 71.09 9.94 39.74
N LEU K 511 70.74 10.91 40.58
CA LEU K 511 71.61 11.32 41.68
C LEU K 511 71.25 10.56 42.95
N THR K 512 72.26 9.91 43.54
CA THR K 512 72.02 9.15 44.76
C THR K 512 73.31 8.92 45.56
N SER K 513 73.15 8.48 46.80
CA SER K 513 74.28 8.10 47.64
C SER K 513 74.13 6.66 48.09
N ASN K 514 73.49 5.85 47.24
CA ASN K 514 73.30 4.43 47.51
C ASN K 514 73.52 3.62 46.25
N ALA K 515 74.39 2.61 46.34
CA ALA K 515 74.69 1.76 45.20
C ALA K 515 73.50 0.91 44.80
N GLY K 516 72.60 0.68 45.75
CA GLY K 516 71.39 -0.10 45.50
C GLY K 516 70.46 0.58 44.51
N VAL K 517 70.47 1.91 44.50
CA VAL K 517 69.67 2.68 43.56
C VAL K 517 70.18 2.49 42.13
N ILE K 518 71.48 2.74 41.96
CA ILE K 518 72.15 2.54 40.69
C ILE K 518 71.93 1.13 40.17
N GLU K 519 72.17 0.16 41.06
CA GLU K 519 71.97 -1.25 40.74
C GLU K 519 70.53 -1.51 40.31
N LYS K 520 69.58 -0.89 41.00
CA LYS K 520 68.16 -1.05 40.68
C LYS K 520 67.85 -0.55 39.28
N GLU K 521 68.40 0.60 38.92
CA GLU K 521 68.15 1.19 37.61
C GLU K 521 68.81 0.38 36.49
N GLN K 522 70.03 -0.07 36.72
CA GLN K 522 70.73 -0.91 35.76
C GLN K 522 69.96 -2.22 35.54
N ILE K 523 69.47 -2.78 36.65
CA ILE K 523 68.65 -3.98 36.61
C ILE K 523 67.39 -3.72 35.79
N ASN K 524 66.79 -2.54 35.96
CA ASN K 524 65.62 -2.17 35.18
C ASN K 524 65.94 -2.08 33.68
N MET K 525 67.14 -1.60 33.36
CA MET K 525 67.60 -1.56 31.97
C MET K 525 67.70 -2.96 31.39
N TYR K 526 68.33 -3.85 32.14
CA TYR K 526 68.44 -5.25 31.71
C TYR K 526 67.06 -5.89 31.56
N LYS K 527 66.14 -5.50 32.43
CA LYS K 527 64.77 -5.99 32.37
C LYS K 527 64.06 -5.46 31.13
N GLU K 528 64.46 -4.27 30.69
CA GLU K 528 63.93 -3.72 29.45
C GLU K 528 64.45 -4.54 28.27
N LYS K 529 65.73 -4.89 28.32
CA LYS K 529 66.31 -5.77 27.30
C LYS K 529 65.54 -7.08 27.22
N MET K 530 65.34 -7.70 28.38
CA MET K 530 64.57 -8.94 28.50
C MET K 530 63.17 -8.78 27.94
N MET K 531 62.56 -7.62 28.19
CA MET K 531 61.21 -7.34 27.74
C MET K 531 61.13 -7.30 26.22
N ASN K 532 61.98 -6.47 25.61
CA ASN K 532 62.00 -6.33 24.16
C ASN K 532 62.34 -7.66 23.46
N ASP K 533 63.31 -8.38 24.01
CA ASP K 533 63.71 -9.67 23.45
C ASP K 533 62.57 -10.69 23.56
N SER K 534 61.86 -10.68 24.68
CA SER K 534 60.76 -11.59 24.91
C SER K 534 59.60 -11.29 23.96
N ILE K 535 59.32 -10.01 23.76
CA ILE K 535 58.26 -9.61 22.84
C ILE K 535 58.63 -10.02 21.40
N LEU K 536 59.88 -9.77 21.03
CA LEU K 536 60.38 -10.18 19.72
C LEU K 536 60.25 -11.68 19.52
N ARG K 537 60.54 -12.45 20.55
CA ARG K 537 60.43 -13.91 20.48
C ARG K 537 58.98 -14.35 20.38
N LEU K 538 58.10 -13.66 21.09
CA LEU K 538 56.66 -13.95 21.05
C LEU K 538 56.08 -13.70 19.65
N GLN K 539 56.52 -12.61 19.03
CA GLN K 539 55.97 -12.19 17.74
C GLN K 539 56.28 -13.16 16.60
N THR K 540 57.17 -14.11 16.86
CA THR K 540 57.53 -15.10 15.84
C THR K 540 56.61 -16.32 15.89
N TRP K 541 55.97 -16.53 17.03
CA TRP K 541 55.08 -17.67 17.23
C TRP K 541 53.89 -17.64 16.28
N ASP K 542 53.35 -18.82 15.97
CA ASP K 542 52.12 -18.91 15.23
C ASP K 542 50.98 -18.40 16.10
N GLU K 543 50.09 -17.60 15.51
CA GLU K 543 49.04 -16.93 16.29
C GLU K 543 48.07 -17.94 16.92
N ALA K 544 47.75 -19.00 16.21
CA ALA K 544 46.81 -20.00 16.70
C ALA K 544 47.36 -20.74 17.92
N VAL K 545 48.61 -21.19 17.83
CA VAL K 545 49.26 -21.88 18.93
C VAL K 545 49.34 -20.99 20.16
N PHE K 546 49.65 -19.72 19.93
CA PHE K 546 49.72 -18.75 21.00
C PHE K 546 48.35 -18.51 21.62
N ARG K 547 47.30 -18.58 20.79
CA ARG K 547 45.93 -18.45 21.28
C ARG K 547 45.59 -19.63 22.18
N GLU K 548 46.03 -20.82 21.78
CA GLU K 548 45.81 -22.02 22.56
C GLU K 548 46.52 -21.91 23.91
N LYS K 549 47.77 -21.46 23.88
CA LYS K 549 48.54 -21.29 25.11
C LYS K 549 47.87 -20.25 26.01
N ILE K 550 47.40 -19.17 25.41
CA ILE K 550 46.69 -18.12 26.14
C ILE K 550 45.45 -18.68 26.82
N LEU K 551 44.71 -19.51 26.10
CA LEU K 551 43.52 -20.15 26.64
C LEU K 551 43.88 -21.06 27.82
N HIS K 552 44.97 -21.81 27.67
CA HIS K 552 45.44 -22.67 28.73
C HIS K 552 45.82 -21.87 29.98
N ILE K 553 46.47 -20.74 29.77
CA ILE K 553 46.87 -19.86 30.88
C ILE K 553 45.65 -19.24 31.54
N GLN K 554 44.63 -18.93 30.74
CA GLN K 554 43.40 -18.34 31.25
C GLN K 554 42.63 -19.33 32.11
N THR K 555 42.51 -20.56 31.63
CA THR K 555 41.83 -21.61 32.39
C THR K 555 42.61 -21.95 33.65
N HIS K 556 43.93 -21.96 33.51
CA HIS K 556 44.85 -22.16 34.63
C HIS K 556 44.61 -21.12 35.74
N GLU K 557 44.65 -19.85 35.34
CA GLU K 557 44.50 -18.74 36.25
C GLU K 557 43.09 -18.66 36.84
N LYS K 558 42.09 -19.10 36.08
CA LYS K 558 40.72 -19.08 36.58
C LYS K 558 40.52 -20.21 37.57
N PHE K 559 41.19 -21.33 37.34
CA PHE K 559 41.14 -22.44 38.29
C PHE K 559 41.81 -22.02 39.60
N ILE K 560 42.96 -21.35 39.48
CA ILE K 560 43.67 -20.86 40.66
C ILE K 560 42.84 -19.78 41.37
N ARG K 561 42.11 -18.99 40.60
CA ARG K 561 41.32 -17.89 41.14
C ARG K 561 40.05 -18.41 41.84
N ASP K 562 39.53 -19.53 41.36
CA ASP K 562 38.34 -20.15 41.94
C ASP K 562 38.69 -21.01 43.15
N SER K 563 39.88 -21.60 43.13
CA SER K 563 40.33 -22.47 44.21
C SER K 563 40.81 -21.64 45.40
N GLN K 564 41.52 -20.55 45.10
CA GLN K 564 42.04 -19.67 46.15
C GLN K 564 40.96 -18.74 46.68
N GLU K 565 39.96 -19.30 47.36
CA GLU K 565 38.89 -18.52 47.96
C GLU K 565 38.58 -19.05 49.35
N LYS K 566 37.80 -20.13 49.41
CA LYS K 566 37.44 -20.80 50.66
C LYS K 566 36.83 -19.83 51.68
N PRO K 569 34.98 -16.63 57.33
CA PRO K 569 34.92 -16.65 58.79
C PRO K 569 33.52 -16.33 59.33
N VAL K 570 33.07 -17.11 60.31
CA VAL K 570 31.77 -16.89 60.93
C VAL K 570 31.81 -15.61 61.77
N PRO K 571 30.85 -14.70 61.54
CA PRO K 571 30.83 -13.42 62.26
C PRO K 571 30.64 -13.57 63.76
N ASP K 572 31.55 -13.00 64.53
CA ASP K 572 31.45 -13.00 65.99
C ASP K 572 30.27 -12.12 66.42
N LYS K 573 29.27 -12.73 67.03
CA LYS K 573 28.06 -12.02 67.43
C LYS K 573 28.12 -11.56 68.88
N GLU K 574 29.26 -11.79 69.54
CA GLU K 574 29.46 -11.28 70.89
C GLU K 574 29.79 -9.80 70.83
N ASN K 575 29.02 -8.99 71.54
CA ASN K 575 29.16 -7.54 71.50
C ASN K 575 30.55 -7.09 71.96
N LYS K 576 31.14 -6.16 71.20
CA LYS K 576 32.49 -5.68 71.49
C LYS K 576 32.49 -4.18 71.81
N LYS K 577 33.60 -3.70 72.34
CA LYS K 577 33.75 -2.28 72.64
C LYS K 577 34.77 -1.63 71.71
N LEU K 578 34.39 -0.48 71.15
CA LEU K 578 35.31 0.33 70.37
C LEU K 578 35.81 1.49 71.22
N LEU K 579 37.11 1.43 71.53
CA LEU K 579 37.79 2.45 72.31
C LEU K 579 38.69 3.28 71.42
N CYS K 580 39.10 4.46 71.89
CA CYS K 580 40.03 5.30 71.14
C CYS K 580 41.45 4.75 71.22
N ARG K 581 42.17 4.77 70.10
CA ARG K 581 43.54 4.25 70.08
C ARG K 581 44.49 5.14 70.87
N LYS K 582 44.09 6.39 71.07
CA LYS K 582 44.96 7.36 71.75
C LYS K 582 44.73 7.39 73.25
N CYS K 583 43.48 7.61 73.67
CA CYS K 583 43.18 7.79 75.09
C CYS K 583 42.36 6.66 75.68
N LYS K 584 42.10 5.62 74.87
CA LYS K 584 41.39 4.42 75.31
C LYS K 584 40.00 4.71 75.87
N ALA K 585 39.40 5.82 75.43
CA ALA K 585 38.06 6.18 75.87
C ALA K 585 37.02 5.39 75.08
N LEU K 586 35.99 4.91 75.77
CA LEU K 586 34.93 4.14 75.13
C LEU K 586 34.19 4.97 74.10
N ALA K 587 34.43 4.68 72.83
CA ALA K 587 33.69 5.35 71.76
C ALA K 587 32.29 4.76 71.67
N CYS K 588 32.20 3.46 71.44
CA CYS K 588 30.86 2.83 71.37
C CYS K 588 30.90 1.32 71.49
N TYR K 589 29.77 0.68 71.23
CA TYR K 589 29.70 -0.77 71.18
C TYR K 589 29.38 -1.21 69.76
N THR K 590 29.82 -2.42 69.39
CA THR K 590 29.59 -2.93 68.04
C THR K 590 28.11 -3.16 67.78
N ALA K 591 27.33 -3.27 68.85
CA ALA K 591 25.89 -3.43 68.75
C ALA K 591 25.23 -2.13 68.27
N ASP K 592 25.96 -1.03 68.38
CA ASP K 592 25.46 0.28 67.95
C ASP K 592 25.87 0.59 66.52
N VAL K 593 26.81 -0.19 65.99
CA VAL K 593 27.35 0.05 64.65
C VAL K 593 26.42 -0.47 63.56
N ARG K 594 26.28 0.29 62.48
CA ARG K 594 25.50 -0.11 61.32
C ARG K 594 26.32 0.01 60.04
N VAL K 595 26.07 -0.88 59.09
CA VAL K 595 26.82 -0.89 57.84
C VAL K 595 26.00 -0.34 56.66
N ILE K 596 26.64 0.50 55.85
CA ILE K 596 25.99 1.11 54.70
C ILE K 596 26.72 0.72 53.41
N GLU K 597 25.94 0.23 52.44
CA GLU K 597 26.46 -0.20 51.14
C GLU K 597 27.56 -1.25 51.29
N GLU K 598 27.50 -2.01 52.38
CA GLU K 598 28.44 -3.08 52.66
C GLU K 598 29.89 -2.61 52.69
N CYS K 599 30.10 -1.33 53.00
CA CYS K 599 31.44 -0.76 52.99
C CYS K 599 31.66 0.26 54.10
N HIS K 600 30.67 1.11 54.34
CA HIS K 600 30.84 2.21 55.29
C HIS K 600 30.20 1.90 56.64
N TYR K 601 30.70 2.53 57.70
CA TYR K 601 30.29 2.17 59.05
C TYR K 601 29.87 3.39 59.86
N THR K 602 28.63 3.39 60.34
CA THR K 602 28.10 4.49 61.13
C THR K 602 27.71 4.02 62.53
N VAL K 603 27.46 4.97 63.42
CA VAL K 603 27.08 4.64 64.80
C VAL K 603 25.76 5.30 65.19
N LEU K 604 24.88 4.53 65.81
CA LEU K 604 23.59 5.04 66.25
C LEU K 604 23.61 5.41 67.73
N GLY K 605 22.67 6.27 68.13
CA GLY K 605 22.55 6.67 69.52
C GLY K 605 23.18 8.02 69.82
N ASP K 606 22.53 8.78 70.70
CA ASP K 606 23.02 10.10 71.09
C ASP K 606 24.24 9.96 72.00
N ALA K 607 24.31 8.83 72.69
CA ALA K 607 25.42 8.53 73.58
C ALA K 607 26.76 8.64 72.86
N PHE K 608 26.81 8.15 71.64
CA PHE K 608 28.01 8.28 70.81
C PHE K 608 28.14 9.71 70.30
N LYS K 609 27.01 10.36 70.07
CA LYS K 609 27.00 11.74 69.58
C LYS K 609 27.68 12.67 70.57
N GLU K 610 27.66 12.30 71.85
CA GLU K 610 28.36 13.08 72.87
C GLU K 610 29.80 12.63 73.07
N CYS K 611 30.25 11.65 72.29
CA CYS K 611 31.60 11.11 72.45
C CYS K 611 32.60 11.68 71.44
N PHE K 612 32.11 12.47 70.49
CA PHE K 612 33.00 13.06 69.49
C PHE K 612 32.68 14.53 69.21
N VAL K 613 33.59 15.20 68.52
CA VAL K 613 33.39 16.57 68.09
C VAL K 613 33.65 16.68 66.58
N SER K 614 33.05 17.68 65.94
CA SER K 614 33.17 17.84 64.50
C SER K 614 33.91 19.11 64.12
N ARG K 615 34.61 19.06 62.98
CA ARG K 615 35.28 20.24 62.44
C ARG K 615 35.14 20.23 60.92
N PRO K 616 35.08 21.42 60.29
CA PRO K 616 34.85 21.48 58.83
C PRO K 616 35.84 20.66 58.00
N HIS K 617 35.33 19.88 57.04
CA HIS K 617 36.15 19.03 56.20
C HIS K 617 36.93 19.86 55.18
N PRO K 618 38.25 19.62 55.08
CA PRO K 618 39.13 20.40 54.20
C PRO K 618 38.95 20.06 52.72
N LYS K 619 38.46 18.87 52.43
CA LYS K 619 38.25 18.44 51.05
C LYS K 619 36.87 17.84 50.84
N PRO K 620 35.84 18.70 50.78
CA PRO K 620 34.46 18.23 50.62
C PRO K 620 34.22 17.56 49.27
N LYS K 621 33.93 16.26 49.31
CA LYS K 621 33.66 15.49 48.11
C LYS K 621 32.35 14.71 48.24
N GLN K 622 31.67 14.52 47.12
CA GLN K 622 30.42 13.76 47.12
C GLN K 622 30.60 12.37 46.52
N PHE K 623 31.27 11.49 47.27
CA PHE K 623 31.45 10.12 46.81
C PHE K 623 30.18 9.31 47.06
N SER K 624 29.78 8.53 46.06
CA SER K 624 28.57 7.71 46.14
C SER K 624 27.35 8.55 46.55
N SER K 625 26.56 8.01 47.47
CA SER K 625 25.39 8.73 47.98
C SER K 625 25.73 9.54 49.22
N PHE K 626 27.03 9.71 49.46
CA PHE K 626 27.51 10.45 50.62
C PHE K 626 27.98 11.84 50.25
N GLU K 627 28.12 12.70 51.25
CA GLU K 627 28.62 14.06 51.04
C GLU K 627 29.37 14.54 52.28
N LYS K 628 30.71 14.55 52.18
CA LYS K 628 31.55 14.96 53.29
C LYS K 628 31.29 16.40 53.72
N ARG K 629 30.99 16.59 55.00
CA ARG K 629 30.76 17.92 55.53
C ARG K 629 31.75 18.25 56.64
N ALA K 630 32.21 17.22 57.35
CA ALA K 630 33.06 17.44 58.50
C ALA K 630 33.90 16.21 58.89
N LYS K 631 35.06 16.47 59.47
CA LYS K 631 35.88 15.45 60.10
C LYS K 631 35.50 15.28 61.57
N ILE K 632 35.66 14.06 62.06
CA ILE K 632 35.31 13.70 63.43
C ILE K 632 36.56 13.49 64.28
N PHE K 633 36.52 13.98 65.51
CA PHE K 633 37.63 13.81 66.44
C PHE K 633 37.12 13.36 67.81
N CYS K 634 38.00 12.78 68.62
CA CYS K 634 37.64 12.36 69.97
C CYS K 634 37.32 13.58 70.83
N ALA K 635 36.16 13.53 71.50
CA ALA K 635 35.68 14.67 72.27
C ALA K 635 36.47 14.88 73.55
N ARG K 636 37.19 13.85 73.99
CA ARG K 636 37.99 13.94 75.21
C ARG K 636 39.09 14.99 75.06
N GLN K 637 39.19 15.87 76.05
CA GLN K 637 40.18 16.95 76.02
C GLN K 637 41.60 16.40 75.97
N ASN K 638 42.49 17.16 75.34
CA ASN K 638 43.89 16.78 75.17
C ASN K 638 44.05 15.45 74.42
N CYS K 639 43.16 15.20 73.47
CA CYS K 639 43.23 14.00 72.65
C CYS K 639 42.91 14.34 71.19
N SER K 640 41.62 14.48 70.91
CA SER K 640 41.15 14.88 69.58
C SER K 640 41.64 13.95 68.47
N HIS K 641 41.74 12.66 68.78
CA HIS K 641 42.21 11.67 67.81
C HIS K 641 41.21 11.55 66.65
N ASP K 642 41.74 11.51 65.44
CA ASP K 642 40.91 11.40 64.24
C ASP K 642 40.13 10.09 64.26
N TRP K 643 38.80 10.20 64.25
CA TRP K 643 37.94 9.02 64.29
C TRP K 643 37.30 8.71 62.95
N GLY K 644 37.05 9.75 62.15
CA GLY K 644 36.45 9.57 60.85
C GLY K 644 35.95 10.86 60.24
N ILE K 645 34.78 10.80 59.61
CA ILE K 645 34.19 11.96 58.95
C ILE K 645 32.69 12.06 59.26
N HIS K 646 32.09 13.20 58.93
CA HIS K 646 30.65 13.38 59.09
C HIS K 646 30.02 13.73 57.75
N VAL K 647 29.04 12.93 57.33
CA VAL K 647 28.47 13.10 55.99
C VAL K 647 26.96 13.28 55.99
N LYS K 648 26.41 13.55 54.81
CA LYS K 648 24.97 13.61 54.62
C LYS K 648 24.53 12.52 53.64
N TYR K 649 24.23 11.34 54.19
CA TYR K 649 23.78 10.21 53.39
C TYR K 649 22.26 10.24 53.25
N LYS K 650 21.79 10.30 52.00
CA LYS K 650 20.37 10.44 51.70
C LYS K 650 19.78 11.69 52.34
N THR K 651 19.01 11.50 53.41
CA THR K 651 18.42 12.63 54.12
C THR K 651 19.04 12.77 55.52
N PHE K 652 19.79 11.76 55.92
CA PHE K 652 20.36 11.71 57.26
C PHE K 652 21.75 12.34 57.31
N GLU K 653 21.99 13.16 58.33
CA GLU K 653 23.33 13.70 58.58
C GLU K 653 24.01 12.87 59.66
N ILE K 654 24.85 11.93 59.22
CA ILE K 654 25.37 10.90 60.12
C ILE K 654 26.90 10.85 60.17
N PRO K 655 27.45 10.23 61.24
CA PRO K 655 28.90 10.00 61.34
C PRO K 655 29.35 8.71 60.65
N VAL K 656 30.53 8.75 60.03
CA VAL K 656 31.14 7.55 59.44
C VAL K 656 32.55 7.37 60.01
N ILE K 657 32.80 6.20 60.61
CA ILE K 657 34.07 5.96 61.28
C ILE K 657 34.95 4.95 60.58
N LYS K 658 36.24 5.00 60.89
CA LYS K 658 37.20 4.02 60.38
C LYS K 658 37.79 3.22 61.53
N ILE K 659 37.86 1.91 61.37
CA ILE K 659 38.27 1.00 62.45
C ILE K 659 39.72 1.24 62.89
N GLU K 660 40.53 1.81 62.00
CA GLU K 660 41.93 2.05 62.29
C GLU K 660 42.11 3.17 63.32
N SER K 661 41.01 3.82 63.67
CA SER K 661 41.03 4.89 64.67
C SER K 661 40.68 4.34 66.05
N PHE K 662 40.35 3.06 66.12
CA PHE K 662 39.89 2.47 67.35
C PHE K 662 40.58 1.15 67.69
N VAL K 663 40.48 0.77 68.96
CA VAL K 663 40.91 -0.55 69.40
C VAL K 663 39.69 -1.32 69.90
N VAL K 664 39.57 -2.57 69.47
CA VAL K 664 38.42 -3.40 69.80
C VAL K 664 38.71 -4.22 71.06
N GLU K 665 37.76 -4.25 71.99
CA GLU K 665 37.93 -5.01 73.22
C GLU K 665 36.73 -5.89 73.52
N ASP K 666 36.97 -7.17 73.72
CA ASP K 666 35.90 -8.11 74.03
C ASP K 666 35.45 -7.94 75.48
N ILE K 667 34.15 -8.12 75.71
CA ILE K 667 33.60 -8.00 77.06
C ILE K 667 34.06 -9.14 77.96
N ALA K 668 33.94 -10.37 77.46
CA ALA K 668 34.25 -11.56 78.24
C ALA K 668 35.74 -11.71 78.51
N THR K 669 36.53 -11.87 77.45
CA THR K 669 37.96 -12.12 77.58
C THR K 669 38.73 -10.88 77.98
N GLY K 670 38.34 -9.74 77.42
CA GLY K 670 39.00 -8.47 77.71
C GLY K 670 40.20 -8.21 76.82
N VAL K 671 40.36 -9.03 75.79
CA VAL K 671 41.48 -8.91 74.87
C VAL K 671 41.31 -7.69 73.95
N GLN K 672 42.37 -6.92 73.80
CA GLN K 672 42.36 -5.75 72.92
C GLN K 672 43.06 -6.06 71.60
N THR K 673 42.37 -5.76 70.50
CA THR K 673 42.82 -6.12 69.17
C THR K 673 42.71 -4.92 68.22
N LEU K 674 43.68 -4.80 67.32
CA LEU K 674 43.70 -3.72 66.33
C LEU K 674 43.29 -4.22 64.96
N TYR K 675 42.66 -3.35 64.18
CA TYR K 675 42.29 -3.65 62.81
C TYR K 675 42.50 -2.44 61.91
N SER K 676 43.04 -2.67 60.72
CA SER K 676 43.24 -1.59 59.76
C SER K 676 42.00 -1.41 58.89
N LYS K 677 41.54 -2.51 58.30
CA LYS K 677 40.36 -2.50 57.46
C LYS K 677 39.17 -3.13 58.17
N TRP K 678 37.96 -2.68 57.84
CA TRP K 678 36.75 -3.27 58.40
C TRP K 678 36.55 -4.69 57.88
N LYS K 679 37.03 -4.95 56.68
CA LYS K 679 36.89 -6.25 56.05
C LYS K 679 37.59 -7.36 56.83
N ASP K 680 38.60 -6.96 57.60
CA ASP K 680 39.36 -7.91 58.42
C ASP K 680 38.73 -8.07 59.80
N PHE K 681 37.81 -7.17 60.13
CA PHE K 681 37.09 -7.22 61.41
C PHE K 681 35.81 -8.03 61.26
N HIS K 682 35.88 -9.31 61.63
CA HIS K 682 34.75 -10.22 61.43
C HIS K 682 33.82 -10.28 62.64
N PHE K 683 32.81 -9.43 62.65
CA PHE K 683 31.79 -9.45 63.71
C PHE K 683 30.40 -9.35 63.10
N GLU K 684 29.38 -9.36 63.96
CA GLU K 684 28.00 -9.24 63.54
C GLU K 684 27.69 -7.85 62.99
N LYS K 685 27.87 -7.67 61.69
CA LYS K 685 27.63 -6.38 61.07
C LYS K 685 26.15 -6.22 60.72
N ILE K 686 25.44 -5.44 61.52
CA ILE K 686 24.02 -5.20 61.31
C ILE K 686 23.80 -4.19 60.18
N PRO K 687 23.00 -4.57 59.18
CA PRO K 687 22.68 -3.69 58.05
C PRO K 687 21.99 -2.40 58.49
N PHE K 688 22.35 -1.29 57.85
CA PHE K 688 21.72 0.00 58.15
C PHE K 688 20.26 0.00 57.74
N ASP K 689 19.43 0.70 58.49
CA ASP K 689 17.99 0.74 58.22
C ASP K 689 17.45 2.16 58.33
N PRO K 690 16.83 2.66 57.24
CA PRO K 690 16.16 3.95 57.26
C PRO K 690 14.96 3.98 58.20
N ALA K 691 14.43 2.80 58.54
CA ALA K 691 13.27 2.69 59.41
C ALA K 691 13.58 3.17 60.82
N GLU K 692 14.85 3.31 61.14
CA GLU K 692 15.27 3.85 62.43
C GLU K 692 15.63 5.32 62.28
N MET K 693 16.74 5.72 62.90
CA MET K 693 17.20 7.12 62.90
C MET K 693 16.15 8.05 63.48
ZN ZN M . -6.38 -64.39 24.24
MG MG N . -12.75 -34.59 10.25
C1 ETF O . -6.61 -17.47 2.56
C2 ETF O . -7.57 -18.42 1.87
O ETF O . -8.02 -19.40 2.78
F1 ETF O . -5.92 -16.78 1.64
F2 ETF O . -7.31 -16.62 3.33
F3 ETF O . -5.77 -18.17 3.32
O6 BU3 P . -18.43 -48.83 10.87
C3 BU3 P . -19.82 -48.66 10.95
C4 BU3 P . -20.29 -48.96 12.35
C2 BU3 P . -20.49 -49.60 9.98
O5 BU3 P . -19.81 -50.84 9.98
C1 BU3 P . -20.44 -49.01 8.59
O6 BU3 Q . -2.80 -22.70 -5.73
C3 BU3 Q . -2.45 -21.83 -4.68
C4 BU3 Q . -3.50 -21.90 -3.60
C2 BU3 Q . -2.36 -20.41 -5.21
O5 BU3 Q . -3.19 -20.28 -6.35
C1 BU3 Q . -0.93 -20.10 -5.59
ZN ZN R . 37.48 6.11 -23.20
MG MG S . 26.09 -12.08 -36.05
O6 BU3 T . 29.45 -10.16 -18.90
C3 BU3 T . 30.56 -10.23 -19.75
C4 BU3 T . 31.79 -10.55 -18.94
C2 BU3 T . 30.75 -8.92 -20.47
O5 BU3 T . 31.15 -7.94 -19.55
C1 BU3 T . 29.45 -8.50 -21.11
O6 BU3 U . 22.18 -26.98 7.31
C3 BU3 U . 21.04 -27.37 8.04
C4 BU3 U . 21.47 -28.31 9.14
C2 BU3 U . 20.04 -28.05 7.13
O5 BU3 U . 20.24 -29.44 7.17
C1 BU3 U . 20.24 -27.56 5.71
O6 BU3 V . 28.45 -28.40 -19.84
C3 BU3 V . 28.86 -27.05 -19.84
C4 BU3 V . 28.65 -26.46 -18.47
C2 BU3 V . 28.04 -26.29 -20.86
O5 BU3 V . 26.69 -26.63 -20.71
C1 BU3 V . 28.50 -26.64 -22.26
O6 BU3 W . 21.38 -42.09 -17.14
C3 BU3 W . 21.48 -42.08 -18.54
C4 BU3 W . 21.44 -40.67 -19.05
C2 BU3 W . 20.32 -42.86 -19.13
O5 BU3 W . 19.25 -41.98 -19.42
C1 BU3 W . 19.85 -43.90 -18.14
ZN ZN X . -82.87 -12.49 4.22
C1 ETF Y . -68.78 -9.43 -1.91
C2 ETF Y . -68.51 -9.27 -3.38
O ETF Y . -67.56 -8.23 -3.58
F1 ETF Y . -69.34 -10.63 -1.69
F2 ETF Y . -67.63 -9.34 -1.22
F3 ETF Y . -69.61 -8.46 -1.50
O6 BU3 Z . -35.05 -8.99 -19.61
C3 BU3 Z . -36.36 -8.51 -19.65
C4 BU3 Z . -36.37 -7.19 -20.38
C2 BU3 Z . -36.86 -8.31 -18.24
O5 BU3 Z . -35.83 -7.76 -17.43
C1 BU3 Z . -37.32 -9.62 -17.65
O6 BU3 AA . -40.62 -17.89 -1.18
C3 BU3 AA . -41.94 -18.02 -1.65
C4 BU3 AA . -42.01 -19.16 -2.64
C2 BU3 AA . -42.35 -16.75 -2.35
O5 BU3 AA . -42.31 -16.95 -3.75
C1 BU3 AA . -41.43 -15.62 -1.97
ZN ZN BA . 18.34 15.45 -20.79
C1 ETF CA . 22.13 9.91 27.19
C2 ETF CA . 23.64 9.97 27.19
O ETF CA . 24.07 11.31 27.12
F1 ETF CA . 21.73 8.76 27.72
F2 ETF CA . 21.67 10.93 27.91
F3 ETF CA . 21.69 10.01 25.93
O6 BU3 DA . 26.16 40.06 23.41
C3 BU3 DA . 27.32 39.27 23.49
C4 BU3 DA . 28.08 39.62 24.75
C2 BU3 DA . 28.20 39.49 22.28
O5 BU3 DA . 28.45 40.86 22.13
C1 BU3 DA . 27.50 38.96 21.05
O6 BU3 EA . 16.37 13.03 14.08
C3 BU3 EA . 15.69 14.22 14.41
C4 BU3 EA . 14.26 13.92 14.75
C2 BU3 EA . 15.74 15.17 13.23
O5 BU3 EA . 16.51 14.59 12.20
C1 BU3 EA . 16.38 16.47 13.66
O6 BU3 FA . 30.84 44.13 5.40
C3 BU3 FA . 29.45 44.31 5.38
C4 BU3 FA . 28.77 43.01 5.03
C2 BU3 FA . 29.09 45.32 4.31
O5 BU3 FA . 30.25 45.88 3.76
C1 BU3 FA . 28.25 46.40 4.96
MG MG GA . 24.85 36.27 4.41
ZN ZN HA . -21.49 31.77 -55.48
MG MG IA . -20.66 39.16 -31.54
MG MG JA . -35.98 37.41 -25.09
O6 BU3 KA . -49.89 33.97 -11.18
C3 BU3 KA . -49.87 32.64 -11.63
C4 BU3 KA . -50.19 31.70 -10.50
C2 BU3 KA . -48.50 32.31 -12.18
O5 BU3 KA . -47.51 32.62 -11.22
C1 BU3 KA . -48.23 33.08 -13.45
ZN ZN LA . 40.54 9.81 72.30
MG MG MA . 53.16 5.68 41.34
C1 ETF NA . 65.16 8.70 31.19
C2 ETF NA . 64.57 10.06 31.55
O ETF NA . 63.17 9.98 31.54
F1 ETF NA . 64.79 7.79 32.10
F2 ETF NA . 66.49 8.78 31.14
F3 ETF NA . 64.70 8.34 29.99
O6 BU3 OA . 49.56 3.26 23.22
C3 BU3 OA . 50.70 2.90 22.49
C4 BU3 OA . 51.91 3.57 23.10
C2 BU3 OA . 50.57 3.35 21.05
O5 BU3 OA . 51.04 4.67 20.92
C1 BU3 OA . 49.11 3.28 20.64
#